data_5TI1
#
_entry.id   5TI1
#
_cell.length_a   65.900
_cell.length_b   83.100
_cell.length_c   186.290
_cell.angle_alpha   101.63
_cell.angle_beta   91.17
_cell.angle_gamma   113.81
#
_symmetry.space_group_name_H-M   'P 1'
#
loop_
_entity.id
_entity.type
_entity.pdbx_description
1 polymer 'Fumarylacetoacetate hydrolase'
2 non-polymer 'MAGNESIUM ION'
3 non-polymer 'SODIUM ION'
4 non-polymer 'NITRATE ION'
5 non-polymer 'PHOSPHATE ION'
6 water water
#
_entity_poly.entity_id   1
_entity_poly.type   'polypeptide(L)'
_entity_poly.pdbx_seq_one_letter_code
;MAHHHHHHMNASSDLQATLDPSRKSWVESANNPTGDFSIQNLPFGIFSDGLNATRRVGVAIGDSIVDLAALESAGLLSVP
STGAGDSVFVRDALNDFIALGRDAWRSVRVQLSRLLSRDDATLRDDAELRGRALIRQADAQLHLPVQIPGYTDFYSSKEH
ATNVGSMFRDPKNALLPNWSEMPIGYNGRASSVVVSGTPVRRPNGQLKLPDQERPVFGACRKLDIELETGFVIGAGNALG
EPVTCADAEAHIFGMVLLNDWSARDIQQWEYVPLGPFNAKTFATTISPWIVTLDALEPFRVAQPAQDPQPLAYLRHDGEH
AFDITLEVTLRPQQAKEASTITRTNFKHMYWTMAQQLAHHTVSGCNTRVGDLMGSGTISGPTEDSFGSLLELTWNGKKPL
ELREGGTRSFIEDGDELTLAGWCQGEGYRVGFGVCAGEILPALK
;
_entity_poly.pdbx_strand_id   A,B,C,D,E,F,G,H
#
# COMPACT_ATOMS: atom_id res chain seq x y z
N SER A 12 36.01 44.39 23.13
CA SER A 12 37.14 43.91 22.35
C SER A 12 38.08 45.07 22.04
N SER A 13 37.61 45.99 21.19
CA SER A 13 38.31 47.26 21.00
C SER A 13 38.65 47.87 22.36
N ASP A 14 37.75 47.75 23.34
CA ASP A 14 38.02 48.28 24.67
C ASP A 14 39.23 47.61 25.30
N LEU A 15 39.34 46.27 25.20
CA LEU A 15 40.46 45.57 25.82
C LEU A 15 41.77 45.90 25.14
N GLN A 16 41.77 45.90 23.80
CA GLN A 16 42.98 46.19 23.05
CA GLN A 16 42.98 46.19 23.05
C GLN A 16 43.56 47.56 23.39
N ALA A 17 42.71 48.51 23.81
CA ALA A 17 43.21 49.83 24.17
C ALA A 17 44.00 49.81 25.46
N THR A 18 43.79 48.82 26.32
CA THR A 18 44.53 48.70 27.57
C THR A 18 45.93 48.13 27.36
N LEU A 19 46.20 47.56 26.20
CA LEU A 19 47.50 46.97 25.90
C LEU A 19 48.40 47.90 25.10
N ASP A 20 47.87 49.00 24.62
CA ASP A 20 48.59 49.94 23.77
C ASP A 20 49.81 50.50 24.49
N PRO A 21 51.04 50.23 24.02
CA PRO A 21 52.22 50.76 24.72
C PRO A 21 52.27 52.28 24.81
N SER A 22 51.45 53.00 24.03
CA SER A 22 51.45 54.46 24.07
C SER A 22 50.68 55.02 25.26
N ARG A 23 49.86 54.21 25.93
CA ARG A 23 49.05 54.73 27.01
C ARG A 23 49.91 55.05 28.22
N LYS A 24 49.52 56.11 28.95
CA LYS A 24 50.25 56.58 30.11
C LYS A 24 49.25 57.02 31.18
N SER A 25 49.74 57.07 32.42
CA SER A 25 48.92 57.38 33.58
C SER A 25 49.22 58.77 34.12
N TRP A 26 48.27 59.30 34.89
CA TRP A 26 48.54 60.46 35.72
C TRP A 26 49.21 60.09 37.03
N VAL A 27 49.20 58.81 37.42
CA VAL A 27 50.09 58.31 38.46
C VAL A 27 51.49 58.25 37.85
N GLU A 28 52.29 59.28 38.07
CA GLU A 28 53.48 59.47 37.24
C GLU A 28 54.48 58.32 37.40
N SER A 29 54.62 57.78 38.63
CA SER A 29 55.57 56.71 38.84
C SER A 29 55.27 55.49 37.97
N ALA A 30 54.02 55.32 37.52
CA ALA A 30 53.71 54.23 36.60
C ALA A 30 54.37 54.38 35.24
N ASN A 31 54.70 55.60 34.84
CA ASN A 31 55.34 55.83 33.55
C ASN A 31 56.85 55.62 33.59
N ASN A 32 57.41 55.22 34.73
CA ASN A 32 58.81 54.84 34.78
C ASN A 32 59.09 53.73 33.78
N PRO A 33 60.02 53.91 32.85
CA PRO A 33 60.27 52.86 31.84
C PRO A 33 60.66 51.52 32.41
N THR A 34 61.35 51.49 33.55
CA THR A 34 61.77 50.22 34.12
C THR A 34 60.87 49.76 35.26
N GLY A 35 59.81 50.50 35.57
CA GLY A 35 58.92 50.08 36.63
C GLY A 35 58.11 48.85 36.22
N ASP A 36 57.68 48.08 37.22
CA ASP A 36 56.85 46.93 36.93
C ASP A 36 55.39 47.27 36.71
N PHE A 37 54.90 48.32 37.37
CA PHE A 37 53.46 48.51 37.41
C PHE A 37 53.04 49.67 36.51
N SER A 38 53.31 49.51 35.22
CA SER A 38 52.84 50.39 34.16
C SER A 38 51.31 50.34 34.07
N ILE A 39 50.75 51.30 33.35
CA ILE A 39 49.31 51.26 33.12
C ILE A 39 48.93 50.05 32.28
N GLN A 40 49.89 49.48 31.53
CA GLN A 40 49.65 48.26 30.75
C GLN A 40 49.59 47.00 31.61
N ASN A 41 49.93 47.08 32.89
CA ASN A 41 49.95 45.89 33.74
C ASN A 41 48.61 45.71 34.45
N LEU A 42 48.40 46.47 35.52
CA LEU A 42 47.21 46.44 36.37
C LEU A 42 47.01 45.04 36.96
N PRO A 43 47.95 44.57 37.77
CA PRO A 43 47.81 43.24 38.37
C PRO A 43 46.92 43.30 39.61
N PHE A 44 46.47 42.13 40.06
CA PHE A 44 45.52 42.08 41.18
C PHE A 44 46.24 41.56 42.43
N GLY A 45 45.87 42.13 43.59
CA GLY A 45 46.45 41.69 44.85
C GLY A 45 45.52 41.92 46.03
N ILE A 46 45.96 41.47 47.20
CA ILE A 46 45.23 41.68 48.45
C ILE A 46 46.10 42.50 49.38
N PHE A 47 45.56 43.61 49.86
CA PHE A 47 46.32 44.53 50.69
C PHE A 47 45.49 45.00 51.87
N SER A 48 46.20 45.47 52.89
CA SER A 48 45.64 46.35 53.89
C SER A 48 46.62 47.50 54.06
N ASP A 49 46.23 48.53 54.82
CA ASP A 49 47.11 49.67 55.02
C ASP A 49 46.98 50.17 56.45
N GLY A 50 47.73 51.23 56.77
CA GLY A 50 47.74 51.74 58.12
C GLY A 50 46.42 52.33 58.56
N LEU A 51 45.65 52.86 57.61
CA LEU A 51 44.38 53.49 57.94
C LEU A 51 43.21 52.50 57.99
N ASN A 52 43.29 51.40 57.24
CA ASN A 52 42.22 50.41 57.20
C ASN A 52 42.86 49.02 57.18
N ALA A 53 42.90 48.38 58.35
CA ALA A 53 43.47 47.04 58.50
C ALA A 53 42.63 45.95 57.84
N THR A 54 41.46 46.26 57.31
CA THR A 54 40.68 45.26 56.59
C THR A 54 41.35 44.88 55.27
N ARG A 55 41.52 43.59 55.02
CA ARG A 55 42.09 43.14 53.75
C ARG A 55 41.08 43.36 52.63
N ARG A 56 41.55 43.90 51.52
CA ARG A 56 40.68 44.16 50.39
C ARG A 56 41.46 44.04 49.09
N VAL A 57 40.73 44.07 47.98
CA VAL A 57 41.32 43.85 46.66
C VAL A 57 41.95 45.14 46.15
N GLY A 58 43.21 45.05 45.71
CA GLY A 58 43.90 46.20 45.18
C GLY A 58 44.47 45.91 43.80
N VAL A 59 44.72 46.97 43.06
CA VAL A 59 45.40 46.89 41.77
C VAL A 59 46.58 47.84 41.79
N ALA A 60 47.76 47.31 41.46
CA ALA A 60 48.98 48.11 41.50
C ALA A 60 49.06 49.07 40.33
N ILE A 61 49.44 50.31 40.61
CA ILE A 61 49.70 51.29 39.56
C ILE A 61 50.89 52.11 40.02
N GLY A 62 52.03 51.96 39.35
CA GLY A 62 53.23 52.67 39.75
C GLY A 62 53.66 52.26 41.15
N ASP A 63 53.81 53.23 42.05
CA ASP A 63 54.17 52.93 43.43
C ASP A 63 52.95 52.94 44.36
N SER A 64 51.75 52.87 43.80
CA SER A 64 50.51 52.99 44.56
C SER A 64 49.61 51.80 44.27
N ILE A 65 48.49 51.77 44.98
CA ILE A 65 47.49 50.72 44.91
C ILE A 65 46.13 51.39 44.75
N VAL A 66 45.34 50.89 43.79
CA VAL A 66 43.97 51.36 43.62
C VAL A 66 43.07 50.52 44.51
N ASP A 67 42.42 51.18 45.46
CA ASP A 67 41.47 50.51 46.36
C ASP A 67 40.17 50.29 45.59
N LEU A 68 39.98 49.07 45.09
CA LEU A 68 38.84 48.81 44.21
C LEU A 68 37.51 49.00 44.94
N ALA A 69 37.43 48.55 46.19
CA ALA A 69 36.19 48.69 46.95
C ALA A 69 35.83 50.17 47.15
N ALA A 70 36.84 51.04 47.30
CA ALA A 70 36.56 52.46 47.43
C ALA A 70 35.98 53.04 46.14
N LEU A 71 36.47 52.58 44.99
CA LEU A 71 35.92 53.05 43.72
C LEU A 71 34.51 52.53 43.50
N GLU A 72 34.28 51.24 43.80
CA GLU A 72 32.94 50.67 43.70
C GLU A 72 31.94 51.43 44.56
N SER A 73 32.35 51.81 45.78
CA SER A 73 31.50 52.64 46.63
C SER A 73 31.29 54.03 46.04
N ALA A 74 32.33 54.59 45.42
CA ALA A 74 32.23 55.90 44.79
C ALA A 74 31.49 55.87 43.47
N GLY A 75 31.06 54.69 43.01
CA GLY A 75 30.31 54.56 41.78
C GLY A 75 31.14 54.47 40.53
N LEU A 76 32.46 54.53 40.62
CA LEU A 76 33.32 54.52 39.45
C LEU A 76 33.72 53.12 39.00
N LEU A 77 33.26 52.09 39.71
CA LEU A 77 33.62 50.71 39.41
C LEU A 77 32.42 49.83 39.67
N SER A 78 32.15 48.90 38.76
CA SER A 78 30.99 48.02 38.89
C SER A 78 31.33 46.62 38.41
N VAL A 79 30.79 45.64 39.11
CA VAL A 79 30.88 44.23 38.74
C VAL A 79 29.53 43.56 39.00
N PRO A 80 29.30 42.38 38.42
CA PRO A 80 28.08 41.61 38.73
C PRO A 80 27.93 41.28 40.21
N ASP A 86 27.42 42.01 50.11
CA ASP A 86 28.83 42.30 50.33
C ASP A 86 29.60 42.34 49.01
N SER A 87 30.53 43.27 48.88
CA SER A 87 31.31 43.45 47.68
C SER A 87 32.42 42.40 47.57
N VAL A 88 32.64 41.89 46.36
CA VAL A 88 33.71 40.93 46.13
C VAL A 88 35.09 41.57 46.26
N PHE A 89 35.15 42.88 46.42
CA PHE A 89 36.42 43.56 46.67
C PHE A 89 36.77 43.65 48.15
N VAL A 90 35.82 43.38 49.04
CA VAL A 90 36.12 43.35 50.47
C VAL A 90 36.22 41.90 50.89
N ARG A 91 37.35 41.28 50.57
CA ARG A 91 37.66 39.90 50.84
C ARG A 91 39.12 39.79 51.22
N ASP A 92 39.47 38.77 52.00
CA ASP A 92 40.85 38.44 52.30
CA ASP A 92 40.89 38.56 52.24
C ASP A 92 41.54 37.71 51.16
N ALA A 93 40.84 37.48 50.04
CA ALA A 93 41.41 36.72 48.93
C ALA A 93 40.70 37.10 47.64
N LEU A 94 41.41 36.97 46.53
CA LEU A 94 40.88 37.28 45.20
C LEU A 94 39.89 36.23 44.68
N ASN A 95 39.66 35.14 45.42
CA ASN A 95 38.92 34.01 44.86
C ASN A 95 37.54 34.41 44.37
N ASP A 96 36.78 35.12 45.20
CA ASP A 96 35.41 35.46 44.82
C ASP A 96 35.39 36.38 43.62
N PHE A 97 36.34 37.32 43.54
CA PHE A 97 36.39 38.16 42.35
C PHE A 97 36.74 37.34 41.12
N ILE A 98 37.81 36.54 41.21
CA ILE A 98 38.22 35.71 40.07
C ILE A 98 37.06 34.83 39.62
N ALA A 99 36.28 34.31 40.57
CA ALA A 99 35.19 33.40 40.22
C ALA A 99 34.15 34.06 39.30
N LEU A 100 34.12 35.39 39.23
CA LEU A 100 33.15 36.05 38.36
C LEU A 100 33.43 35.84 36.88
N GLY A 101 34.60 35.35 36.52
CA GLY A 101 34.87 35.01 35.13
C GLY A 101 35.53 36.13 34.35
N ARG A 102 35.95 35.78 33.13
CA ARG A 102 36.87 36.64 32.38
C ARG A 102 36.22 37.93 31.90
N ASP A 103 34.91 37.92 31.65
CA ASP A 103 34.23 39.17 31.29
C ASP A 103 34.37 40.19 32.40
N ALA A 104 34.16 39.76 33.65
CA ALA A 104 34.32 40.65 34.80
C ALA A 104 35.76 41.13 34.94
N TRP A 105 36.75 40.24 34.72
CA TRP A 105 38.13 40.69 34.83
C TRP A 105 38.43 41.78 33.81
N ARG A 106 37.96 41.58 32.57
CA ARG A 106 38.23 42.56 31.53
C ARG A 106 37.45 43.84 31.76
N SER A 107 36.20 43.73 32.16
CA SER A 107 35.43 44.91 32.57
C SER A 107 36.21 45.75 33.56
N VAL A 108 36.66 45.15 34.67
CA VAL A 108 37.40 45.90 35.68
C VAL A 108 38.66 46.50 35.08
N ARG A 109 39.40 45.70 34.31
CA ARG A 109 40.64 46.18 33.69
C ARG A 109 40.38 47.40 32.79
N VAL A 110 39.37 47.31 31.93
CA VAL A 110 39.05 48.42 31.03
C VAL A 110 38.69 49.67 31.83
N GLN A 111 37.81 49.50 32.84
CA GLN A 111 37.40 50.63 33.65
C GLN A 111 38.58 51.26 34.39
N LEU A 112 39.45 50.43 34.98
CA LEU A 112 40.58 50.97 35.72
C LEU A 112 41.59 51.63 34.78
N SER A 113 41.87 51.01 33.64
CA SER A 113 42.78 51.61 32.67
C SER A 113 42.28 52.98 32.24
N ARG A 114 40.96 53.13 32.06
CA ARG A 114 40.41 54.43 31.71
C ARG A 114 40.53 55.42 32.87
N LEU A 115 40.13 55.00 34.07
CA LEU A 115 40.18 55.90 35.22
C LEU A 115 41.59 56.34 35.55
N LEU A 116 42.59 55.53 35.21
CA LEU A 116 43.98 55.86 35.50
C LEU A 116 44.68 56.50 34.32
N SER A 117 44.00 56.67 33.20
CA SER A 117 44.61 57.25 32.02
C SER A 117 44.91 58.73 32.22
N ARG A 118 46.01 59.17 31.62
CA ARG A 118 46.56 60.49 31.86
C ARG A 118 45.51 61.61 31.74
N ASP A 119 44.52 61.45 30.87
CA ASP A 119 43.59 62.53 30.57
C ASP A 119 42.22 62.38 31.19
N ASP A 120 41.95 61.31 31.93
CA ASP A 120 40.66 61.14 32.59
C ASP A 120 40.72 61.83 33.95
N ALA A 121 39.77 62.74 34.19
CA ALA A 121 39.74 63.52 35.42
C ALA A 121 38.76 62.99 36.46
N THR A 122 37.96 61.97 36.12
CA THR A 122 36.92 61.48 37.03
C THR A 122 37.47 61.13 38.41
N LEU A 123 38.52 60.31 38.44
CA LEU A 123 39.20 59.99 39.70
C LEU A 123 40.34 60.94 39.99
N ARG A 124 41.04 61.39 38.95
CA ARG A 124 42.26 62.18 39.12
C ARG A 124 41.99 63.45 39.93
N ASP A 125 40.81 64.06 39.77
CA ASP A 125 40.55 65.36 40.37
C ASP A 125 39.57 65.31 41.54
N ASP A 126 39.11 64.13 41.94
CA ASP A 126 38.27 63.97 43.13
C ASP A 126 39.20 63.67 44.31
N ALA A 127 39.69 64.75 44.94
CA ALA A 127 40.74 64.61 45.95
C ALA A 127 40.23 63.85 47.19
N GLU A 128 38.99 64.10 47.61
CA GLU A 128 38.47 63.39 48.78
C GLU A 128 38.32 61.90 48.53
N LEU A 129 38.02 61.50 47.29
CA LEU A 129 38.01 60.08 46.95
C LEU A 129 39.40 59.55 46.66
N ARG A 130 40.22 60.33 45.94
CA ARG A 130 41.55 59.89 45.58
C ARG A 130 42.45 59.73 46.81
N GLY A 131 42.28 60.61 47.81
CA GLY A 131 42.99 60.41 49.07
C GLY A 131 42.65 59.08 49.72
N ARG A 132 41.43 58.59 49.52
CA ARG A 132 41.04 57.30 50.08
C ARG A 132 41.31 56.13 49.13
N ALA A 133 41.26 56.35 47.82
CA ALA A 133 41.28 55.25 46.86
C ALA A 133 42.65 54.99 46.25
N LEU A 134 43.58 55.94 46.31
CA LEU A 134 44.96 55.70 45.88
C LEU A 134 45.84 55.66 47.12
N ILE A 135 46.39 54.48 47.40
CA ILE A 135 47.21 54.22 48.56
C ILE A 135 48.62 53.88 48.09
N ARG A 136 49.62 54.56 48.66
CA ARG A 136 51.01 54.25 48.35
C ARG A 136 51.37 52.86 48.86
N GLN A 137 52.08 52.10 48.02
CA GLN A 137 52.57 50.78 48.43
C GLN A 137 53.40 50.88 49.70
N ALA A 138 54.08 52.00 49.91
CA ALA A 138 54.91 52.18 51.10
C ALA A 138 54.07 52.23 52.37
N ASP A 139 52.79 52.58 52.27
CA ASP A 139 51.88 52.64 53.41
C ASP A 139 50.98 51.42 53.50
N ALA A 140 51.24 50.39 52.69
CA ALA A 140 50.35 49.26 52.58
C ALA A 140 51.10 47.96 52.85
N GLN A 141 50.34 46.94 53.26
CA GLN A 141 50.85 45.60 53.48
CA GLN A 141 50.85 45.60 53.49
C GLN A 141 50.20 44.66 52.48
N LEU A 142 51.00 43.86 51.80
CA LEU A 142 50.47 42.93 50.79
C LEU A 142 50.39 41.53 51.36
N HIS A 143 49.34 40.81 51.01
CA HIS A 143 49.08 39.49 51.55
C HIS A 143 49.04 38.47 50.40
N LEU A 144 49.01 37.20 50.78
CA LEU A 144 48.84 36.14 49.80
C LEU A 144 47.61 36.45 48.95
N PRO A 145 47.72 36.43 47.62
CA PRO A 145 46.63 36.99 46.79
C PRO A 145 45.41 36.08 46.68
N VAL A 146 45.55 34.77 46.84
CA VAL A 146 44.40 33.87 46.77
C VAL A 146 44.47 32.84 47.90
N GLN A 147 43.30 32.31 48.25
CA GLN A 147 43.18 31.11 49.07
CA GLN A 147 43.19 31.12 49.07
C GLN A 147 43.34 29.91 48.14
N ILE A 148 44.46 29.21 48.27
CA ILE A 148 44.86 28.19 47.30
C ILE A 148 44.20 26.87 47.69
N PRO A 149 43.26 26.33 46.89
CA PRO A 149 42.64 25.05 47.25
C PRO A 149 43.57 23.88 46.94
N GLY A 150 44.29 23.98 45.83
CA GLY A 150 45.30 22.99 45.49
C GLY A 150 46.50 23.63 44.84
N TYR A 151 47.66 23.02 45.07
CA TYR A 151 48.92 23.48 44.52
C TYR A 151 49.61 22.31 43.86
N THR A 152 49.84 22.43 42.56
CA THR A 152 50.47 21.43 41.72
C THR A 152 51.79 22.00 41.21
N ASP A 153 52.81 21.17 41.17
CA ASP A 153 54.11 21.60 40.67
C ASP A 153 54.54 20.68 39.54
N PHE A 154 55.02 21.27 38.45
CA PHE A 154 55.44 20.56 37.25
C PHE A 154 56.97 20.53 37.17
N TYR A 155 57.49 20.20 36.00
CA TYR A 155 58.90 19.82 35.88
C TYR A 155 59.36 20.07 34.45
N SER A 156 58.90 21.17 33.84
CA SER A 156 58.78 21.24 32.39
C SER A 156 59.93 21.94 31.70
N SER A 157 61.08 22.08 32.36
CA SER A 157 62.28 22.60 31.72
C SER A 157 63.14 21.43 31.25
N LYS A 158 63.37 21.34 29.94
CA LYS A 158 64.27 20.29 29.45
C LYS A 158 65.69 20.50 29.98
N GLU A 159 66.15 21.74 30.00
CA GLU A 159 67.49 22.03 30.52
C GLU A 159 67.61 21.61 31.98
N HIS A 160 66.63 21.97 32.80
CA HIS A 160 66.65 21.56 34.21
C HIS A 160 66.66 20.03 34.34
N ALA A 161 65.68 19.37 33.72
CA ALA A 161 65.58 17.92 33.81
C ALA A 161 66.83 17.24 33.28
N THR A 162 67.45 17.81 32.25
CA THR A 162 68.69 17.26 31.73
C THR A 162 69.82 17.37 32.76
N ASN A 163 70.03 18.57 33.30
CA ASN A 163 71.11 18.77 34.27
C ASN A 163 70.96 17.86 35.47
N VAL A 164 69.75 17.80 36.04
CA VAL A 164 69.47 16.90 37.15
C VAL A 164 69.76 15.46 36.73
N GLY A 165 69.14 15.01 35.64
CA GLY A 165 69.34 13.64 35.19
C GLY A 165 70.80 13.34 34.89
N SER A 166 71.52 14.30 34.31
CA SER A 166 72.94 14.14 34.02
C SER A 166 73.77 13.82 35.25
N MET A 167 73.22 13.97 36.45
CA MET A 167 73.94 13.63 37.67
C MET A 167 73.81 12.16 38.04
N PHE A 168 72.90 11.41 37.41
CA PHE A 168 72.78 9.98 37.63
C PHE A 168 72.97 9.15 36.37
N ARG A 169 72.97 9.76 35.20
CA ARG A 169 73.01 9.04 33.93
C ARG A 169 73.80 9.87 32.92
N ASP A 170 74.04 9.27 31.76
CA ASP A 170 74.72 9.99 30.67
C ASP A 170 73.73 10.84 29.87
N ASN A 173 71.36 9.45 28.21
CA ASN A 173 70.12 9.00 28.83
C ASN A 173 69.78 9.84 30.08
N ALA A 174 70.05 11.14 30.02
CA ALA A 174 69.73 12.02 31.15
C ALA A 174 68.23 12.14 31.35
N LEU A 175 67.49 12.32 30.26
CA LEU A 175 66.03 12.40 30.33
C LEU A 175 65.43 11.00 30.31
N LEU A 176 64.49 10.76 31.22
CA LEU A 176 63.72 9.54 31.16
C LEU A 176 62.75 9.59 29.97
N PRO A 177 62.32 8.43 29.47
CA PRO A 177 61.40 8.44 28.31
C PRO A 177 60.11 9.22 28.57
N ASN A 178 59.43 8.96 29.68
CA ASN A 178 58.14 9.61 29.92
C ASN A 178 58.24 11.13 30.02
N TRP A 179 59.43 11.69 30.29
CA TRP A 179 59.54 13.14 30.43
C TRP A 179 59.19 13.86 29.14
N SER A 180 59.56 13.29 28.00
CA SER A 180 59.27 13.91 26.71
C SER A 180 57.90 13.53 26.16
N GLU A 181 57.13 12.70 26.88
CA GLU A 181 55.80 12.33 26.45
C GLU A 181 54.69 12.99 27.27
N MET A 182 54.98 13.45 28.48
CA MET A 182 53.97 14.13 29.28
C MET A 182 54.64 15.21 30.09
N PRO A 183 53.93 16.26 30.46
CA PRO A 183 54.46 17.18 31.47
C PRO A 183 54.30 16.58 32.86
N ILE A 184 55.28 15.78 33.30
CA ILE A 184 55.19 15.16 34.62
C ILE A 184 55.05 16.23 35.70
N GLY A 185 54.34 15.87 36.77
CA GLY A 185 54.12 16.78 37.87
C GLY A 185 53.70 16.00 39.09
N TYR A 186 53.51 16.75 40.19
CA TYR A 186 53.15 16.14 41.47
C TYR A 186 52.27 17.11 42.22
N ASN A 187 51.46 16.57 43.14
CA ASN A 187 50.70 17.43 44.04
C ASN A 187 51.66 18.08 45.03
N GLY A 188 51.58 19.42 45.16
CA GLY A 188 52.29 20.13 46.19
C GLY A 188 51.42 20.36 47.43
N ARG A 189 52.02 21.04 48.41
CA ARG A 189 51.35 21.33 49.67
C ARG A 189 50.84 22.76 49.65
N ALA A 190 49.52 22.93 49.55
CA ALA A 190 48.95 24.27 49.46
C ALA A 190 49.18 25.07 50.74
N SER A 191 49.18 24.39 51.90
CA SER A 191 49.16 25.09 53.17
C SER A 191 50.43 25.90 53.43
N SER A 192 51.57 25.48 52.86
CA SER A 192 52.84 26.16 53.14
C SER A 192 53.25 27.11 52.02
N VAL A 193 52.32 27.49 51.16
CA VAL A 193 52.59 28.59 50.23
C VAL A 193 52.43 29.90 51.00
N VAL A 194 53.50 30.70 51.03
CA VAL A 194 53.55 31.95 51.78
C VAL A 194 53.89 33.07 50.82
N VAL A 195 53.50 34.27 51.21
CA VAL A 195 53.67 35.46 50.39
C VAL A 195 55.11 35.95 50.53
N SER A 196 55.59 36.63 49.49
CA SER A 196 56.94 37.17 49.48
C SER A 196 57.26 37.93 50.74
N GLY A 197 58.50 37.77 51.22
CA GLY A 197 58.96 38.40 52.44
C GLY A 197 58.80 37.57 53.70
N THR A 198 58.09 36.45 53.63
CA THR A 198 57.98 35.58 54.82
C THR A 198 59.29 34.82 55.00
N PRO A 199 59.97 34.95 56.15
CA PRO A 199 61.20 34.17 56.35
C PRO A 199 60.88 32.69 56.43
N VAL A 200 61.86 31.88 56.02
CA VAL A 200 61.70 30.44 55.84
C VAL A 200 62.70 29.76 56.75
N ARG A 201 62.21 28.89 57.63
CA ARG A 201 63.12 28.18 58.52
CA ARG A 201 63.09 28.16 58.53
C ARG A 201 63.72 26.97 57.81
N ARG A 202 65.05 26.86 57.89
CA ARG A 202 65.75 25.70 57.36
C ARG A 202 65.19 24.43 57.99
N PRO A 203 64.85 23.42 57.22
CA PRO A 203 64.24 22.22 57.79
C PRO A 203 65.25 21.27 58.42
N ASN A 204 64.81 20.64 59.50
CA ASN A 204 65.41 19.40 59.97
C ASN A 204 64.71 18.24 59.28
N GLY A 205 65.42 17.15 59.06
CA GLY A 205 64.82 15.98 58.46
C GLY A 205 65.76 14.79 58.56
N GLN A 206 65.39 13.71 57.89
CA GLN A 206 66.28 12.55 57.82
C GLN A 206 67.30 12.76 56.70
N LEU A 207 68.57 12.47 56.99
CA LEU A 207 69.63 12.59 56.01
C LEU A 207 70.36 11.26 55.87
N LYS A 208 70.64 10.88 54.63
CA LYS A 208 71.43 9.67 54.36
C LYS A 208 72.86 10.11 54.08
N LEU A 209 73.74 9.89 55.04
CA LEU A 209 75.14 10.23 54.89
C LEU A 209 75.88 9.12 54.14
N PRO A 210 76.95 9.47 53.41
CA PRO A 210 77.63 8.43 52.61
C PRO A 210 78.31 7.37 53.46
N ASP A 211 78.80 7.73 54.64
CA ASP A 211 79.60 6.81 55.44
C ASP A 211 78.78 5.92 56.37
N GLN A 212 77.48 6.17 56.53
CA GLN A 212 76.70 5.54 57.59
C GLN A 212 75.51 4.78 57.00
N GLU A 213 75.30 3.57 57.51
CA GLU A 213 74.24 2.72 56.97
C GLU A 213 72.85 3.30 57.27
N ARG A 214 72.63 3.73 58.50
CA ARG A 214 71.29 4.22 58.80
C ARG A 214 71.22 5.75 58.73
N PRO A 215 70.07 6.32 58.41
CA PRO A 215 69.96 7.77 58.31
C PRO A 215 70.04 8.43 59.67
N VAL A 216 70.45 9.70 59.66
CA VAL A 216 70.49 10.50 60.85
C VAL A 216 69.49 11.64 60.73
N PHE A 217 69.18 12.24 61.86
CA PHE A 217 68.26 13.37 61.95
C PHE A 217 69.06 14.62 62.24
N GLY A 218 68.86 15.66 61.44
CA GLY A 218 69.65 16.87 61.63
C GLY A 218 69.24 17.92 60.63
N ALA A 219 69.91 19.06 60.73
CA ALA A 219 69.60 20.20 59.86
C ALA A 219 69.90 19.86 58.40
N CYS A 220 69.02 20.28 57.52
CA CYS A 220 69.23 20.15 56.08
C CYS A 220 70.53 20.83 55.68
N ARG A 221 71.34 20.14 54.87
CA ARG A 221 72.63 20.65 54.43
C ARG A 221 72.65 21.13 52.98
N LYS A 222 71.60 20.89 52.21
CA LYS A 222 71.55 21.28 50.80
C LYS A 222 70.23 22.02 50.57
N LEU A 223 70.11 23.20 51.17
CA LEU A 223 68.93 24.03 50.99
C LEU A 223 69.04 24.79 49.67
N ASP A 224 67.97 24.78 48.88
CA ASP A 224 68.04 25.31 47.52
C ASP A 224 66.75 26.04 47.17
N ILE A 225 66.85 26.89 46.15
CA ILE A 225 65.69 27.51 45.52
C ILE A 225 65.26 26.64 44.35
N GLU A 226 64.08 26.92 43.81
CA GLU A 226 63.72 26.49 42.46
C GLU A 226 62.99 27.67 41.83
N LEU A 227 63.66 28.32 40.87
CA LEU A 227 63.09 29.47 40.17
C LEU A 227 61.95 29.01 39.27
N GLU A 228 60.72 29.40 39.62
CA GLU A 228 59.55 29.00 38.85
C GLU A 228 58.63 30.20 38.65
N THR A 229 57.61 29.99 37.83
CA THR A 229 56.41 30.81 37.87
C THR A 229 55.25 29.92 38.27
N GLY A 230 54.19 30.54 38.76
CA GLY A 230 52.96 29.84 39.07
C GLY A 230 51.80 30.49 38.33
N PHE A 231 50.93 29.67 37.75
CA PHE A 231 49.72 30.23 37.20
C PHE A 231 48.54 29.84 38.06
N VAL A 232 47.56 30.74 38.11
CA VAL A 232 46.43 30.66 39.01
C VAL A 232 45.19 30.42 38.17
N ILE A 233 44.43 29.39 38.56
CA ILE A 233 43.24 28.99 37.83
C ILE A 233 42.13 30.02 38.05
N GLY A 234 41.50 30.43 36.96
CA GLY A 234 40.38 31.35 37.05
C GLY A 234 39.02 30.74 36.75
N ALA A 235 39.00 29.58 36.11
CA ALA A 235 37.78 28.80 35.94
C ALA A 235 38.18 27.34 36.05
N GLY A 236 37.51 26.59 36.93
CA GLY A 236 37.86 25.20 37.18
C GLY A 236 37.25 24.27 36.15
N ASN A 237 37.27 22.97 36.46
CA ASN A 237 36.59 21.99 35.65
C ASN A 237 36.01 20.90 36.55
N ALA A 238 34.90 20.33 36.11
CA ALA A 238 34.21 19.30 36.87
C ALA A 238 35.04 18.03 36.97
N LEU A 239 34.88 17.33 38.09
CA LEU A 239 35.53 16.03 38.25
C LEU A 239 35.07 15.08 37.15
N GLY A 240 36.04 14.46 36.48
CA GLY A 240 35.74 13.57 35.37
C GLY A 240 35.71 14.22 34.00
N GLU A 241 35.77 15.55 33.91
CA GLU A 241 35.68 16.28 32.65
C GLU A 241 37.01 16.94 32.30
N PRO A 242 37.82 16.36 31.43
CA PRO A 242 39.13 16.97 31.11
C PRO A 242 38.98 18.35 30.45
N VAL A 243 40.01 19.16 30.64
CA VAL A 243 40.15 20.45 29.94
C VAL A 243 41.03 20.20 28.72
N THR A 244 40.48 20.45 27.53
CA THR A 244 41.27 20.23 26.32
C THR A 244 42.40 21.26 26.26
N CYS A 245 43.48 20.90 25.57
CA CYS A 245 44.62 21.78 25.50
C CYS A 245 44.25 23.11 24.86
N ALA A 246 43.36 23.07 23.84
CA ALA A 246 42.95 24.28 23.12
C ALA A 246 42.09 25.21 23.99
N ASP A 247 41.39 24.67 24.98
CA ASP A 247 40.60 25.47 25.90
CA ASP A 247 40.58 25.45 25.90
C ASP A 247 41.33 25.82 27.19
N ALA A 248 42.54 25.30 27.39
CA ALA A 248 43.19 25.43 28.68
C ALA A 248 43.38 26.88 29.10
N GLU A 249 43.85 27.74 28.17
CA GLU A 249 44.26 29.08 28.58
C GLU A 249 43.10 29.93 29.06
N ALA A 250 41.91 29.75 28.49
CA ALA A 250 40.72 30.44 28.98
C ALA A 250 40.38 30.06 30.43
N HIS A 251 41.00 29.02 31.00
CA HIS A 251 40.84 28.68 32.40
C HIS A 251 41.83 29.40 33.32
N ILE A 252 42.76 30.18 32.78
CA ILE A 252 43.89 30.71 33.55
C ILE A 252 43.66 32.20 33.81
N PHE A 253 43.68 32.58 35.09
CA PHE A 253 43.50 34.00 35.43
C PHE A 253 44.79 34.80 35.26
N GLY A 254 45.91 34.30 35.79
CA GLY A 254 47.12 35.09 35.80
C GLY A 254 48.32 34.30 36.30
N MET A 255 49.44 35.01 36.52
CA MET A 255 50.69 34.38 36.93
C MET A 255 51.34 35.12 38.08
N VAL A 256 52.18 34.39 38.82
CA VAL A 256 53.04 34.92 39.90
C VAL A 256 54.42 34.30 39.75
N LEU A 257 55.39 34.90 40.43
CA LEU A 257 56.69 34.28 40.65
C LEU A 257 56.57 33.28 41.79
N LEU A 258 57.35 32.20 41.72
CA LEU A 258 57.21 31.09 42.67
C LEU A 258 58.58 30.51 42.98
N ASN A 259 58.97 30.54 44.25
CA ASN A 259 60.19 29.88 44.71
C ASN A 259 59.78 28.62 45.46
N ASP A 260 60.03 27.46 44.85
CA ASP A 260 59.74 26.17 45.48
C ASP A 260 60.99 25.71 46.25
N TRP A 261 61.15 26.27 47.47
CA TRP A 261 62.28 25.93 48.32
C TRP A 261 62.42 24.41 48.45
N SER A 262 63.67 23.93 48.41
CA SER A 262 63.92 22.51 48.30
C SER A 262 65.09 22.09 49.19
N ALA A 263 64.89 21.04 49.96
CA ALA A 263 65.93 20.49 50.81
C ALA A 263 66.40 19.21 50.13
N ARG A 264 67.50 19.30 49.39
CA ARG A 264 67.80 18.27 48.42
C ARG A 264 68.33 17.00 49.05
N ASP A 265 69.04 17.11 50.18
CA ASP A 265 69.48 15.89 50.86
C ASP A 265 68.30 15.18 51.52
N ILE A 266 67.37 15.95 52.09
CA ILE A 266 66.13 15.35 52.58
C ILE A 266 65.38 14.66 51.46
N GLN A 267 65.34 15.29 50.27
CA GLN A 267 64.61 14.73 49.14
C GLN A 267 65.19 13.41 48.67
N GLN A 268 66.52 13.36 48.51
CA GLN A 268 67.17 12.18 47.94
C GLN A 268 66.84 10.93 48.74
N TRP A 269 66.74 11.06 50.07
CA TRP A 269 66.50 9.89 50.91
C TRP A 269 65.03 9.50 50.97
N GLU A 270 64.10 10.45 50.87
CA GLU A 270 62.70 10.15 51.09
C GLU A 270 61.93 9.77 49.82
N TYR A 271 62.37 10.20 48.64
CA TYR A 271 61.44 10.41 47.53
C TYR A 271 61.08 9.16 46.73
N VAL A 272 61.83 8.07 46.83
CA VAL A 272 61.50 6.84 46.12
C VAL A 272 60.56 6.01 46.98
N PRO A 273 59.37 5.62 46.48
CA PRO A 273 58.88 5.83 45.12
C PRO A 273 57.74 6.84 44.97
N LEU A 274 57.39 7.54 46.05
CA LEU A 274 56.18 8.37 46.05
C LEU A 274 56.45 9.83 45.75
N GLY A 275 57.71 10.20 45.53
CA GLY A 275 58.04 11.55 45.10
C GLY A 275 58.48 12.43 46.25
N PRO A 276 58.75 13.70 45.94
CA PRO A 276 59.22 14.61 46.98
C PRO A 276 58.11 14.90 47.96
N PHE A 277 58.48 15.04 49.23
CA PHE A 277 57.47 15.26 50.25
C PHE A 277 57.98 16.29 51.26
N ASN A 278 58.59 15.83 52.37
CA ASN A 278 59.07 16.76 53.38
C ASN A 278 60.09 17.74 52.80
N ALA A 279 60.83 17.35 51.77
CA ALA A 279 61.84 18.23 51.18
C ALA A 279 61.26 19.44 50.45
N LYS A 280 59.95 19.48 50.22
CA LYS A 280 59.30 20.56 49.49
C LYS A 280 58.24 21.29 50.31
N THR A 281 57.58 20.61 51.23
CA THR A 281 56.38 21.16 51.85
C THR A 281 56.68 22.13 52.98
N PHE A 282 57.95 22.35 53.33
CA PHE A 282 58.22 23.23 54.45
C PHE A 282 57.99 24.69 54.09
N ALA A 283 58.02 25.03 52.80
CA ALA A 283 57.80 26.41 52.38
C ALA A 283 57.78 26.49 50.85
N THR A 284 56.87 27.29 50.34
CA THR A 284 56.87 27.70 48.93
C THR A 284 56.46 29.17 48.92
N THR A 285 57.27 30.02 48.29
CA THR A 285 56.99 31.45 48.31
C THR A 285 56.46 31.88 46.95
N ILE A 286 55.43 32.74 46.95
CA ILE A 286 54.98 33.39 45.72
C ILE A 286 54.97 34.91 45.90
N SER A 287 55.14 35.61 44.78
CA SER A 287 54.98 37.06 44.76
C SER A 287 53.51 37.42 45.00
N PRO A 288 53.25 38.64 45.49
CA PRO A 288 51.86 38.99 45.85
C PRO A 288 50.97 39.49 44.70
N TRP A 289 51.53 40.03 43.62
CA TRP A 289 50.73 40.60 42.55
C TRP A 289 50.47 39.57 41.45
N ILE A 290 49.20 39.27 41.20
CA ILE A 290 48.85 38.33 40.13
C ILE A 290 48.77 39.14 38.85
N VAL A 291 49.67 38.87 37.91
CA VAL A 291 49.71 39.54 36.62
C VAL A 291 48.75 38.77 35.71
N THR A 292 47.76 39.45 35.14
CA THR A 292 46.71 38.73 34.44
C THR A 292 47.21 38.22 33.09
N LEU A 293 46.61 37.10 32.64
CA LEU A 293 46.97 36.58 31.34
C LEU A 293 46.69 37.59 30.23
N ASP A 294 45.64 38.40 30.39
CA ASP A 294 45.35 39.45 29.41
C ASP A 294 46.50 40.45 29.31
N ALA A 295 47.02 40.90 30.45
CA ALA A 295 48.14 41.84 30.42
C ALA A 295 49.36 41.22 29.76
N LEU A 296 49.52 39.88 29.87
CA LEU A 296 50.65 39.19 29.29
C LEU A 296 50.51 38.94 27.80
N GLU A 297 49.35 39.21 27.21
CA GLU A 297 49.15 38.85 25.80
C GLU A 297 50.17 39.49 24.86
N PRO A 298 50.57 40.76 25.01
CA PRO A 298 51.58 41.31 24.08
C PRO A 298 52.91 40.55 24.08
N PHE A 299 53.17 39.70 25.07
CA PHE A 299 54.44 39.01 25.19
C PHE A 299 54.34 37.51 24.89
N ARG A 300 53.23 37.07 24.30
CA ARG A 300 53.12 35.70 23.84
C ARG A 300 54.12 35.43 22.72
N VAL A 301 54.88 34.34 22.83
CA VAL A 301 55.89 33.97 21.84
C VAL A 301 55.80 32.48 21.54
N ALA A 302 56.61 32.05 20.57
CA ALA A 302 56.61 30.66 20.13
C ALA A 302 57.36 29.80 21.13
N GLN A 303 56.70 28.73 21.60
CA GLN A 303 57.31 27.79 22.51
C GLN A 303 58.38 26.97 21.79
N PRO A 304 59.29 26.33 22.53
CA PRO A 304 60.30 25.49 21.88
C PRO A 304 59.67 24.36 21.09
N ALA A 305 60.35 23.96 20.01
CA ALA A 305 59.90 22.85 19.20
C ALA A 305 60.04 21.54 19.97
N GLN A 306 58.98 20.74 19.98
CA GLN A 306 58.96 19.48 20.72
C GLN A 306 59.23 18.31 19.77
N ASP A 307 60.10 17.40 20.21
CA ASP A 307 60.48 16.20 19.49
C ASP A 307 60.68 15.07 20.49
N PRO A 308 59.90 13.98 20.43
CA PRO A 308 58.84 13.66 19.45
C PRO A 308 57.59 14.51 19.62
N GLN A 309 56.69 14.42 18.66
CA GLN A 309 55.43 15.11 18.77
C GLN A 309 54.57 14.43 19.83
N PRO A 310 54.01 15.18 20.78
CA PRO A 310 53.21 14.54 21.84
C PRO A 310 51.94 13.92 21.29
N LEU A 311 51.31 13.10 22.13
CA LEU A 311 49.99 12.58 21.83
C LEU A 311 49.02 13.73 21.56
N ALA A 312 47.98 13.42 20.77
CA ALA A 312 47.08 14.44 20.25
C ALA A 312 46.47 15.30 21.36
N TYR A 313 46.16 14.71 22.50
CA TYR A 313 45.51 15.48 23.57
C TYR A 313 46.41 16.57 24.13
N LEU A 314 47.72 16.49 23.88
CA LEU A 314 48.67 17.48 24.33
C LEU A 314 49.07 18.50 23.27
N ARG A 315 48.54 18.40 22.05
CA ARG A 315 48.97 19.27 20.95
C ARG A 315 48.18 20.58 20.91
N HIS A 316 48.86 21.65 20.50
CA HIS A 316 48.16 22.89 20.19
C HIS A 316 48.89 23.63 19.08
N ASP A 317 48.11 24.24 18.19
CA ASP A 317 48.63 25.16 17.19
C ASP A 317 48.90 26.53 17.81
N GLY A 318 49.61 27.37 17.07
CA GLY A 318 49.84 28.72 17.50
C GLY A 318 50.91 28.80 18.57
N GLU A 319 51.00 29.99 19.16
CA GLU A 319 52.04 30.32 20.12
C GLU A 319 51.47 30.25 21.52
N HIS A 320 52.21 29.61 22.42
CA HIS A 320 51.70 29.46 23.78
C HIS A 320 52.80 29.61 24.83
N ALA A 321 53.96 30.15 24.45
CA ALA A 321 54.98 30.55 25.41
C ALA A 321 54.82 32.03 25.75
N PHE A 322 55.51 32.46 26.82
CA PHE A 322 55.48 33.87 27.19
C PHE A 322 56.88 34.37 27.51
N ASP A 323 57.21 35.56 26.99
CA ASP A 323 58.53 36.18 27.10
C ASP A 323 58.60 36.91 28.44
N ILE A 324 59.16 36.24 29.46
CA ILE A 324 59.24 36.79 30.81
C ILE A 324 60.69 36.72 31.26
N THR A 325 61.34 37.87 31.38
CA THR A 325 62.67 37.92 31.98
C THR A 325 62.59 37.58 33.46
N LEU A 326 63.45 36.65 33.91
CA LEU A 326 63.54 36.25 35.30
C LEU A 326 64.98 36.33 35.79
N GLU A 327 65.16 36.81 37.03
CA GLU A 327 66.48 36.92 37.65
C GLU A 327 66.36 36.59 39.13
N VAL A 328 67.43 36.02 39.69
CA VAL A 328 67.49 35.69 41.11
C VAL A 328 68.75 36.29 41.71
N THR A 329 68.61 36.99 42.85
CA THR A 329 69.75 37.48 43.60
C THR A 329 69.85 36.75 44.93
N LEU A 330 71.08 36.70 45.45
CA LEU A 330 71.39 36.14 46.76
C LEU A 330 72.19 37.18 47.52
N ARG A 331 71.77 37.46 48.75
CA ARG A 331 72.46 38.44 49.58
C ARG A 331 72.72 37.82 50.95
N PRO A 332 73.97 37.56 51.31
CA PRO A 332 74.27 37.09 52.67
C PRO A 332 73.75 38.06 53.71
N GLN A 333 73.49 37.56 54.92
CA GLN A 333 73.00 38.44 55.96
C GLN A 333 74.02 39.52 56.27
N GLN A 334 73.52 40.72 56.51
CA GLN A 334 74.31 41.92 56.80
CA GLN A 334 74.29 41.93 56.80
C GLN A 334 75.22 42.33 55.65
N ALA A 335 75.12 41.67 54.50
CA ALA A 335 75.86 42.13 53.33
C ALA A 335 75.09 43.27 52.64
N LYS A 336 75.85 44.28 52.19
CA LYS A 336 75.22 45.46 51.61
C LYS A 336 74.59 45.17 50.25
N GLU A 337 75.27 44.40 49.40
CA GLU A 337 74.83 44.23 48.02
C GLU A 337 74.51 42.79 47.70
N ALA A 338 73.41 42.59 46.98
CA ALA A 338 73.01 41.26 46.55
C ALA A 338 73.74 40.89 45.25
N SER A 339 74.01 39.61 45.09
CA SER A 339 74.62 39.10 43.86
C SER A 339 73.56 38.44 43.00
N THR A 340 73.44 38.87 41.74
CA THR A 340 72.61 38.16 40.78
C THR A 340 73.26 36.82 40.42
N ILE A 341 72.59 35.71 40.74
CA ILE A 341 73.18 34.40 40.49
C ILE A 341 72.58 33.68 39.29
N THR A 342 71.52 34.22 38.69
CA THR A 342 71.03 33.63 37.45
C THR A 342 70.06 34.58 36.76
N ARG A 343 70.05 34.50 35.43
CA ARG A 343 69.14 35.26 34.57
C ARG A 343 68.62 34.29 33.52
N THR A 344 67.30 34.08 33.47
CA THR A 344 66.74 33.20 32.46
C THR A 344 65.43 33.82 31.96
N ASN A 345 64.57 32.99 31.37
CA ASN A 345 63.32 33.43 30.77
C ASN A 345 62.34 32.26 30.72
N PHE A 346 61.07 32.56 31.02
CA PHE A 346 60.01 31.55 31.03
C PHE A 346 59.80 30.91 29.65
N LYS A 347 60.21 31.58 28.58
CA LYS A 347 59.94 31.10 27.24
C LYS A 347 60.63 29.79 26.91
N HIS A 348 61.66 29.42 27.66
CA HIS A 348 62.41 28.19 27.40
C HIS A 348 61.69 26.92 27.85
N MET A 349 60.61 27.02 28.63
CA MET A 349 59.98 25.82 29.13
C MET A 349 59.46 24.95 27.98
N TYR A 350 59.69 23.64 28.10
CA TYR A 350 59.39 22.67 27.05
C TYR A 350 57.89 22.39 26.93
N TRP A 351 57.19 22.41 28.06
CA TRP A 351 55.74 22.23 28.12
C TRP A 351 55.10 23.55 28.55
N THR A 352 54.06 23.95 27.84
CA THR A 352 53.36 25.20 28.08
C THR A 352 52.31 25.05 29.18
N MET A 353 51.80 26.19 29.66
CA MET A 353 50.75 26.15 30.67
C MET A 353 49.54 25.39 30.15
N ALA A 354 49.17 25.62 28.88
CA ALA A 354 48.03 24.93 28.30
C ALA A 354 48.25 23.42 28.35
N GLN A 355 49.44 22.97 27.99
CA GLN A 355 49.71 21.52 28.00
C GLN A 355 49.71 20.97 29.42
N GLN A 356 50.24 21.74 30.37
CA GLN A 356 50.25 21.29 31.75
C GLN A 356 48.82 21.09 32.27
N LEU A 357 47.94 22.05 32.00
CA LEU A 357 46.58 21.96 32.49
C LEU A 357 45.80 20.85 31.78
N ALA A 358 46.06 20.68 30.48
CA ALA A 358 45.43 19.58 29.76
C ALA A 358 45.84 18.24 30.37
N HIS A 359 47.14 18.05 30.61
CA HIS A 359 47.58 16.77 31.17
C HIS A 359 47.14 16.62 32.61
N HIS A 360 47.07 17.72 33.37
CA HIS A 360 46.61 17.67 34.76
C HIS A 360 45.21 17.10 34.84
N THR A 361 44.38 17.37 33.84
CA THR A 361 42.97 17.02 33.93
C THR A 361 42.59 15.88 33.00
N VAL A 362 43.54 15.27 32.28
CA VAL A 362 43.15 14.38 31.19
C VAL A 362 42.53 13.09 31.72
N SER A 363 42.89 12.70 32.94
CA SER A 363 42.31 11.53 33.58
C SER A 363 41.12 11.88 34.45
N GLY A 364 40.69 13.14 34.43
CA GLY A 364 39.48 13.55 35.12
C GLY A 364 39.67 14.36 36.38
N CYS A 365 40.90 14.61 36.82
CA CYS A 365 41.12 15.48 37.96
C CYS A 365 40.44 16.82 37.75
N ASN A 366 39.82 17.34 38.81
CA ASN A 366 39.15 18.63 38.76
C ASN A 366 40.09 19.73 39.27
N THR A 367 39.80 20.96 38.87
CA THR A 367 40.53 22.13 39.31
C THR A 367 39.53 23.16 39.80
N ARG A 368 40.03 24.08 40.64
CA ARG A 368 39.19 25.05 41.32
C ARG A 368 39.80 26.44 41.21
N VAL A 369 38.95 27.46 41.27
CA VAL A 369 39.42 28.82 41.25
C VAL A 369 40.43 29.02 42.36
N GLY A 370 41.55 29.66 42.02
CA GLY A 370 42.59 29.92 42.98
C GLY A 370 43.66 28.86 43.06
N ASP A 371 43.48 27.71 42.38
CA ASP A 371 44.54 26.69 42.34
C ASP A 371 45.82 27.28 41.79
N LEU A 372 46.94 26.80 42.29
CA LEU A 372 48.27 27.28 41.91
C LEU A 372 49.00 26.17 41.18
N MET A 373 49.61 26.52 40.04
CA MET A 373 50.30 25.55 39.21
C MET A 373 51.71 26.06 38.92
N GLY A 374 52.70 25.43 39.55
CA GLY A 374 54.09 25.82 39.36
C GLY A 374 54.67 25.18 38.10
N SER A 375 55.53 25.96 37.42
CA SER A 375 56.05 25.54 36.12
C SER A 375 57.08 24.43 36.23
N GLY A 376 57.68 24.27 37.40
CA GLY A 376 58.96 23.60 37.53
C GLY A 376 60.10 24.59 37.36
N THR A 377 61.28 24.19 37.84
CA THR A 377 62.48 25.03 37.77
C THR A 377 62.74 25.46 36.34
N ILE A 378 62.98 26.76 36.15
CA ILE A 378 63.18 27.34 34.82
C ILE A 378 64.68 27.54 34.61
N SER A 379 65.29 26.64 33.86
CA SER A 379 66.68 26.73 33.47
C SER A 379 66.76 26.97 31.97
N GLY A 380 67.63 27.89 31.56
CA GLY A 380 67.86 28.16 30.17
C GLY A 380 69.02 27.38 29.62
N PRO A 381 69.42 27.69 28.39
CA PRO A 381 70.49 26.91 27.75
C PRO A 381 71.88 27.23 28.27
N THR A 382 72.12 28.51 28.57
CA THR A 382 73.43 28.93 29.04
C THR A 382 73.63 28.60 30.52
N GLU A 383 74.89 28.45 30.91
CA GLU A 383 75.22 28.04 32.28
C GLU A 383 74.84 29.09 33.32
N ASP A 384 74.67 30.35 32.90
CA ASP A 384 74.26 31.41 33.82
C ASP A 384 72.74 31.62 33.83
N SER A 385 71.97 30.65 33.35
CA SER A 385 70.52 30.75 33.35
C SER A 385 69.85 29.58 34.06
N PHE A 386 70.60 28.75 34.77
CA PHE A 386 70.03 27.63 35.50
C PHE A 386 69.25 28.14 36.71
N GLY A 387 68.17 27.41 37.04
CA GLY A 387 67.23 27.89 38.03
C GLY A 387 67.41 27.40 39.45
N SER A 388 68.55 26.79 39.79
CA SER A 388 68.77 26.26 41.13
C SER A 388 70.26 26.28 41.42
N LEU A 389 70.62 26.38 42.71
CA LEU A 389 72.03 26.29 43.06
C LEU A 389 72.57 24.91 42.78
N LEU A 390 71.73 23.87 42.90
CA LEU A 390 72.13 22.54 42.49
C LEU A 390 72.76 22.54 41.11
N GLU A 391 72.15 23.27 40.17
CA GLU A 391 72.68 23.32 38.81
C GLU A 391 73.78 24.35 38.66
N LEU A 392 73.62 25.52 39.30
CA LEU A 392 74.61 26.58 39.14
C LEU A 392 75.95 26.18 39.73
N THR A 393 75.96 25.34 40.76
CA THR A 393 77.19 24.88 41.38
C THR A 393 77.51 23.44 41.08
N TRP A 394 76.70 22.76 40.27
CA TRP A 394 76.85 21.34 39.97
C TRP A 394 76.99 20.52 41.26
N ASN A 395 75.96 20.59 42.09
CA ASN A 395 75.91 19.86 43.35
C ASN A 395 77.13 20.19 44.23
N GLY A 396 77.54 21.46 44.20
CA GLY A 396 78.65 21.91 45.02
C GLY A 396 80.03 21.67 44.47
N LYS A 397 80.16 20.98 43.34
CA LYS A 397 81.49 20.69 42.81
C LYS A 397 82.19 21.95 42.33
N LYS A 398 81.43 22.96 41.90
CA LYS A 398 81.99 24.25 41.50
C LYS A 398 81.19 25.33 42.22
N PRO A 399 81.54 25.65 43.46
CA PRO A 399 80.83 26.71 44.18
C PRO A 399 80.87 28.01 43.39
N LEU A 400 79.84 28.82 43.54
CA LEU A 400 79.80 30.05 42.76
C LEU A 400 80.33 31.20 43.60
N GLU A 401 80.98 32.15 42.93
CA GLU A 401 81.59 33.30 43.59
C GLU A 401 80.58 34.44 43.55
N LEU A 402 80.07 34.83 44.72
N LEU A 402 80.22 34.94 44.73
CA LEU A 402 79.16 35.96 44.76
CA LEU A 402 79.35 36.11 44.89
C LEU A 402 79.86 37.18 44.20
C LEU A 402 80.13 37.41 44.81
N ARG A 403 79.28 37.77 43.15
N ARG A 403 79.40 38.52 44.81
CA ARG A 403 79.89 38.94 42.53
CA ARG A 403 80.02 39.85 44.80
C ARG A 403 80.30 39.99 43.56
C ARG A 403 80.42 40.28 46.21
N GLU A 404 79.63 40.02 44.71
N GLU A 404 79.52 40.19 47.17
CA GLU A 404 79.97 40.92 45.81
CA GLU A 404 79.83 40.42 48.58
C GLU A 404 80.88 40.29 46.85
C GLU A 404 79.32 39.24 49.38
N GLY A 405 81.36 39.08 46.62
N GLY A 405 80.18 38.67 50.21
CA GLY A 405 82.30 38.48 47.54
CA GLY A 405 79.86 37.51 51.03
C GLY A 405 81.68 37.33 48.30
C GLY A 405 80.63 36.25 50.69
N GLY A 406 82.51 36.32 48.61
N GLY A 406 81.33 36.20 49.56
CA GLY A 406 82.04 35.10 49.22
CA GLY A 406 82.19 35.06 49.28
C GLY A 406 81.66 34.05 48.18
C GLY A 406 81.68 34.07 48.25
N THR A 407 81.50 32.82 48.66
CA THR A 407 81.11 31.73 47.78
C THR A 407 79.96 30.94 48.40
N ARG A 408 79.21 30.27 47.51
CA ARG A 408 78.08 29.46 47.95
C ARG A 408 78.04 28.17 47.15
N SER A 409 77.80 27.08 47.86
CA SER A 409 77.30 25.86 47.22
C SER A 409 75.77 25.88 47.31
N PHE A 410 75.25 25.68 48.52
CA PHE A 410 73.82 25.80 48.77
C PHE A 410 73.57 26.98 49.69
N ILE A 411 72.29 27.23 50.00
CA ILE A 411 71.92 28.43 50.74
C ILE A 411 72.38 28.31 52.18
N GLU A 412 72.97 29.37 52.70
CA GLU A 412 73.43 29.41 54.09
C GLU A 412 72.46 30.23 54.92
N ASP A 413 72.48 29.97 56.24
CA ASP A 413 71.59 30.67 57.16
C ASP A 413 71.75 32.18 57.03
N GLY A 414 70.62 32.90 57.04
CA GLY A 414 70.61 34.33 56.92
C GLY A 414 70.58 34.86 55.50
N ASP A 415 70.87 34.00 54.50
CA ASP A 415 70.82 34.42 53.11
C ASP A 415 69.40 34.84 52.73
N GLU A 416 69.31 35.86 51.87
CA GLU A 416 68.04 36.34 51.34
C GLU A 416 68.04 36.11 49.84
N LEU A 417 67.09 35.30 49.37
CA LEU A 417 66.96 34.94 47.96
C LEU A 417 65.76 35.69 47.38
N THR A 418 66.00 36.46 46.32
CA THR A 418 64.95 37.28 45.73
C THR A 418 64.76 36.93 44.26
N LEU A 419 63.57 36.47 43.92
CA LEU A 419 63.16 36.26 42.54
C LEU A 419 62.51 37.54 42.02
N ALA A 420 62.85 37.92 40.80
CA ALA A 420 62.25 39.09 40.18
C ALA A 420 61.92 38.74 38.73
N GLY A 421 61.07 39.54 38.12
CA GLY A 421 60.71 39.26 36.74
C GLY A 421 59.82 40.29 36.08
N TRP A 422 59.93 40.40 34.76
CA TRP A 422 59.19 41.39 34.03
C TRP A 422 59.11 40.98 32.56
N CYS A 423 58.07 41.48 31.90
CA CYS A 423 58.00 41.44 30.44
C CYS A 423 58.54 42.75 29.90
N GLN A 424 59.52 42.68 29.01
CA GLN A 424 60.16 43.86 28.45
C GLN A 424 59.45 44.27 27.16
N GLY A 425 58.71 45.37 27.22
CA GLY A 425 58.14 45.99 26.04
C GLY A 425 58.99 47.14 25.52
N GLU A 426 58.40 47.95 24.65
CA GLU A 426 59.11 49.06 24.02
C GLU A 426 59.11 50.26 24.98
N GLY A 427 60.22 50.45 25.68
CA GLY A 427 60.29 51.52 26.67
C GLY A 427 59.39 51.38 27.87
N TYR A 428 58.71 50.25 28.04
CA TYR A 428 57.91 50.00 29.23
C TYR A 428 58.03 48.53 29.61
N ARG A 429 57.62 48.21 30.83
CA ARG A 429 57.62 46.85 31.30
C ARG A 429 56.27 46.51 31.91
N VAL A 430 55.97 45.21 31.90
CA VAL A 430 54.85 44.61 32.62
C VAL A 430 55.48 43.58 33.53
N GLY A 431 55.65 43.93 34.81
CA GLY A 431 56.51 43.18 35.71
C GLY A 431 55.74 42.55 36.86
N PHE A 432 56.46 41.70 37.60
CA PHE A 432 55.87 40.84 38.62
C PHE A 432 56.22 41.25 40.05
N GLY A 433 56.97 42.33 40.24
CA GLY A 433 57.41 42.54 41.61
C GLY A 433 58.45 41.51 42.00
N VAL A 434 58.45 41.13 43.28
CA VAL A 434 59.51 40.27 43.81
C VAL A 434 58.90 39.12 44.61
N CYS A 435 59.71 38.08 44.76
CA CYS A 435 59.36 36.87 45.49
C CYS A 435 60.59 36.54 46.33
N ALA A 436 60.59 37.02 47.58
CA ALA A 436 61.79 37.03 48.40
C ALA A 436 61.57 36.23 49.68
N GLY A 437 62.66 35.68 50.20
CA GLY A 437 62.66 35.14 51.56
C GLY A 437 64.06 35.08 52.12
N GLU A 438 64.16 35.30 53.43
CA GLU A 438 65.40 35.10 54.19
C GLU A 438 65.32 33.78 54.96
N ILE A 439 66.41 33.04 54.94
CA ILE A 439 66.46 31.71 55.56
C ILE A 439 66.80 31.85 57.03
N LEU A 440 65.91 31.31 57.92
CA LEU A 440 66.17 31.28 59.36
C LEU A 440 66.85 29.97 59.73
N PRO A 441 67.64 29.97 60.81
CA PRO A 441 68.33 28.74 61.21
C PRO A 441 67.37 27.61 61.55
N ALA A 442 67.82 26.40 61.34
CA ALA A 442 67.01 25.24 61.74
C ALA A 442 66.88 25.18 63.25
N LEU A 443 65.73 24.66 63.70
CA LEU A 443 65.49 24.46 65.12
C LEU A 443 66.59 23.57 65.72
N LYS A 444 66.99 23.90 66.93
CA LYS A 444 68.03 23.16 67.65
C LYS A 444 67.54 22.81 69.05
N SER B 12 35.97 14.29 82.12
CA SER B 12 36.90 13.19 82.37
C SER B 12 36.14 11.95 82.80
N SER B 13 35.56 12.02 84.00
CA SER B 13 34.64 10.98 84.42
C SER B 13 33.38 10.97 83.56
N ASP B 14 32.92 12.17 83.16
CA ASP B 14 31.82 12.26 82.21
C ASP B 14 32.19 11.63 80.89
N LEU B 15 33.40 11.88 80.40
CA LEU B 15 33.85 11.29 79.15
C LEU B 15 33.90 9.78 79.24
N GLN B 16 34.33 9.25 80.39
CA GLN B 16 34.43 7.81 80.55
C GLN B 16 33.06 7.15 80.49
N ALA B 17 32.04 7.79 81.08
CA ALA B 17 30.70 7.23 81.08
C ALA B 17 30.19 7.00 79.65
N THR B 18 30.59 7.86 78.70
CA THR B 18 30.15 7.72 77.32
C THR B 18 30.74 6.49 76.63
N LEU B 19 31.78 5.89 77.20
CA LEU B 19 32.44 4.73 76.63
C LEU B 19 31.94 3.42 77.21
N ASP B 20 31.07 3.49 78.21
CA ASP B 20 30.59 2.34 78.96
C ASP B 20 29.77 1.41 78.08
N PRO B 21 30.26 0.20 77.79
CA PRO B 21 29.47 -0.76 76.98
C PRO B 21 28.07 -1.05 77.49
N SER B 22 27.80 -0.85 78.77
CA SER B 22 26.48 -1.17 79.31
C SER B 22 25.42 -0.13 78.95
N ARG B 23 25.83 1.08 78.56
CA ARG B 23 24.88 2.12 78.24
C ARG B 23 24.11 1.78 76.97
N LYS B 24 22.84 2.16 76.95
CA LYS B 24 21.97 1.95 75.80
C LYS B 24 21.12 3.20 75.59
N SER B 25 20.51 3.29 74.41
CA SER B 25 19.74 4.45 74.00
C SER B 25 18.25 4.12 73.95
N TRP B 26 17.43 5.17 74.10
CA TRP B 26 16.02 5.05 73.78
C TRP B 26 15.75 5.10 72.28
N VAL B 27 16.76 5.34 71.46
CA VAL B 27 16.69 5.07 70.02
C VAL B 27 16.96 3.58 69.87
N GLU B 28 15.91 2.78 69.65
CA GLU B 28 16.08 1.34 69.78
C GLU B 28 17.04 0.78 68.74
N SER B 29 16.95 1.27 67.50
CA SER B 29 17.90 0.82 66.47
C SER B 29 19.35 1.00 66.92
N ALA B 30 19.61 1.95 67.81
CA ALA B 30 20.97 2.18 68.28
C ALA B 30 21.48 1.04 69.14
N ASN B 31 20.58 0.17 69.61
CA ASN B 31 20.91 -0.92 70.50
C ASN B 31 21.10 -2.24 69.77
N ASN B 32 20.95 -2.24 68.45
CA ASN B 32 21.27 -3.40 67.62
C ASN B 32 22.72 -3.80 67.82
N PRO B 33 23.01 -5.01 68.26
CA PRO B 33 24.41 -5.36 68.59
C PRO B 33 25.37 -5.26 67.42
N THR B 34 24.89 -5.40 66.19
CA THR B 34 25.76 -5.32 65.03
C THR B 34 25.67 -3.99 64.28
N GLY B 35 24.83 -3.06 64.74
CA GLY B 35 24.75 -1.77 64.10
C GLY B 35 25.99 -0.93 64.37
N ASP B 36 26.32 -0.07 63.41
CA ASP B 36 27.52 0.76 63.53
C ASP B 36 27.32 1.88 64.56
N PHE B 37 26.10 2.38 64.72
CA PHE B 37 25.89 3.63 65.41
C PHE B 37 25.29 3.44 66.80
N SER B 38 26.01 2.67 67.62
CA SER B 38 25.69 2.50 69.03
C SER B 38 25.73 3.85 69.74
N ILE B 39 25.11 3.91 70.93
CA ILE B 39 25.21 5.13 71.72
C ILE B 39 26.66 5.41 72.10
N GLN B 40 27.53 4.41 72.02
CA GLN B 40 28.94 4.60 72.31
C GLN B 40 29.69 5.28 71.16
N ASN B 41 29.09 5.33 69.97
CA ASN B 41 29.78 5.88 68.81
C ASN B 41 29.64 7.40 68.77
N LEU B 42 28.48 7.89 68.34
CA LEU B 42 28.20 9.31 68.20
C LEU B 42 29.18 9.96 67.21
N PRO B 43 29.17 9.54 65.95
CA PRO B 43 30.05 10.18 64.96
C PRO B 43 29.42 11.44 64.39
N PHE B 44 30.27 12.29 63.81
CA PHE B 44 29.85 13.58 63.27
C PHE B 44 29.83 13.55 61.75
N GLY B 45 28.82 14.22 61.18
CA GLY B 45 28.69 14.36 59.74
C GLY B 45 27.96 15.64 59.39
N ILE B 46 27.75 15.82 58.09
CA ILE B 46 27.03 16.97 57.54
C ILE B 46 25.88 16.43 56.70
N PHE B 47 24.66 16.84 57.04
CA PHE B 47 23.50 16.29 56.37
C PHE B 47 22.50 17.38 56.04
N SER B 48 21.58 17.01 55.15
CA SER B 48 20.38 17.76 54.86
C SER B 48 19.31 16.72 54.61
N ASP B 49 18.06 17.16 54.46
CA ASP B 49 16.97 16.20 54.33
C ASP B 49 15.91 16.81 53.41
N GLY B 50 14.78 16.10 53.28
CA GLY B 50 13.72 16.56 52.39
C GLY B 50 12.99 17.78 52.91
N LEU B 51 12.90 17.94 54.23
CA LEU B 51 12.22 19.08 54.83
C LEU B 51 13.11 20.31 54.90
N ASN B 52 14.43 20.13 54.85
CA ASN B 52 15.37 21.22 55.08
C ASN B 52 16.64 20.88 54.31
N ALA B 53 16.80 21.49 53.13
CA ALA B 53 17.96 21.24 52.29
C ALA B 53 19.21 21.98 52.77
N THR B 54 19.10 22.72 53.88
CA THR B 54 20.28 23.37 54.43
C THR B 54 21.19 22.35 55.10
N ARG B 55 22.47 22.40 54.77
CA ARG B 55 23.41 21.45 55.35
C ARG B 55 23.72 21.87 56.79
N ARG B 56 23.81 20.88 57.67
CA ARG B 56 23.98 21.14 59.09
C ARG B 56 24.65 19.93 59.72
N VAL B 57 25.13 20.12 60.94
CA VAL B 57 25.88 19.07 61.61
C VAL B 57 24.94 18.03 62.17
N GLY B 58 25.24 16.76 61.94
CA GLY B 58 24.45 15.68 62.46
C GLY B 58 25.31 14.67 63.18
N VAL B 59 24.68 13.92 64.07
CA VAL B 59 25.30 12.81 64.77
C VAL B 59 24.46 11.57 64.54
N ALA B 60 25.08 10.52 64.04
CA ALA B 60 24.36 9.28 63.78
C ALA B 60 24.05 8.56 65.08
N ILE B 61 22.83 8.03 65.17
CA ILE B 61 22.45 7.18 66.29
C ILE B 61 21.44 6.17 65.75
N GLY B 62 21.77 4.88 65.87
CA GLY B 62 20.95 3.85 65.25
C GLY B 62 20.81 4.13 63.77
N ASP B 63 19.59 3.94 63.26
CA ASP B 63 19.30 4.24 61.86
C ASP B 63 18.87 5.69 61.65
N SER B 64 19.10 6.57 62.62
CA SER B 64 18.63 7.94 62.54
C SER B 64 19.82 8.92 62.65
N ILE B 65 19.50 10.20 62.72
CA ILE B 65 20.48 11.28 62.81
C ILE B 65 19.94 12.31 63.80
N VAL B 66 20.78 12.76 64.71
CA VAL B 66 20.43 13.87 65.59
C VAL B 66 20.82 15.18 64.91
N ASP B 67 19.86 16.09 64.78
CA ASP B 67 20.09 17.43 64.26
C ASP B 67 20.66 18.25 65.40
N LEU B 68 21.97 18.51 65.37
CA LEU B 68 22.58 19.22 66.50
C LEU B 68 22.11 20.68 66.56
N ALA B 69 21.93 21.31 65.40
CA ALA B 69 21.44 22.68 65.38
C ALA B 69 20.07 22.79 66.02
N ALA B 70 19.20 21.80 65.77
CA ALA B 70 17.88 21.80 66.40
C ALA B 70 17.98 21.65 67.92
N LEU B 71 18.86 20.76 68.40
CA LEU B 71 19.02 20.62 69.84
C LEU B 71 19.60 21.88 70.48
N GLU B 72 20.50 22.57 69.78
CA GLU B 72 21.03 23.83 70.28
C GLU B 72 19.95 24.91 70.34
N SER B 73 19.13 25.01 69.28
CA SER B 73 18.07 26.00 69.25
C SER B 73 17.08 25.79 70.39
N ALA B 74 16.81 24.54 70.74
CA ALA B 74 15.89 24.23 71.83
C ALA B 74 16.54 24.40 73.20
N GLY B 75 17.83 24.67 73.26
CA GLY B 75 18.51 24.87 74.51
C GLY B 75 19.02 23.61 75.19
N LEU B 76 19.05 22.48 74.49
CA LEU B 76 19.53 21.23 75.07
C LEU B 76 21.00 20.97 74.79
N LEU B 77 21.64 21.81 73.99
CA LEU B 77 23.02 21.59 73.57
C LEU B 77 23.68 22.95 73.44
N SER B 78 24.83 23.12 74.08
CA SER B 78 25.52 24.40 74.05
C SER B 78 26.99 24.21 73.72
N VAL B 79 27.50 25.09 72.86
CA VAL B 79 28.94 25.19 72.56
C VAL B 79 29.35 26.65 72.81
N PRO B 80 30.65 26.90 72.95
CA PRO B 80 31.11 28.28 73.13
C PRO B 80 30.59 29.23 72.05
N SER B 81 30.20 30.43 72.48
CA SER B 81 29.62 31.43 71.59
C SER B 81 30.66 32.44 71.13
N ASP B 86 25.03 33.28 64.60
CA ASP B 86 25.90 32.29 63.99
C ASP B 86 26.01 31.04 64.87
N SER B 87 25.77 29.88 64.27
CA SER B 87 25.87 28.58 64.93
C SER B 87 26.85 27.70 64.16
N VAL B 88 27.80 27.08 64.87
CA VAL B 88 28.75 26.19 64.20
C VAL B 88 28.09 24.93 63.67
N PHE B 89 26.85 24.65 64.08
CA PHE B 89 26.12 23.48 63.61
C PHE B 89 25.37 23.74 62.31
N VAL B 90 25.19 25.00 61.92
CA VAL B 90 24.59 25.32 60.64
C VAL B 90 25.71 25.76 59.69
N ARG B 91 26.34 24.76 59.07
CA ARG B 91 27.54 24.91 58.26
C ARG B 91 27.54 23.76 57.28
N ASP B 92 28.14 23.97 56.12
CA ASP B 92 28.31 22.94 55.09
CA ASP B 92 28.23 22.86 55.16
C ASP B 92 29.49 22.02 55.36
N ALA B 93 30.17 22.19 56.48
CA ALA B 93 31.33 21.38 56.83
C ALA B 93 31.52 21.47 58.34
N LEU B 94 32.21 20.47 58.89
CA LEU B 94 32.47 20.38 60.32
C LEU B 94 33.62 21.24 60.79
N ASN B 95 34.31 21.93 59.86
CA ASN B 95 35.57 22.62 60.19
C ASN B 95 35.40 23.56 61.37
N ASP B 96 34.43 24.47 61.29
CA ASP B 96 34.24 25.48 62.34
C ASP B 96 33.99 24.83 63.70
N PHE B 97 33.17 23.76 63.75
CA PHE B 97 32.94 23.08 65.02
C PHE B 97 34.20 22.36 65.51
N ILE B 98 34.91 21.67 64.61
CA ILE B 98 36.17 21.02 64.98
C ILE B 98 37.15 22.05 65.54
N ALA B 99 37.27 23.20 64.87
CA ALA B 99 38.20 24.24 65.31
C ALA B 99 37.96 24.66 66.76
N LEU B 100 36.77 24.41 67.30
CA LEU B 100 36.49 24.77 68.69
C LEU B 100 37.36 24.02 69.68
N GLY B 101 37.99 22.93 69.27
CA GLY B 101 38.95 22.25 70.10
C GLY B 101 38.36 21.09 70.86
N ARG B 102 39.26 20.28 71.42
CA ARG B 102 38.89 18.98 71.98
C ARG B 102 37.96 19.11 73.19
N ASP B 103 38.12 20.16 74.00
CA ASP B 103 37.15 20.38 75.08
C ASP B 103 35.74 20.53 74.54
N ALA B 104 35.60 21.14 73.36
CA ALA B 104 34.27 21.28 72.76
C ALA B 104 33.75 19.93 72.28
N TRP B 105 34.58 19.16 71.57
CA TRP B 105 34.13 17.86 71.07
C TRP B 105 33.62 16.99 72.21
N ARG B 106 34.30 17.05 73.35
CA ARG B 106 33.93 16.16 74.46
C ARG B 106 32.70 16.67 75.19
N SER B 107 32.61 17.98 75.42
CA SER B 107 31.37 18.57 75.95
C SER B 107 30.16 18.14 75.14
N VAL B 108 30.20 18.33 73.83
CA VAL B 108 29.08 17.92 72.99
C VAL B 108 28.81 16.43 73.13
N ARG B 109 29.88 15.61 73.12
CA ARG B 109 29.70 14.17 73.20
C ARG B 109 29.03 13.75 74.51
N VAL B 110 29.41 14.40 75.62
CA VAL B 110 28.82 14.05 76.90
C VAL B 110 27.36 14.48 76.96
N GLN B 111 27.05 15.69 76.49
CA GLN B 111 25.66 16.15 76.47
C GLN B 111 24.79 15.21 75.63
N LEU B 112 25.26 14.86 74.44
CA LEU B 112 24.50 14.00 73.55
C LEU B 112 24.31 12.62 74.15
N SER B 113 25.38 12.03 74.70
CA SER B 113 25.27 10.71 75.32
C SER B 113 24.24 10.71 76.42
N ARG B 114 24.25 11.74 77.27
CA ARG B 114 23.21 11.88 78.30
C ARG B 114 21.82 11.90 77.67
N LEU B 115 21.61 12.77 76.69
CA LEU B 115 20.29 12.95 76.12
C LEU B 115 19.79 11.72 75.38
N LEU B 116 20.68 10.93 74.80
CA LEU B 116 20.28 9.74 74.09
C LEU B 116 20.15 8.53 75.00
N SER B 117 20.56 8.65 76.26
CA SER B 117 20.53 7.53 77.19
C SER B 117 19.10 7.12 77.53
N ARG B 118 18.88 5.81 77.61
CA ARG B 118 17.55 5.25 77.82
C ARG B 118 16.92 5.74 79.12
N ASP B 119 17.74 6.05 80.13
CA ASP B 119 17.25 6.51 81.41
C ASP B 119 17.03 8.03 81.47
N ASP B 120 17.31 8.74 80.39
CA ASP B 120 17.12 10.19 80.33
C ASP B 120 15.79 10.52 79.66
N ALA B 121 15.07 11.48 80.23
CA ALA B 121 13.75 11.85 79.73
C ALA B 121 13.70 13.19 79.01
N THR B 122 14.79 13.97 79.06
CA THR B 122 14.73 15.35 78.60
C THR B 122 14.34 15.43 77.13
N LEU B 123 15.01 14.64 76.28
CA LEU B 123 14.66 14.58 74.87
C LEU B 123 13.73 13.43 74.55
N ARG B 124 14.01 12.25 75.12
CA ARG B 124 13.19 11.05 74.97
C ARG B 124 11.69 11.35 75.06
N ASP B 125 11.28 12.13 76.05
CA ASP B 125 9.88 12.36 76.36
C ASP B 125 9.32 13.64 75.75
N ASP B 126 10.10 14.35 74.96
CA ASP B 126 9.63 15.56 74.26
C ASP B 126 9.32 15.14 72.82
N ALA B 127 8.06 14.76 72.58
CA ALA B 127 7.67 14.22 71.29
C ALA B 127 7.87 15.23 70.16
N GLU B 128 7.54 16.50 70.41
CA GLU B 128 7.63 17.50 69.34
C GLU B 128 9.07 17.72 68.91
N LEU B 129 9.94 18.04 69.87
CA LEU B 129 11.35 18.25 69.53
C LEU B 129 11.98 17.00 68.94
N ARG B 130 11.61 15.83 69.50
CA ARG B 130 12.15 14.57 69.00
C ARG B 130 11.70 14.30 67.57
N GLY B 131 10.44 14.63 67.26
CA GLY B 131 9.96 14.52 65.88
C GLY B 131 10.67 15.45 64.91
N ARG B 132 11.26 16.53 65.40
CA ARG B 132 12.03 17.44 64.57
C ARG B 132 13.52 17.13 64.59
N ALA B 133 14.09 16.87 65.77
CA ALA B 133 15.53 16.80 65.93
C ALA B 133 16.12 15.45 65.55
N LEU B 134 15.29 14.42 65.37
CA LEU B 134 15.75 13.10 64.96
C LEU B 134 15.18 12.77 63.59
N ILE B 135 16.07 12.50 62.64
CA ILE B 135 15.71 12.27 61.25
C ILE B 135 16.22 10.89 60.84
N ARG B 136 15.41 10.16 60.08
CA ARG B 136 15.84 8.86 59.57
C ARG B 136 16.96 9.05 58.55
N GLN B 137 17.98 8.19 58.62
CA GLN B 137 19.02 8.23 57.60
C GLN B 137 18.44 7.95 56.22
N ALA B 138 17.34 7.18 56.19
CA ALA B 138 16.59 6.91 54.97
C ALA B 138 16.00 8.16 54.35
N ASP B 139 15.94 9.27 55.08
CA ASP B 139 15.41 10.51 54.55
C ASP B 139 16.49 11.55 54.33
N ALA B 140 17.75 11.19 54.53
CA ALA B 140 18.83 12.16 54.61
C ALA B 140 19.75 12.07 53.40
N GLN B 141 20.36 13.21 53.10
CA GLN B 141 21.51 13.33 52.20
C GLN B 141 22.74 13.57 53.05
N LEU B 142 23.74 12.69 52.93
CA LEU B 142 25.00 12.87 53.66
C LEU B 142 26.06 13.43 52.71
N HIS B 143 26.71 14.50 53.15
CA HIS B 143 27.68 15.19 52.32
C HIS B 143 29.08 15.01 52.90
N LEU B 144 30.08 15.34 52.10
CA LEU B 144 31.47 15.36 52.54
C LEU B 144 31.53 16.05 53.89
N PRO B 145 32.09 15.40 54.92
CA PRO B 145 31.94 15.94 56.27
C PRO B 145 32.81 17.14 56.57
N VAL B 146 33.89 17.34 55.82
CA VAL B 146 34.81 18.46 56.07
C VAL B 146 35.21 19.08 54.74
N GLN B 147 35.53 20.38 54.79
CA GLN B 147 36.23 21.05 53.69
CA GLN B 147 36.22 21.04 53.69
C GLN B 147 37.72 20.80 53.90
N ILE B 148 38.31 20.01 53.02
CA ILE B 148 39.65 19.44 53.24
C ILE B 148 40.68 20.43 52.73
N PRO B 149 41.44 21.10 53.60
CA PRO B 149 42.47 22.03 53.11
C PRO B 149 43.61 21.32 52.41
N GLY B 150 44.00 20.14 52.92
CA GLY B 150 45.06 19.33 52.37
C GLY B 150 44.80 17.85 52.59
N TYR B 151 45.14 17.04 51.59
CA TYR B 151 45.00 15.58 51.66
C TYR B 151 46.38 14.96 51.44
N THR B 152 46.84 14.20 52.42
CA THR B 152 48.12 13.52 52.39
C THR B 152 47.87 12.02 52.45
N ASP B 153 48.64 11.23 51.72
CA ASP B 153 48.46 9.79 51.74
C ASP B 153 49.77 9.09 52.05
N PHE B 154 49.74 8.17 53.01
CA PHE B 154 50.93 7.45 53.40
C PHE B 154 50.92 6.06 52.75
N TYR B 155 51.72 5.15 53.30
CA TYR B 155 52.07 3.90 52.65
C TYR B 155 52.52 2.92 53.72
N SER B 156 51.79 2.88 54.84
CA SER B 156 52.38 2.43 56.09
C SER B 156 52.01 0.99 56.44
N SER B 157 51.63 0.18 55.46
CA SER B 157 51.39 -1.25 55.67
C SER B 157 52.61 -2.04 55.21
N LYS B 158 53.24 -2.75 56.14
CA LYS B 158 54.39 -3.57 55.78
C LYS B 158 53.99 -4.68 54.82
N GLU B 159 52.84 -5.31 55.06
CA GLU B 159 52.38 -6.39 54.17
C GLU B 159 52.09 -5.87 52.77
N HIS B 160 51.52 -4.68 52.68
CA HIS B 160 51.26 -4.08 51.36
C HIS B 160 52.56 -3.75 50.65
N ALA B 161 53.47 -3.05 51.34
CA ALA B 161 54.76 -2.72 50.75
C ALA B 161 55.52 -3.98 50.38
N THR B 162 55.37 -5.04 51.17
CA THR B 162 56.00 -6.32 50.85
C THR B 162 55.36 -6.94 49.61
N ASN B 163 54.03 -7.04 49.60
CA ASN B 163 53.34 -7.61 48.44
C ASN B 163 53.69 -6.86 47.17
N VAL B 164 53.49 -5.54 47.18
CA VAL B 164 53.77 -4.71 46.01
C VAL B 164 55.24 -4.79 45.64
N GLY B 165 56.13 -4.60 46.61
CA GLY B 165 57.55 -4.66 46.34
C GLY B 165 58.00 -5.99 45.80
N SER B 166 57.35 -7.09 46.24
CA SER B 166 57.72 -8.41 45.73
C SER B 166 57.47 -8.50 44.22
N MET B 167 56.40 -7.88 43.73
CA MET B 167 56.15 -7.92 42.30
C MET B 167 57.11 -7.02 41.53
N PHE B 168 57.46 -5.89 42.13
CA PHE B 168 58.37 -4.96 41.46
C PHE B 168 59.81 -5.46 41.49
N ARG B 169 60.19 -6.15 42.56
CA ARG B 169 61.50 -6.75 42.68
C ARG B 169 61.34 -8.25 42.97
N ASP B 170 61.51 -8.64 44.23
CA ASP B 170 61.25 -10.01 44.66
C ASP B 170 61.06 -9.99 46.16
N PRO B 171 60.54 -11.09 46.74
CA PRO B 171 60.42 -11.14 48.22
C PRO B 171 61.66 -10.68 48.99
N LYS B 172 62.86 -11.10 48.58
CA LYS B 172 64.07 -10.76 49.33
C LYS B 172 64.32 -9.25 49.31
N ASN B 173 64.03 -8.59 48.19
CA ASN B 173 64.24 -7.16 48.07
C ASN B 173 62.92 -6.40 48.00
N ALA B 174 61.91 -6.87 48.73
CA ALA B 174 60.58 -6.27 48.62
C ALA B 174 60.54 -4.86 49.21
N LEU B 175 61.23 -4.64 50.33
CA LEU B 175 61.15 -3.38 51.06
C LEU B 175 62.36 -2.52 50.73
N LEU B 176 62.10 -1.27 50.34
CA LEU B 176 63.20 -0.35 50.13
C LEU B 176 63.72 0.15 51.48
N PRO B 177 65.01 0.44 51.57
CA PRO B 177 65.59 0.74 52.90
C PRO B 177 64.93 1.91 53.61
N ASN B 178 64.50 2.95 52.89
CA ASN B 178 63.89 4.07 53.60
C ASN B 178 62.54 3.72 54.20
N TRP B 179 61.90 2.62 53.75
CA TRP B 179 60.53 2.33 54.19
C TRP B 179 60.46 2.04 55.69
N SER B 180 61.44 1.33 56.22
CA SER B 180 61.46 0.99 57.64
C SER B 180 62.09 2.09 58.50
N GLU B 181 62.53 3.19 57.89
CA GLU B 181 63.08 4.32 58.62
C GLU B 181 62.12 5.50 58.71
N MET B 182 61.06 5.52 57.90
CA MET B 182 60.13 6.64 57.93
C MET B 182 58.79 6.20 57.38
N PRO B 183 57.70 6.81 57.84
CA PRO B 183 56.42 6.56 57.18
C PRO B 183 56.33 7.38 55.90
N ILE B 184 56.80 6.81 54.79
CA ILE B 184 56.81 7.58 53.54
C ILE B 184 55.38 7.92 53.13
N GLY B 185 55.25 9.02 52.39
CA GLY B 185 53.95 9.52 51.97
C GLY B 185 54.14 10.56 50.89
N TYR B 186 53.00 11.03 50.39
CA TYR B 186 52.98 12.01 49.30
C TYR B 186 51.76 12.91 49.51
N ASN B 187 51.80 14.11 48.93
CA ASN B 187 50.60 14.94 48.87
C ASN B 187 49.60 14.33 47.90
N GLY B 188 48.35 14.19 48.33
CA GLY B 188 47.27 13.83 47.45
C GLY B 188 46.50 15.07 47.00
N ARG B 189 45.49 14.84 46.17
CA ARG B 189 44.68 15.92 45.61
C ARG B 189 43.41 16.07 46.44
N ALA B 190 43.32 17.18 47.18
CA ALA B 190 42.15 17.40 48.03
C ALA B 190 40.88 17.62 47.21
N SER B 191 40.99 18.24 46.03
CA SER B 191 39.78 18.62 45.28
C SER B 191 38.97 17.40 44.85
N SER B 192 39.61 16.26 44.60
CA SER B 192 38.91 15.08 44.11
C SER B 192 38.55 14.10 45.23
N VAL B 193 38.61 14.51 46.49
CA VAL B 193 38.04 13.65 47.53
C VAL B 193 36.53 13.87 47.53
N VAL B 194 35.77 12.79 47.33
CA VAL B 194 34.32 12.85 47.22
C VAL B 194 33.70 11.90 48.24
N VAL B 195 32.44 12.17 48.57
CA VAL B 195 31.74 11.39 49.59
C VAL B 195 31.20 10.09 48.99
N SER B 196 31.01 9.11 49.88
CA SER B 196 30.44 7.81 49.51
C SER B 196 29.18 7.96 48.67
N GLY B 197 29.07 7.14 47.63
CA GLY B 197 27.96 7.17 46.69
C GLY B 197 28.27 7.88 45.39
N THR B 198 29.32 8.68 45.35
CA THR B 198 29.65 9.40 44.14
C THR B 198 30.15 8.41 43.10
N PRO B 199 29.56 8.35 41.91
CA PRO B 199 30.11 7.49 40.86
C PRO B 199 31.49 7.94 40.44
N VAL B 200 32.32 6.99 40.04
CA VAL B 200 33.70 7.25 39.69
C VAL B 200 33.92 6.84 38.26
N ARG B 201 34.38 7.76 37.44
CA ARG B 201 34.51 7.46 36.02
C ARG B 201 35.90 6.89 35.76
N ARG B 202 35.93 5.76 35.05
CA ARG B 202 37.19 5.16 34.64
C ARG B 202 38.01 6.20 33.88
N PRO B 203 39.22 6.49 34.32
CA PRO B 203 40.03 7.52 33.65
C PRO B 203 40.62 7.02 32.33
N ASN B 204 40.69 7.93 31.36
CA ASN B 204 41.62 7.77 30.25
C ASN B 204 42.97 8.36 30.64
N GLY B 205 44.00 7.95 29.93
CA GLY B 205 45.34 8.49 30.20
C GLY B 205 46.36 7.84 29.31
N GLN B 206 47.62 8.16 29.57
CA GLN B 206 48.72 7.56 28.83
C GLN B 206 49.04 6.17 29.38
N LEU B 207 49.11 5.19 28.51
CA LEU B 207 49.40 3.81 28.85
C LEU B 207 50.64 3.37 28.09
N LYS B 208 51.54 2.68 28.77
CA LYS B 208 52.76 2.18 28.15
C LYS B 208 52.61 0.67 27.99
N LEU B 209 52.36 0.23 26.74
CA LEU B 209 52.20 -1.18 26.46
C LEU B 209 53.55 -1.83 26.23
N PRO B 210 53.69 -3.12 26.58
CA PRO B 210 55.00 -3.78 26.51
C PRO B 210 55.55 -3.92 25.09
N ASP B 211 54.69 -3.91 24.08
CA ASP B 211 55.14 -4.11 22.71
C ASP B 211 55.60 -2.83 22.04
N GLN B 212 54.95 -1.70 22.34
CA GLN B 212 55.09 -0.47 21.55
C GLN B 212 56.09 0.48 22.20
N GLU B 213 56.86 1.16 21.35
CA GLU B 213 57.92 2.03 21.85
C GLU B 213 57.36 3.22 22.62
N ARG B 214 56.40 3.93 22.03
CA ARG B 214 55.83 5.13 22.61
C ARG B 214 54.48 4.84 23.26
N PRO B 215 54.06 5.63 24.24
CA PRO B 215 52.80 5.36 24.93
C PRO B 215 51.59 5.66 24.05
N VAL B 216 50.45 5.10 24.48
CA VAL B 216 49.17 5.31 23.83
C VAL B 216 48.25 6.04 24.79
N PHE B 217 47.19 6.62 24.24
CA PHE B 217 46.11 7.21 25.00
C PHE B 217 44.92 6.26 24.99
N GLY B 218 44.41 5.92 26.16
CA GLY B 218 43.28 4.99 26.18
C GLY B 218 42.72 4.80 27.57
N ALA B 219 41.66 4.01 27.63
CA ALA B 219 41.00 3.75 28.90
C ALA B 219 41.90 2.91 29.80
N CYS B 220 42.04 3.34 31.05
CA CYS B 220 42.71 2.55 32.07
C CYS B 220 42.24 1.10 32.09
N ARG B 221 43.19 0.16 32.08
CA ARG B 221 42.88 -1.26 32.12
C ARG B 221 43.16 -1.92 33.47
N LYS B 222 43.67 -1.18 34.45
CA LYS B 222 44.00 -1.72 35.77
C LYS B 222 43.47 -0.78 36.85
N LEU B 223 42.15 -0.66 36.90
CA LEU B 223 41.50 0.18 37.90
C LEU B 223 41.35 -0.60 39.20
N ASP B 224 41.82 -0.01 40.30
CA ASP B 224 41.92 -0.73 41.55
C ASP B 224 41.44 0.15 42.70
N ILE B 225 41.07 -0.50 43.79
CA ILE B 225 40.82 0.18 45.05
C ILE B 225 42.12 0.30 45.83
N GLU B 226 42.12 1.12 46.87
CA GLU B 226 43.09 1.01 47.94
C GLU B 226 42.31 1.19 49.24
N LEU B 227 42.15 0.08 49.96
CA LEU B 227 41.47 0.09 51.25
C LEU B 227 42.33 0.82 52.26
N GLU B 228 41.80 1.91 52.83
CA GLU B 228 42.53 2.73 53.78
C GLU B 228 41.58 3.32 54.81
N THR B 229 42.15 3.88 55.87
CA THR B 229 41.45 4.83 56.70
C THR B 229 42.04 6.22 56.50
N GLY B 230 41.24 7.23 56.78
CA GLY B 230 41.77 8.58 56.82
C GLY B 230 41.49 9.21 58.16
N PHE B 231 42.47 9.85 58.78
CA PHE B 231 42.17 10.62 59.97
C PHE B 231 42.15 12.10 59.65
N VAL B 232 41.37 12.84 60.43
CA VAL B 232 41.05 14.24 60.15
C VAL B 232 41.68 15.10 61.25
N ILE B 233 42.41 16.14 60.85
CA ILE B 233 43.11 17.01 61.79
C ILE B 233 42.10 17.85 62.55
N GLY B 234 42.21 17.85 63.88
CA GLY B 234 41.34 18.66 64.71
C GLY B 234 42.02 19.91 65.24
N ALA B 235 43.35 19.88 65.32
CA ALA B 235 44.14 21.04 65.72
C ALA B 235 45.37 21.08 64.84
N GLY B 236 45.64 22.24 64.26
CA GLY B 236 46.73 22.36 63.31
C GLY B 236 48.05 22.61 64.02
N ASN B 237 49.06 22.92 63.23
CA ASN B 237 50.34 23.36 63.76
C ASN B 237 50.89 24.46 62.86
N ALA B 238 51.66 25.38 63.45
CA ALA B 238 52.17 26.53 62.71
C ALA B 238 53.30 26.11 61.77
N LEU B 239 53.47 26.85 60.69
CA LEU B 239 54.53 26.54 59.74
C LEU B 239 55.89 26.69 60.43
N GLY B 240 56.75 25.69 60.26
CA GLY B 240 58.04 25.68 60.91
C GLY B 240 58.07 25.04 62.28
N GLU B 241 56.93 24.62 62.82
CA GLU B 241 56.82 24.14 64.20
C GLU B 241 56.37 22.68 64.20
N PRO B 242 57.32 21.74 64.26
CA PRO B 242 56.96 20.31 64.22
C PRO B 242 56.00 19.91 65.35
N VAL B 243 55.21 18.87 65.08
CA VAL B 243 54.39 18.21 66.10
C VAL B 243 55.15 16.98 66.58
N THR B 244 55.39 16.87 67.88
CA THR B 244 56.12 15.72 68.39
C THR B 244 55.23 14.48 68.34
N CYS B 245 55.89 13.31 68.33
CA CYS B 245 55.13 12.07 68.24
C CYS B 245 54.22 11.91 69.44
N ALA B 246 54.72 12.25 70.62
CA ALA B 246 53.92 12.12 71.84
C ALA B 246 52.72 13.07 71.82
N ASP B 247 52.83 14.21 71.15
CA ASP B 247 51.77 15.20 71.11
C ASP B 247 50.80 14.99 69.96
N ALA B 248 51.12 14.05 69.06
CA ALA B 248 50.46 13.99 67.76
C ALA B 248 48.97 13.70 67.87
N GLU B 249 48.59 12.70 68.68
CA GLU B 249 47.20 12.24 68.69
C GLU B 249 46.24 13.31 69.18
N ALA B 250 46.71 14.23 70.03
CA ALA B 250 45.88 15.33 70.50
C ALA B 250 45.47 16.26 69.35
N HIS B 251 46.18 16.21 68.23
CA HIS B 251 45.80 17.00 67.06
C HIS B 251 44.76 16.32 66.17
N ILE B 252 44.42 15.05 66.44
CA ILE B 252 43.54 14.27 65.57
C ILE B 252 42.11 14.30 66.09
N PHE B 253 41.16 14.60 65.20
CA PHE B 253 39.75 14.67 65.57
C PHE B 253 39.07 13.31 65.46
N GLY B 254 39.22 12.63 64.34
CA GLY B 254 38.53 11.38 64.13
C GLY B 254 38.98 10.70 62.87
N MET B 255 38.21 9.69 62.44
CA MET B 255 38.61 8.83 61.34
CA MET B 255 38.61 8.84 61.33
C MET B 255 37.42 8.56 60.43
N VAL B 256 37.72 8.32 59.15
CA VAL B 256 36.77 7.89 58.16
C VAL B 256 37.38 6.70 57.41
N LEU B 257 36.54 6.01 56.64
CA LEU B 257 37.05 5.06 55.65
C LEU B 257 37.42 5.80 54.38
N LEU B 258 38.42 5.28 53.66
CA LEU B 258 39.01 5.99 52.54
C LEU B 258 39.39 4.99 51.46
N ASN B 259 38.83 5.15 50.26
CA ASN B 259 39.17 4.35 49.11
C ASN B 259 39.95 5.23 48.14
N ASP B 260 41.26 5.01 48.07
CA ASP B 260 42.13 5.77 47.17
C ASP B 260 42.18 5.07 45.82
N TRP B 261 41.14 5.32 45.01
CA TRP B 261 41.06 4.72 43.69
C TRP B 261 42.36 4.93 42.91
N SER B 262 42.85 3.86 42.29
CA SER B 262 44.14 3.86 41.62
C SER B 262 44.00 3.30 40.21
N ALA B 263 44.59 3.99 39.24
CA ALA B 263 44.74 3.49 37.87
C ALA B 263 46.19 3.04 37.72
N ARG B 264 46.43 1.74 37.92
CA ARG B 264 47.80 1.27 38.14
C ARG B 264 48.63 1.29 36.86
N ASP B 265 48.01 1.06 35.69
CA ASP B 265 48.77 1.15 34.46
C ASP B 265 49.15 2.60 34.15
N ILE B 266 48.22 3.54 34.40
CA ILE B 266 48.59 4.96 34.31
C ILE B 266 49.70 5.27 35.29
N GLN B 267 49.69 4.64 36.47
CA GLN B 267 50.69 4.96 37.49
C GLN B 267 52.08 4.51 37.06
N GLN B 268 52.18 3.29 36.55
CA GLN B 268 53.47 2.71 36.18
C GLN B 268 54.22 3.62 35.22
N TRP B 269 53.51 4.23 34.26
CA TRP B 269 54.16 5.00 33.21
C TRP B 269 54.53 6.42 33.66
N GLU B 270 53.76 7.02 34.58
CA GLU B 270 53.96 8.42 34.91
C GLU B 270 54.86 8.68 36.12
N TYR B 271 55.05 7.68 37.00
CA TYR B 271 55.36 8.00 38.40
C TYR B 271 56.84 8.27 38.69
N VAL B 272 57.77 7.88 37.81
CA VAL B 272 59.17 8.17 38.07
C VAL B 272 59.52 9.52 37.44
N PRO B 273 60.10 10.47 38.21
CA PRO B 273 60.48 10.32 39.61
C PRO B 273 59.62 11.07 40.64
N LEU B 274 58.58 11.77 40.20
CA LEU B 274 57.86 12.66 41.11
C LEU B 274 56.64 12.01 41.75
N GLY B 275 56.41 10.72 41.53
CA GLY B 275 55.39 10.00 42.25
C GLY B 275 54.09 9.82 41.48
N PRO B 276 53.14 9.13 42.11
CA PRO B 276 51.83 8.93 41.47
C PRO B 276 51.10 10.26 41.33
N PHE B 277 50.43 10.44 40.20
CA PHE B 277 49.80 11.73 39.96
C PHE B 277 48.42 11.53 39.34
N ASN B 278 48.34 11.48 38.00
CA ASN B 278 47.04 11.28 37.36
C ASN B 278 46.41 9.96 37.77
N ALA B 279 47.22 8.96 38.10
CA ALA B 279 46.70 7.66 38.47
C ALA B 279 45.94 7.66 39.79
N LYS B 280 46.09 8.74 40.59
CA LYS B 280 45.48 8.82 41.91
C LYS B 280 44.42 9.89 42.04
N THR B 281 44.57 10.99 41.31
CA THR B 281 43.83 12.20 41.59
C THR B 281 42.47 12.25 40.91
N PHE B 282 42.10 11.23 40.12
CA PHE B 282 40.81 11.28 39.44
C PHE B 282 39.65 11.05 40.41
N ALA B 283 39.90 10.46 41.58
CA ALA B 283 38.86 10.19 42.56
C ALA B 283 39.44 9.59 43.83
N THR B 284 39.00 10.07 44.98
CA THR B 284 39.24 9.42 46.26
C THR B 284 37.94 9.53 47.04
N THR B 285 37.46 8.41 47.58
CA THR B 285 36.17 8.39 48.26
C THR B 285 36.37 8.22 49.76
N ILE B 286 35.62 8.99 50.55
CA ILE B 286 35.58 8.75 51.99
C ILE B 286 34.15 8.52 52.45
N SER B 287 34.02 7.77 53.55
CA SER B 287 32.75 7.61 54.20
C SER B 287 32.30 8.94 54.82
N PRO B 288 31.00 9.11 55.07
CA PRO B 288 30.51 10.42 55.49
C PRO B 288 30.57 10.70 57.00
N TRP B 289 30.68 9.66 57.85
CA TRP B 289 30.62 9.82 59.30
C TRP B 289 32.03 9.83 59.91
N ILE B 290 32.39 10.91 60.59
CA ILE B 290 33.70 10.96 61.23
C ILE B 290 33.54 10.38 62.62
N VAL B 291 34.13 9.21 62.85
CA VAL B 291 34.10 8.57 64.17
C VAL B 291 35.21 9.21 64.99
N THR B 292 34.84 9.80 66.13
CA THR B 292 35.81 10.58 66.91
C THR B 292 36.89 9.68 67.51
N LEU B 293 38.07 10.26 67.66
CA LEU B 293 39.17 9.53 68.28
C LEU B 293 38.82 9.11 69.70
N ASP B 294 38.07 9.95 70.41
CA ASP B 294 37.59 9.58 71.75
C ASP B 294 36.71 8.33 71.71
N ALA B 295 35.80 8.24 70.73
CA ALA B 295 34.96 7.07 70.63
C ALA B 295 35.77 5.80 70.38
N LEU B 296 36.93 5.94 69.74
CA LEU B 296 37.78 4.80 69.44
C LEU B 296 38.70 4.40 70.59
N GLU B 297 38.78 5.22 71.63
CA GLU B 297 39.68 4.91 72.74
C GLU B 297 39.50 3.51 73.31
N PRO B 298 38.28 2.98 73.51
CA PRO B 298 38.15 1.60 74.01
C PRO B 298 38.74 0.54 73.11
N PHE B 299 39.17 0.88 71.89
CA PHE B 299 39.68 -0.10 70.95
C PHE B 299 41.16 0.11 70.64
N ARG B 300 41.84 0.95 71.42
CA ARG B 300 43.28 1.11 71.30
C ARG B 300 44.00 -0.18 71.68
N VAL B 301 45.00 -0.56 70.89
CA VAL B 301 45.73 -1.81 71.07
C VAL B 301 47.20 -1.58 70.70
N ALA B 302 48.01 -2.58 71.01
CA ALA B 302 49.44 -2.51 70.76
C ALA B 302 49.75 -2.61 69.27
N GLN B 303 50.50 -1.63 68.76
CA GLN B 303 50.93 -1.61 67.37
C GLN B 303 52.01 -2.66 67.13
N PRO B 304 52.26 -3.02 65.87
CA PRO B 304 53.31 -3.99 65.57
C PRO B 304 54.68 -3.54 66.05
N ALA B 305 55.54 -4.52 66.33
CA ALA B 305 56.90 -4.25 66.72
C ALA B 305 57.70 -3.75 65.52
N GLN B 306 58.49 -2.68 65.74
CA GLN B 306 59.27 -2.06 64.69
C GLN B 306 60.74 -2.49 64.80
N ASP B 307 61.33 -2.88 63.68
CA ASP B 307 62.72 -3.29 63.63
C ASP B 307 63.27 -2.86 62.26
N PRO B 308 64.28 -2.00 62.22
CA PRO B 308 65.01 -1.40 63.35
C PRO B 308 64.19 -0.39 64.13
N GLN B 309 64.64 -0.06 65.34
CA GLN B 309 64.03 1.00 66.11
C GLN B 309 64.16 2.31 65.34
N PRO B 310 63.07 3.03 65.09
CA PRO B 310 63.18 4.26 64.33
C PRO B 310 63.97 5.32 65.09
N LEU B 311 64.38 6.35 64.35
CA LEU B 311 65.03 7.53 64.91
C LEU B 311 64.17 8.13 66.02
N ALA B 312 64.81 8.86 66.95
CA ALA B 312 64.15 9.26 68.17
C ALA B 312 62.86 10.02 67.93
N TYR B 313 62.83 10.91 66.94
CA TYR B 313 61.65 11.75 66.75
C TYR B 313 60.42 10.93 66.37
N LEU B 314 60.58 9.68 65.96
CA LEU B 314 59.45 8.82 65.60
C LEU B 314 59.02 7.86 66.70
N ARG B 315 59.68 7.89 67.86
CA ARG B 315 59.41 6.90 68.91
C ARG B 315 58.26 7.36 69.79
N HIS B 316 57.46 6.39 70.25
CA HIS B 316 56.45 6.68 71.26
C HIS B 316 56.21 5.45 72.13
N ASP B 317 56.12 5.67 73.44
CA ASP B 317 55.75 4.65 74.40
C ASP B 317 54.25 4.40 74.36
N GLY B 318 53.85 3.26 74.91
CA GLY B 318 52.45 2.91 75.02
C GLY B 318 51.89 2.37 73.73
N GLU B 319 50.57 2.25 73.72
CA GLU B 319 49.84 1.64 72.62
C GLU B 319 49.22 2.72 71.72
N HIS B 320 49.42 2.57 70.42
CA HIS B 320 48.93 3.59 69.49
C HIS B 320 48.27 3.01 68.26
N ALA B 321 47.92 1.73 68.27
CA ALA B 321 47.15 1.10 67.21
C ALA B 321 45.68 1.00 67.62
N PHE B 322 44.82 0.73 66.64
CA PHE B 322 43.40 0.67 66.89
C PHE B 322 42.82 -0.55 66.19
N ASP B 323 41.96 -1.26 66.91
CA ASP B 323 41.37 -2.53 66.48
C ASP B 323 40.11 -2.21 65.69
N ILE B 324 40.28 -2.01 64.39
CA ILE B 324 39.19 -1.64 63.48
C ILE B 324 39.07 -2.74 62.44
N THR B 325 37.99 -3.51 62.51
CA THR B 325 37.71 -4.52 61.50
C THR B 325 37.29 -3.82 60.21
N LEU B 326 37.91 -4.21 59.10
CA LEU B 326 37.62 -3.63 57.79
C LEU B 326 37.25 -4.72 56.79
N GLU B 327 36.30 -4.41 55.91
CA GLU B 327 35.85 -5.33 54.87
C GLU B 327 35.58 -4.55 53.59
N VAL B 328 35.72 -5.24 52.46
CA VAL B 328 35.40 -4.67 51.16
C VAL B 328 34.53 -5.66 50.43
N THR B 329 33.46 -5.18 49.82
CA THR B 329 32.65 -6.00 48.93
C THR B 329 32.71 -5.41 47.53
N LEU B 330 32.53 -6.30 46.55
CA LEU B 330 32.48 -5.93 45.14
C LEU B 330 31.19 -6.52 44.57
N ARG B 331 30.40 -5.69 43.91
CA ARG B 331 29.17 -6.20 43.31
C ARG B 331 29.16 -5.88 41.81
N PRO B 332 29.27 -6.90 40.96
CA PRO B 332 29.07 -6.70 39.52
C PRO B 332 27.71 -6.08 39.25
N GLN B 333 27.64 -5.36 38.11
CA GLN B 333 26.41 -4.65 37.75
C GLN B 333 25.20 -5.59 37.65
N GLN B 334 25.40 -6.82 37.17
CA GLN B 334 24.28 -7.74 37.00
C GLN B 334 23.96 -8.53 38.26
N ALA B 335 24.75 -8.39 39.32
CA ALA B 335 24.56 -9.20 40.50
C ALA B 335 23.52 -8.58 41.44
N LYS B 336 22.75 -9.45 42.09
CA LYS B 336 21.83 -9.01 43.13
C LYS B 336 22.52 -8.77 44.46
N GLU B 337 23.57 -9.54 44.78
CA GLU B 337 24.26 -9.43 46.06
C GLU B 337 25.74 -9.20 45.85
N ALA B 338 26.33 -8.42 46.76
CA ALA B 338 27.76 -8.15 46.71
C ALA B 338 28.52 -9.33 47.30
N SER B 339 29.77 -9.48 46.85
CA SER B 339 30.65 -10.53 47.34
C SER B 339 31.81 -9.90 48.09
N THR B 340 32.09 -10.41 49.29
CA THR B 340 33.23 -9.88 50.04
C THR B 340 34.53 -10.33 49.39
N ILE B 341 35.46 -9.41 49.21
CA ILE B 341 36.73 -9.72 48.55
C ILE B 341 37.92 -9.61 49.50
N THR B 342 37.78 -8.94 50.64
CA THR B 342 38.84 -8.96 51.63
C THR B 342 38.27 -8.62 53.00
N ARG B 343 38.95 -9.10 54.03
CA ARG B 343 38.65 -8.75 55.42
C ARG B 343 39.99 -8.55 56.14
N THR B 344 40.21 -7.40 56.73
CA THR B 344 41.48 -7.15 57.42
C THR B 344 41.22 -6.27 58.65
N ASN B 345 42.27 -5.64 59.16
CA ASN B 345 42.19 -4.83 60.37
C ASN B 345 43.22 -3.72 60.30
N PHE B 346 42.81 -2.52 60.73
CA PHE B 346 43.71 -1.38 60.80
C PHE B 346 44.86 -1.59 61.79
N LYS B 347 44.71 -2.52 62.75
CA LYS B 347 45.75 -2.70 63.76
C LYS B 347 47.07 -3.22 63.19
N HIS B 348 47.10 -3.69 61.94
CA HIS B 348 48.31 -4.27 61.37
C HIS B 348 49.29 -3.24 60.83
N MET B 349 48.91 -1.97 60.75
CA MET B 349 49.80 -0.97 60.18
C MET B 349 51.10 -0.84 60.97
N TYR B 350 52.21 -0.73 60.23
CA TYR B 350 53.54 -0.64 60.83
C TYR B 350 53.81 0.74 61.41
N TRP B 351 53.28 1.80 60.80
CA TRP B 351 53.45 3.17 61.30
C TRP B 351 52.11 3.67 61.80
N THR B 352 52.08 4.23 63.00
CA THR B 352 50.82 4.72 63.56
C THR B 352 50.50 6.11 63.02
N MET B 353 49.27 6.55 63.30
CA MET B 353 48.86 7.91 62.99
C MET B 353 49.76 8.94 63.66
N ALA B 354 50.12 8.70 64.93
CA ALA B 354 51.00 9.61 65.64
C ALA B 354 52.32 9.75 64.90
N GLN B 355 52.89 8.61 64.48
CA GLN B 355 54.16 8.65 63.79
C GLN B 355 54.04 9.34 62.44
N GLN B 356 52.93 9.08 61.73
CA GLN B 356 52.72 9.69 60.43
C GLN B 356 52.65 11.21 60.55
N LEU B 357 51.90 11.72 61.52
CA LEU B 357 51.79 13.16 61.70
C LEU B 357 53.12 13.75 62.15
N ALA B 358 53.82 13.06 63.04
CA ALA B 358 55.13 13.51 63.49
C ALA B 358 56.08 13.65 62.31
N HIS B 359 56.12 12.63 61.44
CA HIS B 359 56.97 12.73 60.26
C HIS B 359 56.45 13.81 59.30
N HIS B 360 55.13 13.90 59.11
CA HIS B 360 54.57 14.91 58.23
C HIS B 360 55.08 16.31 58.56
N THR B 361 55.23 16.62 59.85
CA THR B 361 55.57 17.96 60.29
C THR B 361 57.03 18.13 60.74
N VAL B 362 57.84 17.06 60.71
CA VAL B 362 59.16 17.11 61.32
C VAL B 362 60.05 18.15 60.62
N SER B 363 59.81 18.39 59.34
CA SER B 363 60.59 19.36 58.57
C SER B 363 59.96 20.74 58.57
N GLY B 364 58.83 20.92 59.25
CA GLY B 364 58.22 22.22 59.41
C GLY B 364 56.90 22.42 58.67
N CYS B 365 56.42 21.42 57.93
CA CYS B 365 55.15 21.56 57.24
C CYS B 365 54.04 21.80 58.25
N ASN B 366 53.13 22.71 57.89
CA ASN B 366 52.00 23.03 58.76
C ASN B 366 50.80 22.18 58.39
N THR B 367 49.90 22.01 59.36
CA THR B 367 48.64 21.33 59.10
C THR B 367 47.50 22.22 59.56
N ARG B 368 46.30 21.90 59.09
CA ARG B 368 45.12 22.71 59.28
C ARG B 368 43.94 21.81 59.63
N VAL B 369 43.00 22.37 60.39
CA VAL B 369 41.75 21.69 60.73
C VAL B 369 41.08 21.22 59.45
N GLY B 370 40.65 19.94 59.44
CA GLY B 370 40.01 19.36 58.27
C GLY B 370 40.93 18.65 57.31
N ASP B 371 42.26 18.79 57.47
CA ASP B 371 43.20 18.00 56.68
C ASP B 371 42.88 16.50 56.82
N LEU B 372 43.14 15.77 55.75
CA LEU B 372 42.83 14.35 55.65
C LEU B 372 44.13 13.59 55.43
N MET B 373 44.36 12.56 56.24
CA MET B 373 45.61 11.81 56.20
C MET B 373 45.29 10.34 55.98
N GLY B 374 45.58 9.85 54.78
CA GLY B 374 45.28 8.47 54.45
C GLY B 374 46.36 7.53 54.96
N SER B 375 45.93 6.38 55.48
CA SER B 375 46.86 5.47 56.12
C SER B 375 47.83 4.83 55.12
N GLY B 376 47.47 4.79 53.86
CA GLY B 376 48.03 3.82 52.93
C GLY B 376 47.22 2.54 52.95
N THR B 377 47.32 1.78 51.85
CA THR B 377 46.57 0.53 51.69
C THR B 377 46.80 -0.40 52.87
N ILE B 378 45.72 -0.82 53.51
CA ILE B 378 45.78 -1.66 54.69
C ILE B 378 45.71 -3.12 54.26
N SER B 379 46.81 -3.85 54.44
CA SER B 379 46.87 -5.26 54.09
C SER B 379 47.30 -6.07 55.29
N GLY B 380 46.62 -7.20 55.49
CA GLY B 380 46.83 -8.02 56.66
C GLY B 380 47.75 -9.20 56.41
N PRO B 381 47.76 -10.15 57.36
CA PRO B 381 48.67 -11.29 57.25
C PRO B 381 48.24 -12.32 56.22
N THR B 382 46.94 -12.55 56.07
CA THR B 382 46.47 -13.66 55.27
C THR B 382 46.09 -13.20 53.86
N GLU B 383 46.08 -14.17 52.93
CA GLU B 383 45.83 -13.87 51.53
C GLU B 383 44.44 -13.31 51.30
N ASP B 384 43.51 -13.48 52.25
CA ASP B 384 42.17 -12.94 52.15
C ASP B 384 42.02 -11.60 52.86
N SER B 385 43.14 -10.94 53.18
CA SER B 385 43.14 -9.71 53.95
C SER B 385 43.91 -8.58 53.29
N PHE B 386 44.27 -8.71 52.02
CA PHE B 386 45.00 -7.64 51.34
C PHE B 386 44.04 -6.53 50.93
N GLY B 387 44.57 -5.31 50.88
CA GLY B 387 43.75 -4.14 50.66
C GLY B 387 43.63 -3.66 49.24
N SER B 388 44.00 -4.47 48.25
CA SER B 388 43.86 -4.07 46.85
C SER B 388 43.67 -5.30 45.99
N LEU B 389 42.96 -5.12 44.87
CA LEU B 389 42.87 -6.21 43.90
C LEU B 389 44.24 -6.56 43.34
N LEU B 390 45.13 -5.56 43.23
CA LEU B 390 46.50 -5.83 42.81
C LEU B 390 47.14 -6.90 43.68
N GLU B 391 46.96 -6.81 45.00
CA GLU B 391 47.49 -7.87 45.88
C GLU B 391 46.60 -9.11 45.85
N LEU B 392 45.28 -8.92 45.98
CA LEU B 392 44.38 -10.06 46.11
C LEU B 392 44.51 -11.02 44.93
N THR B 393 44.76 -10.51 43.73
CA THR B 393 44.88 -11.34 42.54
C THR B 393 46.32 -11.48 42.06
N TRP B 394 47.28 -10.98 42.84
CA TRP B 394 48.69 -10.94 42.46
CA TRP B 394 48.68 -10.98 42.45
C TRP B 394 48.86 -10.48 41.02
N ASN B 395 48.44 -9.24 40.80
CA ASN B 395 48.51 -8.57 39.50
C ASN B 395 47.76 -9.36 38.42
N GLY B 396 46.75 -10.12 38.81
CA GLY B 396 45.96 -10.87 37.86
C GLY B 396 46.44 -12.28 37.61
N LYS B 397 47.45 -12.75 38.35
CA LYS B 397 47.94 -14.11 38.16
C LYS B 397 46.95 -15.12 38.69
N LYS B 398 46.26 -14.79 39.79
CA LYS B 398 45.20 -15.64 40.34
C LYS B 398 43.98 -14.75 40.52
N PRO B 399 43.16 -14.59 39.46
CA PRO B 399 41.93 -13.81 39.58
C PRO B 399 41.08 -14.27 40.75
N LEU B 400 40.35 -13.31 41.32
CA LEU B 400 39.48 -13.56 42.45
C LEU B 400 38.15 -14.15 41.99
N GLU B 401 37.73 -15.26 42.62
CA GLU B 401 36.44 -15.87 42.32
C GLU B 401 35.40 -15.30 43.27
N LEU B 402 34.41 -14.58 42.73
CA LEU B 402 33.44 -13.88 43.54
C LEU B 402 32.42 -14.85 44.12
N ARG B 403 32.12 -14.68 45.41
CA ARG B 403 31.24 -15.60 46.12
C ARG B 403 29.90 -15.77 45.44
N GLU B 404 29.33 -14.68 44.91
CA GLU B 404 28.05 -14.75 44.22
C GLU B 404 28.17 -15.10 42.74
N GLY B 405 29.39 -15.24 42.23
CA GLY B 405 29.58 -15.58 40.83
C GLY B 405 30.42 -14.56 40.07
N GLY B 406 31.27 -15.06 39.18
CA GLY B 406 32.13 -14.19 38.39
C GLY B 406 33.54 -14.15 38.90
N THR B 407 34.45 -13.65 38.07
CA THR B 407 35.86 -13.54 38.42
C THR B 407 36.34 -12.12 38.18
N ARG B 408 37.23 -11.65 39.06
CA ARG B 408 37.78 -10.30 38.91
C ARG B 408 39.29 -10.35 38.98
N SER B 409 39.94 -9.65 38.05
CA SER B 409 41.33 -9.29 38.24
C SER B 409 41.38 -7.86 38.76
N PHE B 410 41.06 -6.89 37.92
CA PHE B 410 40.87 -5.51 38.36
C PHE B 410 39.39 -5.15 38.21
N ILE B 411 39.05 -3.91 38.58
CA ILE B 411 37.65 -3.49 38.63
C ILE B 411 37.11 -3.30 37.21
N GLU B 412 35.88 -3.73 37.00
CA GLU B 412 35.23 -3.61 35.71
C GLU B 412 34.10 -2.58 35.78
N ASP B 413 33.69 -2.10 34.60
CA ASP B 413 32.65 -1.08 34.52
C ASP B 413 31.36 -1.60 35.13
N GLY B 414 30.67 -0.74 35.88
CA GLY B 414 29.46 -1.11 36.57
C GLY B 414 29.67 -1.85 37.89
N ASP B 415 30.90 -2.22 38.24
CA ASP B 415 31.18 -2.77 39.57
C ASP B 415 31.01 -1.69 40.64
N GLU B 416 30.36 -2.06 41.73
CA GLU B 416 30.28 -1.18 42.90
C GLU B 416 31.22 -1.72 43.99
N LEU B 417 32.09 -0.86 44.50
CA LEU B 417 33.05 -1.24 45.51
C LEU B 417 32.66 -0.58 46.82
N THR B 418 32.49 -1.38 47.88
CA THR B 418 32.01 -0.86 49.16
C THR B 418 32.97 -1.23 50.29
N LEU B 419 33.56 -0.22 50.91
CA LEU B 419 34.34 -0.38 52.13
C LEU B 419 33.43 -0.26 53.34
N ALA B 420 33.67 -1.11 54.35
CA ALA B 420 32.92 -1.05 55.59
C ALA B 420 33.87 -1.33 56.74
N GLY B 421 33.52 -0.84 57.92
CA GLY B 421 34.41 -0.96 59.07
C GLY B 421 33.69 -0.78 60.37
N TRP B 422 34.19 -1.47 61.40
CA TRP B 422 33.66 -1.30 62.75
C TRP B 422 34.69 -1.78 63.76
N CYS B 423 34.61 -1.22 64.96
CA CYS B 423 35.28 -1.78 66.12
C CYS B 423 34.29 -2.68 66.84
N GLN B 424 34.70 -3.93 67.11
CA GLN B 424 33.85 -4.90 67.80
C GLN B 424 34.13 -4.86 69.30
N GLY B 425 33.09 -4.56 70.09
CA GLY B 425 33.13 -4.69 71.52
C GLY B 425 32.32 -5.89 71.99
N GLU B 426 32.08 -5.93 73.30
CA GLU B 426 31.26 -7.00 73.89
C GLU B 426 29.79 -6.61 73.78
N GLY B 427 29.08 -7.21 72.83
CA GLY B 427 27.69 -6.93 72.62
C GLY B 427 27.36 -5.66 71.85
N TYR B 428 28.35 -4.94 71.34
CA TYR B 428 28.07 -3.73 70.58
C TYR B 428 29.23 -3.46 69.63
N ARG B 429 29.02 -2.48 68.76
CA ARG B 429 30.02 -2.06 67.79
C ARG B 429 30.14 -0.54 67.79
N VAL B 430 31.30 -0.07 67.38
CA VAL B 430 31.57 1.33 67.07
C VAL B 430 32.04 1.32 65.63
N GLY B 431 31.14 1.67 64.70
CA GLY B 431 31.34 1.43 63.29
C GLY B 431 31.40 2.70 62.45
N PHE B 432 31.74 2.51 61.18
CA PHE B 432 32.08 3.61 60.29
C PHE B 432 31.09 3.82 59.15
N GLY B 433 30.04 3.01 59.06
CA GLY B 433 29.20 3.14 57.88
C GLY B 433 29.90 2.58 56.66
N VAL B 434 29.61 3.15 55.50
CA VAL B 434 30.17 2.60 54.26
C VAL B 434 30.79 3.71 53.43
N CYS B 435 31.77 3.30 52.63
CA CYS B 435 32.48 4.14 51.68
C CYS B 435 32.35 3.45 50.32
N ALA B 436 31.35 3.84 49.54
CA ALA B 436 31.00 3.15 48.30
C ALA B 436 31.16 4.03 47.05
N GLY B 437 31.48 3.37 45.94
CA GLY B 437 31.45 4.02 44.64
C GLY B 437 31.24 2.99 43.56
N GLU B 438 30.59 3.41 42.48
CA GLU B 438 30.32 2.54 41.35
C GLU B 438 30.97 3.13 40.10
N ILE B 439 31.61 2.29 39.30
CA ILE B 439 32.51 2.75 38.24
C ILE B 439 31.70 3.03 36.98
N LEU B 440 31.90 4.23 36.40
CA LEU B 440 31.30 4.59 35.11
C LEU B 440 32.29 4.31 33.98
N PRO B 441 31.78 3.92 32.80
CA PRO B 441 32.67 3.69 31.66
C PRO B 441 33.49 4.93 31.33
N ALA B 442 34.69 4.69 30.83
CA ALA B 442 35.54 5.80 30.43
C ALA B 442 34.88 6.58 29.29
N LEU B 443 35.23 7.85 29.19
CA LEU B 443 34.70 8.69 28.13
C LEU B 443 35.22 8.23 26.78
N LYS B 444 34.36 8.30 25.77
CA LYS B 444 34.66 7.82 24.44
C LYS B 444 34.59 8.96 23.42
N SER C 12 42.11 32.37 9.54
CA SER C 12 41.29 33.49 9.99
C SER C 12 41.03 34.50 8.88
N SER C 13 42.09 35.19 8.42
CA SER C 13 41.91 36.07 7.28
C SER C 13 41.62 35.29 6.01
N ASP C 14 42.00 34.01 5.96
CA ASP C 14 41.53 33.14 4.89
C ASP C 14 40.01 33.02 4.92
N LEU C 15 39.43 32.83 6.11
CA LEU C 15 37.98 32.77 6.22
C LEU C 15 37.33 34.08 5.77
N GLN C 16 37.91 35.22 6.17
CA GLN C 16 37.35 36.50 5.74
C GLN C 16 37.37 36.62 4.22
N ALA C 17 38.39 36.08 3.57
CA ALA C 17 38.51 36.21 2.12
C ALA C 17 37.42 35.45 1.39
N THR C 18 36.87 34.40 1.99
CA THR C 18 35.78 33.65 1.37
C THR C 18 34.44 34.37 1.50
N LEU C 19 34.35 35.37 2.38
CA LEU C 19 33.13 36.16 2.54
C LEU C 19 33.15 37.46 1.75
N ASP C 20 34.29 37.83 1.18
CA ASP C 20 34.48 39.04 0.39
C ASP C 20 33.47 39.15 -0.75
N PRO C 21 32.53 40.09 -0.66
CA PRO C 21 31.48 40.19 -1.70
C PRO C 21 32.01 40.44 -3.10
N SER C 22 33.25 40.93 -3.25
CA SER C 22 33.79 41.20 -4.57
C SER C 22 34.32 39.95 -5.26
N ARG C 23 34.58 38.87 -4.53
CA ARG C 23 35.08 37.66 -5.15
C ARG C 23 34.06 37.11 -6.15
N LYS C 24 34.58 36.52 -7.23
CA LYS C 24 33.77 35.90 -8.28
C LYS C 24 34.45 34.60 -8.71
N SER C 25 33.72 33.81 -9.48
CA SER C 25 34.18 32.49 -9.90
C SER C 25 34.28 32.41 -11.41
N TRP C 26 35.07 31.45 -11.88
CA TRP C 26 35.04 31.11 -13.30
C TRP C 26 33.82 30.29 -13.67
N VAL C 27 33.18 29.63 -12.71
CA VAL C 27 31.86 29.08 -12.94
C VAL C 27 30.90 30.26 -13.10
N GLU C 28 30.52 30.56 -14.35
CA GLU C 28 29.85 31.83 -14.62
C GLU C 28 28.49 31.91 -13.94
N SER C 29 27.73 30.80 -13.93
CA SER C 29 26.41 30.83 -13.30
C SER C 29 26.50 31.17 -11.81
N ALA C 30 27.67 30.99 -11.20
CA ALA C 30 27.86 31.40 -9.81
C ALA C 30 27.84 32.91 -9.65
N ASN C 31 28.02 33.66 -10.74
CA ASN C 31 28.10 35.11 -10.69
C ASN C 31 26.78 35.80 -10.98
N ASN C 32 25.72 35.04 -11.24
CA ASN C 32 24.42 35.65 -11.44
C ASN C 32 24.01 36.38 -10.16
N PRO C 33 23.76 37.70 -10.20
CA PRO C 33 23.52 38.44 -8.96
C PRO C 33 22.37 37.88 -8.13
N THR C 34 21.42 37.16 -8.74
CA THR C 34 20.30 36.59 -8.01
C THR C 34 20.39 35.07 -7.88
N GLY C 35 21.52 34.46 -8.21
CA GLY C 35 21.67 33.02 -7.99
C GLY C 35 22.00 32.69 -6.53
N ASP C 36 21.50 31.53 -6.09
CA ASP C 36 21.70 31.10 -4.71
C ASP C 36 23.13 30.67 -4.43
N PHE C 37 23.83 30.14 -5.43
CA PHE C 37 25.07 29.45 -5.16
C PHE C 37 26.27 30.27 -5.62
N SER C 38 26.37 31.50 -5.10
CA SER C 38 27.54 32.33 -5.30
C SER C 38 28.79 31.66 -4.73
N ILE C 39 29.96 32.21 -5.10
CA ILE C 39 31.19 31.70 -4.51
C ILE C 39 31.25 32.01 -3.02
N GLN C 40 30.45 32.97 -2.54
CA GLN C 40 30.39 33.28 -1.12
C GLN C 40 29.60 32.24 -0.33
N ASN C 41 28.85 31.37 -1.00
CA ASN C 41 27.97 30.39 -0.35
C ASN C 41 28.71 29.09 -0.07
N LEU C 42 28.86 28.23 -1.09
CA LEU C 42 29.53 26.94 -0.99
C LEU C 42 28.83 26.02 0.01
N PRO C 43 27.59 25.61 -0.25
CA PRO C 43 26.91 24.69 0.67
C PRO C 43 27.30 23.25 0.41
N PHE C 44 27.04 22.40 1.41
CA PHE C 44 27.40 20.99 1.33
C PHE C 44 26.17 20.14 1.07
N GLY C 45 26.34 19.09 0.26
CA GLY C 45 25.26 18.17 -0.01
C GLY C 45 25.78 16.77 -0.32
N ILE C 46 24.83 15.86 -0.53
CA ILE C 46 25.09 14.49 -0.94
C ILE C 46 24.41 14.28 -2.29
N PHE C 47 25.15 13.78 -3.27
CA PHE C 47 24.60 13.60 -4.60
C PHE C 47 25.08 12.29 -5.22
N SER C 48 24.35 11.87 -6.24
CA SER C 48 24.81 10.88 -7.20
C SER C 48 24.38 11.38 -8.57
N ASP C 49 24.87 10.73 -9.61
CA ASP C 49 24.53 11.12 -10.97
C ASP C 49 24.41 9.87 -11.84
N GLY C 50 24.09 10.08 -13.12
CA GLY C 50 23.92 8.95 -14.03
C GLY C 50 25.20 8.20 -14.31
N LEU C 51 26.36 8.83 -14.12
CA LEU C 51 27.64 8.18 -14.33
C LEU C 51 28.13 7.42 -13.10
N ASN C 52 27.70 7.82 -11.91
CA ASN C 52 28.20 7.23 -10.66
C ASN C 52 27.03 7.17 -9.67
N ALA C 53 26.46 5.98 -9.50
CA ALA C 53 25.32 5.82 -8.60
C ALA C 53 25.70 5.97 -7.13
N THR C 54 26.99 5.86 -6.80
CA THR C 54 27.39 5.93 -5.40
C THR C 54 27.24 7.35 -4.86
N ARG C 55 26.62 7.46 -3.70
CA ARG C 55 26.42 8.77 -3.09
C ARG C 55 27.74 9.31 -2.55
N ARG C 56 27.95 10.60 -2.73
CA ARG C 56 29.20 11.23 -2.31
C ARG C 56 28.94 12.70 -2.01
N VAL C 57 29.93 13.34 -1.39
CA VAL C 57 29.79 14.71 -0.89
C VAL C 57 30.04 15.69 -2.04
N GLY C 58 29.13 16.65 -2.20
CA GLY C 58 29.29 17.67 -3.22
C GLY C 58 29.11 19.06 -2.62
N VAL C 59 29.69 20.04 -3.32
CA VAL C 59 29.53 21.45 -2.97
C VAL C 59 28.98 22.19 -4.17
N ALA C 60 27.90 22.94 -3.96
CA ALA C 60 27.25 23.65 -5.05
C ALA C 60 28.03 24.90 -5.45
N ILE C 61 27.97 25.23 -6.74
CA ILE C 61 28.58 26.44 -7.29
C ILE C 61 27.86 26.77 -8.60
N GLY C 62 27.18 27.92 -8.63
CA GLY C 62 26.37 28.24 -9.79
C GLY C 62 25.30 27.18 -10.01
N ASP C 63 25.23 26.67 -11.24
CA ASP C 63 24.33 25.59 -11.61
C ASP C 63 25.02 24.22 -11.57
N SER C 64 26.21 24.13 -10.99
CA SER C 64 26.97 22.90 -10.98
C SER C 64 27.25 22.43 -9.55
N ILE C 65 27.85 21.23 -9.45
CA ILE C 65 28.28 20.65 -8.18
C ILE C 65 29.76 20.32 -8.28
N VAL C 66 30.50 20.55 -7.20
CA VAL C 66 31.90 20.18 -7.11
C VAL C 66 31.99 18.82 -6.43
N ASP C 67 32.60 17.86 -7.12
CA ASP C 67 32.77 16.50 -6.59
C ASP C 67 33.98 16.49 -5.65
N LEU C 68 33.73 16.45 -4.34
CA LEU C 68 34.83 16.56 -3.40
C LEU C 68 35.75 15.35 -3.47
N ALA C 69 35.18 14.14 -3.55
CA ALA C 69 36.00 12.93 -3.59
C ALA C 69 36.87 12.89 -4.83
N ALA C 70 36.42 13.47 -5.94
CA ALA C 70 37.25 13.52 -7.13
C ALA C 70 38.42 14.49 -6.94
N LEU C 71 38.13 15.70 -6.45
CA LEU C 71 39.19 16.67 -6.18
C LEU C 71 40.20 16.16 -5.17
N GLU C 72 39.74 15.38 -4.19
CA GLU C 72 40.66 14.78 -3.22
C GLU C 72 41.57 13.77 -3.89
N SER C 73 40.98 12.89 -4.71
CA SER C 73 41.78 11.93 -5.47
C SER C 73 42.81 12.63 -6.34
N ALA C 74 42.47 13.80 -6.87
CA ALA C 74 43.37 14.59 -7.68
C ALA C 74 44.32 15.46 -6.87
N GLY C 75 44.32 15.31 -5.54
CA GLY C 75 45.23 16.07 -4.71
C GLY C 75 44.91 17.53 -4.55
N LEU C 76 43.81 18.03 -5.12
CA LEU C 76 43.45 19.43 -4.99
C LEU C 76 42.66 19.75 -3.72
N LEU C 77 42.32 18.74 -2.93
CA LEU C 77 41.52 18.95 -1.72
C LEU C 77 41.90 17.88 -0.70
N SER C 78 42.19 18.30 0.53
CA SER C 78 42.69 17.41 1.57
C SER C 78 41.93 17.63 2.87
N VAL C 79 41.64 16.53 3.56
CA VAL C 79 41.00 16.58 4.88
C VAL C 79 41.73 15.63 5.82
N PRO C 80 41.46 15.70 7.13
CA PRO C 80 41.92 14.64 8.04
C PRO C 80 41.34 13.29 7.65
N SER C 81 42.08 12.23 8.00
CA SER C 81 41.70 10.88 7.62
C SER C 81 40.82 10.21 8.68
N ASP C 86 37.62 5.23 3.83
CA ASP C 86 38.92 5.91 3.82
C ASP C 86 38.75 7.42 3.62
N SER C 87 37.73 7.80 2.85
CA SER C 87 37.46 9.20 2.52
C SER C 87 36.08 9.57 3.03
N VAL C 88 36.01 10.57 3.91
CA VAL C 88 34.73 11.04 4.41
C VAL C 88 33.88 11.67 3.31
N PHE C 89 34.45 11.91 2.14
CA PHE C 89 33.69 12.42 1.00
C PHE C 89 32.93 11.33 0.27
N VAL C 90 33.29 10.06 0.46
CA VAL C 90 32.53 8.97 -0.14
C VAL C 90 31.66 8.38 0.94
N ARG C 91 30.50 8.99 1.16
CA ARG C 91 29.57 8.61 2.21
C ARG C 91 28.17 8.94 1.74
N ASP C 92 27.19 8.17 2.22
CA ASP C 92 25.76 8.37 1.98
C ASP C 92 25.22 9.60 2.69
N ALA C 93 26.04 10.28 3.49
CA ALA C 93 25.57 11.32 4.38
C ALA C 93 26.80 12.14 4.80
N LEU C 94 26.55 13.42 5.13
CA LEU C 94 27.61 14.33 5.54
C LEU C 94 28.09 14.10 6.97
N ASN C 95 27.45 13.19 7.71
CA ASN C 95 27.71 13.07 9.14
C ASN C 95 29.19 12.93 9.47
N ASP C 96 29.88 11.99 8.78
CA ASP C 96 31.29 11.75 9.09
C ASP C 96 32.13 13.00 8.81
N PHE C 97 31.85 13.69 7.71
CA PHE C 97 32.57 14.94 7.44
C PHE C 97 32.28 16.00 8.49
N ILE C 98 31.01 16.16 8.86
CA ILE C 98 30.65 17.17 9.87
C ILE C 98 31.37 16.88 11.18
N ALA C 99 31.42 15.62 11.58
CA ALA C 99 32.08 15.25 12.84
C ALA C 99 33.54 15.66 12.89
N LEU C 100 34.15 16.01 11.76
CA LEU C 100 35.54 16.43 11.79
C LEU C 100 35.73 17.79 12.46
N GLY C 101 34.68 18.57 12.62
CA GLY C 101 34.76 19.80 13.38
C GLY C 101 34.98 21.03 12.50
N ARG C 102 34.91 22.19 13.16
CA ARG C 102 34.87 23.46 12.44
C ARG C 102 36.15 23.73 11.68
N ASP C 103 37.31 23.35 12.21
CA ASP C 103 38.56 23.58 11.48
C ASP C 103 38.53 22.88 10.13
N ALA C 104 37.93 21.69 10.08
CA ALA C 104 37.83 20.96 8.83
C ALA C 104 36.83 21.61 7.89
N TRP C 105 35.64 21.97 8.39
CA TRP C 105 34.66 22.69 7.57
C TRP C 105 35.29 23.91 6.93
N ARG C 106 36.07 24.67 7.70
CA ARG C 106 36.66 25.90 7.20
C ARG C 106 37.82 25.62 6.26
N SER C 107 38.60 24.57 6.50
CA SER C 107 39.69 24.25 5.58
C SER C 107 39.14 23.92 4.19
N VAL C 108 38.15 23.02 4.13
CA VAL C 108 37.51 22.69 2.87
C VAL C 108 36.96 23.95 2.21
N ARG C 109 36.31 24.81 3.00
CA ARG C 109 35.73 26.03 2.44
C ARG C 109 36.79 26.94 1.85
N VAL C 110 37.92 27.10 2.55
CA VAL C 110 38.97 28.00 2.06
C VAL C 110 39.63 27.41 0.81
N GLN C 111 39.94 26.11 0.84
CA GLN C 111 40.53 25.47 -0.33
C GLN C 111 39.62 25.62 -1.54
N LEU C 112 38.33 25.32 -1.36
CA LEU C 112 37.40 25.37 -2.49
C LEU C 112 37.19 26.80 -2.97
N SER C 113 37.14 27.77 -2.05
CA SER C 113 37.00 29.16 -2.45
C SER C 113 38.16 29.59 -3.34
N ARG C 114 39.37 29.10 -3.04
CA ARG C 114 40.52 29.43 -3.87
C ARG C 114 40.42 28.80 -5.25
N LEU C 115 40.15 27.49 -5.30
CA LEU C 115 40.07 26.78 -6.58
C LEU C 115 38.97 27.34 -7.47
N LEU C 116 37.86 27.79 -6.87
CA LEU C 116 36.74 28.29 -7.64
C LEU C 116 36.84 29.77 -7.98
N SER C 117 37.82 30.49 -7.43
CA SER C 117 37.98 31.91 -7.75
C SER C 117 38.41 32.06 -9.21
N ARG C 118 37.95 33.15 -9.83
CA ARG C 118 38.11 33.31 -11.27
C ARG C 118 39.57 33.25 -11.71
N ASP C 119 40.46 33.85 -10.92
CA ASP C 119 41.86 33.97 -11.32
C ASP C 119 42.73 32.79 -10.88
N ASP C 120 42.11 31.68 -10.50
CA ASP C 120 42.81 30.44 -10.19
C ASP C 120 42.62 29.46 -11.34
N ALA C 121 43.72 28.91 -11.83
CA ALA C 121 43.69 28.07 -13.03
C ALA C 121 43.88 26.59 -12.75
N THR C 122 44.17 26.20 -11.51
CA THR C 122 44.42 24.80 -11.19
C THR C 122 43.26 23.93 -11.67
N LEU C 123 42.05 24.24 -11.22
CA LEU C 123 40.88 23.51 -11.70
C LEU C 123 40.32 24.12 -12.97
N ARG C 124 40.33 25.45 -13.07
CA ARG C 124 39.67 26.13 -14.18
C ARG C 124 40.19 25.66 -15.53
N ASP C 125 41.50 25.50 -15.66
CA ASP C 125 42.13 25.19 -16.93
C ASP C 125 42.54 23.71 -17.07
N ASP C 126 42.11 22.86 -16.13
CA ASP C 126 42.35 21.41 -16.21
C ASP C 126 41.07 20.79 -16.79
N ALA C 127 41.07 20.61 -18.12
CA ALA C 127 39.84 20.23 -18.81
C ALA C 127 39.38 18.83 -18.42
N GLU C 128 40.31 17.90 -18.20
CA GLU C 128 39.90 16.54 -17.85
C GLU C 128 39.32 16.49 -16.44
N LEU C 129 40.03 17.03 -15.47
CA LEU C 129 39.51 17.04 -14.10
C LEU C 129 38.22 17.86 -14.02
N ARG C 130 38.18 19.01 -14.69
CA ARG C 130 36.95 19.80 -14.68
C ARG C 130 35.81 19.07 -15.38
N GLY C 131 36.11 18.26 -16.40
CA GLY C 131 35.08 17.44 -17.02
C GLY C 131 34.49 16.41 -16.09
N ARG C 132 35.21 16.03 -15.04
CA ARG C 132 34.75 15.06 -14.05
C ARG C 132 34.26 15.71 -12.77
N ALA C 133 35.01 16.66 -12.21
CA ALA C 133 34.74 17.15 -10.87
C ALA C 133 33.56 18.11 -10.81
N LEU C 134 33.25 18.80 -11.91
CA LEU C 134 32.11 19.70 -11.98
C LEU C 134 30.97 18.99 -12.71
N ILE C 135 29.89 18.73 -11.99
CA ILE C 135 28.70 18.11 -12.55
C ILE C 135 27.57 19.13 -12.53
N ARG C 136 26.72 19.09 -13.55
CA ARG C 136 25.56 19.97 -13.57
C ARG C 136 24.54 19.49 -12.55
N GLN C 137 23.92 20.44 -11.84
CA GLN C 137 22.90 20.07 -10.87
C GLN C 137 21.75 19.35 -11.53
N ALA C 138 21.50 19.63 -12.82
CA ALA C 138 20.43 18.96 -13.55
C ALA C 138 20.78 17.52 -13.92
N ASP C 139 22.07 17.18 -13.96
CA ASP C 139 22.50 15.81 -14.23
C ASP C 139 22.61 14.97 -12.96
N ALA C 140 22.40 15.56 -11.79
CA ALA C 140 22.59 14.85 -10.54
C ALA C 140 21.27 14.72 -9.78
N GLN C 141 21.25 13.75 -8.85
CA GLN C 141 20.19 13.59 -7.88
C GLN C 141 20.72 13.98 -6.50
N LEU C 142 20.01 14.88 -5.83
CA LEU C 142 20.40 15.35 -4.51
C LEU C 142 19.65 14.55 -3.45
N HIS C 143 20.40 14.03 -2.47
CA HIS C 143 19.84 13.19 -1.44
C HIS C 143 19.79 13.94 -0.12
N LEU C 144 19.02 13.39 0.81
CA LEU C 144 19.04 13.89 2.18
C LEU C 144 20.48 14.13 2.58
N PRO C 145 20.84 15.32 3.05
CA PRO C 145 22.26 15.62 3.27
C PRO C 145 22.86 14.96 4.51
N VAL C 146 22.05 14.59 5.49
CA VAL C 146 22.54 13.99 6.72
C VAL C 146 21.64 12.82 7.11
N GLN C 147 22.23 11.85 7.81
CA GLN C 147 21.46 10.87 8.56
CA GLN C 147 21.48 10.86 8.58
C GLN C 147 21.07 11.52 9.90
N ILE C 148 19.77 11.69 10.11
CA ILE C 148 19.26 12.55 11.17
C ILE C 148 19.05 11.68 12.42
N PRO C 149 19.87 11.84 13.47
CA PRO C 149 19.63 11.05 14.68
C PRO C 149 18.36 11.47 15.39
N GLY C 150 18.15 12.76 15.51
CA GLY C 150 16.94 13.27 16.13
C GLY C 150 16.52 14.53 15.42
N TYR C 151 15.21 14.77 15.41
CA TYR C 151 14.63 15.94 14.77
C TYR C 151 13.74 16.62 15.80
N THR C 152 14.06 17.88 16.11
CA THR C 152 13.29 18.68 17.05
C THR C 152 12.64 19.82 16.29
N ASP C 153 11.43 20.21 16.71
CA ASP C 153 10.76 21.34 16.09
C ASP C 153 10.33 22.34 17.16
N PHE C 154 10.60 23.62 16.89
CA PHE C 154 10.25 24.69 17.82
C PHE C 154 8.99 25.44 17.33
N TYR C 155 8.78 26.65 17.85
CA TYR C 155 7.50 27.34 17.69
C TYR C 155 7.70 28.83 17.88
N SER C 156 8.82 29.35 17.40
CA SER C 156 9.40 30.56 17.95
C SER C 156 8.98 31.85 17.24
N SER C 157 7.97 31.81 16.37
CA SER C 157 7.42 33.01 15.76
C SER C 157 6.28 33.54 16.62
N LYS C 158 6.45 34.75 17.14
CA LYS C 158 5.39 35.36 17.93
C LYS C 158 4.16 35.62 17.07
N GLU C 159 4.38 36.02 15.81
CA GLU C 159 3.24 36.28 14.93
C GLU C 159 2.46 35.01 14.63
N HIS C 160 3.17 33.90 14.40
CA HIS C 160 2.48 32.64 14.12
C HIS C 160 1.74 32.16 15.36
N ALA C 161 2.41 32.18 16.51
CA ALA C 161 1.74 31.73 17.73
C ALA C 161 0.55 32.61 18.06
N THR C 162 0.63 33.90 17.74
CA THR C 162 -0.49 34.81 17.97
C THR C 162 -1.65 34.50 17.03
N ASN C 163 -1.36 34.30 15.74
CA ASN C 163 -2.40 33.98 14.78
C ASN C 163 -3.12 32.69 15.15
N VAL C 164 -2.37 31.68 15.57
CA VAL C 164 -2.99 30.41 15.95
C VAL C 164 -3.81 30.60 17.22
N GLY C 165 -3.24 31.27 18.22
CA GLY C 165 -3.96 31.51 19.47
C GLY C 165 -5.16 32.41 19.28
N SER C 166 -5.06 33.39 18.36
CA SER C 166 -6.19 34.25 18.05
C SER C 166 -7.37 33.45 17.50
N MET C 167 -7.12 32.27 16.96
CA MET C 167 -8.23 31.44 16.49
C MET C 167 -8.87 30.67 17.65
N PHE C 168 -8.14 30.44 18.74
CA PHE C 168 -8.66 29.69 19.87
C PHE C 168 -9.11 30.57 21.03
N ARG C 169 -8.50 31.74 21.21
CA ARG C 169 -8.77 32.58 22.36
C ARG C 169 -8.88 34.03 21.92
N ASP C 170 -9.35 34.88 22.83
CA ASP C 170 -9.40 36.30 22.55
C ASP C 170 -7.99 36.80 22.27
N PRO C 171 -7.84 37.82 21.41
CA PRO C 171 -6.48 38.30 21.07
C PRO C 171 -5.65 38.73 22.27
N LYS C 172 -6.30 39.12 23.38
CA LYS C 172 -5.56 39.43 24.60
C LYS C 172 -4.85 38.20 25.15
N ASN C 173 -5.53 37.05 25.13
CA ASN C 173 -5.00 35.79 25.65
C ASN C 173 -4.50 34.88 24.55
N ALA C 174 -4.03 35.44 23.43
CA ALA C 174 -3.57 34.62 22.32
C ALA C 174 -2.32 33.82 22.70
N LEU C 175 -1.34 34.49 23.32
CA LEU C 175 -0.11 33.82 23.75
C LEU C 175 -0.26 33.36 25.19
N LEU C 176 -0.06 32.07 25.44
CA LEU C 176 0.03 31.57 26.80
C LEU C 176 1.32 32.08 27.43
N PRO C 177 1.29 32.37 28.74
CA PRO C 177 2.47 32.99 29.37
C PRO C 177 3.76 32.23 29.14
N ASN C 178 3.73 30.90 29.15
CA ASN C 178 4.97 30.16 29.01
C ASN C 178 5.63 30.41 27.66
N TRP C 179 4.87 30.82 26.64
CA TRP C 179 5.45 31.00 25.31
C TRP C 179 6.53 32.08 25.33
N SER C 180 6.34 33.13 26.11
CA SER C 180 7.31 34.21 26.21
C SER C 180 8.41 33.94 27.23
N GLU C 181 8.34 32.83 27.97
CA GLU C 181 9.38 32.52 28.94
C GLU C 181 10.36 31.47 28.44
N MET C 182 10.01 30.72 27.41
CA MET C 182 10.88 29.68 26.88
C MET C 182 10.59 29.51 25.40
N PRO C 183 11.57 29.05 24.61
CA PRO C 183 11.27 28.62 23.25
C PRO C 183 10.64 27.24 23.25
N ILE C 184 9.32 27.18 23.38
CA ILE C 184 8.66 25.89 23.46
C ILE C 184 8.92 25.09 22.18
N GLY C 185 8.91 23.77 22.32
CA GLY C 185 9.21 22.89 21.20
C GLY C 185 8.85 21.48 21.58
N TYR C 186 9.10 20.57 20.64
CA TYR C 186 8.69 19.18 20.80
C TYR C 186 9.58 18.28 19.94
N ASN C 187 9.61 16.99 20.28
CA ASN C 187 10.30 16.01 19.44
C ASN C 187 9.50 15.76 18.17
N GLY C 188 10.16 15.89 17.02
CA GLY C 188 9.60 15.46 15.75
C GLY C 188 10.03 14.04 15.41
N ARG C 189 9.58 13.56 14.25
CA ARG C 189 9.87 12.22 13.78
C ARG C 189 11.00 12.29 12.75
N ALA C 190 12.17 11.77 13.11
CA ALA C 190 13.31 11.86 12.21
C ALA C 190 13.12 11.01 10.97
N SER C 191 12.43 9.87 11.11
CA SER C 191 12.36 8.91 10.02
C SER C 191 11.63 9.46 8.80
N SER C 192 10.66 10.36 9.00
CA SER C 192 9.87 10.85 7.87
C SER C 192 10.38 12.17 7.34
N VAL C 193 11.55 12.62 7.78
CA VAL C 193 12.19 13.75 7.11
C VAL C 193 12.74 13.27 5.77
N VAL C 194 12.28 13.88 4.69
CA VAL C 194 12.68 13.53 3.33
C VAL C 194 13.26 14.76 2.62
N VAL C 195 14.02 14.49 1.55
CA VAL C 195 14.67 15.55 0.79
C VAL C 195 13.72 16.15 -0.25
N SER C 196 14.08 17.34 -0.72
CA SER C 196 13.30 18.09 -1.69
C SER C 196 12.95 17.25 -2.91
N GLY C 197 11.72 17.42 -3.39
CA GLY C 197 11.23 16.71 -4.56
C GLY C 197 10.46 15.44 -4.25
N THR C 198 10.59 14.91 -3.03
CA THR C 198 9.89 13.70 -2.65
C THR C 198 8.38 13.97 -2.61
N PRO C 199 7.58 13.27 -3.39
CA PRO C 199 6.14 13.47 -3.30
C PRO C 199 5.61 12.97 -1.96
N VAL C 200 4.54 13.61 -1.49
CA VAL C 200 3.96 13.33 -0.18
C VAL C 200 2.51 12.92 -0.39
N ARG C 201 2.14 11.79 0.19
CA ARG C 201 0.76 11.32 0.07
C ARG C 201 -0.09 11.96 1.16
N ARG C 202 -1.18 12.60 0.73
CA ARG C 202 -2.18 13.13 1.65
C ARG C 202 -2.53 12.06 2.67
N PRO C 203 -2.45 12.35 3.96
CA PRO C 203 -2.75 11.34 4.97
C PRO C 203 -4.23 11.11 5.17
N ASN C 204 -4.59 9.84 5.38
CA ASN C 204 -5.84 9.51 6.03
C ASN C 204 -5.65 9.61 7.56
N GLY C 205 -6.75 9.85 8.27
CA GLY C 205 -6.65 9.88 9.71
C GLY C 205 -8.01 10.08 10.32
N GLN C 206 -8.01 10.24 11.65
CA GLN C 206 -9.24 10.55 12.36
C GLN C 206 -9.54 12.03 12.25
N LEU C 207 -10.78 12.33 11.84
CA LEU C 207 -11.25 13.69 11.70
C LEU C 207 -12.45 13.88 12.63
N LYS C 208 -12.48 15.02 13.30
CA LYS C 208 -13.58 15.36 14.18
C LYS C 208 -14.40 16.44 13.48
N LEU C 209 -15.60 16.09 13.10
CA LEU C 209 -16.52 16.94 12.39
C LEU C 209 -17.54 17.57 13.35
N PRO C 210 -18.03 18.78 13.05
CA PRO C 210 -18.86 19.48 14.03
C PRO C 210 -20.21 18.82 14.25
N ASP C 211 -20.80 18.22 13.22
CA ASP C 211 -22.14 17.66 13.32
C ASP C 211 -22.18 16.28 13.97
N GLN C 212 -21.03 15.69 14.31
CA GLN C 212 -20.95 14.30 14.74
C GLN C 212 -20.23 14.18 16.08
N GLU C 213 -20.79 13.34 16.96
CA GLU C 213 -20.24 13.19 18.31
C GLU C 213 -18.92 12.41 18.30
N ARG C 214 -18.80 11.42 17.41
CA ARG C 214 -17.62 10.57 17.33
C ARG C 214 -16.82 10.88 16.07
N PRO C 215 -15.49 10.74 16.12
CA PRO C 215 -14.68 11.05 14.94
C PRO C 215 -14.88 10.05 13.83
N VAL C 216 -14.54 10.46 12.61
CA VAL C 216 -14.59 9.59 11.45
C VAL C 216 -13.17 9.37 10.95
N PHE C 217 -13.01 8.33 10.13
CA PHE C 217 -11.76 8.04 9.47
C PHE C 217 -11.87 8.47 8.00
N GLY C 218 -10.93 9.28 7.54
CA GLY C 218 -11.01 9.71 6.16
C GLY C 218 -9.79 10.49 5.75
N ALA C 219 -9.83 10.96 4.51
CA ALA C 219 -8.77 11.78 3.96
C ALA C 219 -8.73 13.12 4.66
N CYS C 220 -7.54 13.55 5.05
CA CYS C 220 -7.33 14.88 5.61
C CYS C 220 -7.90 15.95 4.69
N ARG C 221 -8.67 16.89 5.26
CA ARG C 221 -9.28 17.96 4.49
C ARG C 221 -8.57 19.29 4.64
N LYS C 222 -7.60 19.40 5.54
CA LYS C 222 -6.87 20.64 5.79
C LYS C 222 -5.37 20.36 5.74
N LEU C 223 -4.87 20.01 4.56
CA LEU C 223 -3.44 19.76 4.41
C LEU C 223 -2.70 21.07 4.23
N ASP C 224 -1.65 21.29 5.01
CA ASP C 224 -1.00 22.59 5.09
C ASP C 224 0.51 22.45 5.08
N ILE C 225 1.19 23.55 4.77
CA ILE C 225 2.63 23.65 4.92
C ILE C 225 2.94 24.30 6.26
N GLU C 226 4.21 24.27 6.64
CA GLU C 226 4.75 25.17 7.66
C GLU C 226 6.13 25.62 7.20
N LEU C 227 6.23 26.88 6.77
CA LEU C 227 7.49 27.44 6.31
C LEU C 227 8.44 27.63 7.49
N GLU C 228 9.58 26.93 7.46
CA GLU C 228 10.56 27.02 8.54
C GLU C 228 11.95 26.93 7.96
N THR C 229 12.93 27.20 8.82
CA THR C 229 14.29 26.76 8.59
C THR C 229 14.60 25.65 9.59
N GLY C 230 15.56 24.81 9.23
CA GLY C 230 16.16 23.89 10.18
C GLY C 230 17.64 24.17 10.27
N PHE C 231 18.21 23.96 11.45
CA PHE C 231 19.65 23.99 11.57
C PHE C 231 20.16 22.62 11.99
N VAL C 232 21.39 22.32 11.56
CA VAL C 232 21.97 20.99 11.68
C VAL C 232 23.09 21.04 12.71
N ILE C 233 23.05 20.12 13.68
CA ILE C 233 24.05 20.11 14.73
C ILE C 233 25.37 19.62 14.16
N GLY C 234 26.44 20.38 14.42
CA GLY C 234 27.77 20.03 13.97
C GLY C 234 28.65 19.43 15.05
N ALA C 235 28.32 19.72 16.31
CA ALA C 235 28.99 19.10 17.46
C ALA C 235 27.95 18.94 18.56
N GLY C 236 27.83 17.73 19.11
CA GLY C 236 26.81 17.42 20.08
C GLY C 236 27.23 17.80 21.49
N ASN C 237 26.48 17.29 22.46
CA ASN C 237 26.75 17.50 23.87
C ASN C 237 26.38 16.23 24.61
N ALA C 238 27.08 15.97 25.71
CA ALA C 238 26.86 14.75 26.48
C ALA C 238 25.58 14.84 27.29
N LEU C 239 24.99 13.68 27.54
CA LEU C 239 23.82 13.60 28.39
C LEU C 239 24.10 14.21 29.75
N GLY C 240 23.21 15.10 30.19
CA GLY C 240 23.37 15.74 31.47
C GLY C 240 24.23 16.99 31.46
N GLU C 241 24.77 17.39 30.31
CA GLU C 241 25.68 18.53 30.22
C GLU C 241 25.07 19.61 29.31
N PRO C 242 24.51 20.67 29.88
CA PRO C 242 23.86 21.68 29.04
C PRO C 242 24.83 22.42 28.14
N VAL C 243 24.31 22.88 27.01
CA VAL C 243 25.00 23.81 26.14
C VAL C 243 24.56 25.22 26.52
N THR C 244 25.50 26.08 26.90
CA THR C 244 25.11 27.43 27.28
C THR C 244 24.70 28.22 26.05
N CYS C 245 23.85 29.22 26.28
CA CYS C 245 23.36 30.03 25.17
C CYS C 245 24.51 30.72 24.44
N ALA C 246 25.55 31.14 25.16
CA ALA C 246 26.69 31.79 24.51
C ALA C 246 27.53 30.81 23.70
N ASP C 247 27.52 29.53 24.07
CA ASP C 247 28.27 28.49 23.35
C ASP C 247 27.44 27.79 22.27
N ALA C 248 26.16 28.15 22.13
CA ALA C 248 25.26 27.33 21.32
C ALA C 248 25.67 27.32 19.85
N GLU C 249 25.97 28.48 19.28
CA GLU C 249 26.22 28.54 17.84
C GLU C 249 27.44 27.73 17.43
N ALA C 250 28.43 27.62 18.30
CA ALA C 250 29.58 26.77 18.03
C ALA C 250 29.21 25.30 17.84
N HIS C 251 28.00 24.90 18.24
CA HIS C 251 27.53 23.54 17.99
C HIS C 251 26.74 23.40 16.68
N ILE C 252 26.57 24.47 15.92
CA ILE C 252 25.69 24.47 14.75
C ILE C 252 26.53 24.43 13.49
N PHE C 253 26.27 23.45 12.63
CA PHE C 253 27.01 23.36 11.38
C PHE C 253 26.44 24.29 10.32
N GLY C 254 25.13 24.26 10.10
CA GLY C 254 24.53 25.00 9.02
C GLY C 254 23.03 24.89 9.04
N MET C 255 22.40 25.37 7.96
CA MET C 255 20.95 25.51 7.90
C MET C 255 20.40 25.02 6.57
N VAL C 256 19.11 24.62 6.60
CA VAL C 256 18.34 24.18 5.45
C VAL C 256 16.97 24.83 5.53
N LEU C 257 16.24 24.76 4.42
CA LEU C 257 14.84 25.08 4.43
C LEU C 257 14.04 23.86 4.86
N LEU C 258 12.95 24.09 5.58
CA LEU C 258 12.22 23.00 6.24
C LEU C 258 10.74 23.26 6.11
N ASN C 259 10.02 22.29 5.52
CA ASN C 259 8.58 22.36 5.37
C ASN C 259 7.97 21.25 6.22
N ASP C 260 7.35 21.63 7.34
CA ASP C 260 6.76 20.66 8.26
C ASP C 260 5.29 20.48 7.86
N TRP C 261 5.09 19.61 6.87
CA TRP C 261 3.73 19.36 6.39
C TRP C 261 2.83 19.01 7.56
N SER C 262 1.63 19.58 7.56
CA SER C 262 0.72 19.42 8.67
C SER C 262 -0.68 19.15 8.15
N ALA C 263 -1.35 18.19 8.77
CA ALA C 263 -2.77 17.91 8.52
C ALA C 263 -3.52 18.49 9.71
N ARG C 264 -4.11 19.68 9.51
CA ARG C 264 -4.57 20.46 10.65
C ARG C 264 -5.85 19.92 11.26
N ASP C 265 -6.66 19.20 10.48
CA ASP C 265 -7.84 18.60 11.08
C ASP C 265 -7.47 17.34 11.87
N ILE C 266 -6.50 16.58 11.39
CA ILE C 266 -5.98 15.47 12.19
C ILE C 266 -5.38 16.01 13.48
N GLN C 267 -4.72 17.18 13.41
CA GLN C 267 -4.04 17.77 14.56
C GLN C 267 -5.02 18.18 15.64
N GLN C 268 -6.09 18.88 15.26
CA GLN C 268 -7.04 19.41 16.24
C GLN C 268 -7.60 18.31 17.11
N TRP C 269 -7.91 17.17 16.51
CA TRP C 269 -8.55 16.09 17.24
C TRP C 269 -7.58 15.35 18.14
N GLU C 270 -6.30 15.28 17.77
CA GLU C 270 -5.39 14.33 18.41
C GLU C 270 -4.50 14.94 19.49
N TYR C 271 -4.24 16.25 19.45
CA TYR C 271 -3.01 16.82 20.02
C TYR C 271 -3.05 17.11 21.51
N VAL C 272 -4.21 16.99 22.16
CA VAL C 272 -4.32 17.28 23.59
C VAL C 272 -4.31 15.96 24.34
N PRO C 273 -3.49 15.81 25.40
CA PRO C 273 -2.54 16.80 25.95
C PRO C 273 -1.08 16.61 25.55
N LEU C 274 -0.78 15.64 24.69
CA LEU C 274 0.61 15.24 24.45
C LEU C 274 1.23 15.84 23.20
N GLY C 275 0.51 16.70 22.48
CA GLY C 275 1.08 17.42 21.36
C GLY C 275 0.71 16.87 19.99
N PRO C 276 1.08 17.59 18.93
CA PRO C 276 0.85 17.09 17.57
C PRO C 276 1.60 15.79 17.34
N PHE C 277 0.99 14.88 16.59
CA PHE C 277 1.63 13.58 16.39
C PHE C 277 1.43 13.15 14.95
N ASN C 278 0.41 12.32 14.68
CA ASN C 278 0.16 11.86 13.31
C ASN C 278 -0.04 13.01 12.32
N ALA C 279 -0.47 14.19 12.80
CA ALA C 279 -0.68 15.32 11.90
C ALA C 279 0.63 15.89 11.36
N LYS C 280 1.75 15.54 11.96
CA LYS C 280 3.07 16.01 11.54
C LYS C 280 3.98 14.92 10.99
N THR C 281 3.87 13.68 11.49
CA THR C 281 4.90 12.69 11.26
C THR C 281 4.80 12.01 9.90
N PHE C 282 3.76 12.28 9.12
CA PHE C 282 3.66 11.62 7.82
C PHE C 282 4.68 12.15 6.81
N ALA C 283 5.22 13.36 7.02
CA ALA C 283 6.20 13.93 6.09
C ALA C 283 6.76 15.25 6.61
N THR C 284 8.08 15.42 6.51
CA THR C 284 8.76 16.70 6.68
C THR C 284 9.82 16.78 5.60
N THR C 285 9.85 17.88 4.84
CA THR C 285 10.79 18.03 3.75
C THR C 285 11.85 19.06 4.10
N ILE C 286 13.10 18.76 3.74
CA ILE C 286 14.16 19.76 3.83
C ILE C 286 14.85 19.88 2.47
N SER C 287 15.45 21.05 2.25
CA SER C 287 16.21 21.28 1.04
C SER C 287 17.50 20.47 1.09
N PRO C 288 18.11 20.19 -0.07
CA PRO C 288 19.29 19.31 -0.07
C PRO C 288 20.61 19.97 0.32
N TRP C 289 20.75 21.29 0.25
CA TRP C 289 22.04 21.97 0.43
C TRP C 289 22.11 22.60 1.82
N ILE C 290 23.08 22.16 2.62
CA ILE C 290 23.28 22.77 3.92
C ILE C 290 24.18 23.98 3.75
N VAL C 291 23.63 25.17 3.98
CA VAL C 291 24.43 26.38 3.93
C VAL C 291 25.07 26.57 5.29
N THR C 292 26.37 26.74 5.31
CA THR C 292 27.10 26.76 6.58
C THR C 292 26.85 28.05 7.34
N LEU C 293 26.80 27.92 8.67
CA LEU C 293 26.76 29.09 9.54
C LEU C 293 27.84 30.10 9.17
N ASP C 294 29.05 29.63 8.83
CA ASP C 294 30.10 30.55 8.43
C ASP C 294 29.70 31.34 7.20
N ALA C 295 29.10 30.67 6.20
CA ALA C 295 28.60 31.38 5.02
C ALA C 295 27.56 32.42 5.40
N LEU C 296 26.82 32.18 6.48
CA LEU C 296 25.74 33.06 6.92
C LEU C 296 26.23 34.25 7.73
N GLU C 297 27.49 34.23 8.19
CA GLU C 297 27.98 35.29 9.07
C GLU C 297 27.77 36.71 8.57
N PRO C 298 28.00 37.04 7.29
CA PRO C 298 27.74 38.42 6.84
C PRO C 298 26.30 38.88 7.05
N PHE C 299 25.38 37.97 7.37
CA PHE C 299 23.97 38.31 7.41
C PHE C 299 23.39 38.21 8.81
N ARG C 300 24.26 38.12 9.83
CA ARG C 300 23.84 38.27 11.20
C ARG C 300 23.27 39.67 11.42
N VAL C 301 22.09 39.73 12.05
CA VAL C 301 21.37 40.98 12.32
C VAL C 301 20.73 40.86 13.69
N ALA C 302 20.24 41.99 14.20
CA ALA C 302 19.72 42.02 15.56
C ALA C 302 18.36 41.32 15.65
N GLN C 303 18.25 40.38 16.58
CA GLN C 303 17.01 39.69 16.82
C GLN C 303 15.97 40.66 17.40
N PRO C 304 14.68 40.33 17.30
CA PRO C 304 13.66 41.19 17.90
C PRO C 304 13.89 41.39 19.39
N ALA C 305 13.35 42.50 19.89
CA ALA C 305 13.41 42.77 21.32
C ALA C 305 12.50 41.82 22.07
N GLN C 306 12.98 41.32 23.20
CA GLN C 306 12.22 40.36 24.01
C GLN C 306 11.69 41.05 25.26
N ASP C 307 10.41 40.84 25.55
CA ASP C 307 9.75 41.40 26.73
C ASP C 307 8.71 40.39 27.19
N PRO C 308 8.86 39.83 28.40
CA PRO C 308 9.87 40.19 29.40
C PRO C 308 11.26 39.66 29.07
N GLN C 309 12.28 40.21 29.73
CA GLN C 309 13.63 39.71 29.59
C GLN C 309 13.66 38.27 30.10
N PRO C 310 14.06 37.30 29.29
CA PRO C 310 13.99 35.90 29.73
C PRO C 310 15.01 35.61 30.83
N LEU C 311 14.84 34.42 31.43
CA LEU C 311 15.76 33.95 32.47
C LEU C 311 17.20 33.96 31.97
N ALA C 312 18.14 34.08 32.91
CA ALA C 312 19.54 34.29 32.57
C ALA C 312 20.07 33.23 31.60
N TYR C 313 19.68 31.97 31.77
CA TYR C 313 20.26 30.94 30.91
C TYR C 313 19.85 31.11 29.45
N LEU C 314 18.83 31.93 29.18
CA LEU C 314 18.42 32.18 27.79
C LEU C 314 18.95 33.49 27.24
N ARG C 315 19.53 34.36 28.09
CA ARG C 315 20.02 35.65 27.62
C ARG C 315 21.28 35.48 26.79
N HIS C 316 21.46 36.37 25.82
CA HIS C 316 22.73 36.41 25.11
C HIS C 316 22.95 37.82 24.59
N ASP C 317 24.21 38.28 24.70
CA ASP C 317 24.62 39.55 24.16
C ASP C 317 24.77 39.46 22.65
N GLY C 318 24.76 40.61 22.00
CA GLY C 318 25.01 40.69 20.59
C GLY C 318 23.83 40.26 19.74
N GLU C 319 24.09 40.16 18.44
CA GLU C 319 23.07 39.85 17.46
C GLU C 319 23.11 38.35 17.15
N HIS C 320 21.95 37.71 17.17
CA HIS C 320 21.92 36.27 16.92
C HIS C 320 20.83 35.86 15.95
N ALA C 321 20.27 36.81 15.20
CA ALA C 321 19.35 36.52 14.12
C ALA C 321 20.07 36.61 12.78
N PHE C 322 19.43 36.08 11.74
CA PHE C 322 20.00 36.07 10.40
C PHE C 322 18.95 36.52 9.38
N ASP C 323 19.39 37.42 8.49
CA ASP C 323 18.54 38.06 7.49
C ASP C 323 18.43 37.11 6.30
N ILE C 324 17.39 36.26 6.33
CA ILE C 324 17.15 35.28 5.28
C ILE C 324 15.77 35.55 4.70
N THR C 325 15.72 36.09 3.48
CA THR C 325 14.45 36.22 2.77
C THR C 325 13.93 34.84 2.39
N LEU C 326 12.64 34.61 2.63
CA LEU C 326 12.00 33.31 2.36
C LEU C 326 10.71 33.49 1.56
N GLU C 327 10.50 32.62 0.57
CA GLU C 327 9.28 32.66 -0.22
C GLU C 327 8.73 31.25 -0.41
N VAL C 328 7.41 31.18 -0.56
CA VAL C 328 6.69 29.94 -0.84
C VAL C 328 5.83 30.13 -2.07
N THR C 329 5.94 29.23 -3.03
CA THR C 329 5.02 29.21 -4.16
C THR C 329 4.16 27.96 -4.14
N LEU C 330 3.01 28.06 -4.79
CA LEU C 330 2.08 26.95 -4.95
C LEU C 330 1.71 26.87 -6.43
N ARG C 331 1.84 25.68 -7.02
CA ARG C 331 1.58 25.47 -8.43
C ARG C 331 0.59 24.32 -8.56
N PRO C 332 -0.64 24.57 -8.99
CA PRO C 332 -1.55 23.46 -9.31
C PRO C 332 -0.93 22.56 -10.36
N GLN C 333 -1.33 21.29 -10.35
CA GLN C 333 -0.77 20.34 -11.30
C GLN C 333 -0.99 20.80 -12.74
N GLN C 334 -2.14 21.42 -13.02
CA GLN C 334 -2.42 21.89 -14.37
C GLN C 334 -1.71 23.20 -14.72
N ALA C 335 -0.87 23.75 -13.86
CA ALA C 335 -0.40 25.12 -14.06
C ALA C 335 1.01 25.18 -14.61
N LYS C 336 1.22 26.08 -15.57
CA LYS C 336 2.56 26.29 -16.13
C LYS C 336 3.45 27.05 -15.16
N GLU C 337 2.92 28.06 -14.49
CA GLU C 337 3.69 28.90 -13.59
C GLU C 337 3.17 28.80 -12.16
N ALA C 338 4.08 28.92 -11.19
CA ALA C 338 3.74 28.86 -9.77
C ALA C 338 3.36 30.24 -9.25
N SER C 339 2.51 30.27 -8.22
CA SER C 339 2.06 31.49 -7.58
C SER C 339 2.77 31.67 -6.24
N THR C 340 3.36 32.85 -6.02
CA THR C 340 4.05 33.14 -4.76
C THR C 340 3.00 33.50 -3.71
N ILE C 341 2.84 32.66 -2.69
CA ILE C 341 1.75 32.86 -1.74
C ILE C 341 2.20 33.54 -0.47
N THR C 342 3.50 33.66 -0.23
CA THR C 342 3.99 34.41 0.93
C THR C 342 5.46 34.74 0.73
N ARG C 343 5.87 35.85 1.33
CA ARG C 343 7.26 36.30 1.37
C ARG C 343 7.53 36.79 2.78
N THR C 344 8.59 36.28 3.41
CA THR C 344 8.91 36.73 4.76
C THR C 344 10.40 36.65 5.04
N ASN C 345 10.78 36.51 6.31
CA ASN C 345 12.19 36.61 6.66
C ASN C 345 12.42 35.91 7.99
N PHE C 346 13.51 35.16 8.06
CA PHE C 346 13.90 34.46 9.28
C PHE C 346 14.22 35.40 10.44
N LYS C 347 14.52 36.68 10.17
CA LYS C 347 15.00 37.54 11.23
C LYS C 347 13.90 37.89 12.24
N HIS C 348 12.63 37.72 11.89
CA HIS C 348 11.54 38.04 12.79
C HIS C 348 11.33 37.02 13.91
N MET C 349 12.06 35.91 13.91
CA MET C 349 11.79 34.89 14.92
C MET C 349 12.11 35.42 16.31
N TYR C 350 11.20 35.16 17.26
CA TYR C 350 11.29 35.75 18.60
C TYR C 350 12.35 35.07 19.46
N TRP C 351 12.63 33.80 19.19
CA TRP C 351 13.68 33.04 19.86
C TRP C 351 14.71 32.65 18.81
N THR C 352 15.98 32.82 19.14
CA THR C 352 17.07 32.55 18.21
C THR C 352 17.47 31.07 18.27
N MET C 353 18.31 30.67 17.32
CA MET C 353 18.81 29.30 17.32
C MET C 353 19.59 29.01 18.60
N ALA C 354 20.43 29.97 19.01
CA ALA C 354 21.20 29.80 20.24
C ALA C 354 20.28 29.58 21.44
N GLN C 355 19.23 30.39 21.54
CA GLN C 355 18.27 30.22 22.64
C GLN C 355 17.56 28.89 22.55
N GLN C 356 17.28 28.43 21.33
CA GLN C 356 16.61 27.15 21.16
C GLN C 356 17.50 26.01 21.62
N LEU C 357 18.77 26.01 21.20
CA LEU C 357 19.66 24.93 21.59
C LEU C 357 19.96 24.97 23.08
N ALA C 358 20.12 26.17 23.64
CA ALA C 358 20.28 26.30 25.08
C ALA C 358 19.11 25.65 25.81
N HIS C 359 17.89 25.95 25.38
CA HIS C 359 16.72 25.43 26.08
C HIS C 359 16.57 23.92 25.89
N HIS C 360 16.86 23.42 24.67
CA HIS C 360 16.81 21.99 24.38
C HIS C 360 17.69 21.18 25.33
N THR C 361 18.78 21.78 25.81
CA THR C 361 19.79 21.04 26.55
C THR C 361 19.88 21.44 28.01
N VAL C 362 19.08 22.41 28.47
CA VAL C 362 19.29 22.95 29.80
C VAL C 362 19.01 21.91 30.87
N SER C 363 18.10 20.98 30.62
CA SER C 363 17.74 19.93 31.55
C SER C 363 18.55 18.65 31.37
N GLY C 364 19.54 18.65 30.47
CA GLY C 364 20.42 17.52 30.35
C GLY C 364 20.28 16.74 29.07
N CYS C 365 19.31 17.07 28.22
CA CYS C 365 19.15 16.35 26.96
C CYS C 365 20.42 16.46 26.12
N ASN C 366 20.83 15.36 25.51
CA ASN C 366 22.01 15.40 24.66
C ASN C 366 21.60 15.63 23.21
N THR C 367 22.57 16.08 22.41
CA THR C 367 22.40 16.23 20.97
C THR C 367 23.55 15.51 20.27
N ARG C 368 23.36 15.25 18.98
CA ARG C 368 24.27 14.44 18.18
C ARG C 368 24.51 15.10 16.82
N VAL C 369 25.68 14.82 16.25
CA VAL C 369 25.99 15.33 14.92
C VAL C 369 24.92 14.87 13.95
N GLY C 370 24.40 15.82 13.15
CA GLY C 370 23.33 15.54 12.21
C GLY C 370 21.93 15.77 12.73
N ASP C 371 21.77 16.08 14.02
CA ASP C 371 20.46 16.44 14.54
C ASP C 371 19.92 17.65 13.78
N LEU C 372 18.61 17.66 13.57
CA LEU C 372 17.91 18.68 12.81
C LEU C 372 16.96 19.43 13.74
N MET C 373 16.99 20.75 13.70
CA MET C 373 16.18 21.56 14.61
C MET C 373 15.40 22.60 13.82
N GLY C 374 14.10 22.36 13.69
CA GLY C 374 13.24 23.28 12.99
C GLY C 374 12.89 24.48 13.83
N SER C 375 12.73 25.62 13.16
CA SER C 375 12.49 26.90 13.81
C SER C 375 11.07 27.04 14.31
N GLY C 376 10.13 26.27 13.78
CA GLY C 376 8.74 26.60 13.85
C GLY C 376 8.34 27.49 12.68
N THR C 377 7.03 27.56 12.42
CA THR C 377 6.52 28.31 11.28
C THR C 377 6.96 29.77 11.39
N ILE C 378 7.46 30.32 10.28
CA ILE C 378 7.98 31.67 10.23
C ILE C 378 6.91 32.59 9.64
N SER C 379 6.36 33.46 10.47
CA SER C 379 5.32 34.41 10.06
C SER C 379 5.80 35.83 10.34
N GLY C 380 5.65 36.70 9.36
CA GLY C 380 6.06 38.08 9.49
C GLY C 380 4.95 38.97 10.02
N PRO C 381 5.18 40.29 10.04
CA PRO C 381 4.18 41.21 10.59
C PRO C 381 3.04 41.54 9.63
N THR C 382 3.14 41.17 8.36
CA THR C 382 2.12 41.52 7.38
C THR C 382 1.35 40.28 6.92
N GLU C 383 0.11 40.52 6.48
CA GLU C 383 -0.79 39.43 6.11
C GLU C 383 -0.30 38.63 4.91
N ASP C 384 0.67 39.13 4.17
CA ASP C 384 1.29 38.39 3.07
C ASP C 384 2.64 37.83 3.46
N SER C 385 2.91 37.69 4.75
CA SER C 385 4.15 37.13 5.26
C SER C 385 3.93 35.93 6.17
N PHE C 386 2.70 35.43 6.29
CA PHE C 386 2.45 34.30 7.15
C PHE C 386 3.00 33.01 6.53
N GLY C 387 3.39 32.07 7.37
CA GLY C 387 4.07 30.89 6.92
C GLY C 387 3.23 29.64 6.75
N SER C 388 1.90 29.76 6.75
CA SER C 388 1.04 28.60 6.55
C SER C 388 -0.26 29.05 5.92
N LEU C 389 -0.88 28.16 5.14
CA LEU C 389 -2.17 28.51 4.55
C LEU C 389 -3.24 28.66 5.62
N LEU C 390 -3.08 27.97 6.76
CA LEU C 390 -3.97 28.19 7.89
C LEU C 390 -4.06 29.66 8.27
N GLU C 391 -2.92 30.35 8.27
CA GLU C 391 -2.91 31.79 8.55
C GLU C 391 -3.26 32.60 7.32
N LEU C 392 -2.67 32.26 6.17
CA LEU C 392 -2.85 33.05 4.96
C LEU C 392 -4.32 33.13 4.54
N THR C 393 -5.11 32.10 4.86
CA THR C 393 -6.53 32.07 4.52
C THR C 393 -7.44 32.14 5.73
N TRP C 394 -6.87 32.36 6.92
CA TRP C 394 -7.64 32.39 8.16
CA TRP C 394 -7.57 32.34 8.21
C TRP C 394 -8.52 31.15 8.29
N ASN C 395 -7.89 29.97 8.22
CA ASN C 395 -8.58 28.69 8.34
C ASN C 395 -9.59 28.49 7.22
N GLY C 396 -9.30 29.02 6.03
CA GLY C 396 -10.18 28.90 4.89
C GLY C 396 -11.26 29.96 4.81
N LYS C 397 -11.40 30.79 5.84
CA LYS C 397 -12.44 31.81 5.84
C LYS C 397 -12.23 32.81 4.71
N LYS C 398 -10.98 33.12 4.38
CA LYS C 398 -10.65 34.05 3.29
C LYS C 398 -9.67 33.35 2.35
N PRO C 399 -10.17 32.55 1.40
CA PRO C 399 -9.28 31.85 0.48
C PRO C 399 -8.40 32.85 -0.27
N LEU C 400 -7.25 32.38 -0.72
CA LEU C 400 -6.32 33.24 -1.43
C LEU C 400 -6.41 32.98 -2.92
N GLU C 401 -6.12 34.02 -3.70
CA GLU C 401 -6.16 33.96 -5.15
C GLU C 401 -4.77 33.64 -5.68
N LEU C 402 -4.70 32.69 -6.61
CA LEU C 402 -3.44 32.31 -7.23
C LEU C 402 -3.16 33.22 -8.42
N ARG C 403 -1.94 33.77 -8.48
CA ARG C 403 -1.57 34.69 -9.56
C ARG C 403 -1.83 34.07 -10.92
N GLU C 404 -1.45 32.81 -11.10
CA GLU C 404 -1.62 32.11 -12.37
C GLU C 404 -2.91 31.30 -12.42
N GLY C 405 -3.95 31.72 -11.72
CA GLY C 405 -5.26 31.11 -11.83
C GLY C 405 -5.66 30.14 -10.74
N GLY C 406 -6.88 30.31 -10.20
CA GLY C 406 -7.43 29.45 -9.18
C GLY C 406 -7.37 30.07 -7.79
N THR C 407 -8.08 29.43 -6.86
CA THR C 407 -8.07 29.82 -5.44
C THR C 407 -7.79 28.60 -4.57
N ARG C 408 -7.26 28.86 -3.39
CA ARG C 408 -6.93 27.78 -2.46
C ARG C 408 -7.33 28.16 -1.04
N SER C 409 -7.91 27.20 -0.34
CA SER C 409 -7.96 27.25 1.11
C SER C 409 -6.77 26.47 1.65
N PHE C 410 -6.84 25.13 1.61
CA PHE C 410 -5.71 24.28 1.97
C PHE C 410 -5.19 23.59 0.72
N ILE C 411 -4.17 22.76 0.88
CA ILE C 411 -3.47 22.20 -0.27
C ILE C 411 -4.35 21.17 -0.97
N GLU C 412 -4.39 21.23 -2.30
CA GLU C 412 -5.17 20.30 -3.10
C GLU C 412 -4.25 19.25 -3.71
N ASP C 413 -4.81 18.06 -3.96
CA ASP C 413 -4.06 17.01 -4.62
C ASP C 413 -3.41 17.51 -5.89
N GLY C 414 -2.14 17.14 -6.08
CA GLY C 414 -1.39 17.54 -7.23
C GLY C 414 -0.67 18.88 -7.10
N ASP C 415 -1.05 19.70 -6.13
CA ASP C 415 -0.34 20.94 -5.88
C ASP C 415 1.13 20.66 -5.57
N GLU C 416 1.99 21.54 -6.05
CA GLU C 416 3.41 21.48 -5.72
C GLU C 416 3.77 22.72 -4.90
N LEU C 417 4.20 22.50 -3.67
CA LEU C 417 4.58 23.57 -2.74
C LEU C 417 6.10 23.69 -2.71
N THR C 418 6.63 24.87 -2.99
CA THR C 418 8.07 25.09 -3.05
C THR C 418 8.47 26.21 -2.09
N LEU C 419 9.31 25.87 -1.12
CA LEU C 419 9.99 26.84 -0.27
C LEU C 419 11.31 27.24 -0.92
N ALA C 420 11.59 28.54 -0.91
CA ALA C 420 12.86 29.07 -1.40
C ALA C 420 13.34 30.11 -0.41
N GLY C 421 14.64 30.38 -0.43
CA GLY C 421 15.20 31.36 0.47
C GLY C 421 16.61 31.77 0.11
N TRP C 422 16.99 32.96 0.56
CA TRP C 422 18.31 33.48 0.24
C TRP C 422 18.61 34.68 1.14
N CYS C 423 19.91 34.94 1.29
CA CYS C 423 20.40 36.14 1.96
C CYS C 423 20.85 37.14 0.90
N GLN C 424 20.43 38.38 1.04
CA GLN C 424 20.70 39.42 0.04
C GLN C 424 21.90 40.25 0.45
N GLY C 425 22.94 40.24 -0.38
CA GLY C 425 24.08 41.12 -0.22
C GLY C 425 24.16 42.13 -1.34
N GLU C 426 25.27 42.88 -1.35
CA GLU C 426 25.48 43.91 -2.37
C GLU C 426 25.81 43.24 -3.69
N GLY C 427 24.83 43.15 -4.59
CA GLY C 427 25.03 42.54 -5.89
C GLY C 427 25.22 41.03 -5.91
N TYR C 428 24.95 40.33 -4.80
CA TYR C 428 25.07 38.87 -4.79
C TYR C 428 24.11 38.30 -3.77
N ARG C 429 23.96 36.97 -3.80
CA ARG C 429 23.09 36.27 -2.87
C ARG C 429 23.80 35.03 -2.34
N VAL C 430 23.49 34.67 -1.09
CA VAL C 430 23.84 33.38 -0.51
C VAL C 430 22.51 32.69 -0.21
N GLY C 431 22.17 31.68 -1.01
CA GLY C 431 20.83 31.13 -1.01
C GLY C 431 20.79 29.63 -0.78
N PHE C 432 19.55 29.14 -0.63
CA PHE C 432 19.29 27.80 -0.10
C PHE C 432 18.80 26.79 -1.14
N GLY C 433 18.64 27.18 -2.40
CA GLY C 433 17.98 26.21 -3.26
C GLY C 433 16.51 26.11 -2.90
N VAL C 434 15.90 24.96 -3.20
CA VAL C 434 14.46 24.82 -2.99
C VAL C 434 14.17 23.63 -2.08
N CYS C 435 13.00 23.69 -1.45
CA CYS C 435 12.43 22.64 -0.60
C CYS C 435 11.03 22.37 -1.15
N ALA C 436 10.93 21.42 -2.07
CA ALA C 436 9.71 21.23 -2.84
C ALA C 436 9.08 19.87 -2.56
N GLY C 437 7.77 19.81 -2.74
CA GLY C 437 7.04 18.56 -2.74
C GLY C 437 5.71 18.66 -3.47
N GLU C 438 5.34 17.60 -4.17
CA GLU C 438 4.02 17.50 -4.78
C GLU C 438 3.17 16.55 -3.94
N ILE C 439 1.90 16.90 -3.75
CA ILE C 439 0.98 16.11 -2.93
C ILE C 439 0.32 15.06 -3.81
N LEU C 440 0.36 13.82 -3.37
CA LEU C 440 -0.33 12.68 -3.96
C LEU C 440 -1.68 12.47 -3.28
N PRO C 441 -2.67 11.98 -4.02
CA PRO C 441 -3.99 11.72 -3.41
C PRO C 441 -3.86 10.68 -2.31
N ALA C 442 -4.73 10.78 -1.32
CA ALA C 442 -4.72 9.78 -0.26
C ALA C 442 -5.11 8.42 -0.82
N LEU C 443 -4.55 7.37 -0.22
CA LEU C 443 -4.98 6.01 -0.53
C LEU C 443 -6.48 5.87 -0.33
N LYS C 444 -7.16 5.27 -1.31
CA LYS C 444 -8.59 5.07 -1.20
C LYS C 444 -8.91 3.76 -0.46
N SER D 12 7.40 -24.79 12.69
CA SER D 12 6.59 -24.04 13.65
C SER D 12 6.20 -24.94 14.82
N SER D 13 6.03 -26.23 14.54
CA SER D 13 5.89 -27.17 15.66
C SER D 13 7.18 -27.22 16.48
N ASP D 14 8.33 -27.10 15.81
CA ASP D 14 9.59 -26.91 16.52
C ASP D 14 9.56 -25.65 17.38
N LEU D 15 8.96 -24.56 16.87
CA LEU D 15 8.86 -23.35 17.67
C LEU D 15 8.00 -23.59 18.91
N GLN D 16 6.92 -24.34 18.77
CA GLN D 16 6.02 -24.58 19.89
C GLN D 16 6.70 -25.35 21.00
N ALA D 17 7.53 -26.34 20.66
CA ALA D 17 8.24 -27.11 21.67
C ALA D 17 9.21 -26.24 22.47
N THR D 18 9.70 -25.14 21.89
CA THR D 18 10.55 -24.23 22.66
C THR D 18 9.77 -23.49 23.74
N LEU D 19 8.43 -23.51 23.68
CA LEU D 19 7.57 -22.89 24.66
C LEU D 19 7.12 -23.85 25.75
N ASP D 20 7.44 -25.13 25.62
CA ASP D 20 6.93 -26.18 26.52
C ASP D 20 7.44 -25.97 27.94
N PRO D 21 6.56 -25.71 28.91
CA PRO D 21 7.02 -25.47 30.29
C PRO D 21 7.79 -26.63 30.89
N SER D 22 7.60 -27.85 30.39
CA SER D 22 8.33 -28.99 30.94
C SER D 22 9.79 -29.04 30.49
N ARG D 23 10.20 -28.22 29.52
CA ARG D 23 11.60 -28.23 29.09
C ARG D 23 12.50 -27.64 30.17
N LYS D 24 13.70 -28.20 30.29
CA LYS D 24 14.69 -27.75 31.26
C LYS D 24 16.07 -27.75 30.62
N SER D 25 16.98 -27.02 31.24
CA SER D 25 18.33 -26.78 30.74
C SER D 25 19.37 -27.51 31.59
N TRP D 26 20.51 -27.84 30.97
CA TRP D 26 21.67 -28.29 31.75
C TRP D 26 22.41 -27.13 32.38
N VAL D 27 22.05 -25.90 32.01
CA VAL D 27 22.40 -24.70 32.76
C VAL D 27 21.45 -24.66 33.95
N GLU D 28 21.91 -25.13 35.12
CA GLU D 28 20.96 -25.41 36.20
C GLU D 28 20.35 -24.13 36.76
N SER D 29 21.05 -23.01 36.71
CA SER D 29 20.45 -21.77 37.19
C SER D 29 19.24 -21.35 36.36
N ALA D 30 19.17 -21.79 35.09
CA ALA D 30 17.99 -21.52 34.29
C ALA D 30 16.75 -22.25 34.81
N ASN D 31 16.94 -23.30 35.60
CA ASN D 31 15.82 -24.07 36.10
C ASN D 31 15.27 -23.55 37.42
N ASN D 32 15.82 -22.46 37.95
CA ASN D 32 15.28 -21.85 39.16
C ASN D 32 13.84 -21.37 38.90
N PRO D 33 12.86 -21.82 39.68
CA PRO D 33 11.46 -21.47 39.38
C PRO D 33 11.18 -19.97 39.35
N THR D 34 11.94 -19.15 40.09
CA THR D 34 11.69 -17.71 40.10
C THR D 34 12.74 -16.92 39.32
N GLY D 35 13.68 -17.59 38.63
CA GLY D 35 14.61 -16.88 37.79
C GLY D 35 13.96 -16.41 36.49
N ASP D 36 14.44 -15.26 35.99
CA ASP D 36 13.88 -14.67 34.77
C ASP D 36 14.28 -15.45 33.52
N PHE D 37 15.46 -16.07 33.51
CA PHE D 37 16.01 -16.57 32.27
C PHE D 37 15.97 -18.09 32.17
N SER D 38 14.75 -18.61 32.22
CA SER D 38 14.43 -20.00 31.95
C SER D 38 14.74 -20.37 30.50
N ILE D 39 14.84 -21.67 30.23
CA ILE D 39 15.06 -22.10 28.85
C ILE D 39 13.90 -21.67 27.96
N GLN D 40 12.73 -21.37 28.53
CA GLN D 40 11.58 -20.89 27.78
C GLN D 40 11.71 -19.44 27.36
N ASN D 41 12.67 -18.69 27.92
CA ASN D 41 12.80 -17.27 27.61
C ASN D 41 13.70 -17.05 26.41
N LEU D 42 15.01 -17.17 26.60
CA LEU D 42 16.01 -16.94 25.56
C LEU D 42 15.89 -15.52 24.99
N PRO D 43 16.12 -14.50 25.81
CA PRO D 43 16.08 -13.12 25.29
C PRO D 43 17.41 -12.72 24.68
N PHE D 44 17.36 -11.72 23.81
CA PHE D 44 18.54 -11.25 23.08
C PHE D 44 19.10 -9.96 23.67
N GLY D 45 20.43 -9.87 23.70
CA GLY D 45 21.10 -8.67 24.17
C GLY D 45 22.42 -8.44 23.44
N ILE D 46 23.11 -7.38 23.85
CA ILE D 46 24.44 -7.05 23.35
C ILE D 46 25.35 -6.96 24.57
N PHE D 47 26.45 -7.72 24.56
CA PHE D 47 27.33 -7.76 25.72
C PHE D 47 28.78 -7.68 25.28
N SER D 48 29.65 -7.35 26.23
CA SER D 48 31.08 -7.60 26.14
C SER D 48 31.54 -8.14 27.49
N ASP D 49 32.82 -8.49 27.61
CA ASP D 49 33.26 -9.06 28.88
C ASP D 49 34.76 -8.83 29.04
N GLY D 50 35.31 -9.35 30.13
CA GLY D 50 36.70 -9.10 30.44
C GLY D 50 37.67 -9.78 29.50
N LEU D 51 37.26 -10.91 28.91
CA LEU D 51 38.11 -11.56 27.91
C LEU D 51 38.04 -10.89 26.56
N ASN D 52 36.95 -10.19 26.24
CA ASN D 52 36.76 -9.63 24.91
C ASN D 52 35.86 -8.41 25.02
N ALA D 53 36.42 -7.23 24.77
CA ALA D 53 35.66 -5.99 24.86
C ALA D 53 34.83 -5.72 23.61
N THR D 54 35.02 -6.50 22.55
CA THR D 54 34.21 -6.37 21.34
C THR D 54 32.77 -6.77 21.63
N ARG D 55 31.82 -5.90 21.30
CA ARG D 55 30.42 -6.20 21.58
CA ARG D 55 30.43 -6.21 21.59
C ARG D 55 29.90 -7.26 20.62
N ARG D 56 29.01 -8.11 21.12
CA ARG D 56 28.43 -9.17 20.31
C ARG D 56 27.07 -9.55 20.87
N VAL D 57 26.34 -10.31 20.08
CA VAL D 57 25.01 -10.76 20.43
C VAL D 57 25.11 -11.89 21.44
N GLY D 58 24.26 -11.83 22.46
CA GLY D 58 24.17 -12.89 23.44
C GLY D 58 22.71 -13.16 23.78
N VAL D 59 22.49 -14.36 24.30
CA VAL D 59 21.17 -14.78 24.78
C VAL D 59 21.31 -15.19 26.24
N ALA D 60 20.48 -14.61 27.11
CA ALA D 60 20.56 -14.91 28.53
C ALA D 60 19.99 -16.30 28.82
N ILE D 61 20.64 -17.01 29.74
CA ILE D 61 20.18 -18.32 30.19
C ILE D 61 20.67 -18.51 31.62
N GLY D 62 19.73 -18.67 32.55
CA GLY D 62 20.06 -18.66 33.97
C GLY D 62 20.85 -17.41 34.33
N ASP D 63 21.90 -17.61 35.14
CA ASP D 63 22.81 -16.55 35.51
C ASP D 63 23.88 -16.29 34.46
N SER D 64 23.71 -16.80 33.23
CA SER D 64 24.78 -16.79 32.24
C SER D 64 24.27 -16.20 30.92
N ILE D 65 25.17 -16.20 29.94
CA ILE D 65 24.95 -15.63 28.62
C ILE D 65 25.57 -16.57 27.60
N VAL D 66 24.82 -16.90 26.55
CA VAL D 66 25.36 -17.65 25.44
C VAL D 66 25.92 -16.68 24.41
N ASP D 67 27.19 -16.83 24.08
CA ASP D 67 27.87 -16.01 23.07
C ASP D 67 27.50 -16.59 21.71
N LEU D 68 26.58 -15.91 21.01
CA LEU D 68 26.07 -16.46 19.75
C LEU D 68 27.15 -16.52 18.68
N ALA D 69 28.01 -15.50 18.61
CA ALA D 69 29.11 -15.53 17.64
C ALA D 69 30.02 -16.70 17.91
N ALA D 70 30.24 -17.04 19.18
CA ALA D 70 31.05 -18.20 19.54
C ALA D 70 30.40 -19.49 19.07
N LEU D 71 29.07 -19.63 19.27
CA LEU D 71 28.41 -20.84 18.81
C LEU D 71 28.34 -20.89 17.29
N GLU D 72 28.21 -19.75 16.63
CA GLU D 72 28.24 -19.74 15.17
C GLU D 72 29.61 -20.15 14.65
N SER D 73 30.68 -19.58 15.23
CA SER D 73 32.04 -19.97 14.87
C SER D 73 32.28 -21.46 15.12
N ALA D 74 31.67 -22.01 16.18
CA ALA D 74 31.82 -23.42 16.48
C ALA D 74 30.98 -24.31 15.57
N GLY D 75 30.13 -23.73 14.73
CA GLY D 75 29.31 -24.52 13.84
C GLY D 75 28.03 -25.06 14.45
N LEU D 76 27.63 -24.57 15.61
CA LEU D 76 26.40 -25.01 16.27
C LEU D 76 25.24 -24.05 16.08
N LEU D 77 25.44 -22.95 15.36
CA LEU D 77 24.40 -21.95 15.18
C LEU D 77 24.55 -21.35 13.79
N SER D 78 23.45 -21.28 13.05
CA SER D 78 23.47 -20.84 11.66
C SER D 78 22.39 -19.77 11.44
N VAL D 79 22.77 -18.74 10.70
CA VAL D 79 21.86 -17.67 10.26
C VAL D 79 22.04 -17.52 8.75
N PRO D 80 21.15 -16.83 8.06
CA PRO D 80 21.43 -16.45 6.67
C PRO D 80 22.64 -15.53 6.60
N SER D 81 23.31 -15.54 5.45
CA SER D 81 24.52 -14.76 5.25
C SER D 81 24.24 -13.25 5.30
N ASP D 86 31.19 -10.93 7.53
CA ASP D 86 30.89 -10.37 8.85
C ASP D 86 29.58 -10.94 9.37
N SER D 87 29.64 -11.56 10.55
CA SER D 87 28.47 -12.19 11.14
C SER D 87 27.64 -11.16 11.91
N VAL D 88 26.32 -11.24 11.74
CA VAL D 88 25.40 -10.33 12.42
C VAL D 88 25.45 -10.47 13.93
N PHE D 89 26.11 -11.53 14.43
CA PHE D 89 26.26 -11.71 15.86
C PHE D 89 27.42 -10.89 16.42
N VAL D 90 28.32 -10.42 15.57
CA VAL D 90 29.40 -9.54 16.02
C VAL D 90 29.06 -8.13 15.59
N ARG D 91 28.17 -7.49 16.35
CA ARG D 91 27.71 -6.14 16.08
C ARG D 91 27.55 -5.41 17.41
N ASP D 92 27.59 -4.08 17.34
CA ASP D 92 27.32 -3.24 18.51
C ASP D 92 25.85 -3.13 18.84
N ALA D 93 24.99 -3.76 18.05
CA ALA D 93 23.55 -3.61 18.21
C ALA D 93 22.88 -4.83 17.58
N LEU D 94 21.67 -5.12 18.04
CA LEU D 94 20.90 -6.25 17.51
C LEU D 94 20.26 -5.95 16.16
N ASN D 95 20.37 -4.71 15.67
CA ASN D 95 19.61 -4.26 14.50
C ASN D 95 19.79 -5.17 13.29
N ASP D 96 21.05 -5.47 12.96
CA ASP D 96 21.32 -6.25 11.75
C ASP D 96 20.79 -7.67 11.86
N PHE D 97 20.87 -8.27 13.05
CA PHE D 97 20.28 -9.59 13.24
C PHE D 97 18.76 -9.51 13.14
N ILE D 98 18.15 -8.54 13.82
CA ILE D 98 16.70 -8.40 13.79
C ILE D 98 16.20 -8.21 12.36
N ALA D 99 16.95 -7.46 11.55
CA ALA D 99 16.54 -7.21 10.18
C ALA D 99 16.48 -8.47 9.34
N LEU D 100 17.11 -9.56 9.80
CA LEU D 100 17.01 -10.84 9.09
C LEU D 100 15.58 -11.35 9.03
N GLY D 101 14.75 -10.99 9.99
CA GLY D 101 13.35 -11.34 9.95
C GLY D 101 12.97 -12.49 10.87
N ARG D 102 11.65 -12.66 11.01
CA ARG D 102 11.10 -13.54 12.04
C ARG D 102 11.53 -15.00 11.86
N ASP D 103 11.57 -15.49 10.62
CA ASP D 103 12.04 -16.85 10.40
C ASP D 103 13.46 -17.06 10.91
N ALA D 104 14.30 -16.04 10.80
CA ALA D 104 15.65 -16.11 11.36
C ALA D 104 15.61 -16.11 12.89
N TRP D 105 14.80 -15.22 13.48
CA TRP D 105 14.72 -15.21 14.95
C TRP D 105 14.30 -16.58 15.47
N ARG D 106 13.37 -17.22 14.76
CA ARG D 106 12.83 -18.51 15.19
C ARG D 106 13.81 -19.64 14.95
N SER D 107 14.50 -19.62 13.81
CA SER D 107 15.53 -20.63 13.58
C SER D 107 16.61 -20.56 14.64
N VAL D 108 17.00 -19.35 15.06
CA VAL D 108 18.00 -19.23 16.11
C VAL D 108 17.43 -19.68 17.44
N ARG D 109 16.19 -19.27 17.75
CA ARG D 109 15.56 -19.71 18.99
C ARG D 109 15.46 -21.22 19.09
N VAL D 110 15.09 -21.88 17.99
CA VAL D 110 14.94 -23.34 17.99
C VAL D 110 16.30 -24.01 18.16
N GLN D 111 17.31 -23.56 17.41
CA GLN D 111 18.65 -24.12 17.55
C GLN D 111 19.15 -23.99 18.98
N LEU D 112 19.02 -22.79 19.56
CA LEU D 112 19.50 -22.54 20.91
C LEU D 112 18.74 -23.36 21.94
N SER D 113 17.42 -23.45 21.78
CA SER D 113 16.60 -24.20 22.74
C SER D 113 17.03 -25.66 22.80
N ARG D 114 17.26 -26.26 21.63
CA ARG D 114 17.76 -27.64 21.58
C ARG D 114 19.10 -27.74 22.29
N LEU D 115 20.05 -26.86 21.93
CA LEU D 115 21.40 -26.96 22.47
C LEU D 115 21.40 -26.81 23.98
N LEU D 116 20.55 -25.95 24.50
CA LEU D 116 20.49 -25.72 25.95
C LEU D 116 19.67 -26.77 26.68
N SER D 117 18.93 -27.59 25.96
CA SER D 117 18.09 -28.60 26.60
C SER D 117 18.96 -29.65 27.29
N ARG D 118 18.46 -30.15 28.42
CA ARG D 118 19.31 -30.94 29.31
C ARG D 118 19.79 -32.24 28.66
N ASP D 119 19.05 -32.79 27.70
CA ASP D 119 19.44 -34.05 27.09
C ASP D 119 20.31 -33.89 25.85
N ASP D 120 20.51 -32.67 25.37
CA ASP D 120 21.41 -32.44 24.25
C ASP D 120 22.84 -32.44 24.78
N ALA D 121 23.67 -33.31 24.23
CA ALA D 121 25.06 -33.42 24.63
C ALA D 121 26.00 -32.52 23.84
N THR D 122 25.55 -31.97 22.71
CA THR D 122 26.46 -31.29 21.77
C THR D 122 27.29 -30.21 22.45
N LEU D 123 26.63 -29.22 23.05
CA LEU D 123 27.34 -28.18 23.78
C LEU D 123 27.59 -28.54 25.24
N ARG D 124 26.66 -29.28 25.85
CA ARG D 124 26.75 -29.63 27.26
C ARG D 124 28.06 -30.32 27.61
N ASP D 125 28.52 -31.24 26.76
CA ASP D 125 29.70 -32.05 27.03
C ASP D 125 30.94 -31.55 26.33
N ASP D 126 30.91 -30.36 25.75
CA ASP D 126 32.10 -29.73 25.18
C ASP D 126 32.62 -28.75 26.21
N ALA D 127 33.39 -29.27 27.18
CA ALA D 127 33.87 -28.45 28.28
C ALA D 127 34.65 -27.23 27.79
N GLU D 128 35.47 -27.39 26.76
CA GLU D 128 36.26 -26.26 26.26
C GLU D 128 35.35 -25.20 25.64
N LEU D 129 34.49 -25.61 24.70
CA LEU D 129 33.56 -24.65 24.09
C LEU D 129 32.61 -24.07 25.13
N ARG D 130 32.07 -24.92 26.00
CA ARG D 130 31.13 -24.47 27.01
C ARG D 130 31.78 -23.44 27.96
N GLY D 131 33.03 -23.68 28.36
CA GLY D 131 33.72 -22.71 29.19
C GLY D 131 33.95 -21.37 28.52
N ARG D 132 33.93 -21.35 27.19
CA ARG D 132 34.19 -20.15 26.41
C ARG D 132 32.90 -19.50 25.90
N ALA D 133 31.96 -20.30 25.38
CA ALA D 133 30.74 -19.77 24.79
C ALA D 133 29.66 -19.45 25.82
N LEU D 134 29.78 -19.95 27.05
CA LEU D 134 28.86 -19.60 28.14
C LEU D 134 29.60 -18.72 29.15
N ILE D 135 29.12 -17.49 29.32
CA ILE D 135 29.79 -16.49 30.15
C ILE D 135 28.83 -16.03 31.25
N ARG D 136 29.36 -15.90 32.46
CA ARG D 136 28.54 -15.42 33.58
C ARG D 136 28.13 -13.98 33.35
N GLN D 137 26.85 -13.69 33.63
CA GLN D 137 26.40 -12.30 33.63
C GLN D 137 27.24 -11.45 34.57
N ALA D 138 27.68 -12.03 35.70
CA ALA D 138 28.55 -11.32 36.63
C ALA D 138 29.88 -10.90 36.03
N ASP D 139 30.23 -11.42 34.85
CA ASP D 139 31.46 -11.05 34.16
C ASP D 139 31.23 -10.20 32.93
N ALA D 140 30.00 -9.74 32.72
CA ALA D 140 29.62 -9.17 31.44
C ALA D 140 29.26 -7.70 31.58
N GLN D 141 29.45 -6.97 30.48
CA GLN D 141 28.92 -5.63 30.30
C GLN D 141 27.70 -5.75 29.41
N LEU D 142 26.54 -5.33 29.90
CA LEU D 142 25.34 -5.29 29.06
C LEU D 142 25.21 -3.89 28.47
N HIS D 143 25.05 -3.83 27.16
CA HIS D 143 24.95 -2.57 26.43
C HIS D 143 23.52 -2.37 25.96
N LEU D 144 23.24 -1.14 25.52
CA LEU D 144 21.96 -0.87 24.89
C LEU D 144 21.72 -1.89 23.78
N PRO D 145 20.59 -2.61 23.79
CA PRO D 145 20.48 -3.76 22.89
C PRO D 145 20.25 -3.38 21.44
N VAL D 146 19.69 -2.20 21.15
CA VAL D 146 19.53 -1.77 19.77
C VAL D 146 20.01 -0.32 19.62
N GLN D 147 20.35 0.03 18.39
CA GLN D 147 20.52 1.42 17.99
CA GLN D 147 20.52 1.42 18.01
C GLN D 147 19.14 1.94 17.59
N ILE D 148 18.62 2.89 18.36
CA ILE D 148 17.20 3.27 18.29
C ILE D 148 17.06 4.40 17.27
N PRO D 149 16.47 4.14 16.08
CA PRO D 149 16.27 5.25 15.13
C PRO D 149 15.21 6.21 15.60
N GLY D 150 14.13 5.70 16.21
CA GLY D 150 13.05 6.51 16.71
C GLY D 150 12.48 5.91 18.00
N TYR D 151 12.07 6.78 18.91
CA TYR D 151 11.47 6.39 20.18
C TYR D 151 10.15 7.13 20.31
N THR D 152 9.06 6.37 20.38
CA THR D 152 7.71 6.88 20.52
C THR D 152 7.18 6.40 21.86
N ASP D 153 6.39 7.22 22.53
CA ASP D 153 5.86 6.87 23.82
C ASP D 153 4.37 7.10 23.78
N PHE D 154 3.61 6.10 24.21
CA PHE D 154 2.16 6.25 24.23
C PHE D 154 1.69 6.56 25.64
N TYR D 155 0.45 6.21 25.95
CA TYR D 155 -0.23 6.79 27.11
C TYR D 155 -1.45 5.95 27.40
N SER D 156 -1.30 4.63 27.28
CA SER D 156 -2.46 3.78 27.01
C SER D 156 -3.06 3.14 28.26
N SER D 157 -2.71 3.63 29.46
CA SER D 157 -3.34 3.17 30.70
C SER D 157 -4.48 4.12 31.06
N LYS D 158 -5.72 3.60 31.08
CA LYS D 158 -6.85 4.44 31.43
C LYS D 158 -6.73 4.97 32.85
N GLU D 159 -6.25 4.14 33.77
CA GLU D 159 -6.10 4.60 35.16
C GLU D 159 -5.08 5.72 35.25
N HIS D 160 -3.89 5.51 34.66
CA HIS D 160 -2.85 6.53 34.68
C HIS D 160 -3.34 7.84 34.05
N ALA D 161 -3.86 7.75 32.82
CA ALA D 161 -4.35 8.94 32.13
C ALA D 161 -5.40 9.67 32.96
N THR D 162 -6.32 8.92 33.56
CA THR D 162 -7.32 9.55 34.43
C THR D 162 -6.68 10.17 35.67
N ASN D 163 -5.70 9.48 36.28
CA ASN D 163 -5.07 10.03 37.48
C ASN D 163 -4.33 11.32 37.17
N VAL D 164 -3.40 11.26 36.23
CA VAL D 164 -2.55 12.40 35.92
C VAL D 164 -3.36 13.52 35.28
N GLY D 165 -4.34 13.16 34.44
CA GLY D 165 -5.23 14.17 33.89
C GLY D 165 -5.99 14.93 34.95
N SER D 166 -6.47 14.23 36.00
CA SER D 166 -7.18 14.91 37.06
CA SER D 166 -7.17 14.89 37.08
C SER D 166 -6.28 15.88 37.82
N MET D 167 -4.97 15.65 37.82
CA MET D 167 -4.03 16.52 38.52
C MET D 167 -3.51 17.64 37.65
N PHE D 168 -3.22 17.37 36.38
CA PHE D 168 -2.81 18.44 35.48
C PHE D 168 -3.99 19.33 35.10
N ARG D 169 -5.20 18.77 35.09
CA ARG D 169 -6.38 19.56 34.79
C ARG D 169 -7.43 19.43 35.89
N ASP D 170 -8.59 18.90 35.54
CA ASP D 170 -9.71 18.60 36.41
C ASP D 170 -10.00 17.12 36.33
N PRO D 171 -10.66 16.55 37.36
CA PRO D 171 -11.32 15.25 37.15
C PRO D 171 -12.31 15.29 36.00
N LYS D 172 -13.06 16.40 35.87
CA LYS D 172 -14.03 16.54 34.79
C LYS D 172 -13.37 16.43 33.42
N ASN D 173 -12.11 16.85 33.30
CA ASN D 173 -11.37 16.81 32.04
C ASN D 173 -10.17 15.87 32.13
N ALA D 174 -10.25 14.88 33.03
CA ALA D 174 -9.14 13.94 33.21
C ALA D 174 -8.87 13.14 31.96
N LEU D 175 -9.92 12.52 31.41
CA LEU D 175 -9.85 11.78 30.15
C LEU D 175 -10.56 12.62 29.09
N LEU D 176 -9.82 13.10 28.12
CA LEU D 176 -10.50 13.80 27.03
C LEU D 176 -11.12 12.78 26.06
N PRO D 177 -12.19 13.18 25.36
CA PRO D 177 -12.87 12.22 24.48
C PRO D 177 -11.95 11.51 23.51
N ASN D 178 -10.95 12.21 22.96
CA ASN D 178 -10.07 11.59 21.99
C ASN D 178 -9.31 10.39 22.57
N TRP D 179 -9.14 10.35 23.90
CA TRP D 179 -8.29 9.32 24.49
C TRP D 179 -8.88 7.93 24.26
N SER D 180 -10.21 7.82 24.30
CA SER D 180 -10.88 6.55 24.08
C SER D 180 -11.14 6.26 22.61
N GLU D 181 -10.78 7.19 21.70
CA GLU D 181 -10.89 6.92 20.28
C GLU D 181 -9.56 6.57 19.63
N MET D 182 -8.44 6.91 20.25
CA MET D 182 -7.16 6.60 19.64
C MET D 182 -6.16 6.35 20.75
N PRO D 183 -5.15 5.52 20.51
CA PRO D 183 -4.03 5.47 21.44
C PRO D 183 -3.15 6.70 21.27
N ILE D 184 -3.42 7.76 22.02
CA ILE D 184 -2.62 8.97 21.84
C ILE D 184 -1.16 8.68 22.25
N GLY D 185 -0.27 9.47 21.68
CA GLY D 185 1.16 9.26 21.85
C GLY D 185 1.93 10.46 21.37
N TYR D 186 3.26 10.42 21.55
CA TYR D 186 4.12 11.52 21.16
C TYR D 186 5.50 10.98 20.80
N ASN D 187 6.25 11.78 20.03
CA ASN D 187 7.63 11.44 19.74
C ASN D 187 8.50 11.63 20.97
N GLY D 188 9.23 10.58 21.34
CA GLY D 188 10.26 10.68 22.35
C GLY D 188 11.60 11.05 21.74
N ARG D 189 12.57 11.25 22.63
CA ARG D 189 13.94 11.59 22.26
C ARG D 189 14.79 10.31 22.29
N ALA D 190 15.21 9.85 21.12
CA ALA D 190 15.94 8.58 21.06
C ALA D 190 17.32 8.70 21.70
N SER D 191 17.95 9.87 21.61
CA SER D 191 19.34 10.01 21.99
C SER D 191 19.57 9.79 23.47
N SER D 192 18.55 10.05 24.30
CA SER D 192 18.69 9.96 25.75
C SER D 192 18.16 8.64 26.32
N VAL D 193 17.89 7.65 25.47
CA VAL D 193 17.55 6.32 25.97
C VAL D 193 18.86 5.62 26.32
N VAL D 194 19.00 5.23 27.59
CA VAL D 194 20.22 4.65 28.13
C VAL D 194 19.88 3.29 28.74
N VAL D 195 20.91 2.45 28.85
CA VAL D 195 20.76 1.09 29.32
C VAL D 195 20.81 1.07 30.85
N SER D 196 20.17 0.04 31.43
CA SER D 196 19.99 -0.04 32.88
C SER D 196 21.31 0.11 33.60
N GLY D 197 21.27 0.80 34.74
CA GLY D 197 22.45 1.08 35.53
C GLY D 197 23.12 2.41 35.24
N THR D 198 22.75 3.09 34.15
CA THR D 198 23.28 4.42 33.86
C THR D 198 22.77 5.40 34.92
N PRO D 199 23.64 6.13 35.62
CA PRO D 199 23.13 7.13 36.58
C PRO D 199 22.38 8.23 35.87
N VAL D 200 21.41 8.80 36.57
CA VAL D 200 20.51 9.80 36.00
C VAL D 200 20.66 11.08 36.80
N ARG D 201 21.01 12.15 36.12
CA ARG D 201 21.30 13.43 36.75
C ARG D 201 19.98 14.21 36.89
N ARG D 202 19.66 14.62 38.12
CA ARG D 202 18.47 15.44 38.35
C ARG D 202 18.56 16.69 37.49
N PRO D 203 17.58 16.96 36.62
CA PRO D 203 17.66 18.16 35.77
C PRO D 203 17.33 19.43 36.52
N ASN D 204 18.05 20.49 36.14
CA ASN D 204 17.57 21.86 36.32
C ASN D 204 16.63 22.22 35.18
N GLY D 205 15.82 23.24 35.40
CA GLY D 205 14.90 23.69 34.36
C GLY D 205 14.00 24.77 34.90
N GLN D 206 13.04 25.17 34.07
CA GLN D 206 12.08 26.20 34.47
C GLN D 206 11.00 25.58 35.34
N LEU D 207 10.82 26.14 36.54
CA LEU D 207 9.80 25.74 37.49
C LEU D 207 8.85 26.91 37.69
N LYS D 208 7.56 26.61 37.76
CA LYS D 208 6.54 27.64 37.98
C LYS D 208 6.03 27.47 39.40
N LEU D 209 6.41 28.38 40.27
CA LEU D 209 6.01 28.24 41.65
C LEU D 209 4.68 28.94 41.90
N PRO D 210 3.87 28.44 42.84
CA PRO D 210 2.48 28.92 42.95
C PRO D 210 2.34 30.40 43.24
N ASP D 211 3.27 31.01 43.97
CA ASP D 211 3.10 32.39 44.40
C ASP D 211 4.01 33.38 43.66
N GLN D 212 4.60 32.97 42.54
CA GLN D 212 5.48 33.82 41.76
C GLN D 212 4.94 33.91 40.34
N GLU D 213 4.80 35.15 39.84
CA GLU D 213 4.21 35.35 38.52
C GLU D 213 5.10 34.76 37.42
N ARG D 214 6.42 34.85 37.58
CA ARG D 214 7.32 34.38 36.54
C ARG D 214 8.04 33.11 36.98
N PRO D 215 8.36 32.21 36.05
CA PRO D 215 9.04 30.96 36.43
C PRO D 215 10.44 31.23 36.97
N VAL D 216 10.94 30.26 37.73
CA VAL D 216 12.30 30.31 38.24
C VAL D 216 13.11 29.23 37.54
N PHE D 217 14.43 29.39 37.58
CA PHE D 217 15.35 28.37 37.11
C PHE D 217 15.95 27.67 38.33
N GLY D 218 15.94 26.35 38.34
CA GLY D 218 16.53 25.65 39.47
C GLY D 218 16.35 24.14 39.34
N ALA D 219 16.71 23.46 40.42
CA ALA D 219 16.66 22.00 40.44
C ALA D 219 15.23 21.51 40.44
N CYS D 220 14.98 20.48 39.65
CA CYS D 220 13.68 19.81 39.65
C CYS D 220 13.32 19.39 41.07
N ARG D 221 12.07 19.65 41.45
CA ARG D 221 11.58 19.31 42.78
C ARG D 221 10.62 18.12 42.75
N LYS D 222 10.28 17.61 41.58
CA LYS D 222 9.33 16.50 41.46
C LYS D 222 9.88 15.48 40.45
N LEU D 223 11.01 14.88 40.79
CA LEU D 223 11.60 13.85 39.94
C LEU D 223 10.82 12.54 40.09
N ASP D 224 10.49 11.92 38.97
CA ASP D 224 9.53 10.82 39.00
C ASP D 224 9.98 9.73 38.03
N ILE D 225 9.42 8.53 38.23
CA ILE D 225 9.52 7.43 37.27
C ILE D 225 8.30 7.44 36.38
N GLU D 226 8.35 6.63 35.32
CA GLU D 226 7.15 6.17 34.63
C GLU D 226 7.40 4.71 34.30
N LEU D 227 6.75 3.82 35.06
CA LEU D 227 6.88 2.38 34.84
C LEU D 227 6.20 2.00 33.52
N GLU D 228 6.98 1.50 32.56
CA GLU D 228 6.44 1.14 31.26
C GLU D 228 7.10 -0.12 30.76
N THR D 229 6.55 -0.67 29.68
CA THR D 229 7.32 -1.53 28.80
C THR D 229 7.54 -0.78 27.48
N GLY D 230 8.51 -1.25 26.71
CA GLY D 230 8.70 -0.76 25.35
C GLY D 230 8.83 -1.96 24.42
N PHE D 231 8.21 -1.85 23.25
CA PHE D 231 8.42 -2.92 22.29
C PHE D 231 9.30 -2.40 21.15
N VAL D 232 10.06 -3.32 20.57
CA VAL D 232 11.10 -3.01 19.61
C VAL D 232 10.64 -3.49 18.22
N ILE D 233 10.69 -2.58 17.23
CA ILE D 233 10.22 -2.94 15.89
C ILE D 233 11.19 -3.91 15.25
N GLY D 234 10.67 -5.03 14.74
CA GLY D 234 11.48 -6.03 14.07
C GLY D 234 11.36 -5.98 12.55
N ALA D 235 10.29 -5.36 12.08
CA ALA D 235 10.06 -5.14 10.66
C ALA D 235 9.38 -3.79 10.51
N GLY D 236 9.97 -2.90 9.72
CA GLY D 236 9.46 -1.55 9.60
C GLY D 236 8.33 -1.46 8.60
N ASN D 237 7.96 -0.22 8.28
CA ASN D 237 7.04 0.05 7.19
C ASN D 237 7.47 1.34 6.52
N ALA D 238 7.12 1.46 5.23
CA ALA D 238 7.55 2.57 4.42
C ALA D 238 6.68 3.80 4.65
N LEU D 239 7.21 4.95 4.27
CA LEU D 239 6.44 6.18 4.31
C LEU D 239 5.13 6.04 3.53
N GLY D 240 4.03 6.46 4.14
CA GLY D 240 2.75 6.43 3.46
C GLY D 240 2.08 5.08 3.40
N GLU D 241 2.63 4.05 4.04
CA GLU D 241 2.08 2.70 3.97
C GLU D 241 1.68 2.21 5.35
N PRO D 242 0.42 2.39 5.73
CA PRO D 242 -0.02 2.04 7.08
C PRO D 242 0.15 0.54 7.38
N VAL D 243 0.49 0.25 8.64
CA VAL D 243 0.48 -1.12 9.14
C VAL D 243 -0.91 -1.39 9.69
N THR D 244 -1.59 -2.41 9.15
CA THR D 244 -2.92 -2.69 9.67
C THR D 244 -2.81 -3.31 11.05
N CYS D 245 -3.90 -3.19 11.81
CA CYS D 245 -3.89 -3.69 13.17
C CYS D 245 -3.67 -5.21 13.21
N ALA D 246 -4.31 -5.95 12.30
CA ALA D 246 -4.09 -7.40 12.25
C ALA D 246 -2.64 -7.75 11.93
N ASP D 247 -1.97 -6.94 11.12
CA ASP D 247 -0.60 -7.19 10.71
C ASP D 247 0.42 -6.69 11.73
N ALA D 248 0.00 -5.91 12.71
CA ALA D 248 0.94 -5.16 13.55
C ALA D 248 1.91 -6.05 14.32
N GLU D 249 1.40 -7.11 14.99
CA GLU D 249 2.25 -7.83 15.92
C GLU D 249 3.41 -8.52 15.22
N ALA D 250 3.22 -8.93 13.98
CA ALA D 250 4.27 -9.55 13.18
C ALA D 250 5.33 -8.54 12.75
N HIS D 251 5.16 -7.26 13.06
CA HIS D 251 6.19 -6.24 12.92
C HIS D 251 7.01 -6.02 14.20
N ILE D 252 6.66 -6.70 15.30
CA ILE D 252 7.28 -6.45 16.60
C ILE D 252 8.27 -7.56 16.94
N PHE D 253 9.51 -7.18 17.26
CA PHE D 253 10.52 -8.19 17.58
C PHE D 253 10.38 -8.67 19.02
N GLY D 254 10.34 -7.75 19.97
CA GLY D 254 10.28 -8.14 21.37
C GLY D 254 10.06 -6.94 22.27
N MET D 255 10.27 -7.14 23.56
CA MET D 255 9.90 -6.17 24.57
C MET D 255 11.01 -6.00 25.61
N VAL D 256 11.06 -4.80 26.20
CA VAL D 256 11.94 -4.46 27.30
C VAL D 256 11.13 -3.73 28.37
N LEU D 257 11.73 -3.60 29.55
CA LEU D 257 11.23 -2.69 30.57
C LEU D 257 11.73 -1.28 30.31
N LEU D 258 10.91 -0.29 30.63
CA LEU D 258 11.19 1.08 30.22
C LEU D 258 10.79 2.04 31.33
N ASN D 259 11.78 2.81 31.84
CA ASN D 259 11.53 3.85 32.84
C ASN D 259 11.71 5.21 32.17
N ASP D 260 10.60 5.89 31.92
CA ASP D 260 10.62 7.19 31.26
C ASP D 260 10.67 8.26 32.36
N TRP D 261 11.88 8.51 32.85
CA TRP D 261 12.08 9.50 33.90
C TRP D 261 11.41 10.81 33.53
N SER D 262 10.73 11.42 34.50
CA SER D 262 9.90 12.59 34.26
C SER D 262 10.07 13.60 35.40
N ALA D 263 10.25 14.87 35.03
CA ALA D 263 10.31 15.97 35.98
C ALA D 263 8.96 16.71 35.93
N ARG D 264 8.11 16.47 36.93
CA ARG D 264 6.71 16.89 36.83
C ARG D 264 6.54 18.39 36.90
N ASP D 265 7.40 19.10 37.63
CA ASP D 265 7.26 20.55 37.68
C ASP D 265 7.75 21.18 36.38
N ILE D 266 8.87 20.70 35.84
CA ILE D 266 9.26 21.13 34.50
C ILE D 266 8.16 20.81 33.51
N GLN D 267 7.55 19.62 33.62
CA GLN D 267 6.50 19.22 32.70
C GLN D 267 5.32 20.17 32.74
N GLN D 268 4.81 20.43 33.94
CA GLN D 268 3.59 21.22 34.07
C GLN D 268 3.74 22.58 33.42
N TRP D 269 4.91 23.19 33.52
CA TRP D 269 5.07 24.55 33.01
C TRP D 269 5.28 24.59 31.50
N GLU D 270 5.82 23.53 30.90
CA GLU D 270 6.23 23.60 29.49
C GLU D 270 5.24 23.01 28.50
N TYR D 271 4.35 22.09 28.91
CA TYR D 271 3.79 21.10 27.99
C TYR D 271 2.59 21.60 27.17
N VAL D 272 1.99 22.74 27.51
CA VAL D 272 0.88 23.22 26.68
C VAL D 272 1.45 24.21 25.66
N PRO D 273 1.17 24.05 24.34
CA PRO D 273 0.32 23.05 23.70
C PRO D 273 1.05 21.90 23.01
N LEU D 274 2.38 21.83 23.12
CA LEU D 274 3.14 20.91 22.27
C LEU D 274 3.56 19.65 22.99
N GLY D 275 3.21 19.51 24.26
CA GLY D 275 3.43 18.27 24.96
C GLY D 275 4.69 18.27 25.78
N PRO D 276 4.96 17.14 26.42
CA PRO D 276 6.11 17.06 27.32
C PRO D 276 7.39 17.10 26.50
N PHE D 277 8.38 17.85 26.99
CA PHE D 277 9.61 18.02 26.25
C PHE D 277 10.81 17.88 27.18
N ASN D 278 11.32 19.00 27.73
CA ASN D 278 12.52 18.91 28.58
C ASN D 278 12.27 18.03 29.80
N ALA D 279 11.03 17.92 30.25
CA ALA D 279 10.70 17.13 31.42
C ALA D 279 10.87 15.63 31.21
N LYS D 280 11.01 15.17 29.98
CA LYS D 280 11.15 13.76 29.68
C LYS D 280 12.45 13.39 29.01
N THR D 281 13.06 14.31 28.27
CA THR D 281 14.18 13.96 27.42
C THR D 281 15.53 13.91 28.14
N PHE D 282 15.59 14.25 29.43
CA PHE D 282 16.91 14.20 30.09
C PHE D 282 17.38 12.76 30.31
N ALA D 283 16.46 11.80 30.36
CA ALA D 283 16.88 10.42 30.56
C ALA D 283 15.68 9.51 30.36
N THR D 284 15.90 8.40 29.65
CA THR D 284 14.94 7.29 29.57
C THR D 284 15.76 6.01 29.65
N THR D 285 15.40 5.10 30.56
CA THR D 285 16.16 3.89 30.76
C THR D 285 15.37 2.66 30.29
N ILE D 286 16.07 1.72 29.64
CA ILE D 286 15.48 0.42 29.33
C ILE D 286 16.36 -0.71 29.87
N SER D 287 15.73 -1.84 30.12
CA SER D 287 16.46 -3.05 30.49
C SER D 287 17.26 -3.55 29.29
N PRO D 288 18.29 -4.36 29.53
CA PRO D 288 19.18 -4.77 28.43
C PRO D 288 18.76 -5.99 27.63
N TRP D 289 17.80 -6.80 28.08
CA TRP D 289 17.42 -8.05 27.42
C TRP D 289 16.08 -7.90 26.72
N ILE D 290 16.05 -8.09 25.39
CA ILE D 290 14.81 -8.01 24.63
C ILE D 290 14.15 -9.39 24.70
N VAL D 291 13.02 -9.48 25.40
CA VAL D 291 12.27 -10.72 25.44
C VAL D 291 11.40 -10.78 24.20
N THR D 292 11.55 -11.84 23.40
CA THR D 292 10.86 -11.89 22.12
C THR D 292 9.36 -12.08 22.31
N LEU D 293 8.60 -11.51 21.37
CA LEU D 293 7.16 -11.74 21.35
C LEU D 293 6.83 -13.22 21.29
N ASP D 294 7.64 -13.99 20.55
CA ASP D 294 7.49 -15.44 20.52
C ASP D 294 7.57 -16.03 21.93
N ALA D 295 8.55 -15.61 22.74
CA ALA D 295 8.65 -16.11 24.11
C ALA D 295 7.44 -15.70 24.94
N LEU D 296 6.82 -14.56 24.61
CA LEU D 296 5.68 -14.09 25.38
C LEU D 296 4.37 -14.80 25.02
N GLU D 297 4.37 -15.58 23.94
CA GLU D 297 3.11 -16.13 23.44
C GLU D 297 2.33 -16.93 24.48
N PRO D 298 2.96 -17.75 25.33
CA PRO D 298 2.16 -18.46 26.36
C PRO D 298 1.48 -17.54 27.34
N PHE D 299 1.83 -16.25 27.37
CA PHE D 299 1.30 -15.34 28.36
C PHE D 299 0.36 -14.32 27.73
N ARG D 300 -0.09 -14.58 26.50
CA ARG D 300 -1.13 -13.80 25.84
C ARG D 300 -2.46 -13.98 26.58
N VAL D 301 -3.12 -12.87 26.90
CA VAL D 301 -4.41 -12.88 27.59
C VAL D 301 -5.32 -11.87 26.93
N ALA D 302 -6.61 -11.94 27.29
CA ALA D 302 -7.60 -10.99 26.82
C ALA D 302 -7.31 -9.58 27.32
N GLN D 303 -7.36 -8.61 26.41
CA GLN D 303 -7.21 -7.21 26.76
C GLN D 303 -8.49 -6.68 27.39
N PRO D 304 -8.43 -5.55 28.08
CA PRO D 304 -9.66 -4.97 28.63
C PRO D 304 -10.65 -4.63 27.53
N ALA D 305 -11.94 -4.66 27.86
CA ALA D 305 -12.95 -4.29 26.87
C ALA D 305 -12.92 -2.79 26.62
N GLN D 306 -13.12 -2.40 25.37
CA GLN D 306 -13.08 -0.99 24.98
C GLN D 306 -14.50 -0.48 24.78
N ASP D 307 -14.81 0.64 25.41
CA ASP D 307 -16.10 1.28 25.25
C ASP D 307 -15.85 2.78 25.09
N PRO D 308 -16.16 3.38 23.95
CA PRO D 308 -16.87 2.79 22.79
C PRO D 308 -16.01 1.90 21.92
N GLN D 309 -16.64 1.12 21.05
CA GLN D 309 -15.88 0.34 20.09
C GLN D 309 -15.13 1.30 19.16
N PRO D 310 -13.82 1.16 19.02
CA PRO D 310 -13.05 2.10 18.18
C PRO D 310 -13.39 1.95 16.71
N LEU D 311 -12.93 2.95 15.93
CA LEU D 311 -13.00 2.89 14.48
C LEU D 311 -12.35 1.61 13.97
N ALA D 312 -12.81 1.19 12.78
CA ALA D 312 -12.47 -0.12 12.22
C ALA D 312 -10.96 -0.32 12.13
N TYR D 313 -10.20 0.74 11.80
CA TYR D 313 -8.77 0.50 11.62
C TYR D 313 -8.07 0.16 12.92
N LEU D 314 -8.70 0.38 14.08
CA LEU D 314 -8.11 0.01 15.36
C LEU D 314 -8.62 -1.31 15.91
N ARG D 315 -9.60 -1.95 15.28
CA ARG D 315 -10.18 -3.16 15.83
C ARG D 315 -9.29 -4.36 15.54
N HIS D 316 -9.30 -5.32 16.47
CA HIS D 316 -8.70 -6.62 16.20
C HIS D 316 -9.43 -7.69 17.00
N ASP D 317 -9.65 -8.84 16.38
CA ASP D 317 -10.23 -9.99 17.04
C ASP D 317 -9.15 -10.73 17.83
N GLY D 318 -9.62 -11.60 18.72
CA GLY D 318 -8.70 -12.39 19.51
C GLY D 318 -8.05 -11.60 20.64
N GLU D 319 -7.10 -12.27 21.28
CA GLU D 319 -6.45 -11.74 22.47
C GLU D 319 -5.14 -11.10 22.08
N HIS D 320 -4.91 -9.88 22.59
CA HIS D 320 -3.70 -9.15 22.25
C HIS D 320 -3.01 -8.50 23.45
N ALA D 321 -3.40 -8.84 24.68
CA ALA D 321 -2.71 -8.39 25.88
C ALA D 321 -1.74 -9.47 26.35
N PHE D 322 -0.84 -9.07 27.24
CA PHE D 322 0.20 -9.98 27.73
C PHE D 322 0.28 -9.86 29.24
N ASP D 323 0.29 -11.02 29.90
CA ASP D 323 0.28 -11.17 31.35
C ASP D 323 1.71 -11.00 31.86
N ILE D 324 2.09 -9.76 32.18
CA ILE D 324 3.44 -9.46 32.65
C ILE D 324 3.35 -8.80 34.02
N THR D 325 3.83 -9.49 35.04
CA THR D 325 3.87 -8.92 36.37
C THR D 325 4.98 -7.88 36.43
N LEU D 326 4.67 -6.70 36.98
CA LEU D 326 5.65 -5.61 37.07
C LEU D 326 5.73 -5.10 38.49
N GLU D 327 6.95 -4.74 38.93
CA GLU D 327 7.20 -4.18 40.25
C GLU D 327 8.28 -3.11 40.16
N VAL D 328 8.20 -2.11 41.06
CA VAL D 328 9.24 -1.09 41.21
C VAL D 328 9.68 -1.06 42.65
N THR D 329 10.99 -1.03 42.88
CA THR D 329 11.53 -0.79 44.22
C THR D 329 12.27 0.54 44.24
N LEU D 330 12.27 1.16 45.41
CA LEU D 330 13.03 2.38 45.67
C LEU D 330 13.97 2.10 46.84
N ARG D 331 15.22 2.51 46.72
CA ARG D 331 16.22 2.29 47.76
C ARG D 331 16.95 3.59 48.06
N PRO D 332 16.71 4.20 49.23
CA PRO D 332 17.50 5.38 49.62
C PRO D 332 18.98 5.07 49.70
N GLN D 333 19.79 6.11 49.47
CA GLN D 333 21.24 5.95 49.46
C GLN D 333 21.75 5.25 50.72
N GLN D 334 21.22 5.60 51.89
CA GLN D 334 21.72 4.99 53.12
C GLN D 334 21.08 3.64 53.43
N ALA D 335 20.18 3.14 52.61
CA ALA D 335 19.42 1.94 52.96
C ALA D 335 20.09 0.69 52.43
N LYS D 336 20.09 -0.36 53.26
CA LYS D 336 20.63 -1.66 52.86
C LYS D 336 19.69 -2.41 51.92
N GLU D 337 18.39 -2.21 52.04
CA GLU D 337 17.41 -2.99 51.28
C GLU D 337 16.45 -2.07 50.55
N ALA D 338 16.08 -2.47 49.34
CA ALA D 338 15.11 -1.73 48.55
C ALA D 338 13.69 -1.96 49.07
N SER D 339 12.84 -0.96 48.90
CA SER D 339 11.44 -1.03 49.30
C SER D 339 10.56 -1.08 48.05
N THR D 340 9.68 -2.07 47.99
CA THR D 340 8.78 -2.17 46.84
C THR D 340 7.68 -1.11 46.97
N ILE D 341 7.54 -0.26 45.95
CA ILE D 341 6.58 0.83 46.00
C ILE D 341 5.35 0.60 45.13
N THR D 342 5.38 -0.36 44.22
CA THR D 342 4.18 -0.63 43.44
C THR D 342 4.30 -2.00 42.78
N ARG D 343 3.14 -2.63 42.54
CA ARG D 343 3.08 -3.89 41.81
C ARG D 343 1.90 -3.81 40.86
N THR D 344 2.13 -4.05 39.58
CA THR D 344 1.04 -3.98 38.60
C THR D 344 1.29 -5.02 37.51
N ASN D 345 0.67 -4.81 36.35
CA ASN D 345 0.67 -5.83 35.32
C ASN D 345 0.36 -5.16 33.99
N PHE D 346 1.13 -5.53 32.96
CA PHE D 346 0.96 -4.97 31.61
C PHE D 346 -0.43 -5.22 31.05
N LYS D 347 -1.11 -6.29 31.50
CA LYS D 347 -2.37 -6.68 30.89
C LYS D 347 -3.48 -5.63 31.08
N HIS D 348 -3.29 -4.69 32.01
CA HIS D 348 -4.32 -3.69 32.29
C HIS D 348 -4.40 -2.57 31.24
N MET D 349 -3.45 -2.51 30.30
CA MET D 349 -3.42 -1.40 29.35
C MET D 349 -4.66 -1.42 28.46
N TYR D 350 -5.17 -0.22 28.15
CA TYR D 350 -6.42 -0.07 27.42
C TYR D 350 -6.22 -0.22 25.92
N TRP D 351 -5.07 0.18 25.41
CA TRP D 351 -4.72 -0.01 24.01
C TRP D 351 -3.59 -1.00 23.89
N THR D 352 -3.69 -1.91 22.93
CA THR D 352 -2.67 -2.93 22.76
C THR D 352 -1.52 -2.39 21.93
N MET D 353 -0.39 -3.12 21.95
CA MET D 353 0.73 -2.77 21.08
C MET D 353 0.30 -2.76 19.62
N ALA D 354 -0.52 -3.72 19.21
CA ALA D 354 -1.00 -3.76 17.83
C ALA D 354 -1.77 -2.50 17.47
N GLN D 355 -2.66 -2.06 18.36
CA GLN D 355 -3.40 -0.83 18.14
C GLN D 355 -2.49 0.38 18.15
N GLN D 356 -1.48 0.38 19.03
CA GLN D 356 -0.53 1.49 19.05
C GLN D 356 0.20 1.63 17.72
N LEU D 357 0.77 0.53 17.22
CA LEU D 357 1.51 0.59 15.94
C LEU D 357 0.59 0.92 14.77
N ALA D 358 -0.62 0.34 14.74
CA ALA D 358 -1.57 0.66 13.68
C ALA D 358 -1.90 2.14 13.69
N HIS D 359 -2.07 2.72 14.88
CA HIS D 359 -2.36 4.14 14.95
C HIS D 359 -1.13 4.97 14.58
N HIS D 360 0.05 4.56 15.06
CA HIS D 360 1.28 5.29 14.75
C HIS D 360 1.47 5.51 13.26
N THR D 361 1.01 4.54 12.44
CA THR D 361 1.30 4.50 11.03
C THR D 361 0.09 4.79 10.15
N VAL D 362 -1.10 4.97 10.73
CA VAL D 362 -2.30 5.05 9.91
C VAL D 362 -2.28 6.27 9.00
N SER D 363 -1.55 7.33 9.36
CA SER D 363 -1.49 8.52 8.53
C SER D 363 -0.27 8.56 7.62
N GLY D 364 0.55 7.51 7.60
CA GLY D 364 1.67 7.45 6.68
C GLY D 364 3.04 7.47 7.31
N CYS D 365 3.14 7.66 8.63
CA CYS D 365 4.45 7.64 9.27
C CYS D 365 5.11 6.27 9.10
N ASN D 366 6.39 6.28 8.82
CA ASN D 366 7.16 5.06 8.66
C ASN D 366 7.86 4.65 9.98
N THR D 367 8.25 3.38 10.05
CA THR D 367 8.97 2.87 11.21
C THR D 367 10.16 2.07 10.73
N ARG D 368 11.12 1.88 11.62
CA ARG D 368 12.39 1.27 11.26
C ARG D 368 12.77 0.21 12.29
N VAL D 369 13.54 -0.78 11.81
CA VAL D 369 14.07 -1.82 12.68
C VAL D 369 14.81 -1.16 13.85
N GLY D 370 14.48 -1.57 15.07
CA GLY D 370 15.09 -0.98 16.24
C GLY D 370 14.32 0.17 16.86
N ASP D 371 13.26 0.65 16.21
CA ASP D 371 12.42 1.68 16.82
C ASP D 371 11.89 1.18 18.16
N LEU D 372 11.83 2.08 19.14
CA LEU D 372 11.38 1.79 20.49
C LEU D 372 10.02 2.44 20.73
N MET D 373 9.05 1.66 21.23
CA MET D 373 7.69 2.17 21.42
C MET D 373 7.27 1.93 22.87
N GLY D 374 7.23 3.00 23.66
CA GLY D 374 6.81 2.89 25.05
C GLY D 374 5.31 2.74 25.18
N SER D 375 4.89 1.90 26.12
CA SER D 375 3.48 1.62 26.34
C SER D 375 2.73 2.81 26.94
N GLY D 376 3.45 3.76 27.52
CA GLY D 376 2.87 4.66 28.50
C GLY D 376 2.90 4.05 29.89
N THR D 377 2.76 4.90 30.90
CA THR D 377 2.82 4.45 32.28
C THR D 377 1.76 3.41 32.57
N ILE D 378 2.17 2.30 33.18
CA ILE D 378 1.27 1.19 33.48
C ILE D 378 0.74 1.37 34.90
N SER D 379 -0.51 1.78 35.02
CA SER D 379 -1.19 1.89 36.31
C SER D 379 -2.38 0.93 36.33
N GLY D 380 -2.45 0.12 37.38
CA GLY D 380 -3.57 -0.75 37.58
C GLY D 380 -4.72 -0.08 38.30
N PRO D 381 -5.72 -0.86 38.71
CA PRO D 381 -6.92 -0.26 39.34
C PRO D 381 -6.74 0.12 40.80
N THR D 382 -5.84 -0.54 41.52
CA THR D 382 -5.65 -0.24 42.92
C THR D 382 -4.51 0.76 43.14
N GLU D 383 -4.52 1.38 44.32
CA GLU D 383 -3.57 2.43 44.65
C GLU D 383 -2.15 1.91 44.83
N ASP D 384 -1.98 0.63 45.11
CA ASP D 384 -0.66 0.01 45.21
C ASP D 384 -0.16 -0.48 43.86
N SER D 385 -0.82 -0.10 42.77
CA SER D 385 -0.49 -0.56 41.42
C SER D 385 -0.23 0.59 40.46
N PHE D 386 -0.17 1.83 40.94
CA PHE D 386 0.09 2.96 40.07
C PHE D 386 1.55 2.99 39.66
N GLY D 387 1.80 3.46 38.45
CA GLY D 387 3.11 3.42 37.84
C GLY D 387 3.96 4.66 38.00
N SER D 388 3.57 5.60 38.87
CA SER D 388 4.39 6.79 39.06
C SER D 388 4.24 7.29 40.49
N LEU D 389 5.28 8.00 40.97
CA LEU D 389 5.15 8.59 42.30
C LEU D 389 4.15 9.75 42.29
N LEU D 390 3.99 10.42 41.14
CA LEU D 390 2.91 11.39 40.99
C LEU D 390 1.57 10.77 41.41
N GLU D 391 1.29 9.56 40.92
CA GLU D 391 0.05 8.88 41.26
C GLU D 391 0.10 8.28 42.66
N LEU D 392 1.19 7.57 42.97
CA LEU D 392 1.28 6.84 44.23
C LEU D 392 1.19 7.76 45.43
N THR D 393 1.60 9.01 45.31
CA THR D 393 1.55 9.96 46.41
C THR D 393 0.55 11.08 46.17
N TRP D 394 -0.24 10.99 45.10
CA TRP D 394 -1.18 12.04 44.70
C TRP D 394 -0.51 13.42 44.74
N ASN D 395 0.57 13.53 43.97
CA ASN D 395 1.30 14.79 43.81
C ASN D 395 1.82 15.33 45.14
N GLY D 396 2.26 14.42 46.02
CA GLY D 396 2.80 14.80 47.31
C GLY D 396 1.77 14.92 48.43
N LYS D 397 0.48 14.87 48.11
CA LYS D 397 -0.54 14.98 49.16
C LYS D 397 -0.44 13.85 50.18
N LYS D 398 -0.03 12.66 49.73
CA LYS D 398 0.02 11.47 50.59
C LYS D 398 1.34 10.75 50.39
N PRO D 399 2.37 11.11 51.16
CA PRO D 399 3.69 10.50 50.94
C PRO D 399 3.69 8.99 51.15
N LEU D 400 4.55 8.33 50.39
CA LEU D 400 4.80 6.90 50.53
C LEU D 400 5.67 6.64 51.75
N GLU D 401 5.25 5.68 52.58
CA GLU D 401 6.07 5.16 53.66
C GLU D 401 6.78 3.90 53.14
N LEU D 402 8.10 4.00 52.92
CA LEU D 402 8.85 2.86 52.40
C LEU D 402 8.91 1.74 53.43
N ARG D 403 8.77 0.48 52.97
CA ARG D 403 8.71 -0.64 53.90
C ARG D 403 9.96 -0.69 54.78
N GLU D 404 11.13 -0.33 54.23
CA GLU D 404 12.35 -0.47 55.01
C GLU D 404 12.72 0.77 55.81
N GLY D 405 11.89 1.82 55.77
CA GLY D 405 12.23 3.06 56.44
C GLY D 405 12.31 4.27 55.53
N GLY D 406 11.80 5.39 56.00
CA GLY D 406 11.80 6.63 55.26
C GLY D 406 10.47 6.89 54.58
N THR D 407 10.33 8.13 54.10
CA THR D 407 9.16 8.54 53.36
C THR D 407 9.61 9.24 52.08
N ARG D 408 8.78 9.12 51.04
CA ARG D 408 9.05 9.77 49.78
C ARG D 408 7.76 10.36 49.23
N SER D 409 7.87 11.58 48.71
CA SER D 409 6.89 12.10 47.76
C SER D 409 7.39 11.90 46.34
N PHE D 410 8.53 12.49 46.01
CA PHE D 410 9.19 12.24 44.74
C PHE D 410 10.60 11.72 45.00
N ILE D 411 11.31 11.39 43.92
CA ILE D 411 12.62 10.78 44.04
C ILE D 411 13.62 11.78 44.61
N GLU D 412 14.38 11.35 45.60
CA GLU D 412 15.41 12.19 46.17
C GLU D 412 16.80 11.78 45.67
N ASP D 413 17.76 12.70 45.80
CA ASP D 413 19.12 12.43 45.36
C ASP D 413 19.68 11.17 46.00
N GLY D 414 20.36 10.36 45.19
CA GLY D 414 20.94 9.12 45.63
C GLY D 414 19.96 7.96 45.78
N ASP D 415 18.67 8.17 45.51
CA ASP D 415 17.74 7.04 45.44
C ASP D 415 18.04 6.19 44.20
N GLU D 416 17.98 4.87 44.37
CA GLU D 416 18.00 3.97 43.23
C GLU D 416 16.60 3.41 43.01
N LEU D 417 16.11 3.57 41.78
CA LEU D 417 14.80 3.09 41.33
C LEU D 417 15.02 1.90 40.41
N THR D 418 14.28 0.81 40.65
CA THR D 418 14.46 -0.43 39.88
C THR D 418 13.11 -0.94 39.42
N LEU D 419 12.93 -1.04 38.11
CA LEU D 419 11.81 -1.73 37.48
C LEU D 419 12.17 -3.20 37.31
N ALA D 420 11.24 -4.08 37.67
CA ALA D 420 11.40 -5.52 37.46
C ALA D 420 10.11 -6.08 36.86
N GLY D 421 10.22 -7.18 36.14
CA GLY D 421 9.04 -7.76 35.50
C GLY D 421 9.24 -9.19 35.04
N TRP D 422 8.15 -9.95 35.04
CA TRP D 422 8.22 -11.33 34.59
C TRP D 422 6.81 -11.83 34.28
N CYS D 423 6.75 -12.85 33.41
CA CYS D 423 5.52 -13.60 33.19
C CYS D 423 5.57 -14.86 34.05
N GLN D 424 4.54 -15.05 34.88
CA GLN D 424 4.48 -16.20 35.76
C GLN D 424 3.74 -17.33 35.09
N GLY D 425 4.44 -18.45 34.82
CA GLY D 425 3.83 -19.70 34.44
C GLY D 425 3.89 -20.73 35.56
N GLU D 426 3.47 -21.94 35.22
CA GLU D 426 3.40 -23.03 36.22
C GLU D 426 4.80 -23.54 36.53
N GLY D 427 5.34 -23.11 37.67
CA GLY D 427 6.66 -23.53 38.08
C GLY D 427 7.83 -22.84 37.41
N TYR D 428 7.58 -21.93 36.46
CA TYR D 428 8.67 -21.21 35.80
C TYR D 428 8.24 -19.79 35.50
N ARG D 429 9.22 -18.97 35.14
CA ARG D 429 9.00 -17.58 34.75
C ARG D 429 9.70 -17.29 33.43
N VAL D 430 9.16 -16.32 32.71
CA VAL D 430 9.81 -15.71 31.56
C VAL D 430 9.89 -14.23 31.87
N GLY D 431 11.09 -13.75 32.21
CA GLY D 431 11.24 -12.47 32.85
C GLY D 431 12.23 -11.56 32.13
N PHE D 432 12.22 -10.30 32.57
CA PHE D 432 12.86 -9.20 31.85
C PHE D 432 14.15 -8.70 32.49
N GLY D 433 14.59 -9.30 33.60
CA GLY D 433 15.70 -8.69 34.32
C GLY D 433 15.24 -7.41 34.97
N VAL D 434 16.11 -6.41 35.01
CA VAL D 434 15.82 -5.19 35.74
C VAL D 434 16.20 -3.97 34.92
N CYS D 435 15.51 -2.86 35.22
CA CYS D 435 15.71 -1.57 34.58
C CYS D 435 15.95 -0.57 35.71
N ALA D 436 17.22 -0.27 35.99
CA ALA D 436 17.59 0.46 37.20
C ALA D 436 18.32 1.77 36.88
N GLY D 437 18.18 2.73 37.81
CA GLY D 437 18.89 4.00 37.72
C GLY D 437 19.05 4.63 39.09
N GLU D 438 20.20 5.24 39.35
CA GLU D 438 20.44 5.96 40.59
C GLU D 438 20.62 7.43 40.29
N ILE D 439 20.00 8.29 41.10
CA ILE D 439 19.90 9.72 40.81
C ILE D 439 21.13 10.45 41.32
N LEU D 440 21.78 11.26 40.41
CA LEU D 440 22.87 12.15 40.83
C LEU D 440 22.31 13.54 41.11
N PRO D 441 22.93 14.29 42.03
CA PRO D 441 22.45 15.65 42.33
C PRO D 441 22.51 16.53 41.10
N ALA D 442 21.57 17.49 41.02
CA ALA D 442 21.56 18.46 39.95
C ALA D 442 22.83 19.29 39.95
N LEU D 443 23.29 19.64 38.75
CA LEU D 443 24.48 20.48 38.62
C LEU D 443 24.25 21.80 39.32
N LYS D 444 25.29 22.26 40.02
CA LYS D 444 25.22 23.45 40.85
C LYS D 444 26.28 24.45 40.38
N ALA E 11 -32.30 13.12 -34.65
CA ALA E 11 -31.85 12.07 -33.73
C ALA E 11 -30.50 11.52 -34.14
N SER E 12 -30.36 11.23 -35.44
CA SER E 12 -29.09 10.76 -35.99
C SER E 12 -28.09 11.91 -36.09
N SER E 13 -28.49 12.99 -36.78
CA SER E 13 -27.62 14.16 -36.86
C SER E 13 -27.35 14.73 -35.47
N ASP E 14 -28.26 14.52 -34.52
CA ASP E 14 -28.04 15.01 -33.17
C ASP E 14 -26.87 14.29 -32.51
N LEU E 15 -26.90 12.95 -32.53
CA LEU E 15 -25.78 12.18 -32.02
C LEU E 15 -24.49 12.56 -32.73
N GLN E 16 -24.55 12.66 -34.06
CA GLN E 16 -23.36 12.98 -34.84
C GLN E 16 -22.77 14.32 -34.41
N ALA E 17 -23.63 15.31 -34.15
CA ALA E 17 -23.14 16.62 -33.75
C ALA E 17 -22.35 16.57 -32.43
N THR E 18 -22.64 15.60 -31.55
CA THR E 18 -21.88 15.46 -30.31
C THR E 18 -20.47 14.90 -30.55
N LEU E 19 -20.21 14.36 -31.73
CA LEU E 19 -18.92 13.82 -32.12
C LEU E 19 -18.07 14.82 -32.90
N ASP E 20 -18.63 15.99 -33.20
CA ASP E 20 -17.98 16.96 -34.07
C ASP E 20 -16.71 17.52 -33.43
N PRO E 21 -15.53 17.29 -34.01
CA PRO E 21 -14.30 17.85 -33.43
C PRO E 21 -14.32 19.35 -33.22
N SER E 22 -15.06 20.11 -34.02
CA SER E 22 -15.02 21.55 -33.84
C SER E 22 -15.78 22.01 -32.61
N ARG E 23 -16.59 21.15 -31.98
CA ARG E 23 -17.38 21.58 -30.84
C ARG E 23 -16.48 21.84 -29.64
N LYS E 24 -16.82 22.88 -28.88
CA LYS E 24 -16.05 23.29 -27.71
C LYS E 24 -17.03 23.67 -26.59
N SER E 25 -16.51 23.77 -25.38
CA SER E 25 -17.34 23.98 -24.21
C SER E 25 -17.03 25.30 -23.54
N TRP E 26 -18.01 25.84 -22.83
CA TRP E 26 -17.74 26.97 -21.96
C TRP E 26 -17.03 26.55 -20.67
N VAL E 27 -16.93 25.25 -20.40
CA VAL E 27 -15.99 24.74 -19.39
C VAL E 27 -14.61 24.79 -20.02
N GLU E 28 -13.84 25.85 -19.73
CA GLU E 28 -12.64 26.16 -20.51
C GLU E 28 -11.65 24.99 -20.51
N SER E 29 -11.43 24.36 -19.35
CA SER E 29 -10.48 23.26 -19.24
C SER E 29 -10.87 22.06 -20.11
N ALA E 30 -12.14 21.96 -20.52
CA ALA E 30 -12.54 20.92 -21.47
C ALA E 30 -11.95 21.13 -22.86
N ASN E 31 -11.53 22.34 -23.17
CA ASN E 31 -10.96 22.66 -24.48
C ASN E 31 -9.45 22.52 -24.50
N ASN E 32 -8.84 21.98 -23.44
CA ASN E 32 -7.40 21.75 -23.47
C ASN E 32 -7.08 20.67 -24.49
N PRO E 33 -6.21 20.94 -25.46
CA PRO E 33 -5.99 19.95 -26.52
C PRO E 33 -5.53 18.59 -26.04
N THR E 34 -4.87 18.48 -24.89
CA THR E 34 -4.40 17.18 -24.42
C THR E 34 -5.19 16.65 -23.24
N GLY E 35 -6.24 17.33 -22.82
CA GLY E 35 -7.06 16.80 -21.74
C GLY E 35 -7.92 15.63 -22.19
N ASP E 36 -8.22 14.73 -21.25
CA ASP E 36 -9.04 13.55 -21.54
C ASP E 36 -10.52 13.89 -21.70
N PHE E 37 -11.00 14.92 -21.02
CA PHE E 37 -12.44 15.09 -20.89
C PHE E 37 -12.96 16.24 -21.74
N SER E 38 -12.63 16.19 -23.04
CA SER E 38 -13.19 17.09 -24.04
C SER E 38 -14.71 17.00 -24.06
N ILE E 39 -15.35 18.00 -24.67
CA ILE E 39 -16.80 17.94 -24.81
C ILE E 39 -17.23 16.75 -25.68
N GLN E 40 -16.32 16.22 -26.51
CA GLN E 40 -16.62 15.05 -27.33
C GLN E 40 -16.67 13.76 -26.53
N ASN E 41 -16.13 13.75 -25.30
CA ASN E 41 -16.07 12.50 -24.54
C ASN E 41 -17.35 12.29 -23.75
N LEU E 42 -17.51 13.00 -22.63
CA LEU E 42 -18.68 12.92 -21.76
C LEU E 42 -18.82 11.50 -21.17
N PRO E 43 -17.83 11.05 -20.40
CA PRO E 43 -17.94 9.72 -19.78
C PRO E 43 -18.78 9.75 -18.51
N PHE E 44 -19.25 8.57 -18.11
CA PHE E 44 -20.12 8.46 -16.94
C PHE E 44 -19.35 7.89 -15.75
N GLY E 45 -19.69 8.36 -14.55
CA GLY E 45 -19.05 7.86 -13.35
C GLY E 45 -19.93 8.05 -12.14
N ILE E 46 -19.43 7.58 -10.99
CA ILE E 46 -20.10 7.69 -9.70
C ILE E 46 -19.19 8.50 -8.78
N PHE E 47 -19.72 9.58 -8.23
CA PHE E 47 -18.92 10.46 -7.40
C PHE E 47 -19.70 10.88 -6.16
N SER E 48 -18.96 11.38 -5.18
CA SER E 48 -19.47 12.15 -4.06
C SER E 48 -18.49 13.31 -3.84
N ASP E 49 -18.86 14.24 -2.97
CA ASP E 49 -18.01 15.43 -2.81
C ASP E 49 -18.09 15.94 -1.38
N GLY E 50 -17.22 16.92 -1.09
CA GLY E 50 -17.07 17.46 0.26
C GLY E 50 -18.31 18.16 0.78
N LEU E 51 -19.28 18.47 -0.08
CA LEU E 51 -20.52 19.09 0.34
C LEU E 51 -21.70 18.13 0.38
N ASN E 52 -21.68 17.10 -0.45
CA ASN E 52 -22.74 16.09 -0.50
C ASN E 52 -22.07 14.72 -0.54
N ALA E 53 -22.14 14.00 0.57
CA ALA E 53 -21.54 12.67 0.65
C ALA E 53 -22.34 11.61 -0.11
N THR E 54 -23.53 11.94 -0.61
CA THR E 54 -24.33 10.96 -1.32
C THR E 54 -23.70 10.64 -2.67
N ARG E 55 -23.51 9.36 -2.94
CA ARG E 55 -23.00 8.96 -4.25
C ARG E 55 -24.06 9.18 -5.32
N ARG E 56 -23.63 9.71 -6.47
CA ARG E 56 -24.56 9.97 -7.55
C ARG E 56 -23.81 9.99 -8.88
N VAL E 57 -24.59 10.11 -9.96
CA VAL E 57 -24.05 9.93 -11.31
C VAL E 57 -23.47 11.24 -11.78
N GLY E 58 -22.24 11.20 -12.29
CA GLY E 58 -21.59 12.37 -12.81
C GLY E 58 -21.11 12.11 -14.22
N VAL E 59 -20.92 13.21 -14.95
CA VAL E 59 -20.30 13.18 -16.26
C VAL E 59 -19.14 14.15 -16.21
N ALA E 60 -17.95 13.69 -16.61
CA ALA E 60 -16.76 14.51 -16.57
C ALA E 60 -16.72 15.50 -17.74
N ILE E 61 -16.24 16.71 -17.47
CA ILE E 61 -16.06 17.70 -18.51
C ILE E 61 -14.91 18.61 -18.07
N GLY E 62 -13.81 18.57 -18.82
CA GLY E 62 -12.61 19.30 -18.39
C GLY E 62 -12.14 18.80 -17.04
N ASP E 63 -11.88 19.73 -16.12
CA ASP E 63 -11.44 19.44 -14.77
CA ASP E 63 -11.45 19.37 -14.79
C ASP E 63 -12.60 19.30 -13.80
N SER E 64 -13.82 19.13 -14.30
CA SER E 64 -15.01 19.20 -13.47
C SER E 64 -15.94 18.01 -13.74
N ILE E 65 -17.02 17.97 -12.97
CA ILE E 65 -18.01 16.91 -13.02
C ILE E 65 -19.38 17.56 -13.12
N VAL E 66 -20.20 17.08 -14.05
CA VAL E 66 -21.59 17.51 -14.12
C VAL E 66 -22.41 16.60 -13.22
N ASP E 67 -23.13 17.20 -12.27
CA ASP E 67 -24.01 16.47 -11.35
C ASP E 67 -25.34 16.24 -12.04
N LEU E 68 -25.55 15.04 -12.58
CA LEU E 68 -26.73 14.80 -13.43
C LEU E 68 -28.02 14.89 -12.63
N ALA E 69 -28.04 14.37 -11.39
CA ALA E 69 -29.25 14.55 -10.57
C ALA E 69 -29.59 16.02 -10.36
N ALA E 70 -28.58 16.89 -10.25
CA ALA E 70 -28.86 18.31 -10.03
C ALA E 70 -29.48 18.94 -11.27
N LEU E 71 -28.98 18.59 -12.46
CA LEU E 71 -29.60 19.10 -13.68
C LEU E 71 -31.01 18.56 -13.86
N GLU E 72 -31.23 17.28 -13.53
CA GLU E 72 -32.59 16.72 -13.64
C GLU E 72 -33.55 17.44 -12.70
N SER E 73 -33.10 17.76 -11.48
CA SER E 73 -33.95 18.48 -10.53
C SER E 73 -34.26 19.89 -10.98
N ALA E 74 -33.33 20.53 -11.70
CA ALA E 74 -33.57 21.85 -12.27
C ALA E 74 -34.36 21.79 -13.57
N GLY E 75 -34.76 20.60 -14.01
CA GLY E 75 -35.53 20.45 -15.22
C GLY E 75 -34.71 20.53 -16.49
N LEU E 76 -33.38 20.55 -16.40
CA LEU E 76 -32.55 20.66 -17.59
C LEU E 76 -32.16 19.31 -18.18
N LEU E 77 -32.41 18.22 -17.48
CA LEU E 77 -32.03 16.90 -17.96
C LEU E 77 -33.19 15.95 -17.69
N SER E 78 -33.55 15.16 -18.70
CA SER E 78 -34.70 14.27 -18.58
C SER E 78 -34.36 12.86 -19.06
N VAL E 79 -34.90 11.89 -18.34
CA VAL E 79 -34.82 10.47 -18.69
C VAL E 79 -36.19 9.84 -18.43
N PRO E 80 -36.49 8.73 -19.11
CA PRO E 80 -37.79 8.06 -18.84
C PRO E 80 -37.88 7.51 -17.41
N ASP E 86 -37.85 8.63 -7.45
CA ASP E 86 -36.50 8.11 -7.23
C ASP E 86 -35.70 8.15 -8.54
N SER E 87 -34.75 9.07 -8.62
CA SER E 87 -33.97 9.29 -9.84
C SER E 87 -32.91 8.21 -10.03
N VAL E 88 -32.72 7.79 -11.29
CA VAL E 88 -31.63 6.86 -11.58
C VAL E 88 -30.26 7.50 -11.41
N PHE E 89 -30.22 8.83 -11.26
CA PHE E 89 -28.94 9.52 -11.07
C PHE E 89 -28.51 9.58 -9.61
N VAL E 90 -29.41 9.33 -8.67
CA VAL E 90 -29.07 9.26 -7.24
C VAL E 90 -28.96 7.78 -6.90
N ARG E 91 -27.77 7.23 -7.15
CA ARG E 91 -27.47 5.82 -7.05
C ARG E 91 -25.98 5.68 -6.79
N ASP E 92 -25.58 4.63 -6.08
CA ASP E 92 -24.18 4.28 -5.84
CA ASP E 92 -24.15 4.39 -5.89
C ASP E 92 -23.55 3.55 -7.02
N ALA E 93 -24.31 3.33 -8.11
CA ALA E 93 -23.80 2.61 -9.26
C ALA E 93 -24.55 3.08 -10.50
N LEU E 94 -23.90 2.97 -11.66
CA LEU E 94 -24.50 3.37 -12.94
C LEU E 94 -25.52 2.36 -13.47
N ASN E 95 -25.69 1.20 -12.80
CA ASN E 95 -26.45 0.08 -13.37
C ASN E 95 -27.86 0.49 -13.78
N ASP E 96 -28.59 1.14 -12.86
CA ASP E 96 -29.98 1.47 -13.15
C ASP E 96 -30.09 2.44 -14.32
N PHE E 97 -29.16 3.39 -14.41
CA PHE E 97 -29.17 4.28 -15.57
C PHE E 97 -28.82 3.54 -16.85
N ILE E 98 -27.79 2.69 -16.78
CA ILE E 98 -27.40 1.94 -17.97
C ILE E 98 -28.55 1.07 -18.45
N ALA E 99 -29.25 0.41 -17.51
CA ALA E 99 -30.37 -0.45 -17.84
C ALA E 99 -31.48 0.25 -18.62
N LEU E 100 -31.49 1.59 -18.68
CA LEU E 100 -32.51 2.28 -19.46
C LEU E 100 -32.31 2.08 -20.97
N GLY E 101 -31.13 1.69 -21.40
CA GLY E 101 -30.91 1.34 -22.80
C GLY E 101 -30.25 2.46 -23.60
N ARG E 102 -29.84 2.08 -24.81
CA ARG E 102 -29.01 2.95 -25.64
C ARG E 102 -29.69 4.27 -25.95
N ASP E 103 -31.00 4.25 -26.25
CA ASP E 103 -31.70 5.48 -26.59
C ASP E 103 -31.61 6.49 -25.45
N ALA E 104 -31.71 6.02 -24.21
CA ALA E 104 -31.53 6.88 -23.04
C ALA E 104 -30.10 7.40 -22.95
N TRP E 105 -29.09 6.53 -23.14
CA TRP E 105 -27.72 7.01 -23.04
C TRP E 105 -27.47 8.12 -24.04
N ARG E 106 -28.03 7.98 -25.24
CA ARG E 106 -27.83 8.97 -26.29
C ARG E 106 -28.60 10.25 -26.00
N SER E 107 -29.83 10.11 -25.52
CA SER E 107 -30.62 11.29 -25.14
C SER E 107 -29.87 12.13 -24.11
N VAL E 108 -29.35 11.50 -23.06
CA VAL E 108 -28.59 12.21 -22.05
C VAL E 108 -27.34 12.83 -22.67
N ARG E 109 -26.63 12.05 -23.48
CA ARG E 109 -25.43 12.57 -24.15
C ARG E 109 -25.76 13.81 -24.97
N VAL E 110 -26.88 13.77 -25.70
CA VAL E 110 -27.24 14.89 -26.57
C VAL E 110 -27.61 16.12 -25.74
N GLN E 111 -28.42 15.94 -24.70
CA GLN E 111 -28.79 17.07 -23.85
C GLN E 111 -27.55 17.70 -23.22
N LEU E 112 -26.59 16.88 -22.78
CA LEU E 112 -25.42 17.40 -22.07
C LEU E 112 -24.46 18.10 -23.03
N SER E 113 -24.27 17.52 -24.22
CA SER E 113 -23.45 18.17 -25.23
C SER E 113 -23.99 19.56 -25.57
N ARG E 114 -25.31 19.66 -25.73
CA ARG E 114 -25.92 20.97 -25.93
C ARG E 114 -25.60 21.92 -24.77
N LEU E 115 -26.00 21.52 -23.55
CA LEU E 115 -25.82 22.39 -22.38
C LEU E 115 -24.38 22.83 -22.19
N LEU E 116 -23.42 21.97 -22.53
CA LEU E 116 -22.02 22.28 -22.31
C LEU E 116 -21.37 23.02 -23.46
N SER E 117 -22.05 23.12 -24.60
CA SER E 117 -21.48 23.85 -25.73
C SER E 117 -21.31 25.32 -25.41
N ARG E 118 -20.19 25.88 -25.90
CA ARG E 118 -19.83 27.28 -25.73
CA ARG E 118 -19.83 27.28 -25.73
C ARG E 118 -21.01 28.22 -25.97
N ASP E 119 -21.76 27.97 -27.04
CA ASP E 119 -22.79 28.89 -27.48
C ASP E 119 -24.13 28.74 -26.76
N ASP E 120 -24.31 27.72 -25.92
CA ASP E 120 -25.56 27.54 -25.20
C ASP E 120 -25.50 28.27 -23.87
N ALA E 121 -26.50 29.11 -23.61
CA ALA E 121 -26.53 29.93 -22.40
C ALA E 121 -27.33 29.29 -21.25
N THR E 122 -28.13 28.26 -21.54
CA THR E 122 -29.11 27.76 -20.57
C THR E 122 -28.47 27.50 -19.20
N LEU E 123 -27.42 26.69 -19.17
CA LEU E 123 -26.68 26.41 -17.96
C LEU E 123 -25.47 27.32 -17.79
N ARG E 124 -24.83 27.71 -18.90
CA ARG E 124 -23.65 28.56 -18.85
C ARG E 124 -23.90 29.83 -18.04
N ASP E 125 -25.04 30.48 -18.23
CA ASP E 125 -25.32 31.77 -17.62
C ASP E 125 -26.24 31.68 -16.40
N ASP E 126 -26.46 30.48 -15.88
CA ASP E 126 -27.20 30.30 -14.62
C ASP E 126 -26.17 30.03 -13.53
N ALA E 127 -25.61 31.12 -13.00
CA ALA E 127 -24.48 31.00 -12.08
C ALA E 127 -24.85 30.24 -10.81
N GLU E 128 -26.09 30.34 -10.36
CA GLU E 128 -26.51 29.60 -9.17
C GLU E 128 -26.51 28.10 -9.44
N LEU E 129 -27.24 27.67 -10.47
CA LEU E 129 -27.27 26.25 -10.82
C LEU E 129 -25.87 25.74 -11.17
N ARG E 130 -25.12 26.54 -11.92
CA ARG E 130 -23.77 26.16 -12.30
C ARG E 130 -22.87 25.99 -11.07
N GLY E 131 -23.10 26.80 -10.04
CA GLY E 131 -22.32 26.66 -8.83
C GLY E 131 -22.56 25.35 -8.11
N ARG E 132 -23.76 24.80 -8.24
CA ARG E 132 -24.10 23.53 -7.60
C ARG E 132 -23.94 22.32 -8.49
N ALA E 133 -24.22 22.44 -9.80
CA ALA E 133 -24.25 21.28 -10.69
C ALA E 133 -22.92 20.99 -11.36
N LEU E 134 -21.99 21.95 -11.38
CA LEU E 134 -20.64 21.74 -11.87
CA LEU E 134 -20.63 21.75 -11.88
C LEU E 134 -19.69 21.72 -10.68
N ILE E 135 -19.07 20.57 -10.45
CA ILE E 135 -18.25 20.32 -9.28
C ILE E 135 -16.84 20.00 -9.76
N ARG E 136 -15.84 20.64 -9.16
CA ARG E 136 -14.46 20.35 -9.52
C ARG E 136 -14.10 18.91 -9.15
N GLN E 137 -13.40 18.23 -10.05
CA GLN E 137 -12.92 16.88 -9.74
C GLN E 137 -11.99 16.91 -8.53
N ALA E 138 -11.28 18.01 -8.32
CA ALA E 138 -10.43 18.13 -7.15
C ALA E 138 -11.24 18.13 -5.86
N ASP E 139 -12.53 18.46 -5.92
CA ASP E 139 -13.39 18.49 -4.75
C ASP E 139 -14.25 17.24 -4.61
N ALA E 140 -14.03 16.24 -5.46
CA ALA E 140 -14.89 15.07 -5.49
C ALA E 140 -14.06 13.80 -5.31
N GLN E 141 -14.75 12.76 -4.88
CA GLN E 141 -14.20 11.42 -4.72
C GLN E 141 -14.90 10.52 -5.71
N LEU E 142 -14.13 9.82 -6.55
CA LEU E 142 -14.69 8.91 -7.55
C LEU E 142 -14.77 7.52 -6.97
N HIS E 143 -15.83 6.79 -7.34
CA HIS E 143 -16.09 5.45 -6.83
C HIS E 143 -16.22 4.48 -8.00
N LEU E 144 -16.21 3.20 -7.68
CA LEU E 144 -16.41 2.18 -8.70
C LEU E 144 -17.67 2.52 -9.52
N PRO E 145 -17.57 2.58 -10.86
CA PRO E 145 -18.70 3.12 -11.63
C PRO E 145 -19.90 2.19 -11.70
N VAL E 146 -19.71 0.88 -11.55
CA VAL E 146 -20.82 -0.06 -11.64
C VAL E 146 -20.67 -1.10 -10.54
N GLN E 147 -21.82 -1.67 -10.17
CA GLN E 147 -21.88 -2.91 -9.39
CA GLN E 147 -21.87 -2.90 -9.39
C GLN E 147 -21.76 -4.06 -10.38
N ILE E 148 -20.66 -4.80 -10.32
CA ILE E 148 -20.29 -5.75 -11.37
C ILE E 148 -20.89 -7.12 -11.04
N PRO E 149 -21.85 -7.62 -11.81
CA PRO E 149 -22.45 -8.92 -11.48
C PRO E 149 -21.53 -10.06 -11.87
N GLY E 150 -20.77 -9.87 -12.93
CA GLY E 150 -19.81 -10.86 -13.37
C GLY E 150 -18.65 -10.19 -14.07
N TYR E 151 -17.47 -10.76 -13.89
CA TYR E 151 -16.25 -10.26 -14.50
C TYR E 151 -15.59 -11.40 -15.25
N THR E 152 -15.39 -11.20 -16.56
CA THR E 152 -14.77 -12.16 -17.46
C THR E 152 -13.49 -11.56 -18.02
N ASP E 153 -12.44 -12.37 -18.13
CA ASP E 153 -11.18 -11.89 -18.67
C ASP E 153 -10.78 -12.71 -19.88
N PHE E 154 -10.41 -12.04 -20.96
CA PHE E 154 -10.01 -12.73 -22.17
C PHE E 154 -8.48 -12.75 -22.28
N TYR E 155 -7.98 -12.99 -23.49
CA TYR E 155 -6.58 -13.35 -23.71
C TYR E 155 -6.23 -13.04 -25.16
N SER E 156 -6.73 -11.92 -25.69
CA SER E 156 -6.94 -11.78 -27.13
C SER E 156 -5.82 -11.07 -27.85
N SER E 157 -4.68 -10.85 -27.21
CA SER E 157 -3.52 -10.25 -27.89
C SER E 157 -2.67 -11.37 -28.47
N LYS E 158 -2.52 -11.38 -29.79
CA LYS E 158 -1.62 -12.36 -30.39
C LYS E 158 -0.19 -12.13 -29.93
N GLU E 159 0.21 -10.86 -29.80
CA GLU E 159 1.58 -10.54 -29.41
C GLU E 159 1.86 -11.04 -28.02
N HIS E 160 0.91 -10.84 -27.10
CA HIS E 160 1.09 -11.31 -25.73
C HIS E 160 1.16 -12.82 -25.69
N ALA E 161 0.23 -13.50 -26.36
CA ALA E 161 0.21 -14.96 -26.30
C ALA E 161 1.46 -15.54 -26.95
N THR E 162 1.96 -14.90 -28.00
CA THR E 162 3.20 -15.32 -28.63
C THR E 162 4.38 -15.13 -27.70
N ASN E 163 4.47 -13.95 -27.07
CA ASN E 163 5.56 -13.69 -26.13
C ASN E 163 5.57 -14.72 -25.01
N VAL E 164 4.41 -14.88 -24.34
CA VAL E 164 4.28 -15.82 -23.24
C VAL E 164 4.44 -17.25 -23.73
N GLY E 165 3.83 -17.59 -24.87
CA GLY E 165 3.98 -18.93 -25.41
C GLY E 165 5.43 -19.28 -25.73
N SER E 166 6.18 -18.31 -26.27
CA SER E 166 7.59 -18.53 -26.57
C SER E 166 8.41 -18.82 -25.32
N MET E 167 7.96 -18.35 -24.16
CA MET E 167 8.69 -18.66 -22.93
C MET E 167 8.42 -20.09 -22.46
N PHE E 168 7.24 -20.64 -22.73
CA PHE E 168 6.94 -22.02 -22.37
C PHE E 168 7.36 -23.02 -23.44
N ARG E 169 7.34 -22.61 -24.71
CA ARG E 169 7.73 -23.48 -25.81
C ARG E 169 8.80 -22.81 -26.65
N ASP E 170 8.49 -22.43 -27.88
CA ASP E 170 9.39 -21.60 -28.68
C ASP E 170 8.54 -20.78 -29.63
N PRO E 171 9.16 -19.82 -30.35
CA PRO E 171 8.37 -19.03 -31.32
C PRO E 171 7.49 -19.88 -32.23
N LYS E 172 8.06 -20.86 -32.94
CA LYS E 172 7.31 -21.64 -33.92
C LYS E 172 6.04 -22.22 -33.32
N ASN E 173 6.10 -22.65 -32.05
CA ASN E 173 4.97 -23.32 -31.40
C ASN E 173 4.38 -22.48 -30.28
N ALA E 174 4.59 -21.17 -30.31
CA ALA E 174 4.17 -20.31 -29.20
C ALA E 174 2.66 -20.39 -28.98
N LEU E 175 1.87 -20.42 -30.05
CA LEU E 175 0.42 -20.34 -29.96
C LEU E 175 -0.19 -21.74 -29.96
N LEU E 176 -0.98 -22.05 -28.93
CA LEU E 176 -1.71 -23.30 -28.87
C LEU E 176 -2.80 -23.29 -29.94
N PRO E 177 -3.20 -24.48 -30.43
CA PRO E 177 -4.10 -24.51 -31.60
C PRO E 177 -5.43 -23.79 -31.39
N ASN E 178 -6.04 -23.89 -30.20
CA ASN E 178 -7.35 -23.25 -30.03
C ASN E 178 -7.27 -21.72 -29.98
N TRP E 179 -6.09 -21.14 -29.78
CA TRP E 179 -6.02 -19.69 -29.58
C TRP E 179 -6.48 -18.93 -30.83
N SER E 180 -6.13 -19.42 -32.02
CA SER E 180 -6.53 -18.80 -33.28
C SER E 180 -7.93 -19.22 -33.74
N GLU E 181 -8.62 -20.07 -32.97
CA GLU E 181 -9.95 -20.53 -33.34
C GLU E 181 -11.07 -19.93 -32.49
N MET E 182 -10.75 -19.39 -31.31
CA MET E 182 -11.74 -18.83 -30.39
C MET E 182 -11.04 -17.80 -29.53
N PRO E 183 -11.76 -16.78 -29.04
CA PRO E 183 -11.16 -15.90 -28.03
C PRO E 183 -11.24 -16.57 -26.68
N ILE E 184 -10.19 -17.31 -26.29
CA ILE E 184 -10.23 -18.00 -25.01
C ILE E 184 -10.34 -16.97 -23.88
N GLY E 185 -10.98 -17.40 -22.80
CA GLY E 185 -11.16 -16.55 -21.63
C GLY E 185 -11.57 -17.42 -20.46
N TYR E 186 -11.69 -16.77 -19.31
CA TYR E 186 -12.02 -17.45 -18.06
C TYR E 186 -12.88 -16.52 -17.21
N ASN E 187 -13.58 -17.09 -16.23
CA ASN E 187 -14.32 -16.28 -15.26
C ASN E 187 -13.33 -15.65 -14.29
N GLY E 188 -13.41 -14.31 -14.13
CA GLY E 188 -12.67 -13.61 -13.11
C GLY E 188 -13.50 -13.46 -11.84
N ARG E 189 -12.94 -12.75 -10.88
CA ARG E 189 -13.60 -12.53 -9.60
C ARG E 189 -14.15 -11.12 -9.53
N ALA E 190 -15.48 -10.98 -9.55
CA ALA E 190 -16.07 -9.64 -9.56
C ALA E 190 -15.82 -8.90 -8.24
N SER E 191 -15.83 -9.62 -7.12
CA SER E 191 -15.77 -8.97 -5.81
C SER E 191 -14.49 -8.17 -5.60
N SER E 192 -13.37 -8.57 -6.23
CA SER E 192 -12.09 -7.93 -5.95
C SER E 192 -11.71 -6.90 -7.01
N VAL E 193 -12.64 -6.48 -7.87
CA VAL E 193 -12.42 -5.35 -8.75
C VAL E 193 -12.55 -4.05 -7.94
N VAL E 194 -11.49 -3.25 -7.89
CA VAL E 194 -11.48 -2.01 -7.14
C VAL E 194 -11.21 -0.83 -8.08
N VAL E 195 -11.56 0.37 -7.60
CA VAL E 195 -11.42 1.58 -8.39
C VAL E 195 -10.00 2.11 -8.26
N SER E 196 -9.54 2.82 -9.30
CA SER E 196 -8.23 3.44 -9.32
C SER E 196 -7.94 4.18 -8.01
N GLY E 197 -6.70 4.08 -7.54
CA GLY E 197 -6.26 4.73 -6.31
C GLY E 197 -6.31 3.84 -5.08
N THR E 198 -6.92 2.66 -5.18
CA THR E 198 -6.99 1.71 -4.08
C THR E 198 -5.68 0.95 -3.99
N PRO E 199 -4.98 0.99 -2.86
CA PRO E 199 -3.72 0.24 -2.76
C PRO E 199 -4.00 -1.25 -2.84
N VAL E 200 -3.00 -2.01 -3.29
CA VAL E 200 -3.14 -3.43 -3.53
C VAL E 200 -2.09 -4.15 -2.70
N ARG E 201 -2.53 -5.09 -1.86
CA ARG E 201 -1.60 -5.80 -1.00
C ARG E 201 -1.01 -6.98 -1.75
N ARG E 202 0.32 -7.06 -1.76
CA ARG E 202 1.00 -8.22 -2.32
C ARG E 202 0.46 -9.48 -1.65
N PRO E 203 0.09 -10.51 -2.41
CA PRO E 203 -0.46 -11.73 -1.82
C PRO E 203 0.61 -12.67 -1.31
N ASN E 204 0.32 -13.33 -0.20
CA ASN E 204 0.99 -14.57 0.15
C ASN E 204 0.27 -15.72 -0.52
N GLY E 205 0.98 -16.82 -0.74
CA GLY E 205 0.34 -17.99 -1.29
C GLY E 205 1.32 -19.13 -1.35
N GLN E 206 0.90 -20.22 -1.97
CA GLN E 206 1.78 -21.36 -2.19
C GLN E 206 2.70 -21.09 -3.36
N LEU E 207 4.00 -21.30 -3.14
CA LEU E 207 5.04 -21.12 -4.13
C LEU E 207 5.78 -22.44 -4.30
N LYS E 208 5.98 -22.87 -5.55
CA LYS E 208 6.76 -24.05 -5.85
C LYS E 208 8.19 -23.62 -6.23
N LEU E 209 9.13 -23.84 -5.32
CA LEU E 209 10.51 -23.44 -5.61
C LEU E 209 11.27 -24.56 -6.28
N PRO E 210 12.22 -24.23 -7.16
CA PRO E 210 12.95 -25.29 -7.88
C PRO E 210 13.72 -26.25 -6.97
N ASP E 211 14.13 -25.81 -5.79
CA ASP E 211 14.98 -26.62 -4.96
C ASP E 211 14.22 -27.55 -4.02
N GLN E 212 12.89 -27.51 -4.00
CA GLN E 212 12.13 -28.17 -2.94
C GLN E 212 10.98 -28.97 -3.52
N GLU E 213 10.84 -30.22 -3.05
CA GLU E 213 9.79 -31.11 -3.53
C GLU E 213 8.40 -30.54 -3.27
N ARG E 214 8.14 -30.06 -2.00
CA ARG E 214 6.82 -29.57 -1.64
C ARG E 214 6.77 -28.04 -1.68
N PRO E 215 5.62 -27.44 -1.97
CA PRO E 215 5.56 -25.97 -2.03
C PRO E 215 5.76 -25.37 -0.65
N VAL E 216 6.11 -24.08 -0.66
CA VAL E 216 6.21 -23.31 0.57
C VAL E 216 5.13 -22.23 0.56
N PHE E 217 4.81 -21.74 1.74
CA PHE E 217 3.91 -20.59 1.87
C PHE E 217 4.76 -19.33 2.02
N GLY E 218 4.46 -18.29 1.23
CA GLY E 218 5.26 -17.09 1.33
C GLY E 218 4.79 -15.99 0.40
N ALA E 219 5.49 -14.86 0.45
CA ALA E 219 5.12 -13.69 -0.31
C ALA E 219 5.37 -13.90 -1.80
N CYS E 220 4.40 -13.50 -2.61
CA CYS E 220 4.58 -13.49 -4.06
C CYS E 220 5.91 -12.84 -4.42
N ARG E 221 6.70 -13.52 -5.26
CA ARG E 221 7.96 -12.98 -5.73
C ARG E 221 7.93 -12.50 -7.17
N LYS E 222 6.82 -12.70 -7.90
CA LYS E 222 6.68 -12.22 -9.29
C LYS E 222 5.33 -11.53 -9.44
N LEU E 223 5.20 -10.36 -8.84
CA LEU E 223 3.97 -9.59 -8.94
C LEU E 223 4.01 -8.74 -10.21
N ASP E 224 2.93 -8.75 -10.98
CA ASP E 224 2.93 -8.13 -12.29
C ASP E 224 1.63 -7.38 -12.52
N ILE E 225 1.68 -6.45 -13.47
CA ILE E 225 0.49 -5.89 -14.11
C ILE E 225 0.02 -6.78 -15.25
N GLU E 226 -1.20 -6.54 -15.72
CA GLU E 226 -1.62 -6.89 -17.08
C GLU E 226 -2.40 -5.71 -17.60
N LEU E 227 -1.83 -5.04 -18.60
CA LEU E 227 -2.43 -3.85 -19.21
C LEU E 227 -3.61 -4.26 -20.07
N GLU E 228 -4.82 -3.88 -19.66
CA GLU E 228 -6.01 -4.30 -20.38
C GLU E 228 -6.99 -3.14 -20.49
N THR E 229 -8.01 -3.33 -21.33
CA THR E 229 -9.22 -2.54 -21.20
C THR E 229 -10.33 -3.48 -20.75
N GLY E 230 -11.40 -2.90 -20.23
CA GLY E 230 -12.59 -3.68 -19.94
C GLY E 230 -13.79 -2.98 -20.55
N PHE E 231 -14.69 -3.77 -21.15
CA PHE E 231 -15.92 -3.16 -21.63
C PHE E 231 -17.06 -3.56 -20.70
N VAL E 232 -18.06 -2.69 -20.61
CA VAL E 232 -19.16 -2.82 -19.65
C VAL E 232 -20.43 -3.10 -20.43
N ILE E 233 -21.13 -4.18 -20.06
CA ILE E 233 -22.37 -4.58 -20.73
C ILE E 233 -23.47 -3.57 -20.40
N GLY E 234 -24.15 -3.08 -21.43
CA GLY E 234 -25.25 -2.16 -21.24
C GLY E 234 -26.62 -2.78 -21.44
N ALA E 235 -26.64 -3.94 -22.10
CA ALA E 235 -27.87 -4.70 -22.29
C ALA E 235 -27.48 -6.18 -22.29
N GLY E 236 -28.12 -6.97 -21.44
CA GLY E 236 -27.73 -8.36 -21.26
C GLY E 236 -28.30 -9.26 -22.35
N ASN E 237 -28.24 -10.56 -22.08
CA ASN E 237 -28.90 -11.56 -22.90
C ASN E 237 -29.39 -12.68 -21.98
N ALA E 238 -30.47 -13.33 -22.37
CA ALA E 238 -31.08 -14.35 -21.52
C ALA E 238 -30.27 -15.65 -21.59
N LEU E 239 -30.36 -16.44 -20.53
CA LEU E 239 -29.72 -17.75 -20.48
C LEU E 239 -30.19 -18.61 -21.65
N GLY E 240 -29.25 -19.28 -22.32
CA GLY E 240 -29.57 -20.08 -23.48
C GLY E 240 -29.84 -19.33 -24.77
N GLU E 241 -29.63 -18.01 -24.81
CA GLU E 241 -29.90 -17.20 -26.01
C GLU E 241 -28.62 -16.49 -26.42
N PRO E 242 -27.83 -17.09 -27.31
CA PRO E 242 -26.55 -16.49 -27.71
C PRO E 242 -26.72 -15.11 -28.34
N VAL E 243 -25.73 -14.24 -28.12
CA VAL E 243 -25.66 -12.95 -28.81
C VAL E 243 -24.88 -13.13 -30.10
N THR E 244 -25.46 -12.74 -31.22
CA THR E 244 -24.75 -12.93 -32.47
C THR E 244 -23.64 -11.90 -32.59
N CYS E 245 -22.62 -12.24 -33.38
CA CYS E 245 -21.50 -11.34 -33.49
C CYS E 245 -21.92 -9.98 -34.05
N ALA E 246 -22.84 -9.98 -35.03
CA ALA E 246 -23.33 -8.72 -35.61
C ALA E 246 -24.10 -7.88 -34.59
N ASP E 247 -24.77 -8.52 -33.64
CA ASP E 247 -25.56 -7.83 -32.63
C ASP E 247 -24.72 -7.42 -31.40
N ALA E 248 -23.52 -7.96 -31.25
CA ALA E 248 -22.77 -7.85 -30.00
C ALA E 248 -22.59 -6.40 -29.54
N GLU E 249 -22.11 -5.54 -30.44
CA GLU E 249 -21.74 -4.19 -30.01
C GLU E 249 -22.93 -3.41 -29.47
N ALA E 250 -24.14 -3.69 -29.94
CA ALA E 250 -25.32 -3.04 -29.38
C ALA E 250 -25.48 -3.31 -27.89
N HIS E 251 -24.86 -4.38 -27.38
CA HIS E 251 -24.94 -4.73 -25.97
C HIS E 251 -23.90 -4.03 -25.10
N ILE E 252 -23.04 -3.20 -25.68
CA ILE E 252 -21.86 -2.69 -24.97
C ILE E 252 -22.12 -1.22 -24.62
N PHE E 253 -22.04 -0.91 -23.32
CA PHE E 253 -22.24 0.47 -22.87
C PHE E 253 -20.97 1.32 -23.06
N GLY E 254 -19.84 0.84 -22.56
CA GLY E 254 -18.65 1.68 -22.54
C GLY E 254 -17.42 0.87 -22.19
N MET E 255 -16.30 1.59 -22.01
CA MET E 255 -15.01 0.96 -21.76
CA MET E 255 -15.02 0.95 -21.74
C MET E 255 -14.31 1.67 -20.61
N VAL E 256 -13.43 0.94 -19.92
CA VAL E 256 -12.57 1.47 -18.85
C VAL E 256 -11.17 0.91 -19.08
N LEU E 257 -10.21 1.48 -18.36
CA LEU E 257 -8.89 0.86 -18.24
C LEU E 257 -8.94 -0.18 -17.14
N LEU E 258 -8.19 -1.28 -17.33
CA LEU E 258 -8.24 -2.40 -16.39
C LEU E 258 -6.82 -2.93 -16.20
N ASN E 259 -6.36 -2.99 -14.94
CA ASN E 259 -5.10 -3.64 -14.58
C ASN E 259 -5.42 -4.97 -13.89
N ASP E 260 -5.18 -6.08 -14.58
CA ASP E 260 -5.44 -7.40 -14.02
C ASP E 260 -4.19 -7.88 -13.28
N TRP E 261 -4.02 -7.36 -12.06
CA TRP E 261 -2.84 -7.69 -11.27
C TRP E 261 -2.65 -9.20 -11.18
N SER E 262 -1.40 -9.65 -11.27
CA SER E 262 -1.13 -11.07 -11.45
C SER E 262 0.07 -11.50 -10.63
N ALA E 263 -0.13 -12.54 -9.82
CA ALA E 263 0.94 -13.12 -9.01
C ALA E 263 1.43 -14.36 -9.75
N ARG E 264 2.51 -14.21 -10.52
CA ARG E 264 2.80 -15.20 -11.55
C ARG E 264 3.38 -16.48 -11.00
N ASP E 265 4.18 -16.41 -9.92
CA ASP E 265 4.65 -17.64 -9.31
C ASP E 265 3.51 -18.40 -8.64
N ILE E 266 2.61 -17.68 -7.97
CA ILE E 266 1.42 -18.34 -7.43
C ILE E 266 0.63 -19.01 -8.54
N GLN E 267 0.53 -18.35 -9.70
CA GLN E 267 -0.22 -18.88 -10.84
C GLN E 267 0.36 -20.19 -11.34
N GLN E 268 1.68 -20.20 -11.58
CA GLN E 268 2.33 -21.37 -12.16
C GLN E 268 2.02 -22.65 -11.37
N TRP E 269 1.98 -22.55 -10.04
CA TRP E 269 1.80 -23.74 -9.21
C TRP E 269 0.34 -24.19 -9.13
N GLU E 270 -0.62 -23.25 -9.19
CA GLU E 270 -2.01 -23.58 -8.94
C GLU E 270 -2.82 -23.93 -10.20
N TYR E 271 -2.40 -23.50 -11.39
CA TYR E 271 -3.35 -23.28 -12.47
C TYR E 271 -3.68 -24.51 -13.30
N VAL E 272 -2.95 -25.61 -13.17
CA VAL E 272 -3.32 -26.82 -13.91
C VAL E 272 -4.23 -27.68 -13.05
N PRO E 273 -5.42 -28.09 -13.54
CA PRO E 273 -5.98 -27.79 -14.86
C PRO E 273 -7.11 -26.77 -14.90
N LEU E 274 -7.48 -26.16 -13.79
CA LEU E 274 -8.71 -25.38 -13.75
C LEU E 274 -8.50 -23.90 -14.02
N GLY E 275 -7.27 -23.46 -14.26
CA GLY E 275 -7.02 -22.10 -14.66
C GLY E 275 -6.51 -21.23 -13.53
N PRO E 276 -6.21 -19.97 -13.84
CA PRO E 276 -5.71 -19.05 -12.81
C PRO E 276 -6.79 -18.78 -11.78
N PHE E 277 -6.36 -18.66 -10.53
CA PHE E 277 -7.34 -18.50 -9.46
C PHE E 277 -6.82 -17.52 -8.42
N ASN E 278 -6.15 -18.00 -7.36
CA ASN E 278 -5.65 -17.08 -6.35
C ASN E 278 -4.65 -16.09 -6.94
N ALA E 279 -3.93 -16.48 -8.00
CA ALA E 279 -2.98 -15.56 -8.60
C ALA E 279 -3.62 -14.33 -9.24
N LYS E 280 -4.95 -14.28 -9.34
CA LYS E 280 -5.63 -13.20 -10.05
C LYS E 280 -6.67 -12.49 -9.19
N THR E 281 -7.30 -13.20 -8.26
CA THR E 281 -8.47 -12.70 -7.57
C THR E 281 -8.13 -11.81 -6.38
N PHE E 282 -6.85 -11.62 -6.06
CA PHE E 282 -6.54 -10.76 -4.92
C PHE E 282 -6.82 -9.29 -5.23
N ALA E 283 -6.81 -8.90 -6.51
CA ALA E 283 -7.10 -7.51 -6.89
C ALA E 283 -7.17 -7.40 -8.41
N THR E 284 -8.09 -6.54 -8.86
CA THR E 284 -8.18 -6.07 -10.24
C THR E 284 -8.61 -4.61 -10.17
N THR E 285 -7.88 -3.71 -10.82
CA THR E 285 -8.19 -2.28 -10.77
C THR E 285 -8.80 -1.80 -12.09
N ILE E 286 -9.85 -0.98 -12.02
CA ILE E 286 -10.37 -0.27 -13.18
C ILE E 286 -10.38 1.24 -12.93
N SER E 287 -10.29 1.99 -14.02
CA SER E 287 -10.46 3.43 -13.98
C SER E 287 -11.91 3.79 -13.64
N PRO E 288 -12.16 4.98 -13.11
CA PRO E 288 -13.53 5.31 -12.67
C PRO E 288 -14.48 5.78 -13.75
N TRP E 289 -14.00 6.34 -14.86
CA TRP E 289 -14.86 6.95 -15.85
C TRP E 289 -15.15 5.96 -16.98
N ILE E 290 -16.41 5.66 -17.23
CA ILE E 290 -16.78 4.79 -18.33
C ILE E 290 -16.94 5.64 -19.58
N VAL E 291 -16.06 5.42 -20.55
CA VAL E 291 -16.12 6.11 -21.82
C VAL E 291 -17.10 5.35 -22.70
N THR E 292 -18.18 6.00 -23.13
CA THR E 292 -19.22 5.29 -23.84
C THR E 292 -18.73 4.86 -25.21
N LEU E 293 -19.26 3.73 -25.67
CA LEU E 293 -18.92 3.26 -27.02
C LEU E 293 -19.27 4.30 -28.07
N ASP E 294 -20.36 5.06 -27.87
CA ASP E 294 -20.70 6.11 -28.83
C ASP E 294 -19.59 7.15 -28.95
N ALA E 295 -19.00 7.54 -27.81
CA ALA E 295 -17.92 8.50 -27.83
C ALA E 295 -16.70 7.96 -28.57
N LEU E 296 -16.51 6.64 -28.56
CA LEU E 296 -15.41 5.99 -29.26
C LEU E 296 -15.67 5.83 -30.76
N GLU E 297 -16.90 6.04 -31.20
CA GLU E 297 -17.21 5.80 -32.62
C GLU E 297 -16.25 6.49 -33.59
N PRO E 298 -15.81 7.74 -33.38
CA PRO E 298 -14.86 8.33 -34.34
C PRO E 298 -13.50 7.64 -34.38
N PHE E 299 -13.21 6.75 -33.43
CA PHE E 299 -11.89 6.11 -33.39
C PHE E 299 -11.96 4.65 -33.79
N ARG E 300 -13.10 4.21 -34.32
CA ARG E 300 -13.21 2.87 -34.87
C ARG E 300 -12.25 2.73 -36.06
N VAL E 301 -11.49 1.62 -36.08
CA VAL E 301 -10.56 1.33 -37.15
C VAL E 301 -10.68 -0.15 -37.53
N ALA E 302 -10.03 -0.50 -38.65
CA ALA E 302 -9.98 -1.90 -39.07
C ALA E 302 -9.12 -2.71 -38.12
N GLN E 303 -9.63 -3.86 -37.71
CA GLN E 303 -8.96 -4.77 -36.80
C GLN E 303 -7.91 -5.58 -37.54
N PRO E 304 -7.03 -6.26 -36.81
CA PRO E 304 -6.02 -7.09 -37.48
C PRO E 304 -6.65 -8.22 -38.30
N ALA E 305 -6.02 -8.52 -39.43
CA ALA E 305 -6.46 -9.66 -40.24
C ALA E 305 -6.33 -10.95 -39.44
N GLN E 306 -7.32 -11.82 -39.59
CA GLN E 306 -7.33 -13.12 -38.92
C GLN E 306 -7.02 -14.22 -39.92
N ASP E 307 -6.12 -15.12 -39.54
CA ASP E 307 -5.78 -16.27 -40.36
C ASP E 307 -5.49 -17.44 -39.42
N PRO E 308 -6.25 -18.55 -39.48
CA PRO E 308 -7.31 -18.85 -40.46
C PRO E 308 -8.58 -18.06 -40.23
N GLN E 309 -9.50 -18.11 -41.17
CA GLN E 309 -10.79 -17.47 -40.98
C GLN E 309 -11.57 -18.23 -39.90
N PRO E 310 -12.01 -17.56 -38.84
CA PRO E 310 -12.73 -18.26 -37.77
C PRO E 310 -14.04 -18.88 -38.27
N LEU E 311 -14.60 -19.75 -37.44
CA LEU E 311 -15.91 -20.32 -37.70
C LEU E 311 -16.94 -19.21 -37.85
N ALA E 312 -18.05 -19.55 -38.52
CA ALA E 312 -19.02 -18.54 -38.96
C ALA E 312 -19.57 -17.71 -37.82
N TYR E 313 -19.82 -18.31 -36.65
CA TYR E 313 -20.40 -17.53 -35.56
C TYR E 313 -19.46 -16.43 -35.07
N LEU E 314 -18.18 -16.50 -35.39
CA LEU E 314 -17.24 -15.47 -34.95
C LEU E 314 -16.97 -14.42 -36.01
N ARG E 315 -17.60 -14.51 -37.16
CA ARG E 315 -17.24 -13.62 -38.27
C ARG E 315 -18.04 -12.32 -38.19
N HIS E 316 -17.40 -11.24 -38.64
CA HIS E 316 -18.13 -9.99 -38.83
C HIS E 316 -17.44 -9.16 -39.90
N ASP E 317 -18.26 -8.42 -40.65
CA ASP E 317 -17.86 -7.48 -41.69
C ASP E 317 -17.66 -6.10 -41.07
N GLY E 318 -16.92 -5.26 -41.79
CA GLY E 318 -16.68 -3.91 -41.33
C GLY E 318 -15.58 -3.87 -40.28
N GLU E 319 -15.43 -2.69 -39.70
CA GLU E 319 -14.37 -2.39 -38.74
C GLU E 319 -14.90 -2.54 -37.32
N HIS E 320 -14.10 -3.19 -36.47
CA HIS E 320 -14.54 -3.45 -35.11
C HIS E 320 -13.42 -3.30 -34.09
N ALA E 321 -12.29 -2.71 -34.48
CA ALA E 321 -11.22 -2.32 -33.57
C ALA E 321 -11.37 -0.86 -33.19
N PHE E 322 -10.63 -0.44 -32.16
CA PHE E 322 -10.65 0.94 -31.75
C PHE E 322 -9.24 1.44 -31.48
N ASP E 323 -8.98 2.66 -31.94
CA ASP E 323 -7.67 3.31 -31.86
C ASP E 323 -7.58 4.02 -30.52
N ILE E 324 -7.05 3.32 -29.52
CA ILE E 324 -6.89 3.86 -28.16
C ILE E 324 -5.43 3.76 -27.78
N THR E 325 -4.78 4.92 -27.64
CA THR E 325 -3.43 4.95 -27.13
C THR E 325 -3.43 4.53 -25.66
N LEU E 326 -2.52 3.64 -25.28
CA LEU E 326 -2.41 3.15 -23.91
C LEU E 326 -0.97 3.25 -23.42
N GLU E 327 -0.79 3.64 -22.15
CA GLU E 327 0.55 3.81 -21.59
C GLU E 327 0.55 3.42 -20.10
N VAL E 328 1.69 2.90 -19.65
CA VAL E 328 1.86 2.48 -18.27
C VAL E 328 3.09 3.16 -17.71
N THR E 329 2.95 3.75 -16.53
CA THR E 329 4.10 4.25 -15.78
C THR E 329 4.27 3.46 -14.49
N LEU E 330 5.53 3.37 -14.05
CA LEU E 330 5.90 2.77 -12.79
C LEU E 330 6.69 3.82 -12.02
N ARG E 331 6.30 4.08 -10.77
CA ARG E 331 6.99 5.06 -9.93
C ARG E 331 7.40 4.43 -8.60
N PRO E 332 8.68 4.23 -8.36
CA PRO E 332 9.11 3.71 -7.04
C PRO E 332 8.65 4.64 -5.93
N GLN E 333 8.53 4.09 -4.72
CA GLN E 333 8.13 4.91 -3.59
C GLN E 333 9.13 6.03 -3.37
N GLN E 334 8.61 7.21 -3.03
CA GLN E 334 9.37 8.45 -2.81
C GLN E 334 10.13 8.93 -4.05
N ALA E 335 9.95 8.30 -5.21
CA ALA E 335 10.51 8.82 -6.46
C ALA E 335 9.64 9.95 -6.98
N LYS E 336 10.28 11.03 -7.45
CA LYS E 336 9.50 12.15 -7.96
C LYS E 336 8.90 11.83 -9.33
N GLU E 337 9.66 11.20 -10.22
CA GLU E 337 9.22 11.02 -11.60
C GLU E 337 8.87 9.57 -11.88
N ALA E 338 7.69 9.36 -12.46
CA ALA E 338 7.29 8.02 -12.88
C ALA E 338 8.00 7.69 -14.19
N SER E 339 8.31 6.41 -14.38
CA SER E 339 8.93 5.95 -15.62
C SER E 339 7.88 5.30 -16.51
N THR E 340 7.78 5.75 -17.76
CA THR E 340 6.88 5.11 -18.73
C THR E 340 7.52 3.80 -19.18
N ILE E 341 6.90 2.68 -18.83
CA ILE E 341 7.49 1.38 -19.15
C ILE E 341 6.89 0.74 -20.39
N THR E 342 5.74 1.20 -20.86
CA THR E 342 5.23 0.69 -22.13
C THR E 342 4.24 1.67 -22.76
N ARG E 343 4.20 1.66 -24.09
CA ARG E 343 3.23 2.42 -24.88
C ARG E 343 2.66 1.50 -25.95
N THR E 344 1.34 1.37 -25.99
CA THR E 344 0.76 0.48 -26.98
C THR E 344 -0.62 1.00 -27.35
N ASN E 345 -1.43 0.17 -28.00
CA ASN E 345 -2.70 0.59 -28.54
C ASN E 345 -3.67 -0.60 -28.56
N PHE E 346 -4.93 -0.34 -28.18
CA PHE E 346 -5.97 -1.37 -28.19
C PHE E 346 -6.26 -1.91 -29.59
N LYS E 347 -5.90 -1.18 -30.65
CA LYS E 347 -6.22 -1.62 -32.00
C LYS E 347 -5.47 -2.90 -32.39
N HIS E 348 -4.41 -3.25 -31.69
CA HIS E 348 -3.64 -4.43 -32.07
C HIS E 348 -4.30 -5.74 -31.68
N MET E 349 -5.39 -5.71 -30.91
CA MET E 349 -5.98 -6.95 -30.40
C MET E 349 -6.52 -7.80 -31.54
N TYR E 350 -6.30 -9.12 -31.43
CA TYR E 350 -6.62 -10.06 -32.50
C TYR E 350 -8.10 -10.40 -32.53
N TRP E 351 -8.71 -10.55 -31.35
CA TRP E 351 -10.13 -10.79 -31.22
C TRP E 351 -10.79 -9.51 -30.72
N THR E 352 -11.87 -9.10 -31.39
CA THR E 352 -12.60 -7.89 -31.06
C THR E 352 -13.57 -8.12 -29.90
N MET E 353 -14.12 -7.01 -29.40
CA MET E 353 -15.10 -7.11 -28.32
C MET E 353 -16.34 -7.86 -28.79
N ALA E 354 -16.83 -7.54 -29.99
CA ALA E 354 -17.95 -8.27 -30.57
C ALA E 354 -17.66 -9.76 -30.63
N GLN E 355 -16.45 -10.15 -31.04
CA GLN E 355 -16.15 -11.57 -31.11
C GLN E 355 -16.06 -12.19 -29.72
N GLN E 356 -15.54 -11.44 -28.75
CA GLN E 356 -15.47 -11.95 -27.39
C GLN E 356 -16.87 -12.18 -26.81
N LEU E 357 -17.76 -11.23 -27.02
CA LEU E 357 -19.12 -11.36 -26.49
C LEU E 357 -19.88 -12.48 -27.20
N ALA E 358 -19.70 -12.60 -28.51
CA ALA E 358 -20.33 -13.68 -29.26
C ALA E 358 -19.85 -15.05 -28.74
N HIS E 359 -18.55 -15.19 -28.56
CA HIS E 359 -18.04 -16.45 -27.99
C HIS E 359 -18.49 -16.62 -26.54
N HIS E 360 -18.46 -15.56 -25.73
CA HIS E 360 -18.89 -15.68 -24.34
C HIS E 360 -20.28 -16.29 -24.23
N THR E 361 -21.15 -16.03 -25.20
CA THR E 361 -22.56 -16.40 -25.09
C THR E 361 -22.95 -17.53 -26.03
N VAL E 362 -22.01 -18.08 -26.81
CA VAL E 362 -22.39 -18.98 -27.90
C VAL E 362 -22.95 -20.29 -27.36
N SER E 363 -22.53 -20.72 -26.18
CA SER E 363 -23.04 -21.95 -25.60
C SER E 363 -24.20 -21.70 -24.64
N GLY E 364 -24.70 -20.46 -24.57
CA GLY E 364 -25.88 -20.16 -23.78
C GLY E 364 -25.67 -19.31 -22.54
N CYS E 365 -24.41 -19.04 -22.15
CA CYS E 365 -24.18 -18.17 -20.99
C CYS E 365 -24.88 -16.84 -21.16
N ASN E 366 -25.49 -16.35 -20.09
CA ASN E 366 -26.16 -15.07 -20.08
C ASN E 366 -25.23 -13.96 -19.58
N THR E 367 -25.61 -12.71 -19.85
CA THR E 367 -24.91 -11.55 -19.34
C THR E 367 -25.93 -10.55 -18.82
N ARG E 368 -25.43 -9.58 -18.06
CA ARG E 368 -26.25 -8.68 -17.28
C ARG E 368 -25.61 -7.30 -17.30
N VAL E 369 -26.46 -6.28 -17.13
CA VAL E 369 -26.00 -4.90 -17.08
C VAL E 369 -24.91 -4.79 -16.02
N GLY E 370 -23.80 -4.14 -16.38
CA GLY E 370 -22.71 -3.95 -15.46
C GLY E 370 -21.63 -5.01 -15.51
N ASP E 371 -21.84 -6.11 -16.24
CA ASP E 371 -20.76 -7.09 -16.44
C ASP E 371 -19.53 -6.40 -17.02
N LEU E 372 -18.36 -6.88 -16.60
CA LEU E 372 -17.08 -6.34 -17.01
C LEU E 372 -16.35 -7.42 -17.78
N MET E 373 -15.83 -7.09 -18.95
CA MET E 373 -15.14 -8.03 -19.81
C MET E 373 -13.75 -7.48 -20.11
N GLY E 374 -12.72 -8.18 -19.60
CA GLY E 374 -11.36 -7.76 -19.82
C GLY E 374 -10.83 -8.25 -21.15
N SER E 375 -10.06 -7.39 -21.82
CA SER E 375 -9.57 -7.68 -23.16
C SER E 375 -8.53 -8.78 -23.16
N GLY E 376 -7.88 -9.03 -22.03
CA GLY E 376 -6.59 -9.68 -22.01
C GLY E 376 -5.46 -8.66 -22.13
N THR E 377 -4.26 -9.07 -21.70
CA THR E 377 -3.10 -8.18 -21.75
C THR E 377 -2.91 -7.66 -23.17
N ILE E 378 -2.67 -6.36 -23.29
CA ILE E 378 -2.49 -5.71 -24.59
C ILE E 378 -1.01 -5.50 -24.81
N SER E 379 -0.47 -6.14 -25.85
CA SER E 379 0.92 -5.95 -26.26
C SER E 379 0.96 -5.69 -27.76
N GLY E 380 1.81 -4.74 -28.17
CA GLY E 380 1.93 -4.39 -29.56
C GLY E 380 3.16 -5.03 -30.19
N PRO E 381 3.48 -4.60 -31.41
CA PRO E 381 4.58 -5.23 -32.15
C PRO E 381 5.98 -4.86 -31.70
N THR E 382 6.18 -3.81 -30.92
CA THR E 382 7.52 -3.40 -30.54
C THR E 382 7.79 -3.70 -29.07
N GLU E 383 9.08 -3.79 -28.73
CA GLU E 383 9.48 -4.23 -27.39
C GLU E 383 9.12 -3.22 -26.31
N ASP E 384 8.87 -1.97 -26.68
CA ASP E 384 8.40 -0.96 -25.75
C ASP E 384 6.89 -0.91 -25.69
N SER E 385 6.21 -1.93 -26.23
CA SER E 385 4.75 -1.94 -26.31
C SER E 385 4.13 -3.16 -25.64
N PHE E 386 4.90 -3.96 -24.93
CA PHE E 386 4.36 -5.14 -24.27
C PHE E 386 3.61 -4.73 -23.00
N GLY E 387 2.58 -5.51 -22.67
CA GLY E 387 1.66 -5.10 -21.62
C GLY E 387 1.91 -5.67 -20.24
N SER E 388 3.08 -6.24 -19.98
CA SER E 388 3.37 -6.78 -18.66
C SER E 388 4.87 -6.73 -18.45
N LEU E 389 5.29 -6.67 -17.18
CA LEU E 389 6.71 -6.74 -16.88
CA LEU E 389 6.71 -6.73 -16.89
C LEU E 389 7.28 -8.10 -17.26
N LEU E 390 6.47 -9.17 -17.16
CA LEU E 390 6.91 -10.48 -17.62
C LEU E 390 7.42 -10.42 -19.06
N GLU E 391 6.68 -9.74 -19.95
CA GLU E 391 7.15 -9.56 -21.32
C GLU E 391 8.24 -8.50 -21.42
N LEU E 392 8.06 -7.36 -20.76
CA LEU E 392 8.97 -6.24 -20.93
C LEU E 392 10.39 -6.59 -20.50
N THR E 393 10.52 -7.38 -19.44
CA THR E 393 11.83 -7.82 -18.97
C THR E 393 12.17 -9.23 -19.42
N TRP E 394 11.31 -9.85 -20.23
CA TRP E 394 11.43 -11.24 -20.66
CA TRP E 394 11.49 -11.23 -20.66
C TRP E 394 11.70 -12.17 -19.47
N ASN E 395 10.72 -12.19 -18.57
CA ASN E 395 10.75 -13.00 -17.35
C ASN E 395 11.98 -12.71 -16.49
N GLY E 396 12.44 -11.46 -16.53
CA GLY E 396 13.53 -11.04 -15.69
C GLY E 396 14.92 -11.24 -16.26
N LYS E 397 15.04 -11.77 -17.48
CA LYS E 397 16.35 -11.91 -18.09
C LYS E 397 16.93 -10.58 -18.53
N LYS E 398 16.09 -9.57 -18.76
CA LYS E 398 16.55 -8.24 -19.16
C LYS E 398 15.74 -7.21 -18.38
N PRO E 399 16.15 -6.89 -17.16
CA PRO E 399 15.42 -5.89 -16.37
C PRO E 399 15.35 -4.56 -17.10
N LEU E 400 14.24 -3.85 -16.91
CA LEU E 400 14.12 -2.54 -17.53
C LEU E 400 14.72 -1.47 -16.62
N GLU E 401 15.17 -0.38 -17.23
CA GLU E 401 15.80 0.73 -16.54
C GLU E 401 14.77 1.82 -16.26
N LEU E 402 14.65 2.22 -15.00
CA LEU E 402 13.79 3.33 -14.62
C LEU E 402 14.54 4.65 -14.72
N ARG E 403 13.79 5.73 -14.96
CA ARG E 403 14.35 7.07 -14.87
C ARG E 403 14.90 7.33 -13.47
N GLU E 404 14.05 7.16 -12.46
CA GLU E 404 14.44 7.33 -11.06
C GLU E 404 14.07 6.04 -10.32
N GLY E 405 15.02 5.48 -9.57
CA GLY E 405 14.79 4.29 -8.79
C GLY E 405 15.50 3.04 -9.28
N GLY E 406 16.19 3.08 -10.42
CA GLY E 406 17.01 1.97 -10.85
C GLY E 406 16.39 1.03 -11.85
N THR E 407 16.25 -0.25 -11.48
CA THR E 407 15.81 -1.28 -12.39
C THR E 407 14.68 -2.08 -11.76
N ARG E 408 13.89 -2.74 -12.61
CA ARG E 408 12.81 -3.61 -12.18
C ARG E 408 12.82 -4.87 -13.02
N SER E 409 12.66 -6.01 -12.36
CA SER E 409 12.21 -7.23 -13.02
C SER E 409 10.68 -7.29 -12.89
N PHE E 410 10.19 -7.65 -11.70
CA PHE E 410 8.78 -7.55 -11.39
C PHE E 410 8.54 -6.42 -10.38
N ILE E 411 7.29 -6.23 -10.00
CA ILE E 411 6.92 -5.07 -9.18
C ILE E 411 7.42 -5.24 -7.75
N GLU E 412 8.00 -4.19 -7.22
CA GLU E 412 8.50 -4.14 -5.84
C GLU E 412 7.53 -3.38 -4.94
N ASP E 413 7.62 -3.68 -3.64
CA ASP E 413 6.76 -3.02 -2.65
C ASP E 413 6.92 -1.51 -2.71
N GLY E 414 5.79 -0.82 -2.62
CA GLY E 414 5.78 0.62 -2.73
C GLY E 414 5.66 1.17 -4.14
N ASP E 415 5.88 0.36 -5.17
CA ASP E 415 5.77 0.87 -6.54
C ASP E 415 4.34 1.28 -6.84
N GLU E 416 4.18 2.40 -7.54
CA GLU E 416 2.87 2.84 -8.02
C GLU E 416 2.80 2.59 -9.53
N LEU E 417 1.82 1.77 -9.93
CA LEU E 417 1.61 1.41 -11.33
C LEU E 417 0.39 2.18 -11.82
N THR E 418 0.55 2.93 -12.91
CA THR E 418 -0.53 3.77 -13.43
C THR E 418 -0.80 3.47 -14.90
N LEU E 419 -1.98 2.96 -15.19
CA LEU E 419 -2.47 2.87 -16.57
C LEU E 419 -3.12 4.17 -17.00
N ALA E 420 -2.88 4.56 -18.25
CA ALA E 420 -3.46 5.77 -18.81
C ALA E 420 -3.80 5.50 -20.28
N GLY E 421 -4.77 6.25 -20.81
CA GLY E 421 -5.16 6.01 -22.18
C GLY E 421 -6.08 7.06 -22.77
N TRP E 422 -6.05 7.21 -24.09
CA TRP E 422 -6.85 8.22 -24.75
C TRP E 422 -6.93 7.93 -26.24
N CYS E 423 -7.97 8.44 -26.87
CA CYS E 423 -8.11 8.46 -28.33
C CYS E 423 -7.68 9.83 -28.83
N GLN E 424 -6.76 9.85 -29.81
CA GLN E 424 -6.20 11.09 -30.33
C GLN E 424 -6.98 11.53 -31.56
N GLY E 425 -7.57 12.73 -31.48
CA GLY E 425 -8.22 13.36 -32.61
C GLY E 425 -7.47 14.60 -33.06
N GLU E 426 -7.99 15.21 -34.11
CA GLU E 426 -7.42 16.44 -34.64
C GLU E 426 -7.72 17.59 -33.67
N GLY E 427 -6.74 17.94 -32.84
CA GLY E 427 -6.89 19.00 -31.86
C GLY E 427 -7.57 18.63 -30.56
N TYR E 428 -7.88 17.36 -30.34
CA TYR E 428 -8.55 16.99 -29.09
C TYR E 428 -8.34 15.51 -28.82
N ARG E 429 -8.61 15.13 -27.58
CA ARG E 429 -8.57 13.75 -27.13
C ARG E 429 -9.91 13.35 -26.52
N VAL E 430 -10.21 12.05 -26.59
CA VAL E 430 -11.29 11.43 -25.82
C VAL E 430 -10.59 10.37 -24.98
N GLY E 431 -10.38 10.69 -23.69
CA GLY E 431 -9.48 9.94 -22.85
C GLY E 431 -10.17 9.26 -21.67
N PHE E 432 -9.37 8.45 -20.97
CA PHE E 432 -9.87 7.50 -19.98
C PHE E 432 -9.51 7.86 -18.55
N GLY E 433 -8.78 8.95 -18.33
CA GLY E 433 -8.32 9.15 -16.96
C GLY E 433 -7.23 8.14 -16.64
N VAL E 434 -7.18 7.71 -15.37
CA VAL E 434 -6.10 6.82 -14.97
C VAL E 434 -6.66 5.63 -14.19
N CYS E 435 -5.83 4.58 -14.14
CA CYS E 435 -6.10 3.33 -13.44
C CYS E 435 -4.84 3.01 -12.64
N ALA E 436 -4.78 3.47 -11.39
CA ALA E 436 -3.56 3.43 -10.59
C ALA E 436 -3.73 2.60 -9.32
N GLY E 437 -2.63 2.02 -8.86
CA GLY E 437 -2.56 1.49 -7.52
C GLY E 437 -1.13 1.40 -7.05
N GLU E 438 -0.94 1.52 -5.73
CA GLU E 438 0.34 1.30 -5.08
C GLU E 438 0.36 -0.06 -4.40
N ILE E 439 1.49 -0.75 -4.48
CA ILE E 439 1.62 -2.10 -3.90
C ILE E 439 2.05 -1.97 -2.45
N LEU E 440 1.24 -2.56 -1.53
CA LEU E 440 1.57 -2.65 -0.10
C LEU E 440 2.26 -4.00 0.18
N PRO E 441 3.19 -4.05 1.13
CA PRO E 441 3.85 -5.31 1.45
C PRO E 441 2.86 -6.41 1.83
N ALA E 442 3.25 -7.64 1.54
CA ALA E 442 2.44 -8.78 1.95
C ALA E 442 2.38 -8.86 3.47
N LEU E 443 1.26 -9.38 3.98
CA LEU E 443 1.14 -9.55 5.43
C LEU E 443 2.29 -10.40 5.94
N LYS E 444 2.85 -10.00 7.08
CA LYS E 444 4.02 -10.69 7.61
C LYS E 444 3.62 -11.81 8.55
N SER F 12 -26.58 -21.31 24.10
CA SER F 12 -26.72 -22.44 23.20
C SER F 12 -27.83 -23.38 23.67
N SER F 13 -28.32 -23.14 24.89
CA SER F 13 -29.42 -23.94 25.41
C SER F 13 -30.63 -23.90 24.47
N ASP F 14 -31.05 -22.68 24.10
CA ASP F 14 -32.15 -22.55 23.14
C ASP F 14 -31.84 -23.29 21.86
N LEU F 15 -30.64 -23.08 21.30
CA LEU F 15 -30.29 -23.69 20.02
C LEU F 15 -30.20 -25.21 20.12
N GLN F 16 -29.60 -25.72 21.21
CA GLN F 16 -29.48 -27.16 21.36
C GLN F 16 -30.85 -27.83 21.41
N ALA F 17 -31.81 -27.21 22.09
CA ALA F 17 -33.17 -27.74 22.10
C ALA F 17 -33.75 -27.86 20.70
N THR F 18 -33.36 -26.97 19.77
CA THR F 18 -33.88 -27.10 18.41
C THR F 18 -33.26 -28.28 17.67
N LEU F 19 -32.16 -28.85 18.17
CA LEU F 19 -31.53 -30.00 17.53
C LEU F 19 -32.02 -31.33 18.08
N ASP F 20 -32.85 -31.29 19.10
CA ASP F 20 -33.32 -32.46 19.83
C ASP F 20 -34.12 -33.40 18.94
N PRO F 21 -33.60 -34.60 18.67
CA PRO F 21 -34.37 -35.57 17.85
C PRO F 21 -35.76 -35.89 18.41
N SER F 22 -36.00 -35.72 19.71
CA SER F 22 -37.32 -36.04 20.26
C SER F 22 -38.36 -34.96 19.96
N ARG F 23 -37.95 -33.77 19.56
CA ARG F 23 -38.92 -32.73 19.29
C ARG F 23 -39.75 -33.08 18.06
N LYS F 24 -41.04 -32.75 18.09
CA LYS F 24 -41.95 -33.02 16.99
C LYS F 24 -42.83 -31.79 16.75
N SER F 25 -43.48 -31.76 15.60
CA SER F 25 -44.31 -30.64 15.15
C SER F 25 -45.79 -30.99 15.21
N TRP F 26 -46.64 -29.95 15.29
CA TRP F 26 -48.06 -30.12 15.00
C TRP F 26 -48.34 -30.14 13.51
N VAL F 27 -47.37 -29.75 12.67
CA VAL F 27 -47.42 -30.01 11.24
C VAL F 27 -47.11 -31.49 11.07
N GLU F 28 -48.14 -32.32 10.91
CA GLU F 28 -47.95 -33.76 11.02
C GLU F 28 -46.98 -34.30 9.97
N SER F 29 -47.02 -33.75 8.75
CA SER F 29 -46.14 -34.23 7.70
C SER F 29 -44.67 -34.00 8.03
N ALA F 30 -44.36 -33.06 8.92
CA ALA F 30 -42.99 -32.86 9.37
C ALA F 30 -42.48 -34.03 10.20
N ASN F 31 -43.38 -34.83 10.74
CA ASN F 31 -42.98 -35.93 11.61
C ASN F 31 -42.74 -37.22 10.85
N ASN F 32 -42.86 -37.17 9.53
CA ASN F 32 -42.61 -38.34 8.70
C ASN F 32 -41.14 -38.71 8.83
N PRO F 33 -40.81 -39.95 9.22
CA PRO F 33 -39.40 -40.30 9.49
C PRO F 33 -38.47 -40.11 8.31
N THR F 34 -38.95 -40.27 7.07
CA THR F 34 -38.10 -40.11 5.90
C THR F 34 -38.27 -38.76 5.21
N GLY F 35 -39.17 -37.90 5.69
CA GLY F 35 -39.30 -36.57 5.11
C GLY F 35 -38.06 -35.72 5.37
N ASP F 36 -37.77 -34.83 4.41
CA ASP F 36 -36.60 -33.96 4.52
C ASP F 36 -36.79 -32.83 5.53
N PHE F 37 -38.04 -32.40 5.74
CA PHE F 37 -38.29 -31.16 6.45
C PHE F 37 -38.88 -31.40 7.84
N SER F 38 -38.19 -32.20 8.64
CA SER F 38 -38.49 -32.38 10.05
C SER F 38 -38.43 -31.04 10.78
N ILE F 39 -39.01 -31.00 11.98
CA ILE F 39 -38.83 -29.79 12.77
C ILE F 39 -37.36 -29.54 13.08
N GLN F 40 -36.51 -30.56 13.03
CA GLN F 40 -35.08 -30.36 13.27
C GLN F 40 -34.37 -29.64 12.13
N ASN F 41 -35.01 -29.50 10.97
CA ASN F 41 -34.31 -28.96 9.82
C ASN F 41 -34.44 -27.43 9.75
N LEU F 42 -35.62 -26.94 9.34
CA LEU F 42 -35.95 -25.51 9.22
C LEU F 42 -35.04 -24.81 8.22
N PRO F 43 -35.07 -25.22 6.96
CA PRO F 43 -34.26 -24.53 5.94
C PRO F 43 -34.95 -23.27 5.44
N PHE F 44 -34.14 -22.36 4.88
CA PHE F 44 -34.65 -21.08 4.38
C PHE F 44 -34.72 -21.09 2.86
N GLY F 45 -35.77 -20.47 2.32
CA GLY F 45 -35.93 -20.35 0.89
C GLY F 45 -36.69 -19.08 0.54
N ILE F 46 -36.90 -18.88 -0.77
CA ILE F 46 -37.67 -17.75 -1.30
C ILE F 46 -38.81 -18.33 -2.12
N PHE F 47 -40.03 -17.87 -1.85
CA PHE F 47 -41.19 -18.48 -2.50
C PHE F 47 -42.22 -17.40 -2.82
N SER F 48 -43.12 -17.76 -3.73
CA SER F 48 -44.37 -17.04 -3.95
C SER F 48 -45.43 -18.09 -4.20
N ASP F 49 -46.69 -17.67 -4.28
CA ASP F 49 -47.79 -18.62 -4.37
C ASP F 49 -48.94 -18.01 -5.16
N GLY F 50 -50.07 -18.72 -5.19
CA GLY F 50 -51.22 -18.25 -5.95
C GLY F 50 -51.90 -17.02 -5.35
N LEU F 51 -51.90 -16.92 -4.01
CA LEU F 51 -52.56 -15.81 -3.34
C LEU F 51 -51.69 -14.58 -3.23
N ASN F 52 -50.38 -14.71 -3.44
CA ASN F 52 -49.46 -13.60 -3.23
C ASN F 52 -48.24 -13.87 -4.12
N ALA F 53 -48.18 -13.19 -5.26
CA ALA F 53 -47.07 -13.37 -6.16
C ALA F 53 -45.81 -12.64 -5.72
N THR F 54 -45.84 -11.94 -4.58
CA THR F 54 -44.63 -11.33 -4.05
C THR F 54 -43.70 -12.42 -3.53
N ARG F 55 -42.45 -12.40 -3.97
CA ARG F 55 -41.45 -13.29 -3.41
C ARG F 55 -41.15 -12.88 -1.97
N ARG F 56 -40.96 -13.87 -1.11
CA ARG F 56 -40.71 -13.60 0.29
C ARG F 56 -40.04 -14.82 0.93
N VAL F 57 -39.52 -14.61 2.13
CA VAL F 57 -38.77 -15.64 2.83
C VAL F 57 -39.74 -16.66 3.42
N GLY F 58 -39.46 -17.94 3.19
CA GLY F 58 -40.18 -19.00 3.85
C GLY F 58 -39.23 -20.01 4.45
N VAL F 59 -39.80 -20.84 5.32
CA VAL F 59 -39.07 -21.95 5.96
C VAL F 59 -39.89 -23.20 5.73
N ALA F 60 -39.22 -24.25 5.24
CA ALA F 60 -39.91 -25.53 5.00
C ALA F 60 -40.22 -26.22 6.31
N ILE F 61 -41.45 -26.72 6.43
CA ILE F 61 -41.81 -27.62 7.52
C ILE F 61 -42.77 -28.66 6.96
N GLY F 62 -42.39 -29.93 7.06
CA GLY F 62 -43.19 -30.99 6.48
C GLY F 62 -43.39 -30.74 4.99
N ASP F 63 -44.64 -30.88 4.55
CA ASP F 63 -45.02 -30.60 3.18
C ASP F 63 -45.38 -29.13 2.96
N SER F 64 -45.12 -28.28 3.95
CA SER F 64 -45.59 -26.89 3.91
C SER F 64 -44.40 -25.93 4.00
N ILE F 65 -44.76 -24.64 3.97
CA ILE F 65 -43.84 -23.52 4.08
C ILE F 65 -44.40 -22.56 5.12
N VAL F 66 -43.53 -22.06 5.99
CA VAL F 66 -43.91 -21.00 6.92
C VAL F 66 -43.58 -19.64 6.28
N ASP F 67 -44.59 -18.78 6.18
CA ASP F 67 -44.45 -17.45 5.60
C ASP F 67 -43.93 -16.52 6.71
N LEU F 68 -42.62 -16.25 6.71
CA LEU F 68 -42.01 -15.55 7.84
C LEU F 68 -42.50 -14.10 7.95
N ALA F 69 -42.73 -13.43 6.80
CA ALA F 69 -43.28 -12.09 6.81
C ALA F 69 -44.63 -12.04 7.51
N ALA F 70 -45.48 -13.05 7.28
CA ALA F 70 -46.79 -13.06 7.92
C ALA F 70 -46.66 -13.19 9.43
N LEU F 71 -45.79 -14.09 9.90
CA LEU F 71 -45.57 -14.24 11.34
C LEU F 71 -45.01 -12.96 11.95
N GLU F 72 -44.09 -12.31 11.22
CA GLU F 72 -43.56 -11.03 11.70
C GLU F 72 -44.66 -9.98 11.78
N SER F 73 -45.48 -9.86 10.73
CA SER F 73 -46.54 -8.86 10.73
C SER F 73 -47.55 -9.11 11.85
N ALA F 74 -47.74 -10.36 12.22
CA ALA F 74 -48.64 -10.73 13.31
C ALA F 74 -47.95 -10.69 14.67
N GLY F 75 -46.67 -10.37 14.71
CA GLY F 75 -45.98 -10.18 15.98
C GLY F 75 -45.44 -11.44 16.62
N LEU F 76 -45.44 -12.58 15.92
CA LEU F 76 -44.96 -13.83 16.50
C LEU F 76 -43.49 -14.11 16.19
N LEU F 77 -42.82 -13.20 15.49
CA LEU F 77 -41.46 -13.44 15.04
C LEU F 77 -40.77 -12.10 14.90
N SER F 78 -39.62 -11.95 15.57
CA SER F 78 -38.89 -10.69 15.61
C SER F 78 -37.46 -10.88 15.11
N VAL F 79 -36.98 -9.89 14.34
CA VAL F 79 -35.58 -9.80 13.97
C VAL F 79 -35.13 -8.37 14.19
N PRO F 80 -33.83 -8.14 14.37
CA PRO F 80 -33.32 -6.77 14.41
C PRO F 80 -33.76 -5.98 13.17
N SER F 81 -34.09 -4.72 13.37
CA SER F 81 -34.63 -3.88 12.31
C SER F 81 -33.57 -3.50 11.27
N ASP F 86 -39.61 -1.78 6.51
CA ASP F 86 -38.89 -2.59 5.53
C ASP F 86 -38.41 -3.90 6.14
N SER F 87 -39.22 -4.95 6.03
CA SER F 87 -38.90 -6.24 6.61
C SER F 87 -37.97 -7.04 5.71
N VAL F 88 -36.96 -7.68 6.31
CA VAL F 88 -36.05 -8.51 5.53
C VAL F 88 -36.70 -9.77 4.99
N PHE F 89 -37.91 -10.08 5.44
CA PHE F 89 -38.62 -11.25 4.95
C PHE F 89 -39.42 -10.97 3.69
N VAL F 90 -39.61 -9.69 3.34
CA VAL F 90 -40.22 -9.33 2.08
C VAL F 90 -39.11 -8.90 1.14
N ARG F 91 -38.45 -9.88 0.54
CA ARG F 91 -37.34 -9.69 -0.38
C ARG F 91 -37.38 -10.85 -1.38
N ASP F 92 -36.79 -10.64 -2.56
CA ASP F 92 -36.63 -11.69 -3.57
CA ASP F 92 -36.70 -11.77 -3.49
C ASP F 92 -35.42 -12.57 -3.32
N ALA F 93 -34.72 -12.40 -2.19
CA ALA F 93 -33.49 -13.12 -1.92
C ALA F 93 -33.26 -13.12 -0.42
N LEU F 94 -32.55 -14.15 0.06
CA LEU F 94 -32.25 -14.24 1.48
C LEU F 94 -31.11 -13.31 1.92
N ASN F 95 -30.45 -12.61 0.99
CA ASN F 95 -29.21 -11.91 1.32
C ASN F 95 -29.35 -10.98 2.51
N ASP F 96 -30.41 -10.15 2.50
CA ASP F 96 -30.55 -9.15 3.56
C ASP F 96 -30.75 -9.83 4.91
N PHE F 97 -31.53 -10.91 4.95
CA PHE F 97 -31.71 -11.61 6.22
C PHE F 97 -30.43 -12.27 6.68
N ILE F 98 -29.73 -12.94 5.76
CA ILE F 98 -28.45 -13.57 6.09
C ILE F 98 -27.47 -12.53 6.63
N ALA F 99 -27.44 -11.35 6.01
CA ALA F 99 -26.54 -10.30 6.45
C ALA F 99 -26.76 -9.90 7.92
N LEU F 100 -27.90 -10.24 8.52
CA LEU F 100 -28.11 -9.87 9.92
C LEU F 100 -27.18 -10.64 10.85
N GLY F 101 -26.61 -11.75 10.41
CA GLY F 101 -25.59 -12.46 11.17
C GLY F 101 -26.15 -13.65 11.95
N ARG F 102 -25.21 -14.44 12.47
CA ARG F 102 -25.53 -15.74 13.06
C ARG F 102 -26.46 -15.62 14.27
N ASP F 103 -26.31 -14.57 15.09
CA ASP F 103 -27.23 -14.41 16.20
C ASP F 103 -28.67 -14.29 15.70
N ALA F 104 -28.86 -13.57 14.59
CA ALA F 104 -30.19 -13.43 14.00
C ALA F 104 -30.68 -14.76 13.44
N TRP F 105 -29.82 -15.49 12.71
CA TRP F 105 -30.24 -16.77 12.16
C TRP F 105 -30.74 -17.69 13.27
N ARG F 106 -30.04 -17.69 14.40
CA ARG F 106 -30.37 -18.60 15.50
C ARG F 106 -31.62 -18.17 16.23
N SER F 107 -31.79 -16.86 16.45
CA SER F 107 -33.01 -16.36 17.09
C SER F 107 -34.25 -16.73 16.28
N VAL F 108 -34.17 -16.60 14.95
CA VAL F 108 -35.31 -16.96 14.12
C VAL F 108 -35.58 -18.45 14.20
N ARG F 109 -34.53 -19.27 14.13
CA ARG F 109 -34.70 -20.72 14.20
C ARG F 109 -35.29 -21.15 15.54
N VAL F 110 -34.79 -20.57 16.65
CA VAL F 110 -35.34 -20.88 17.96
C VAL F 110 -36.80 -20.48 18.03
N GLN F 111 -37.11 -19.26 17.57
CA GLN F 111 -38.50 -18.81 17.57
C GLN F 111 -39.39 -19.77 16.77
N LEU F 112 -38.94 -20.15 15.57
CA LEU F 112 -39.78 -20.99 14.72
C LEU F 112 -39.91 -22.40 15.29
N SER F 113 -38.81 -22.95 15.81
CA SER F 113 -38.86 -24.30 16.38
C SER F 113 -39.87 -24.36 17.53
N ARG F 114 -39.93 -23.32 18.36
CA ARG F 114 -40.94 -23.29 19.41
C ARG F 114 -42.34 -23.21 18.81
N LEU F 115 -42.56 -22.25 17.91
CA LEU F 115 -43.88 -22.05 17.32
C LEU F 115 -44.39 -23.31 16.64
N LEU F 116 -43.50 -24.09 16.04
CA LEU F 116 -43.90 -25.28 15.30
C LEU F 116 -43.95 -26.53 16.17
N SER F 117 -43.51 -26.45 17.43
CA SER F 117 -43.48 -27.63 18.28
C SER F 117 -44.89 -28.07 18.65
N ARG F 118 -45.06 -29.40 18.74
CA ARG F 118 -46.34 -30.05 19.00
C ARG F 118 -47.16 -29.39 20.10
N ASP F 119 -46.51 -28.97 21.20
CA ASP F 119 -47.21 -28.50 22.39
C ASP F 119 -47.42 -26.99 22.44
N ASP F 120 -46.96 -26.24 21.46
CA ASP F 120 -47.12 -24.79 21.48
C ASP F 120 -48.45 -24.42 20.83
N ALA F 121 -49.23 -23.55 21.48
CA ALA F 121 -50.54 -23.20 20.95
C ALA F 121 -50.56 -21.89 20.17
N THR F 122 -49.49 -21.10 20.22
CA THR F 122 -49.56 -19.70 19.77
C THR F 122 -49.96 -19.59 18.30
N LEU F 123 -49.24 -20.29 17.42
CA LEU F 123 -49.61 -20.36 16.02
C LEU F 123 -50.55 -21.53 15.74
N ARG F 124 -50.38 -22.61 16.50
CA ARG F 124 -51.13 -23.84 16.24
C ARG F 124 -52.63 -23.61 16.26
N ASP F 125 -53.12 -22.88 17.27
CA ASP F 125 -54.54 -22.67 17.47
C ASP F 125 -55.05 -21.33 16.94
N ASP F 126 -54.22 -20.61 16.19
CA ASP F 126 -54.65 -19.38 15.53
C ASP F 126 -55.07 -19.73 14.10
N ALA F 127 -56.31 -20.21 13.98
CA ALA F 127 -56.78 -20.78 12.72
C ALA F 127 -56.65 -19.77 11.58
N GLU F 128 -56.99 -18.50 11.83
CA GLU F 128 -56.94 -17.50 10.77
C GLU F 128 -55.51 -17.21 10.34
N LEU F 129 -54.57 -17.11 11.30
CA LEU F 129 -53.19 -16.83 10.94
C LEU F 129 -52.53 -18.06 10.32
N ARG F 130 -52.74 -19.22 10.94
CA ARG F 130 -52.25 -20.48 10.39
C ARG F 130 -52.79 -20.70 8.97
N GLY F 131 -54.02 -20.25 8.72
CA GLY F 131 -54.55 -20.35 7.36
C GLY F 131 -53.76 -19.56 6.34
N ARG F 132 -53.26 -18.38 6.71
CA ARG F 132 -52.50 -17.54 5.80
C ARG F 132 -51.01 -17.84 5.82
N ALA F 133 -50.45 -18.14 7.00
CA ALA F 133 -49.01 -18.19 7.16
C ALA F 133 -48.41 -19.56 6.86
N LEU F 134 -49.21 -20.62 6.82
CA LEU F 134 -48.74 -21.94 6.44
CA LEU F 134 -48.74 -21.94 6.44
C LEU F 134 -49.31 -22.27 5.07
N ILE F 135 -48.43 -22.60 4.13
CA ILE F 135 -48.77 -22.80 2.73
C ILE F 135 -48.17 -24.12 2.25
N ARG F 136 -48.96 -24.93 1.56
CA ARG F 136 -48.44 -26.18 1.02
C ARG F 136 -47.39 -25.90 -0.07
N GLN F 137 -46.26 -26.63 -0.01
CA GLN F 137 -45.26 -26.48 -1.05
C GLN F 137 -45.83 -26.74 -2.43
N ALA F 138 -46.81 -27.66 -2.52
CA ALA F 138 -47.46 -27.95 -3.79
C ALA F 138 -48.14 -26.71 -4.37
N ASP F 139 -48.54 -25.77 -3.53
CA ASP F 139 -49.21 -24.56 -3.97
C ASP F 139 -48.25 -23.39 -4.14
N ALA F 140 -46.95 -23.62 -4.00
CA ALA F 140 -45.97 -22.56 -4.02
C ALA F 140 -44.97 -22.77 -5.14
N GLN F 141 -44.37 -21.68 -5.57
CA GLN F 141 -43.21 -21.73 -6.46
C GLN F 141 -41.98 -21.30 -5.67
N LEU F 142 -40.94 -22.13 -5.71
CA LEU F 142 -39.68 -21.89 -5.02
C LEU F 142 -38.68 -21.28 -5.99
N HIS F 143 -38.06 -20.18 -5.58
CA HIS F 143 -37.14 -19.40 -6.40
C HIS F 143 -35.72 -19.56 -5.89
N LEU F 144 -34.77 -19.06 -6.70
CA LEU F 144 -33.37 -19.07 -6.32
C LEU F 144 -33.22 -18.42 -4.94
N PRO F 145 -32.63 -19.11 -3.96
CA PRO F 145 -32.71 -18.61 -2.57
C PRO F 145 -31.87 -17.37 -2.29
N VAL F 146 -30.81 -17.12 -3.06
CA VAL F 146 -29.93 -15.97 -2.81
C VAL F 146 -29.58 -15.31 -4.13
N GLN F 147 -29.27 -14.01 -4.05
CA GLN F 147 -28.63 -13.28 -5.14
CA GLN F 147 -28.64 -13.29 -5.15
C GLN F 147 -27.15 -13.52 -5.00
N ILE F 148 -26.58 -14.30 -5.91
CA ILE F 148 -25.22 -14.84 -5.75
C ILE F 148 -24.23 -13.81 -6.28
N PRO F 149 -23.40 -13.20 -5.44
CA PRO F 149 -22.45 -12.19 -5.94
C PRO F 149 -21.27 -12.84 -6.63
N GLY F 150 -20.91 -14.03 -6.17
CA GLY F 150 -19.79 -14.79 -6.72
C GLY F 150 -20.02 -16.28 -6.56
N TYR F 151 -19.63 -17.06 -7.58
CA TYR F 151 -19.75 -18.51 -7.57
C TYR F 151 -18.37 -19.09 -7.87
N THR F 152 -17.86 -19.88 -6.92
CA THR F 152 -16.57 -20.56 -7.02
C THR F 152 -16.82 -22.06 -6.98
N ASP F 153 -16.03 -22.83 -7.72
CA ASP F 153 -16.23 -24.26 -7.77
C ASP F 153 -14.90 -24.94 -7.51
N PHE F 154 -14.91 -25.93 -6.62
CA PHE F 154 -13.69 -26.62 -6.28
C PHE F 154 -13.64 -27.98 -6.99
N TYR F 155 -12.79 -28.88 -6.50
CA TYR F 155 -12.43 -30.11 -7.20
C TYR F 155 -11.94 -31.15 -6.19
N SER F 156 -12.61 -31.22 -5.04
CA SER F 156 -11.97 -31.70 -3.82
C SER F 156 -12.21 -33.19 -3.54
N SER F 157 -12.74 -33.94 -4.49
CA SER F 157 -12.91 -35.39 -4.33
C SER F 157 -11.68 -36.10 -4.88
N LYS F 158 -10.96 -36.83 -4.02
CA LYS F 158 -9.81 -37.59 -4.52
C LYS F 158 -10.25 -38.67 -5.49
N GLU F 159 -11.37 -39.32 -5.19
CA GLU F 159 -11.87 -40.35 -6.10
C GLU F 159 -12.13 -39.78 -7.47
N HIS F 160 -12.78 -38.61 -7.54
CA HIS F 160 -13.10 -38.00 -8.82
C HIS F 160 -11.83 -37.59 -9.57
N ALA F 161 -10.92 -36.89 -8.89
CA ALA F 161 -9.67 -36.48 -9.54
C ALA F 161 -8.85 -37.68 -9.98
N THR F 162 -8.95 -38.80 -9.26
CA THR F 162 -8.24 -40.01 -9.66
C THR F 162 -8.87 -40.64 -10.90
N ASN F 163 -10.20 -40.78 -10.92
CA ASN F 163 -10.87 -41.34 -12.09
C ASN F 163 -10.59 -40.52 -13.34
N VAL F 164 -10.80 -39.22 -13.26
CA VAL F 164 -10.56 -38.34 -14.40
C VAL F 164 -9.08 -38.36 -14.79
N GLY F 165 -8.20 -38.19 -13.79
CA GLY F 165 -6.77 -38.20 -14.09
C GLY F 165 -6.30 -39.51 -14.69
N SER F 166 -6.88 -40.62 -14.24
CA SER F 166 -6.55 -41.92 -14.80
C SER F 166 -6.96 -42.05 -16.27
N MET F 167 -7.78 -41.15 -16.78
CA MET F 167 -8.14 -41.18 -18.19
C MET F 167 -7.15 -40.45 -19.08
N PHE F 168 -6.39 -39.50 -18.54
CA PHE F 168 -5.35 -38.81 -19.30
C PHE F 168 -3.94 -39.30 -18.98
N ARG F 169 -3.78 -40.06 -17.90
CA ARG F 169 -2.46 -40.49 -17.45
C ARG F 169 -2.57 -41.89 -16.85
N ASP F 170 -1.40 -42.47 -16.60
CA ASP F 170 -1.36 -43.73 -15.89
C ASP F 170 -2.03 -43.58 -14.52
N PRO F 171 -2.74 -44.60 -14.04
CA PRO F 171 -3.36 -44.49 -12.71
C PRO F 171 -2.38 -44.12 -11.61
N LYS F 172 -1.12 -44.54 -11.73
CA LYS F 172 -0.10 -44.18 -10.74
C LYS F 172 0.18 -42.68 -10.74
N ASN F 173 -0.03 -42.00 -11.87
CA ASN F 173 0.13 -40.55 -11.97
C ASN F 173 -1.20 -39.84 -12.16
N ALA F 174 -2.28 -40.44 -11.65
CA ALA F 174 -3.61 -39.87 -11.82
C ALA F 174 -3.68 -38.47 -11.23
N LEU F 175 -3.16 -38.28 -10.02
CA LEU F 175 -3.24 -37.00 -9.33
C LEU F 175 -2.02 -36.16 -9.68
N LEU F 176 -2.26 -34.92 -10.10
CA LEU F 176 -1.19 -33.96 -10.24
C LEU F 176 -0.68 -33.52 -8.88
N PRO F 177 0.61 -33.21 -8.75
CA PRO F 177 1.16 -32.86 -7.43
C PRO F 177 0.39 -31.76 -6.71
N ASN F 178 0.01 -30.67 -7.38
CA ASN F 178 -0.63 -29.59 -6.64
C ASN F 178 -1.97 -30.01 -6.04
N TRP F 179 -2.56 -31.12 -6.50
CA TRP F 179 -3.90 -31.49 -6.05
C TRP F 179 -3.93 -31.81 -4.56
N SER F 180 -2.89 -32.48 -4.06
CA SER F 180 -2.84 -32.85 -2.65
C SER F 180 -2.24 -31.77 -1.76
N GLU F 181 -1.78 -30.65 -2.35
CA GLU F 181 -1.24 -29.55 -1.57
C GLU F 181 -2.23 -28.40 -1.39
N MET F 182 -3.26 -28.32 -2.22
CA MET F 182 -4.26 -27.26 -2.12
C MET F 182 -5.60 -27.76 -2.63
N PRO F 183 -6.70 -27.23 -2.11
CA PRO F 183 -7.99 -27.46 -2.76
C PRO F 183 -8.11 -26.64 -4.03
N ILE F 184 -7.66 -27.17 -5.18
CA ILE F 184 -7.74 -26.37 -6.41
C ILE F 184 -9.20 -26.05 -6.71
N GLY F 185 -9.39 -24.93 -7.41
CA GLY F 185 -10.71 -24.43 -7.74
C GLY F 185 -10.60 -23.36 -8.81
N TYR F 186 -11.77 -22.81 -9.19
CA TYR F 186 -11.82 -21.79 -10.24
C TYR F 186 -13.05 -20.93 -10.02
N ASN F 187 -13.03 -19.73 -10.61
CA ASN F 187 -14.22 -18.89 -10.59
C ASN F 187 -15.24 -19.50 -11.53
N GLY F 188 -16.47 -19.72 -11.02
CA GLY F 188 -17.60 -20.04 -11.86
C GLY F 188 -18.36 -18.79 -12.27
N ARG F 189 -19.42 -19.00 -13.05
CA ARG F 189 -20.28 -17.92 -13.53
C ARG F 189 -21.53 -17.85 -12.66
N ALA F 190 -21.66 -16.75 -11.92
CA ALA F 190 -22.80 -16.61 -11.01
C ALA F 190 -24.11 -16.44 -11.76
N SER F 191 -24.07 -15.72 -12.90
CA SER F 191 -25.31 -15.36 -13.58
C SER F 191 -26.11 -16.57 -14.05
N SER F 192 -25.44 -17.69 -14.34
CA SER F 192 -26.15 -18.85 -14.88
C SER F 192 -26.48 -19.91 -13.83
N VAL F 193 -26.35 -19.62 -12.53
CA VAL F 193 -26.88 -20.50 -11.50
C VAL F 193 -28.38 -20.34 -11.47
N VAL F 194 -29.12 -21.45 -11.69
CA VAL F 194 -30.57 -21.42 -11.73
C VAL F 194 -31.12 -22.39 -10.68
N VAL F 195 -32.37 -22.16 -10.27
CA VAL F 195 -33.01 -22.98 -9.24
C VAL F 195 -33.57 -24.26 -9.84
N SER F 196 -33.70 -25.28 -8.99
CA SER F 196 -34.21 -26.59 -9.39
C SER F 196 -35.48 -26.47 -10.24
N GLY F 197 -35.59 -27.34 -11.25
CA GLY F 197 -36.73 -27.32 -12.13
C GLY F 197 -36.55 -26.50 -13.38
N THR F 198 -35.52 -25.67 -13.44
CA THR F 198 -35.25 -24.87 -14.63
C THR F 198 -34.71 -25.77 -15.73
N PRO F 199 -35.41 -25.92 -16.86
CA PRO F 199 -34.83 -26.71 -17.95
C PRO F 199 -33.54 -26.09 -18.44
N VAL F 200 -32.63 -26.95 -18.90
CA VAL F 200 -31.31 -26.53 -19.35
C VAL F 200 -31.20 -26.86 -20.83
N ARG F 201 -30.76 -25.89 -21.63
CA ARG F 201 -30.62 -26.15 -23.06
C ARG F 201 -29.24 -26.69 -23.36
N ARG F 202 -29.17 -27.82 -24.04
CA ARG F 202 -27.92 -28.39 -24.47
C ARG F 202 -27.12 -27.33 -25.24
N PRO F 203 -25.87 -27.12 -24.90
CA PRO F 203 -25.10 -26.06 -25.58
C PRO F 203 -24.53 -26.50 -26.91
N ASN F 204 -24.48 -25.54 -27.84
CA ASN F 204 -23.60 -25.61 -29.00
C ASN F 204 -22.24 -25.03 -28.62
N GLY F 205 -21.21 -25.48 -29.32
CA GLY F 205 -19.89 -24.88 -29.14
C GLY F 205 -18.90 -25.51 -30.10
N GLN F 206 -17.65 -25.11 -29.95
CA GLN F 206 -16.57 -25.69 -30.77
C GLN F 206 -16.24 -27.08 -30.27
N LEU F 207 -16.17 -28.03 -31.20
CA LEU F 207 -15.85 -29.43 -30.90
C LEU F 207 -14.65 -29.83 -31.73
N LYS F 208 -13.67 -30.46 -31.09
CA LYS F 208 -12.46 -30.94 -31.76
C LYS F 208 -12.63 -32.43 -32.02
N LEU F 209 -12.79 -32.79 -33.25
CA LEU F 209 -12.96 -34.16 -33.67
C LEU F 209 -11.60 -34.80 -33.94
N PRO F 210 -11.48 -36.11 -33.74
CA PRO F 210 -10.15 -36.73 -33.74
C PRO F 210 -9.43 -36.64 -35.08
N ASP F 211 -10.16 -36.82 -36.18
CA ASP F 211 -9.55 -36.94 -37.50
C ASP F 211 -9.70 -35.66 -38.33
N GLN F 212 -9.84 -34.51 -37.67
CA GLN F 212 -10.01 -33.24 -38.38
C GLN F 212 -9.14 -32.17 -37.74
N GLU F 213 -8.43 -31.42 -38.56
CA GLU F 213 -7.49 -30.43 -38.05
C GLU F 213 -8.21 -29.31 -37.32
N ARG F 214 -9.24 -28.75 -37.92
CA ARG F 214 -9.86 -27.57 -37.34
C ARG F 214 -11.15 -27.93 -36.61
N PRO F 215 -11.48 -27.24 -35.53
CA PRO F 215 -12.72 -27.54 -34.81
C PRO F 215 -13.94 -27.33 -35.69
N VAL F 216 -15.02 -28.01 -35.35
CA VAL F 216 -16.32 -27.74 -35.94
C VAL F 216 -17.19 -27.06 -34.89
N PHE F 217 -18.29 -26.49 -35.35
CA PHE F 217 -19.31 -25.92 -34.48
C PHE F 217 -20.50 -26.87 -34.43
N GLY F 218 -21.01 -27.17 -33.24
CA GLY F 218 -22.14 -28.07 -33.20
C GLY F 218 -22.65 -28.32 -31.79
N ALA F 219 -23.70 -29.14 -31.72
CA ALA F 219 -24.28 -29.51 -30.44
C ALA F 219 -23.32 -30.42 -29.67
N CYS F 220 -23.09 -30.11 -28.40
CA CYS F 220 -22.19 -30.96 -27.63
C CYS F 220 -22.74 -32.37 -27.55
N ARG F 221 -21.85 -33.35 -27.58
CA ARG F 221 -22.21 -34.75 -27.56
C ARG F 221 -21.87 -35.44 -26.23
N LYS F 222 -21.28 -34.71 -25.28
CA LYS F 222 -20.92 -35.31 -23.99
C LYS F 222 -21.42 -34.40 -22.86
N LEU F 223 -22.75 -34.29 -22.79
CA LEU F 223 -23.37 -33.49 -21.75
C LEU F 223 -23.46 -34.31 -20.47
N ASP F 224 -23.01 -33.72 -19.36
CA ASP F 224 -22.85 -34.49 -18.12
C ASP F 224 -23.35 -33.66 -16.94
N ILE F 225 -23.64 -34.37 -15.84
CA ILE F 225 -23.83 -33.75 -14.54
C ILE F 225 -22.49 -33.64 -13.81
N GLU F 226 -22.48 -32.89 -12.70
CA GLU F 226 -21.45 -33.03 -11.67
C GLU F 226 -22.16 -32.94 -10.33
N LEU F 227 -22.26 -34.05 -9.63
CA LEU F 227 -22.94 -34.08 -8.36
C LEU F 227 -22.09 -33.38 -7.30
N GLU F 228 -22.61 -32.27 -6.76
CA GLU F 228 -21.87 -31.44 -5.83
C GLU F 228 -22.80 -30.97 -4.72
N THR F 229 -22.20 -30.42 -3.66
CA THR F 229 -22.90 -29.51 -2.77
C THR F 229 -22.31 -28.12 -2.94
N GLY F 230 -23.08 -27.13 -2.57
CA GLY F 230 -22.59 -25.77 -2.51
C GLY F 230 -22.84 -25.25 -1.11
N PHE F 231 -21.88 -24.49 -0.59
CA PHE F 231 -22.17 -23.76 0.63
C PHE F 231 -22.29 -22.27 0.33
N VAL F 232 -23.14 -21.62 1.13
CA VAL F 232 -23.51 -20.22 0.95
C VAL F 232 -22.86 -19.43 2.08
N ILE F 233 -22.11 -18.39 1.71
CA ILE F 233 -21.37 -17.56 2.67
C ILE F 233 -22.36 -16.71 3.46
N GLY F 234 -22.22 -16.71 4.78
CA GLY F 234 -23.09 -15.91 5.61
C GLY F 234 -22.45 -14.68 6.21
N ALA F 235 -21.11 -14.65 6.24
CA ALA F 235 -20.36 -13.46 6.64
C ALA F 235 -19.12 -13.42 5.77
N GLY F 236 -18.88 -12.29 5.10
CA GLY F 236 -17.78 -12.16 4.17
C GLY F 236 -16.44 -11.91 4.86
N ASN F 237 -15.46 -11.51 4.07
CA ASN F 237 -14.18 -11.04 4.60
C ASN F 237 -13.70 -9.91 3.71
N ALA F 238 -12.90 -9.01 4.27
CA ALA F 238 -12.46 -7.84 3.51
C ALA F 238 -11.32 -8.20 2.58
N LEU F 239 -11.26 -7.51 1.45
CA LEU F 239 -10.17 -7.67 0.50
C LEU F 239 -8.83 -7.47 1.21
N GLY F 240 -7.91 -8.40 0.98
CA GLY F 240 -6.61 -8.34 1.61
C GLY F 240 -6.52 -9.07 2.93
N GLU F 241 -7.65 -9.56 3.46
CA GLU F 241 -7.71 -10.15 4.81
C GLU F 241 -8.11 -11.62 4.74
N PRO F 242 -7.17 -12.55 4.81
CA PRO F 242 -7.52 -13.98 4.72
C PRO F 242 -8.42 -14.44 5.87
N VAL F 243 -9.29 -15.42 5.56
CA VAL F 243 -10.05 -16.12 6.59
C VAL F 243 -9.26 -17.36 7.00
N THR F 244 -8.97 -17.51 8.29
CA THR F 244 -8.20 -18.66 8.74
C THR F 244 -9.05 -19.91 8.70
N CYS F 245 -8.38 -21.06 8.60
CA CYS F 245 -9.11 -22.30 8.50
C CYS F 245 -9.96 -22.56 9.74
N ALA F 246 -9.50 -22.09 10.89
CA ALA F 246 -10.22 -22.31 12.15
C ALA F 246 -11.44 -21.40 12.27
N ASP F 247 -11.39 -20.22 11.64
CA ASP F 247 -12.52 -19.29 11.65
CA ASP F 247 -12.50 -19.26 11.63
C ASP F 247 -13.46 -19.51 10.49
N ALA F 248 -13.13 -20.42 9.57
CA ALA F 248 -13.82 -20.48 8.28
C ALA F 248 -15.30 -20.83 8.42
N GLU F 249 -15.62 -21.86 9.20
CA GLU F 249 -17.00 -22.34 9.25
C GLU F 249 -17.92 -21.28 9.83
N ALA F 250 -17.39 -20.41 10.70
CA ALA F 250 -18.19 -19.31 11.21
C ALA F 250 -18.67 -18.39 10.10
N HIS F 251 -18.04 -18.42 8.92
CA HIS F 251 -18.48 -17.60 7.80
C HIS F 251 -19.56 -18.26 6.94
N ILE F 252 -20.01 -19.46 7.27
CA ILE F 252 -20.88 -20.23 6.38
C ILE F 252 -22.30 -20.23 6.92
N PHE F 253 -23.26 -19.87 6.07
CA PHE F 253 -24.67 -19.86 6.46
C PHE F 253 -25.31 -21.24 6.32
N GLY F 254 -25.19 -21.84 5.15
CA GLY F 254 -25.86 -23.09 4.91
C GLY F 254 -25.36 -23.72 3.63
N MET F 255 -26.01 -24.83 3.26
CA MET F 255 -25.62 -25.67 2.14
C MET F 255 -26.82 -25.92 1.24
N VAL F 256 -26.53 -26.19 -0.04
CA VAL F 256 -27.52 -26.62 -1.02
C VAL F 256 -26.92 -27.78 -1.83
N LEU F 257 -27.78 -28.44 -2.60
CA LEU F 257 -27.33 -29.35 -3.64
C LEU F 257 -27.04 -28.54 -4.91
N LEU F 258 -26.04 -28.99 -5.66
CA LEU F 258 -25.53 -28.23 -6.79
C LEU F 258 -25.16 -29.19 -7.91
N ASN F 259 -25.76 -29.00 -9.09
CA ASN F 259 -25.42 -29.77 -10.28
C ASN F 259 -24.69 -28.82 -11.22
N ASP F 260 -23.38 -29.05 -11.40
CA ASP F 260 -22.58 -28.22 -12.29
C ASP F 260 -22.54 -28.89 -13.67
N TRP F 261 -23.63 -28.69 -14.41
CA TRP F 261 -23.75 -29.23 -15.77
C TRP F 261 -22.50 -28.96 -16.59
N SER F 262 -22.03 -30.00 -17.29
CA SER F 262 -20.73 -29.93 -17.96
C SER F 262 -20.84 -30.50 -19.37
N ALA F 263 -20.37 -29.71 -20.34
CA ALA F 263 -20.27 -30.15 -21.73
C ALA F 263 -18.81 -30.57 -21.96
N ARG F 264 -18.55 -31.88 -21.86
CA ARG F 264 -17.17 -32.30 -21.72
C ARG F 264 -16.40 -32.24 -23.03
N ASP F 265 -17.06 -32.37 -24.18
CA ASP F 265 -16.31 -32.23 -25.42
C ASP F 265 -15.98 -30.76 -25.68
N ILE F 266 -16.92 -29.86 -25.38
CA ILE F 266 -16.65 -28.43 -25.44
C ILE F 266 -15.47 -28.08 -24.54
N GLN F 267 -15.43 -28.66 -23.34
CA GLN F 267 -14.38 -28.34 -22.37
C GLN F 267 -13.02 -28.77 -22.86
N GLN F 268 -12.90 -30.00 -23.37
CA GLN F 268 -11.60 -30.53 -23.76
C GLN F 268 -10.89 -29.60 -24.72
N TRP F 269 -11.63 -29.02 -25.67
CA TRP F 269 -10.99 -28.20 -26.70
C TRP F 269 -10.66 -26.79 -26.19
N GLU F 270 -11.44 -26.25 -25.25
CA GLU F 270 -11.29 -24.85 -24.87
C GLU F 270 -10.38 -24.61 -23.67
N TYR F 271 -10.20 -25.58 -22.76
CA TYR F 271 -9.85 -25.24 -21.38
C TYR F 271 -8.36 -25.02 -21.13
N VAL F 272 -7.48 -25.33 -22.09
CA VAL F 272 -6.06 -25.05 -21.88
C VAL F 272 -5.75 -23.69 -22.46
N PRO F 273 -5.09 -22.78 -21.72
CA PRO F 273 -4.58 -22.98 -20.35
C PRO F 273 -5.38 -22.28 -19.27
N LEU F 274 -6.49 -21.63 -19.64
CA LEU F 274 -7.19 -20.74 -18.72
C LEU F 274 -8.34 -21.38 -17.97
N GLY F 275 -8.63 -22.66 -18.20
CA GLY F 275 -9.64 -23.35 -17.43
C GLY F 275 -10.94 -23.58 -18.17
N PRO F 276 -11.83 -24.38 -17.56
CA PRO F 276 -13.14 -24.59 -18.17
C PRO F 276 -13.90 -23.27 -18.20
N PHE F 277 -14.62 -23.04 -19.31
CA PHE F 277 -15.31 -21.78 -19.48
C PHE F 277 -16.72 -22.03 -20.04
N ASN F 278 -16.90 -21.86 -21.36
CA ASN F 278 -18.23 -22.13 -21.95
C ASN F 278 -18.77 -23.52 -21.62
N ALA F 279 -17.89 -24.50 -21.38
CA ALA F 279 -18.36 -25.84 -21.04
C ALA F 279 -19.04 -25.91 -19.68
N LYS F 280 -18.86 -24.90 -18.84
CA LYS F 280 -19.46 -24.89 -17.52
C LYS F 280 -20.52 -23.81 -17.32
N THR F 281 -20.37 -22.68 -18.00
CA THR F 281 -21.16 -21.49 -17.68
C THR F 281 -22.55 -21.50 -18.31
N PHE F 282 -22.90 -22.49 -19.13
CA PHE F 282 -24.22 -22.46 -19.75
C PHE F 282 -25.34 -22.75 -18.75
N ALA F 283 -25.05 -23.47 -17.66
CA ALA F 283 -26.03 -23.72 -16.61
C ALA F 283 -25.35 -24.37 -15.41
N THR F 284 -25.80 -23.98 -14.22
CA THR F 284 -25.48 -24.63 -12.94
C THR F 284 -26.76 -24.59 -12.12
N THR F 285 -27.21 -25.73 -11.60
CA THR F 285 -28.47 -25.77 -10.86
C THR F 285 -28.23 -25.99 -9.36
N ILE F 286 -28.97 -25.26 -8.51
CA ILE F 286 -29.00 -25.53 -7.08
C ILE F 286 -30.43 -25.81 -6.63
N SER F 287 -30.52 -26.58 -5.56
CA SER F 287 -31.78 -26.83 -4.91
C SER F 287 -32.26 -25.53 -4.24
N PRO F 288 -33.56 -25.41 -3.96
CA PRO F 288 -34.09 -24.12 -3.46
C PRO F 288 -33.94 -23.88 -1.96
N TRP F 289 -33.77 -24.92 -1.13
CA TRP F 289 -33.84 -24.80 0.32
C TRP F 289 -32.44 -24.80 0.90
N ILE F 290 -32.06 -23.72 1.56
CA ILE F 290 -30.73 -23.66 2.15
C ILE F 290 -30.81 -24.29 3.53
N VAL F 291 -30.13 -25.41 3.70
CA VAL F 291 -30.07 -26.09 5.00
C VAL F 291 -28.98 -25.44 5.83
N THR F 292 -29.34 -24.88 6.99
CA THR F 292 -28.36 -24.11 7.75
C THR F 292 -27.26 -25.00 8.31
N LEU F 293 -26.06 -24.43 8.40
CA LEU F 293 -24.96 -25.13 9.04
C LEU F 293 -25.32 -25.54 10.46
N ASP F 294 -26.14 -24.75 11.16
CA ASP F 294 -26.54 -25.10 12.51
C ASP F 294 -27.38 -26.38 12.52
N ALA F 295 -28.27 -26.52 11.52
CA ALA F 295 -29.08 -27.73 11.41
C ALA F 295 -28.24 -28.95 11.08
N LEU F 296 -27.10 -28.75 10.42
CA LEU F 296 -26.22 -29.85 10.05
C LEU F 296 -25.28 -30.29 11.17
N GLU F 297 -25.18 -29.52 12.26
CA GLU F 297 -24.21 -29.85 13.30
C GLU F 297 -24.31 -31.27 13.84
N PRO F 298 -25.49 -31.87 14.05
CA PRO F 298 -25.50 -33.25 14.57
C PRO F 298 -24.92 -34.28 13.61
N PHE F 299 -24.70 -33.91 12.35
CA PHE F 299 -24.19 -34.84 11.34
C PHE F 299 -22.74 -34.57 10.99
N ARG F 300 -22.04 -33.79 11.82
CA ARG F 300 -20.61 -33.56 11.63
C ARG F 300 -19.85 -34.85 11.93
N VAL F 301 -18.88 -35.18 11.07
CA VAL F 301 -18.13 -36.42 11.19
C VAL F 301 -16.67 -36.14 10.86
N ALA F 302 -15.81 -37.10 11.21
CA ALA F 302 -14.39 -36.99 10.89
C ALA F 302 -14.17 -37.03 9.38
N GLN F 303 -13.36 -36.10 8.88
CA GLN F 303 -13.03 -36.04 7.46
C GLN F 303 -11.96 -37.09 7.14
N PRO F 304 -11.77 -37.42 5.85
CA PRO F 304 -10.74 -38.41 5.51
C PRO F 304 -9.35 -37.94 5.94
N ALA F 305 -8.48 -38.91 6.19
CA ALA F 305 -7.08 -38.61 6.45
C ALA F 305 -6.45 -37.92 5.24
N GLN F 306 -5.53 -36.99 5.52
CA GLN F 306 -4.80 -36.29 4.47
C GLN F 306 -3.33 -36.69 4.53
N ASP F 307 -2.78 -37.07 3.38
CA ASP F 307 -1.39 -37.47 3.23
C ASP F 307 -0.91 -36.95 1.88
N PRO F 308 0.08 -36.04 1.84
CA PRO F 308 0.77 -35.50 3.02
C PRO F 308 -0.04 -34.48 3.83
N GLN F 309 0.48 -34.14 5.00
CA GLN F 309 -0.12 -33.09 5.81
C GLN F 309 0.03 -31.75 5.10
N PRO F 310 -1.06 -31.02 4.87
CA PRO F 310 -0.95 -29.76 4.13
C PRO F 310 -0.16 -28.73 4.90
N LEU F 311 0.27 -27.69 4.16
CA LEU F 311 0.83 -26.49 4.76
C LEU F 311 -0.04 -26.00 5.91
N ALA F 312 0.58 -25.29 6.85
CA ALA F 312 -0.09 -25.01 8.13
C ALA F 312 -1.39 -24.24 7.96
N TYR F 313 -1.46 -23.32 6.99
CA TYR F 313 -2.69 -22.52 6.87
C TYR F 313 -3.89 -23.36 6.50
N LEU F 314 -3.68 -24.59 6.05
CA LEU F 314 -4.80 -25.45 5.66
C LEU F 314 -5.19 -26.44 6.74
N ARG F 315 -4.45 -26.51 7.84
CA ARG F 315 -4.74 -27.51 8.87
C ARG F 315 -5.88 -27.06 9.77
N HIS F 316 -6.66 -28.05 10.23
CA HIS F 316 -7.59 -27.81 11.33
C HIS F 316 -7.68 -29.07 12.16
N ASP F 317 -7.86 -28.88 13.47
CA ASP F 317 -8.16 -29.99 14.37
C ASP F 317 -9.66 -30.24 14.40
N GLY F 318 -10.03 -31.40 14.95
CA GLY F 318 -11.42 -31.74 15.11
C GLY F 318 -12.05 -32.19 13.80
N GLU F 319 -13.37 -32.34 13.87
CA GLU F 319 -14.16 -32.90 12.77
C GLU F 319 -14.74 -31.77 11.93
N HIS F 320 -14.59 -31.90 10.60
CA HIS F 320 -15.02 -30.85 9.68
C HIS F 320 -15.73 -31.40 8.44
N ALA F 321 -16.08 -32.68 8.43
CA ALA F 321 -16.88 -33.25 7.37
C ALA F 321 -18.33 -33.37 7.84
N PHE F 322 -19.22 -33.63 6.89
CA PHE F 322 -20.63 -33.81 7.20
C PHE F 322 -21.20 -35.02 6.48
N ASP F 323 -21.96 -35.81 7.23
CA ASP F 323 -22.54 -37.08 6.82
C ASP F 323 -23.83 -36.78 6.06
N ILE F 324 -23.72 -36.62 4.75
CA ILE F 324 -24.86 -36.26 3.90
C ILE F 324 -24.99 -37.34 2.82
N THR F 325 -26.08 -38.12 2.89
CA THR F 325 -26.38 -39.06 1.84
C THR F 325 -26.78 -38.28 0.58
N LEU F 326 -26.25 -38.68 -0.58
CA LEU F 326 -26.54 -38.02 -1.85
C LEU F 326 -26.88 -39.04 -2.92
N GLU F 327 -27.93 -38.78 -3.70
CA GLU F 327 -28.36 -39.68 -4.75
C GLU F 327 -28.75 -38.89 -6.00
N VAL F 328 -28.55 -39.51 -7.17
CA VAL F 328 -28.90 -38.93 -8.45
C VAL F 328 -29.80 -39.90 -9.22
N THR F 329 -30.89 -39.40 -9.77
CA THR F 329 -31.69 -40.20 -10.70
C THR F 329 -31.71 -39.56 -12.07
N LEU F 330 -31.87 -40.41 -13.08
CA LEU F 330 -32.01 -40.02 -14.46
C LEU F 330 -33.32 -40.60 -14.95
N ARG F 331 -34.18 -39.76 -15.50
CA ARG F 331 -35.44 -40.25 -16.05
C ARG F 331 -35.54 -39.83 -17.52
N PRO F 332 -35.58 -40.78 -18.46
CA PRO F 332 -35.86 -40.42 -19.86
C PRO F 332 -37.24 -39.80 -20.00
N GLN F 333 -37.41 -38.96 -21.02
CA GLN F 333 -38.64 -38.19 -21.14
C GLN F 333 -39.88 -39.08 -21.21
N GLN F 334 -39.80 -40.20 -21.90
CA GLN F 334 -40.98 -41.06 -22.01
C GLN F 334 -41.14 -42.01 -20.82
N ALA F 335 -40.24 -41.98 -19.85
CA ALA F 335 -40.18 -43.01 -18.81
C ALA F 335 -41.05 -42.62 -17.62
N LYS F 336 -41.78 -43.62 -17.10
CA LYS F 336 -42.57 -43.41 -15.91
C LYS F 336 -41.73 -43.53 -14.64
N GLU F 337 -40.65 -44.31 -14.68
CA GLU F 337 -39.80 -44.52 -13.52
C GLU F 337 -38.43 -43.90 -13.76
N ALA F 338 -37.96 -43.10 -12.80
CA ALA F 338 -36.59 -42.60 -12.82
C ALA F 338 -35.64 -43.67 -12.31
N SER F 339 -34.44 -43.73 -12.87
CA SER F 339 -33.44 -44.71 -12.47
C SER F 339 -32.39 -44.03 -11.60
N THR F 340 -32.13 -44.60 -10.43
CA THR F 340 -31.03 -44.13 -9.59
C THR F 340 -29.71 -44.55 -10.20
N ILE F 341 -28.85 -43.58 -10.54
CA ILE F 341 -27.59 -43.89 -11.21
C ILE F 341 -26.38 -43.81 -10.27
N THR F 342 -26.51 -43.16 -9.12
CA THR F 342 -25.40 -43.17 -8.18
C THR F 342 -25.94 -42.86 -6.79
N ARG F 343 -25.23 -43.36 -5.78
CA ARG F 343 -25.50 -43.06 -4.39
C ARG F 343 -24.16 -42.84 -3.71
N THR F 344 -23.94 -41.67 -3.11
CA THR F 344 -22.67 -41.44 -2.43
C THR F 344 -22.93 -40.63 -1.16
N ASN F 345 -21.91 -39.92 -0.68
CA ASN F 345 -22.01 -39.19 0.58
C ASN F 345 -20.97 -38.08 0.57
N PHE F 346 -21.37 -36.89 1.05
CA PHE F 346 -20.48 -35.72 1.11
C PHE F 346 -19.25 -35.98 1.99
N LYS F 347 -19.32 -36.96 2.89
CA LYS F 347 -18.25 -37.12 3.88
C LYS F 347 -16.93 -37.58 3.26
N HIS F 348 -16.94 -38.08 2.02
CA HIS F 348 -15.73 -38.61 1.41
C HIS F 348 -14.81 -37.53 0.84
N MET F 349 -15.25 -36.27 0.80
CA MET F 349 -14.44 -35.21 0.20
C MET F 349 -13.12 -35.05 0.94
N TYR F 350 -12.04 -34.92 0.16
CA TYR F 350 -10.69 -34.87 0.72
C TYR F 350 -10.40 -33.51 1.37
N TRP F 351 -10.91 -32.43 0.79
CA TRP F 351 -10.75 -31.08 1.32
C TRP F 351 -12.10 -30.61 1.85
N THR F 352 -12.10 -30.04 3.06
CA THR F 352 -13.33 -29.63 3.73
C THR F 352 -13.75 -28.22 3.29
N MET F 353 -14.99 -27.85 3.64
CA MET F 353 -15.44 -26.49 3.36
C MET F 353 -14.53 -25.46 4.02
N ALA F 354 -14.11 -25.71 5.26
CA ALA F 354 -13.19 -24.81 5.94
C ALA F 354 -11.89 -24.66 5.16
N GLN F 355 -11.33 -25.78 4.70
CA GLN F 355 -10.08 -25.71 3.93
C GLN F 355 -10.28 -24.97 2.61
N GLN F 356 -11.43 -25.15 1.96
CA GLN F 356 -11.68 -24.45 0.70
C GLN F 356 -11.78 -22.94 0.92
N LEU F 357 -12.49 -22.52 1.96
CA LEU F 357 -12.63 -21.09 2.23
C LEU F 357 -11.30 -20.47 2.64
N ALA F 358 -10.51 -21.19 3.46
CA ALA F 358 -9.18 -20.71 3.81
C ALA F 358 -8.33 -20.52 2.56
N HIS F 359 -8.35 -21.50 1.65
CA HIS F 359 -7.53 -21.37 0.45
C HIS F 359 -8.09 -20.31 -0.49
N HIS F 360 -9.42 -20.23 -0.61
CA HIS F 360 -10.03 -19.19 -1.43
C HIS F 360 -9.54 -17.80 -1.03
N THR F 361 -9.27 -17.57 0.26
CA THR F 361 -8.95 -16.24 0.75
C THR F 361 -7.50 -16.06 1.15
N VAL F 362 -6.64 -17.07 0.97
CA VAL F 362 -5.29 -17.00 1.57
C VAL F 362 -4.49 -15.87 0.94
N SER F 363 -4.77 -15.55 -0.31
CA SER F 363 -4.03 -14.53 -1.05
C SER F 363 -4.70 -13.17 -1.02
N GLY F 364 -5.80 -13.03 -0.27
CA GLY F 364 -6.47 -11.76 -0.08
C GLY F 364 -7.83 -11.61 -0.73
N CYS F 365 -8.28 -12.60 -1.53
CA CYS F 365 -9.60 -12.49 -2.16
C CYS F 365 -10.68 -12.34 -1.11
N ASN F 366 -11.63 -11.43 -1.37
CA ASN F 366 -12.75 -11.18 -0.48
C ASN F 366 -13.93 -12.07 -0.84
N THR F 367 -14.83 -12.25 0.13
CA THR F 367 -16.08 -12.98 -0.06
C THR F 367 -17.23 -12.12 0.45
N ARG F 368 -18.44 -12.40 -0.03
CA ARG F 368 -19.60 -11.59 0.29
C ARG F 368 -20.78 -12.49 0.63
N VAL F 369 -21.73 -11.95 1.40
CA VAL F 369 -22.94 -12.69 1.76
C VAL F 369 -23.61 -13.19 0.49
N GLY F 370 -24.06 -14.45 0.51
CA GLY F 370 -24.70 -15.03 -0.66
C GLY F 370 -23.76 -15.66 -1.67
N ASP F 371 -22.44 -15.51 -1.48
CA ASP F 371 -21.49 -16.22 -2.33
C ASP F 371 -21.74 -17.73 -2.28
N LEU F 372 -21.58 -18.39 -3.42
CA LEU F 372 -21.82 -19.82 -3.55
C LEU F 372 -20.50 -20.54 -3.83
N MET F 373 -20.24 -21.62 -3.11
CA MET F 373 -19.00 -22.36 -3.28
C MET F 373 -19.31 -23.83 -3.45
N GLY F 374 -19.05 -24.36 -4.65
CA GLY F 374 -19.31 -25.75 -4.95
C GLY F 374 -18.15 -26.65 -4.56
N SER F 375 -18.50 -27.87 -4.14
CA SER F 375 -17.52 -28.77 -3.55
C SER F 375 -16.56 -29.36 -4.57
N GLY F 376 -16.96 -29.36 -5.86
CA GLY F 376 -16.44 -30.28 -6.84
C GLY F 376 -17.26 -31.56 -6.88
N THR F 377 -17.13 -32.31 -7.98
CA THR F 377 -17.85 -33.57 -8.14
C THR F 377 -17.56 -34.52 -6.99
N ILE F 378 -18.60 -35.07 -6.39
CA ILE F 378 -18.47 -35.94 -5.22
C ILE F 378 -18.55 -37.38 -5.69
N SER F 379 -17.44 -38.09 -5.63
CA SER F 379 -17.37 -39.51 -5.95
C SER F 379 -16.89 -40.28 -4.74
N GLY F 380 -17.54 -41.40 -4.45
CA GLY F 380 -17.11 -42.26 -3.38
C GLY F 380 -16.21 -43.36 -3.89
N PRO F 381 -15.88 -44.30 -3.02
CA PRO F 381 -14.91 -45.36 -3.37
C PRO F 381 -15.42 -46.45 -4.30
N THR F 382 -16.72 -46.71 -4.33
CA THR F 382 -17.25 -47.78 -5.17
C THR F 382 -17.78 -47.23 -6.50
N GLU F 383 -17.93 -48.12 -7.46
CA GLU F 383 -18.34 -47.73 -8.81
C GLU F 383 -19.77 -47.24 -8.84
N ASP F 384 -20.62 -47.71 -7.93
CA ASP F 384 -21.99 -47.22 -7.83
C ASP F 384 -22.08 -45.89 -7.11
N SER F 385 -20.96 -45.20 -6.88
CA SER F 385 -20.97 -43.99 -6.07
C SER F 385 -20.28 -42.81 -6.76
N PHE F 386 -20.00 -42.89 -8.06
CA PHE F 386 -19.33 -41.80 -8.78
C PHE F 386 -20.32 -40.68 -9.12
N GLY F 387 -19.80 -39.46 -9.12
CA GLY F 387 -20.66 -38.29 -9.25
C GLY F 387 -20.86 -37.76 -10.67
N SER F 388 -20.44 -38.49 -11.70
CA SER F 388 -20.65 -38.02 -13.06
C SER F 388 -20.82 -39.22 -13.98
N LEU F 389 -21.58 -39.04 -15.06
CA LEU F 389 -21.70 -40.09 -16.06
CA LEU F 389 -21.69 -40.10 -16.05
C LEU F 389 -20.35 -40.41 -16.69
N LEU F 390 -19.47 -39.39 -16.78
CA LEU F 390 -18.12 -39.63 -17.26
C LEU F 390 -17.45 -40.75 -16.48
N GLU F 391 -17.62 -40.73 -15.15
CA GLU F 391 -17.03 -41.78 -14.33
C GLU F 391 -17.87 -43.05 -14.34
N LEU F 392 -19.20 -42.90 -14.20
CA LEU F 392 -20.09 -44.05 -14.12
C LEU F 392 -20.03 -44.91 -15.37
N THR F 393 -19.85 -44.30 -16.55
CA THR F 393 -19.77 -45.05 -17.80
C THR F 393 -18.35 -45.16 -18.34
N TRP F 394 -17.36 -44.76 -17.56
CA TRP F 394 -15.97 -44.68 -18.01
C TRP F 394 -15.88 -44.11 -19.42
N ASN F 395 -16.33 -42.86 -19.55
CA ASN F 395 -16.29 -42.12 -20.80
C ASN F 395 -17.02 -42.88 -21.90
N GLY F 396 -18.12 -43.55 -21.54
CA GLY F 396 -18.95 -44.25 -22.50
C GLY F 396 -18.44 -45.60 -22.94
N LYS F 397 -17.39 -46.13 -22.29
CA LYS F 397 -16.94 -47.48 -22.61
C LYS F 397 -17.80 -48.56 -21.96
N LYS F 398 -18.51 -48.23 -20.88
CA LYS F 398 -19.48 -49.11 -20.25
C LYS F 398 -20.75 -48.32 -20.01
N PRO F 399 -21.62 -48.19 -21.02
CA PRO F 399 -22.90 -47.50 -20.80
C PRO F 399 -23.63 -48.08 -19.62
N LEU F 400 -24.34 -47.23 -18.88
CA LEU F 400 -25.09 -47.73 -17.74
C LEU F 400 -26.47 -48.19 -18.18
N GLU F 401 -27.02 -49.14 -17.43
CA GLU F 401 -28.30 -49.75 -17.71
C GLU F 401 -29.37 -49.07 -16.87
N LEU F 402 -30.33 -48.43 -17.53
CA LEU F 402 -31.45 -47.82 -16.84
C LEU F 402 -32.53 -48.85 -16.57
N ARG F 403 -33.32 -48.62 -15.51
CA ARG F 403 -34.48 -49.46 -15.28
C ARG F 403 -35.54 -49.28 -16.37
N GLU F 404 -35.61 -48.12 -17.00
CA GLU F 404 -36.54 -47.87 -18.08
C GLU F 404 -35.98 -46.80 -18.99
N GLY F 405 -36.07 -47.04 -20.30
CA GLY F 405 -35.51 -46.15 -21.30
C GLY F 405 -34.21 -46.64 -21.90
N GLY F 406 -33.66 -47.74 -21.41
CA GLY F 406 -32.51 -48.36 -22.04
C GLY F 406 -31.19 -48.11 -21.34
N THR F 407 -30.26 -47.47 -22.05
CA THR F 407 -28.91 -47.28 -21.55
C THR F 407 -28.46 -45.86 -21.83
N ARG F 408 -27.43 -45.43 -21.10
CA ARG F 408 -26.92 -44.08 -21.25
C ARG F 408 -25.41 -44.08 -21.21
N SER F 409 -24.81 -43.34 -22.13
CA SER F 409 -23.43 -42.91 -21.95
C SER F 409 -23.46 -41.52 -21.32
N PHE F 410 -23.73 -40.47 -22.11
CA PHE F 410 -23.93 -39.14 -21.56
C PHE F 410 -25.42 -38.76 -21.66
N ILE F 411 -25.75 -37.55 -21.20
CA ILE F 411 -27.16 -37.18 -21.10
C ILE F 411 -27.76 -36.96 -22.48
N GLU F 412 -28.98 -37.45 -22.68
CA GLU F 412 -29.70 -37.28 -23.93
C GLU F 412 -30.82 -36.27 -23.74
N ASP F 413 -31.28 -35.71 -24.87
CA ASP F 413 -32.36 -34.71 -24.82
C ASP F 413 -33.63 -35.28 -24.20
N GLY F 414 -34.27 -34.47 -23.37
CA GLY F 414 -35.46 -34.86 -22.66
C GLY F 414 -35.22 -35.56 -21.34
N ASP F 415 -34.00 -35.99 -21.07
CA ASP F 415 -33.65 -36.62 -19.80
C ASP F 415 -33.80 -35.60 -18.67
N GLU F 416 -34.36 -36.06 -17.55
CA GLU F 416 -34.44 -35.25 -16.34
C GLU F 416 -33.48 -35.82 -15.31
N LEU F 417 -32.53 -35.01 -14.88
CA LEU F 417 -31.53 -35.40 -13.89
C LEU F 417 -31.90 -34.75 -12.57
N THR F 418 -31.97 -35.56 -11.50
CA THR F 418 -32.37 -35.07 -10.19
C THR F 418 -31.34 -35.46 -9.14
N LEU F 419 -30.78 -34.46 -8.46
CA LEU F 419 -29.98 -34.67 -7.25
C LEU F 419 -30.89 -34.62 -6.03
N ALA F 420 -30.66 -35.52 -5.09
CA ALA F 420 -31.37 -35.51 -3.82
C ALA F 420 -30.37 -35.80 -2.70
N GLY F 421 -30.72 -35.38 -1.49
CA GLY F 421 -29.81 -35.57 -0.38
C GLY F 421 -30.41 -35.35 0.99
N TRP F 422 -29.88 -36.06 1.99
CA TRP F 422 -30.42 -35.95 3.34
C TRP F 422 -29.39 -36.43 4.35
N CYS F 423 -29.54 -35.95 5.57
CA CYS F 423 -28.79 -36.47 6.72
C CYS F 423 -29.69 -37.42 7.51
N GLN F 424 -29.18 -38.61 7.81
CA GLN F 424 -29.97 -39.66 8.48
C GLN F 424 -29.71 -39.61 9.98
N GLY F 425 -30.74 -39.24 10.74
CA GLY F 425 -30.71 -39.32 12.19
C GLY F 425 -31.57 -40.48 12.69
N GLU F 426 -31.78 -40.50 14.01
CA GLU F 426 -32.53 -41.57 14.66
C GLU F 426 -34.01 -41.18 14.72
N GLY F 427 -34.79 -41.70 13.79
CA GLY F 427 -36.21 -41.40 13.72
C GLY F 427 -36.57 -40.20 12.86
N TYR F 428 -35.61 -39.60 12.18
CA TYR F 428 -35.87 -38.37 11.45
C TYR F 428 -34.71 -38.12 10.52
N ARG F 429 -34.98 -37.35 9.47
CA ARG F 429 -33.94 -36.88 8.56
C ARG F 429 -33.94 -35.36 8.53
N VAL F 430 -32.77 -34.80 8.21
CA VAL F 430 -32.60 -33.39 7.89
C VAL F 430 -32.13 -33.37 6.45
N GLY F 431 -33.02 -32.99 5.53
CA GLY F 431 -32.82 -33.23 4.12
C GLY F 431 -32.82 -31.97 3.28
N PHE F 432 -32.46 -32.16 2.01
CA PHE F 432 -32.17 -31.05 1.12
C PHE F 432 -33.22 -30.82 0.04
N GLY F 433 -34.23 -31.69 -0.06
CA GLY F 433 -35.11 -31.57 -1.22
C GLY F 433 -34.40 -32.06 -2.47
N VAL F 434 -34.71 -31.44 -3.62
CA VAL F 434 -34.16 -31.91 -4.88
C VAL F 434 -33.52 -30.78 -5.68
N CYS F 435 -32.58 -31.18 -6.53
CA CYS F 435 -31.90 -30.32 -7.49
C CYS F 435 -32.07 -30.95 -8.87
N ALA F 436 -33.07 -30.49 -9.63
CA ALA F 436 -33.50 -31.17 -10.84
C ALA F 436 -33.47 -30.25 -12.06
N GLY F 437 -33.26 -30.85 -13.23
CA GLY F 437 -33.45 -30.12 -14.47
C GLY F 437 -33.60 -31.08 -15.63
N GLU F 438 -34.40 -30.67 -16.62
CA GLU F 438 -34.58 -31.41 -17.86
C GLU F 438 -33.77 -30.77 -18.98
N ILE F 439 -33.12 -31.61 -19.79
CA ILE F 439 -32.29 -31.13 -20.89
C ILE F 439 -33.17 -30.83 -22.12
N LEU F 440 -33.05 -29.60 -22.67
CA LEU F 440 -33.71 -29.22 -23.92
C LEU F 440 -32.77 -29.42 -25.09
N PRO F 441 -33.28 -29.77 -26.28
CA PRO F 441 -32.37 -29.98 -27.41
C PRO F 441 -31.69 -28.68 -27.80
N ALA F 442 -30.49 -28.80 -28.36
CA ALA F 442 -29.72 -27.62 -28.73
C ALA F 442 -30.46 -26.81 -29.80
N LEU F 443 -30.28 -25.49 -29.75
CA LEU F 443 -30.83 -24.62 -30.79
C LEU F 443 -30.18 -24.94 -32.13
N LYS F 444 -30.93 -24.74 -33.20
CA LYS F 444 -30.40 -25.04 -34.52
C LYS F 444 -30.10 -23.78 -35.32
N ALA G 11 -6.71 1.28 -59.32
CA ALA G 11 -7.85 0.37 -59.40
C ALA G 11 -9.16 1.17 -59.46
N SER G 12 -9.21 2.25 -58.67
CA SER G 12 -10.32 3.18 -58.77
C SER G 12 -10.21 4.06 -60.01
N SER G 13 -8.99 4.34 -60.47
CA SER G 13 -8.83 4.99 -61.76
C SER G 13 -9.13 4.03 -62.90
N ASP G 14 -8.80 2.74 -62.74
CA ASP G 14 -9.17 1.73 -63.72
C ASP G 14 -10.68 1.72 -63.95
N LEU G 15 -11.45 1.72 -62.86
CA LEU G 15 -12.90 1.71 -62.98
C LEU G 15 -13.39 2.99 -63.65
N GLN G 16 -12.90 4.14 -63.20
CA GLN G 16 -13.28 5.40 -63.84
C GLN G 16 -13.02 5.37 -65.33
N ALA G 17 -11.86 4.86 -65.74
CA ALA G 17 -11.55 4.79 -67.17
C ALA G 17 -12.61 4.02 -67.95
N THR G 18 -13.23 3.00 -67.33
CA THR G 18 -14.27 2.24 -68.04
C THR G 18 -15.54 3.06 -68.23
N LEU G 19 -15.72 4.14 -67.47
CA LEU G 19 -16.91 4.96 -67.54
C LEU G 19 -16.75 6.15 -68.47
N ASP G 20 -15.55 6.39 -68.97
CA ASP G 20 -15.20 7.54 -69.77
C ASP G 20 -15.98 7.54 -71.08
N PRO G 21 -16.88 8.52 -71.28
CA PRO G 21 -17.64 8.58 -72.53
C PRO G 21 -16.79 8.59 -73.81
N SER G 22 -15.55 9.07 -73.75
CA SER G 22 -14.74 9.16 -74.96
C SER G 22 -14.16 7.81 -75.39
N ARG G 23 -14.17 6.80 -74.53
CA ARG G 23 -13.67 5.49 -74.92
C ARG G 23 -14.56 4.89 -76.00
N LYS G 24 -13.94 4.22 -76.97
CA LYS G 24 -14.67 3.56 -78.03
C LYS G 24 -14.04 2.19 -78.28
N SER G 25 -14.75 1.36 -79.03
CA SER G 25 -14.37 -0.03 -79.23
C SER G 25 -13.96 -0.30 -80.67
N TRP G 26 -13.14 -1.33 -80.86
CA TRP G 26 -12.92 -1.83 -82.22
C TRP G 26 -14.08 -2.66 -82.72
N VAL G 27 -15.02 -3.05 -81.85
CA VAL G 27 -16.31 -3.58 -82.30
C VAL G 27 -17.14 -2.38 -82.72
N GLU G 28 -17.25 -2.15 -84.04
CA GLU G 28 -17.79 -0.87 -84.52
C GLU G 28 -19.26 -0.67 -84.15
N SER G 29 -20.05 -1.74 -84.09
CA SER G 29 -21.45 -1.60 -83.73
C SER G 29 -21.64 -1.07 -82.31
N ALA G 30 -20.65 -1.22 -81.43
CA ALA G 30 -20.74 -0.64 -80.09
C ALA G 30 -20.68 0.87 -80.09
N ASN G 31 -20.13 1.48 -81.14
CA ASN G 31 -19.95 2.93 -81.17
C ASN G 31 -21.14 3.63 -81.79
N ASN G 32 -22.17 2.89 -82.16
CA ASN G 32 -23.43 3.47 -82.57
C ASN G 32 -23.96 4.37 -81.46
N PRO G 33 -24.11 5.68 -81.70
CA PRO G 33 -24.57 6.58 -80.62
C PRO G 33 -25.88 6.16 -79.96
N THR G 34 -26.80 5.53 -80.69
CA THR G 34 -28.07 5.12 -80.11
C THR G 34 -28.09 3.64 -79.76
N GLY G 35 -26.94 2.95 -79.85
CA GLY G 35 -26.89 1.56 -79.45
C GLY G 35 -26.83 1.40 -77.94
N ASP G 36 -27.47 0.33 -77.46
CA ASP G 36 -27.48 0.04 -76.02
C ASP G 36 -26.14 -0.48 -75.52
N PHE G 37 -25.36 -1.12 -76.37
CA PHE G 37 -24.24 -1.88 -75.85
C PHE G 37 -22.91 -1.23 -76.20
N SER G 38 -22.80 0.03 -75.81
CA SER G 38 -21.55 0.79 -75.85
C SER G 38 -20.47 0.10 -75.02
N ILE G 39 -19.22 0.49 -75.26
CA ILE G 39 -18.14 -0.04 -74.42
C ILE G 39 -18.32 0.38 -72.97
N GLN G 40 -19.08 1.47 -72.72
CA GLN G 40 -19.34 1.93 -71.37
C GLN G 40 -20.31 1.04 -70.61
N ASN G 41 -20.97 0.10 -71.28
CA ASN G 41 -22.06 -0.67 -70.68
C ASN G 41 -21.51 -1.97 -70.09
N LEU G 42 -21.20 -2.93 -70.97
CA LEU G 42 -20.66 -4.25 -70.64
C LEU G 42 -21.62 -5.00 -69.69
N PRO G 43 -22.83 -5.29 -70.13
CA PRO G 43 -23.75 -6.07 -69.30
C PRO G 43 -23.47 -7.57 -69.38
N PHE G 44 -23.94 -8.28 -68.36
CA PHE G 44 -23.71 -9.72 -68.24
C PHE G 44 -24.98 -10.48 -68.61
N GLY G 45 -24.80 -11.58 -69.35
CA GLY G 45 -25.91 -12.46 -69.66
C GLY G 45 -25.46 -13.90 -69.73
N ILE G 46 -26.43 -14.78 -69.96
CA ILE G 46 -26.21 -16.20 -70.18
C ILE G 46 -26.68 -16.55 -71.59
N PHE G 47 -25.82 -17.19 -72.39
CA PHE G 47 -26.15 -17.42 -73.78
C PHE G 47 -25.70 -18.80 -74.22
N SER G 48 -26.26 -19.22 -75.35
CA SER G 48 -25.78 -20.36 -76.12
C SER G 48 -25.97 -20.00 -77.59
N ASP G 49 -25.48 -20.86 -78.47
CA ASP G 49 -25.50 -20.55 -79.90
C ASP G 49 -25.43 -21.86 -80.66
N GLY G 50 -25.45 -21.75 -82.00
CA GLY G 50 -25.50 -22.94 -82.84
C GLY G 50 -24.26 -23.81 -82.71
N LEU G 51 -23.10 -23.21 -82.48
CA LEU G 51 -21.87 -23.99 -82.42
C LEU G 51 -21.70 -24.70 -81.08
N ASN G 52 -22.24 -24.13 -80.01
CA ASN G 52 -22.04 -24.65 -78.67
C ASN G 52 -23.34 -24.44 -77.90
N ALA G 53 -24.08 -25.53 -77.68
CA ALA G 53 -25.34 -25.42 -76.98
C ALA G 53 -25.17 -25.23 -75.48
N THR G 54 -23.95 -25.35 -74.96
CA THR G 54 -23.74 -25.16 -73.53
C THR G 54 -23.97 -23.71 -73.18
N ARG G 55 -24.86 -23.46 -72.23
CA ARG G 55 -25.06 -22.11 -71.73
C ARG G 55 -23.80 -21.64 -71.01
N ARG G 56 -23.45 -20.37 -71.24
CA ARG G 56 -22.25 -19.82 -70.62
C ARG G 56 -22.40 -18.31 -70.53
N VAL G 57 -21.47 -17.70 -69.81
CA VAL G 57 -21.55 -16.28 -69.50
C VAL G 57 -21.04 -15.48 -70.69
N GLY G 58 -21.79 -14.45 -71.05
CA GLY G 58 -21.37 -13.53 -72.09
C GLY G 58 -21.58 -12.10 -71.64
N VAL G 59 -20.89 -11.21 -72.33
CA VAL G 59 -21.00 -9.77 -72.14
C VAL G 59 -21.32 -9.15 -73.49
N ALA G 60 -22.37 -8.34 -73.55
CA ALA G 60 -22.78 -7.71 -74.79
C ALA G 60 -21.84 -6.57 -75.16
N ILE G 61 -21.48 -6.50 -76.43
CA ILE G 61 -20.76 -5.34 -76.96
C ILE G 61 -21.24 -5.12 -78.39
N GLY G 62 -21.81 -3.93 -78.64
CA GLY G 62 -22.42 -3.67 -79.94
C GLY G 62 -23.50 -4.68 -80.26
N ASP G 63 -23.45 -5.23 -81.48
CA ASP G 63 -24.39 -6.28 -81.87
C ASP G 63 -23.84 -7.69 -81.59
N SER G 64 -22.82 -7.80 -80.74
CA SER G 64 -22.12 -9.06 -80.53
C SER G 64 -22.06 -9.40 -79.05
N ILE G 65 -21.54 -10.60 -78.77
CA ILE G 65 -21.38 -11.13 -77.42
C ILE G 65 -19.95 -11.60 -77.25
N VAL G 66 -19.35 -11.25 -76.12
CA VAL G 66 -18.03 -11.75 -75.77
C VAL G 66 -18.19 -13.02 -74.94
N ASP G 67 -17.66 -14.13 -75.45
CA ASP G 67 -17.70 -15.44 -74.78
C ASP G 67 -16.65 -15.43 -73.68
N LEU G 68 -17.07 -15.22 -72.42
CA LEU G 68 -16.10 -15.01 -71.35
C LEU G 68 -15.30 -16.29 -71.06
N ALA G 69 -15.95 -17.45 -71.12
CA ALA G 69 -15.21 -18.69 -70.95
C ALA G 69 -14.10 -18.81 -71.96
N ALA G 70 -14.37 -18.43 -73.22
CA ALA G 70 -13.38 -18.58 -74.28
C ALA G 70 -12.20 -17.64 -74.08
N LEU G 71 -12.44 -16.43 -73.57
CA LEU G 71 -11.33 -15.53 -73.29
C LEU G 71 -10.52 -16.03 -72.11
N GLU G 72 -11.20 -16.61 -71.12
CA GLU G 72 -10.48 -17.20 -70.00
C GLU G 72 -9.58 -18.34 -70.47
N SER G 73 -10.10 -19.24 -71.31
CA SER G 73 -9.32 -20.37 -71.79
C SER G 73 -8.09 -19.91 -72.57
N ALA G 74 -8.18 -18.74 -73.20
CA ALA G 74 -7.07 -18.15 -73.93
C ALA G 74 -6.18 -17.30 -73.03
N GLY G 75 -6.38 -17.34 -71.71
CA GLY G 75 -5.54 -16.60 -70.79
C GLY G 75 -5.64 -15.10 -70.90
N LEU G 76 -6.71 -14.57 -71.49
CA LEU G 76 -6.91 -13.12 -71.56
C LEU G 76 -7.85 -12.59 -70.48
N LEU G 77 -8.54 -13.48 -69.77
CA LEU G 77 -9.49 -13.07 -68.74
C LEU G 77 -9.35 -14.01 -67.57
N SER G 78 -9.16 -13.47 -66.37
CA SER G 78 -8.97 -14.29 -65.19
C SER G 78 -9.85 -13.81 -64.04
N VAL G 79 -10.46 -14.75 -63.34
CA VAL G 79 -11.25 -14.48 -62.14
C VAL G 79 -10.75 -15.39 -61.02
N PRO G 80 -11.08 -15.06 -59.77
CA PRO G 80 -10.94 -16.02 -58.66
C PRO G 80 -11.94 -17.16 -58.76
N ASP G 86 -15.68 -25.91 -63.02
CA ASP G 86 -14.37 -25.38 -62.66
C ASP G 86 -14.28 -23.89 -62.98
N SER G 87 -14.97 -23.46 -64.03
CA SER G 87 -15.06 -22.04 -64.38
C SER G 87 -16.45 -21.52 -64.12
N VAL G 88 -16.55 -20.39 -63.42
CA VAL G 88 -17.84 -19.75 -63.20
C VAL G 88 -18.43 -19.14 -64.47
N PHE G 89 -17.70 -19.13 -65.58
CA PHE G 89 -18.27 -18.65 -66.83
C PHE G 89 -18.97 -19.76 -67.62
N VAL G 90 -18.71 -21.02 -67.26
CA VAL G 90 -19.44 -22.15 -67.82
C VAL G 90 -20.52 -22.56 -66.82
N ARG G 91 -21.61 -21.79 -66.81
CA ARG G 91 -22.75 -22.02 -65.93
C ARG G 91 -24.01 -21.63 -66.70
N ASP G 92 -25.14 -22.20 -66.29
CA ASP G 92 -26.47 -21.87 -66.82
CA ASP G 92 -26.38 -21.76 -66.94
C ASP G 92 -27.06 -20.62 -66.18
N ALA G 93 -26.35 -19.99 -65.24
CA ALA G 93 -26.84 -18.83 -64.51
C ALA G 93 -25.64 -18.05 -64.04
N LEU G 94 -25.81 -16.74 -63.87
CA LEU G 94 -24.73 -15.86 -63.43
C LEU G 94 -24.48 -15.92 -61.92
N ASN G 95 -25.29 -16.69 -61.18
CA ASN G 95 -25.24 -16.68 -59.72
C ASN G 95 -23.83 -16.87 -59.18
N ASP G 96 -23.15 -17.93 -59.62
CA ASP G 96 -21.84 -18.23 -59.05
C ASP G 96 -20.85 -17.11 -59.33
N PHE G 97 -20.89 -16.53 -60.53
CA PHE G 97 -20.03 -15.39 -60.82
C PHE G 97 -20.39 -14.20 -59.92
N ILE G 98 -21.69 -13.91 -59.79
CA ILE G 98 -22.10 -12.76 -59.00
C ILE G 98 -21.64 -12.93 -57.56
N ALA G 99 -21.73 -14.15 -57.03
CA ALA G 99 -21.38 -14.39 -55.64
C ALA G 99 -19.90 -14.17 -55.36
N LEU G 100 -19.07 -14.01 -56.39
CA LEU G 100 -17.65 -13.71 -56.15
C LEU G 100 -17.43 -12.29 -55.64
N GLY G 101 -18.40 -11.39 -55.79
CA GLY G 101 -18.33 -10.09 -55.15
C GLY G 101 -17.88 -8.98 -56.09
N ARG G 102 -18.08 -7.74 -55.60
CA ARG G 102 -17.86 -6.54 -56.39
C ARG G 102 -16.43 -6.45 -56.95
N ASP G 103 -15.43 -6.85 -56.16
CA ASP G 103 -14.06 -6.81 -56.66
C ASP G 103 -13.91 -7.63 -57.93
N ALA G 104 -14.56 -8.78 -57.99
CA ALA G 104 -14.47 -9.61 -59.18
C ALA G 104 -15.29 -9.04 -60.33
N TRP G 105 -16.50 -8.53 -60.06
CA TRP G 105 -17.27 -7.89 -61.12
C TRP G 105 -16.47 -6.77 -61.77
N ARG G 106 -15.77 -5.97 -60.97
CA ARG G 106 -14.99 -4.87 -61.50
C ARG G 106 -13.75 -5.36 -62.21
N SER G 107 -13.14 -6.44 -61.73
CA SER G 107 -11.95 -6.95 -62.40
C SER G 107 -12.29 -7.42 -63.82
N VAL G 108 -13.40 -8.14 -63.96
CA VAL G 108 -13.84 -8.56 -65.29
C VAL G 108 -14.17 -7.36 -66.16
N ARG G 109 -14.90 -6.39 -65.59
CA ARG G 109 -15.28 -5.20 -66.34
C ARG G 109 -14.05 -4.45 -66.84
N VAL G 110 -13.05 -4.27 -65.97
CA VAL G 110 -11.85 -3.55 -66.36
C VAL G 110 -11.09 -4.32 -67.44
N GLN G 111 -10.90 -5.63 -67.25
CA GLN G 111 -10.20 -6.44 -68.24
C GLN G 111 -10.90 -6.39 -69.60
N LEU G 112 -12.21 -6.61 -69.61
CA LEU G 112 -12.96 -6.54 -70.87
C LEU G 112 -12.86 -5.14 -71.49
N SER G 113 -13.06 -4.10 -70.69
CA SER G 113 -13.01 -2.73 -71.20
C SER G 113 -11.68 -2.45 -71.89
N ARG G 114 -10.58 -2.96 -71.34
CA ARG G 114 -9.29 -2.76 -72.00
C ARG G 114 -9.22 -3.55 -73.30
N LEU G 115 -9.63 -4.82 -73.26
CA LEU G 115 -9.52 -5.67 -74.45
C LEU G 115 -10.43 -5.20 -75.57
N LEU G 116 -11.53 -4.51 -75.25
CA LEU G 116 -12.44 -4.05 -76.29
C LEU G 116 -12.12 -2.64 -76.77
N SER G 117 -11.16 -1.97 -76.17
CA SER G 117 -10.82 -0.61 -76.57
C SER G 117 -10.18 -0.58 -77.95
N ARG G 118 -10.39 0.54 -78.66
CA ARG G 118 -9.84 0.68 -80.00
CA ARG G 118 -9.83 0.72 -80.00
C ARG G 118 -8.34 0.42 -80.03
N ASP G 119 -7.59 1.04 -79.13
CA ASP G 119 -6.13 1.03 -79.20
C ASP G 119 -5.49 -0.17 -78.52
N ASP G 120 -6.24 -1.22 -78.22
CA ASP G 120 -5.69 -2.46 -77.69
C ASP G 120 -5.71 -3.52 -78.77
N ALA G 121 -4.58 -4.21 -78.96
CA ALA G 121 -4.44 -5.14 -80.06
C ALA G 121 -4.60 -6.62 -79.67
N THR G 122 -4.43 -6.96 -78.39
CA THR G 122 -4.37 -8.36 -77.96
C THR G 122 -5.48 -9.22 -78.55
N LEU G 123 -6.73 -8.89 -78.26
CA LEU G 123 -7.83 -9.64 -78.84
C LEU G 123 -8.16 -9.12 -80.24
N ARG G 124 -8.05 -7.81 -80.45
CA ARG G 124 -8.44 -7.20 -81.73
C ARG G 124 -7.78 -7.89 -82.92
N ASP G 125 -6.48 -8.16 -82.83
CA ASP G 125 -5.72 -8.69 -83.95
C ASP G 125 -5.46 -10.19 -83.83
N ASP G 126 -6.21 -10.88 -82.97
CA ASP G 126 -6.16 -12.33 -82.88
C ASP G 126 -7.37 -12.85 -83.67
N ALA G 127 -7.21 -12.92 -84.98
CA ALA G 127 -8.32 -13.23 -85.87
C ALA G 127 -8.98 -14.56 -85.51
N GLU G 128 -8.17 -15.55 -85.11
CA GLU G 128 -8.73 -16.87 -84.82
C GLU G 128 -9.58 -16.85 -83.55
N LEU G 129 -9.06 -16.24 -82.48
CA LEU G 129 -9.81 -16.18 -81.23
C LEU G 129 -11.01 -15.24 -81.34
N ARG G 130 -10.85 -14.13 -82.06
CA ARG G 130 -11.98 -13.24 -82.31
C ARG G 130 -13.13 -13.98 -82.96
N GLY G 131 -12.83 -14.82 -83.95
CA GLY G 131 -13.88 -15.56 -84.63
C GLY G 131 -14.65 -16.49 -83.70
N ARG G 132 -13.97 -17.06 -82.71
CA ARG G 132 -14.59 -17.95 -81.74
C ARG G 132 -15.19 -17.20 -80.55
N ALA G 133 -14.51 -16.17 -80.04
CA ALA G 133 -14.91 -15.53 -78.80
C ALA G 133 -15.92 -14.41 -78.98
N LEU G 134 -16.01 -13.81 -80.18
CA LEU G 134 -17.03 -12.82 -80.48
C LEU G 134 -18.10 -13.45 -81.35
N ILE G 135 -19.34 -13.42 -80.88
CA ILE G 135 -20.48 -14.06 -81.50
C ILE G 135 -21.56 -13.01 -81.72
N ARG G 136 -22.18 -13.01 -82.90
CA ARG G 136 -23.30 -12.12 -83.17
CA ARG G 136 -23.29 -12.11 -83.17
C ARG G 136 -24.49 -12.47 -82.28
N GLN G 137 -25.09 -11.44 -81.68
CA GLN G 137 -26.30 -11.67 -80.90
C GLN G 137 -27.38 -12.33 -81.75
N ALA G 138 -27.40 -12.02 -83.05
CA ALA G 138 -28.36 -12.62 -83.97
C ALA G 138 -28.20 -14.13 -84.03
N ASP G 139 -27.00 -14.65 -83.79
CA ASP G 139 -26.71 -16.07 -83.87
C ASP G 139 -26.78 -16.76 -82.51
N ALA G 140 -27.24 -16.06 -81.48
CA ALA G 140 -27.24 -16.59 -80.13
C ALA G 140 -28.66 -16.63 -79.57
N GLN G 141 -28.84 -17.50 -78.58
CA GLN G 141 -30.04 -17.51 -77.75
C GLN G 141 -29.67 -16.99 -76.36
N LEU G 142 -30.40 -15.99 -75.89
CA LEU G 142 -30.18 -15.43 -74.56
C LEU G 142 -31.19 -16.05 -73.62
N HIS G 143 -30.71 -16.53 -72.48
CA HIS G 143 -31.55 -17.21 -71.51
C HIS G 143 -31.69 -16.34 -70.25
N LEU G 144 -32.57 -16.78 -69.37
CA LEU G 144 -32.71 -16.13 -68.08
C LEU G 144 -31.33 -15.96 -67.45
N PRO G 145 -30.93 -14.74 -67.06
CA PRO G 145 -29.54 -14.52 -66.66
C PRO G 145 -29.20 -15.01 -65.26
N VAL G 146 -30.18 -15.17 -64.38
CA VAL G 146 -29.93 -15.69 -63.04
C VAL G 146 -30.98 -16.74 -62.71
N GLN G 147 -30.61 -17.64 -61.80
CA GLN G 147 -31.56 -18.54 -61.14
CA GLN G 147 -31.56 -18.53 -61.15
C GLN G 147 -32.10 -17.77 -59.93
N ILE G 148 -33.39 -17.44 -59.96
CA ILE G 148 -33.96 -16.48 -59.02
C ILE G 148 -34.42 -17.24 -57.78
N PRO G 149 -33.77 -17.05 -56.63
CA PRO G 149 -34.25 -17.72 -55.41
C PRO G 149 -35.55 -17.14 -54.92
N GLY G 150 -35.71 -15.82 -54.99
CA GLY G 150 -36.93 -15.17 -54.59
C GLY G 150 -37.16 -13.95 -55.46
N TYR G 151 -38.43 -13.62 -55.68
CA TYR G 151 -38.81 -12.48 -56.50
C TYR G 151 -39.80 -11.65 -55.71
N THR G 152 -39.46 -10.37 -55.51
CA THR G 152 -40.28 -9.43 -54.77
C THR G 152 -40.64 -8.28 -55.70
N ASP G 153 -41.86 -7.73 -55.54
CA ASP G 153 -42.31 -6.65 -56.40
C ASP G 153 -42.85 -5.53 -55.54
N PHE G 154 -42.42 -4.30 -55.82
CA PHE G 154 -42.86 -3.15 -55.07
C PHE G 154 -43.94 -2.42 -55.85
N TYR G 155 -44.17 -1.13 -55.53
CA TYR G 155 -45.36 -0.38 -55.90
C TYR G 155 -45.05 1.10 -55.83
N SER G 156 -43.84 1.49 -56.20
CA SER G 156 -43.25 2.73 -55.68
C SER G 156 -43.46 3.95 -56.59
N SER G 157 -44.36 3.89 -57.57
CA SER G 157 -44.71 5.08 -58.34
C SER G 157 -45.92 5.74 -57.71
N LYS G 158 -45.72 6.95 -57.18
CA LYS G 158 -46.84 7.71 -56.62
C LYS G 158 -47.93 7.94 -57.67
N GLU G 159 -47.53 8.23 -58.90
CA GLU G 159 -48.51 8.45 -59.96
CA GLU G 159 -48.54 8.47 -59.92
C GLU G 159 -49.31 7.19 -60.24
N HIS G 160 -48.64 6.05 -60.30
CA HIS G 160 -49.34 4.79 -60.56
C HIS G 160 -50.30 4.46 -59.42
N ALA G 161 -49.84 4.54 -58.18
CA ALA G 161 -50.67 4.17 -57.03
C ALA G 161 -51.87 5.09 -56.89
N THR G 162 -51.71 6.37 -57.24
CA THR G 162 -52.83 7.32 -57.25
C THR G 162 -53.82 6.99 -58.38
N ASN G 163 -53.31 6.75 -59.59
CA ASN G 163 -54.17 6.32 -60.69
C ASN G 163 -54.98 5.09 -60.29
N VAL G 164 -54.29 4.03 -59.84
CA VAL G 164 -54.98 2.81 -59.48
C VAL G 164 -55.93 3.04 -58.32
N GLY G 165 -55.50 3.86 -57.35
CA GLY G 165 -56.32 4.10 -56.18
C GLY G 165 -57.67 4.70 -56.53
N SER G 166 -57.71 5.55 -57.55
CA SER G 166 -58.99 6.13 -57.97
CA SER G 166 -58.99 6.14 -57.96
C SER G 166 -59.91 5.06 -58.55
N MET G 167 -59.41 4.30 -59.51
CA MET G 167 -60.28 3.41 -60.30
C MET G 167 -60.82 2.22 -59.49
N PHE G 168 -60.02 1.67 -58.57
CA PHE G 168 -60.39 0.40 -57.97
C PHE G 168 -60.61 0.45 -56.46
N ARG G 169 -60.28 1.56 -55.81
CA ARG G 169 -60.62 1.75 -54.41
C ARG G 169 -61.29 3.11 -54.25
N ASP G 170 -60.94 3.87 -53.20
CA ASP G 170 -61.62 5.11 -52.92
C ASP G 170 -61.03 6.27 -53.73
N PRO G 171 -61.80 6.86 -54.66
CA PRO G 171 -61.26 7.97 -55.46
C PRO G 171 -61.07 9.27 -54.68
N LYS G 172 -61.65 9.41 -53.49
CA LYS G 172 -61.44 10.61 -52.69
C LYS G 172 -60.08 10.58 -52.00
N ASN G 173 -59.75 9.48 -51.35
CA ASN G 173 -58.43 9.26 -50.75
C ASN G 173 -57.74 8.16 -51.55
N ALA G 174 -57.26 8.52 -52.75
CA ALA G 174 -56.70 7.54 -53.68
C ALA G 174 -55.43 6.90 -53.11
N LEU G 175 -54.57 7.71 -52.49
CA LEU G 175 -53.33 7.25 -51.88
C LEU G 175 -53.59 6.99 -50.41
N LEU G 176 -53.52 5.73 -49.98
CA LEU G 176 -53.67 5.44 -48.56
C LEU G 176 -52.44 5.94 -47.80
N PRO G 177 -52.61 6.33 -46.53
CA PRO G 177 -51.48 6.92 -45.79
C PRO G 177 -50.26 6.01 -45.70
N ASN G 178 -50.44 4.68 -45.61
CA ASN G 178 -49.27 3.83 -45.45
C ASN G 178 -48.38 3.86 -46.69
N TRP G 179 -48.93 4.21 -47.85
CA TRP G 179 -48.14 4.22 -49.07
C TRP G 179 -46.99 5.21 -48.97
N SER G 180 -47.21 6.33 -48.31
CA SER G 180 -46.17 7.36 -48.21
C SER G 180 -45.28 7.16 -46.99
N GLU G 181 -45.52 6.12 -46.20
CA GLU G 181 -44.71 5.83 -45.03
C GLU G 181 -43.75 4.66 -45.24
N MET G 182 -43.95 3.88 -46.31
CA MET G 182 -43.10 2.72 -46.55
C MET G 182 -43.20 2.37 -48.02
N PRO G 183 -42.17 1.77 -48.60
CA PRO G 183 -42.32 1.25 -49.97
C PRO G 183 -43.06 -0.08 -49.92
N ILE G 184 -44.39 -0.04 -50.02
CA ILE G 184 -45.16 -1.27 -49.92
C ILE G 184 -44.75 -2.22 -51.05
N GLY G 185 -44.82 -3.52 -50.77
CA GLY G 185 -44.38 -4.57 -51.67
C GLY G 185 -45.05 -5.88 -51.31
N TYR G 186 -44.77 -6.92 -52.10
CA TYR G 186 -45.34 -8.26 -51.88
C TYR G 186 -44.38 -9.27 -52.48
N ASN G 187 -44.48 -10.53 -52.00
CA ASN G 187 -43.70 -11.60 -52.59
C ASN G 187 -44.29 -11.96 -53.95
N GLY G 188 -43.43 -12.02 -54.97
CA GLY G 188 -43.85 -12.53 -56.27
C GLY G 188 -43.56 -14.02 -56.39
N ARG G 189 -43.85 -14.55 -57.57
CA ARG G 189 -43.61 -15.95 -57.88
C ARG G 189 -42.33 -16.08 -58.71
N ALA G 190 -41.28 -16.58 -58.09
CA ALA G 190 -40.00 -16.69 -58.81
C ALA G 190 -40.11 -17.66 -59.97
N SER G 191 -40.91 -18.73 -59.83
CA SER G 191 -40.90 -19.79 -60.83
C SER G 191 -41.37 -19.30 -62.21
N SER G 192 -42.27 -18.32 -62.26
CA SER G 192 -42.87 -17.89 -63.51
C SER G 192 -42.18 -16.68 -64.14
N VAL G 193 -41.03 -16.27 -63.64
CA VAL G 193 -40.21 -15.25 -64.30
C VAL G 193 -39.51 -15.91 -65.49
N VAL G 194 -39.79 -15.40 -66.71
CA VAL G 194 -39.23 -15.92 -67.95
C VAL G 194 -38.43 -14.83 -68.66
N VAL G 195 -37.55 -15.24 -69.55
CA VAL G 195 -36.67 -14.33 -70.24
C VAL G 195 -37.37 -13.78 -71.47
N SER G 196 -36.87 -12.64 -71.97
CA SER G 196 -37.51 -11.94 -73.08
C SER G 196 -37.70 -12.85 -74.28
N GLY G 197 -38.84 -12.69 -74.96
CA GLY G 197 -39.19 -13.50 -76.12
C GLY G 197 -40.07 -14.70 -75.82
N THR G 198 -40.22 -15.06 -74.55
CA THR G 198 -41.09 -16.16 -74.19
C THR G 198 -42.53 -15.75 -74.40
N PRO G 199 -43.29 -16.43 -75.26
CA PRO G 199 -44.71 -16.09 -75.38
C PRO G 199 -45.46 -16.47 -74.12
N VAL G 200 -46.51 -15.70 -73.83
CA VAL G 200 -47.25 -15.77 -72.58
C VAL G 200 -48.69 -16.14 -72.90
N ARG G 201 -49.15 -17.25 -72.33
CA ARG G 201 -50.51 -17.75 -72.53
C ARG G 201 -51.51 -16.90 -71.72
N ARG G 202 -52.48 -16.29 -72.41
CA ARG G 202 -53.51 -15.54 -71.71
C ARG G 202 -54.15 -16.42 -70.64
N PRO G 203 -54.25 -15.96 -69.39
CA PRO G 203 -54.74 -16.84 -68.32
C PRO G 203 -56.26 -16.96 -68.32
N ASN G 204 -56.73 -18.16 -67.97
CA ASN G 204 -58.11 -18.36 -67.54
C ASN G 204 -58.21 -18.12 -66.03
N GLY G 205 -59.41 -17.77 -65.57
CA GLY G 205 -59.56 -17.59 -64.14
C GLY G 205 -60.96 -17.18 -63.77
N GLN G 206 -61.15 -16.92 -62.48
CA GLN G 206 -62.43 -16.43 -61.98
C GLN G 206 -62.60 -14.96 -62.32
N LEU G 207 -63.72 -14.64 -62.96
CA LEU G 207 -64.10 -13.28 -63.32
C LEU G 207 -65.38 -12.93 -62.59
N LYS G 208 -65.44 -11.74 -62.00
CA LYS G 208 -66.64 -11.22 -61.37
C LYS G 208 -67.30 -10.23 -62.32
N LEU G 209 -68.48 -10.61 -62.90
CA LEU G 209 -69.23 -9.76 -63.81
C LEU G 209 -70.20 -8.88 -63.02
N PRO G 210 -70.47 -7.66 -63.50
CA PRO G 210 -71.15 -6.67 -62.64
C PRO G 210 -72.60 -7.01 -62.31
N ASP G 211 -73.27 -7.78 -63.16
CA ASP G 211 -74.69 -8.06 -62.98
C ASP G 211 -74.96 -9.50 -62.58
N GLN G 212 -73.93 -10.25 -62.18
CA GLN G 212 -74.08 -11.65 -61.81
C GLN G 212 -73.55 -11.86 -60.39
N GLU G 213 -74.37 -12.47 -59.54
CA GLU G 213 -74.01 -12.67 -58.14
C GLU G 213 -72.70 -13.46 -58.01
N ARG G 214 -72.56 -14.54 -58.77
CA ARG G 214 -71.43 -15.43 -58.57
C ARG G 214 -70.39 -15.27 -59.68
N PRO G 215 -69.11 -15.51 -59.39
CA PRO G 215 -68.10 -15.40 -60.45
C PRO G 215 -68.27 -16.47 -61.52
N VAL G 216 -67.71 -16.18 -62.69
CA VAL G 216 -67.66 -17.15 -63.78
C VAL G 216 -66.19 -17.52 -63.99
N PHE G 217 -65.99 -18.64 -64.67
CA PHE G 217 -64.66 -19.06 -65.10
C PHE G 217 -64.50 -18.78 -66.58
N GLY G 218 -63.40 -18.16 -66.97
CA GLY G 218 -63.21 -17.83 -68.37
C GLY G 218 -61.88 -17.17 -68.63
N ALA G 219 -61.62 -16.94 -69.92
CA ALA G 219 -60.41 -16.24 -70.34
C ALA G 219 -60.45 -14.80 -69.83
N CYS G 220 -59.35 -14.36 -69.22
CA CYS G 220 -59.34 -13.01 -68.71
C CYS G 220 -59.53 -12.00 -69.86
N ARG G 221 -60.18 -10.88 -69.54
CA ARG G 221 -60.55 -9.87 -70.52
C ARG G 221 -59.82 -8.56 -70.33
N LYS G 222 -58.98 -8.45 -69.29
CA LYS G 222 -58.19 -7.25 -69.05
C LYS G 222 -56.73 -7.67 -68.85
N LEU G 223 -56.11 -8.19 -69.90
CA LEU G 223 -54.71 -8.56 -69.82
C LEU G 223 -53.84 -7.31 -70.01
N ASP G 224 -52.84 -7.13 -69.15
CA ASP G 224 -52.13 -5.87 -69.08
C ASP G 224 -50.64 -6.09 -68.82
N ILE G 225 -49.86 -5.06 -69.13
CA ILE G 225 -48.44 -5.02 -68.76
C ILE G 225 -48.31 -4.32 -67.42
N GLU G 226 -47.12 -4.42 -66.82
CA GLU G 226 -46.67 -3.42 -65.85
C GLU G 226 -45.21 -3.11 -66.17
N LEU G 227 -44.97 -1.92 -66.73
CA LEU G 227 -43.60 -1.49 -67.02
C LEU G 227 -42.81 -1.26 -65.74
N GLU G 228 -41.75 -2.03 -65.54
CA GLU G 228 -40.92 -1.93 -64.35
C GLU G 228 -39.45 -2.11 -64.71
N THR G 229 -38.61 -1.87 -63.72
CA THR G 229 -37.26 -2.42 -63.71
C THR G 229 -37.18 -3.43 -62.59
N GLY G 230 -36.18 -4.30 -62.66
CA GLY G 230 -35.86 -5.18 -61.54
C GLY G 230 -34.40 -5.03 -61.21
N PHE G 231 -34.09 -5.08 -59.92
CA PHE G 231 -32.68 -5.15 -59.55
C PHE G 231 -32.36 -6.51 -58.95
N VAL G 232 -31.13 -6.94 -59.19
CA VAL G 232 -30.67 -8.27 -58.90
C VAL G 232 -29.70 -8.19 -57.72
N ILE G 233 -29.95 -9.01 -56.69
CA ILE G 233 -29.11 -8.99 -55.48
C ILE G 233 -27.76 -9.61 -55.76
N GLY G 234 -26.69 -8.91 -55.39
CA GLY G 234 -25.34 -9.42 -55.57
C GLY G 234 -24.69 -9.95 -54.31
N ALA G 235 -25.19 -9.52 -53.15
CA ALA G 235 -24.76 -10.07 -51.86
C ALA G 235 -25.97 -10.04 -50.93
N GLY G 236 -26.27 -11.19 -50.32
CA GLY G 236 -27.45 -11.32 -49.49
C GLY G 236 -27.25 -10.75 -48.10
N ASN G 237 -28.17 -11.10 -47.21
CA ASN G 237 -28.08 -10.73 -45.80
C ASN G 237 -28.70 -11.86 -45.00
N ALA G 238 -28.18 -12.05 -43.79
CA ALA G 238 -28.57 -13.19 -42.97
C ALA G 238 -29.95 -12.98 -42.39
N LEU G 239 -30.68 -14.07 -42.19
CA LEU G 239 -31.99 -13.98 -41.57
C LEU G 239 -31.88 -13.27 -40.22
N GLY G 240 -32.77 -12.30 -40.01
CA GLY G 240 -32.74 -11.52 -38.79
C GLY G 240 -31.79 -10.35 -38.78
N GLU G 241 -31.10 -10.07 -39.89
CA GLU G 241 -30.07 -9.03 -39.91
C GLU G 241 -30.41 -7.99 -40.98
N PRO G 242 -31.01 -6.86 -40.62
CA PRO G 242 -31.44 -5.89 -41.62
C PRO G 242 -30.26 -5.32 -42.41
N VAL G 243 -30.53 -4.97 -43.66
CA VAL G 243 -29.61 -4.16 -44.46
C VAL G 243 -30.01 -2.70 -44.27
N THR G 244 -29.07 -1.86 -43.83
CA THR G 244 -29.43 -0.46 -43.64
C THR G 244 -29.59 0.23 -45.01
N CYS G 245 -30.33 1.32 -44.99
CA CYS G 245 -30.57 2.07 -46.21
C CYS G 245 -29.26 2.57 -46.82
N ALA G 246 -28.30 2.96 -45.96
CA ALA G 246 -27.01 3.44 -46.47
C ALA G 246 -26.14 2.32 -47.04
N ASP G 247 -26.32 1.09 -46.55
CA ASP G 247 -25.56 -0.05 -47.05
C ASP G 247 -26.24 -0.77 -48.22
N ALA G 248 -27.48 -0.39 -48.54
CA ALA G 248 -28.30 -1.22 -49.42
C ALA G 248 -27.71 -1.38 -50.81
N GLU G 249 -27.25 -0.28 -51.44
CA GLU G 249 -26.79 -0.37 -52.82
C GLU G 249 -25.60 -1.31 -52.97
N ALA G 250 -24.77 -1.43 -51.94
CA ALA G 250 -23.67 -2.38 -51.98
C ALA G 250 -24.12 -3.84 -52.05
N HIS G 251 -25.42 -4.12 -51.88
CA HIS G 251 -25.94 -5.49 -52.03
C HIS G 251 -26.50 -5.76 -53.43
N ILE G 252 -26.44 -4.79 -54.32
CA ILE G 252 -27.15 -4.85 -55.61
C ILE G 252 -26.14 -5.04 -56.72
N PHE G 253 -26.31 -6.10 -57.50
CA PHE G 253 -25.39 -6.36 -58.61
C PHE G 253 -25.71 -5.46 -59.82
N GLY G 254 -26.98 -5.42 -60.22
CA GLY G 254 -27.35 -4.70 -61.43
C GLY G 254 -28.85 -4.71 -61.65
N MET G 255 -29.26 -4.35 -62.87
CA MET G 255 -30.66 -4.10 -63.17
C MET G 255 -31.06 -4.70 -64.53
N VAL G 256 -32.35 -5.02 -64.65
CA VAL G 256 -32.98 -5.49 -65.88
C VAL G 256 -34.30 -4.75 -66.07
N LEU G 257 -34.88 -4.88 -67.27
CA LEU G 257 -36.26 -4.49 -67.50
C LEU G 257 -37.20 -5.63 -67.09
N LEU G 258 -38.38 -5.25 -66.57
CA LEU G 258 -39.29 -6.24 -65.97
C LEU G 258 -40.72 -5.90 -66.36
N ASN G 259 -41.41 -6.85 -67.00
CA ASN G 259 -42.83 -6.71 -67.33
C ASN G 259 -43.63 -7.66 -66.45
N ASP G 260 -44.38 -7.08 -65.50
CA ASP G 260 -45.16 -7.89 -64.55
C ASP G 260 -46.55 -8.04 -65.14
N TRP G 261 -46.68 -8.98 -66.08
CA TRP G 261 -47.97 -9.20 -66.74
C TRP G 261 -49.06 -9.39 -65.69
N SER G 262 -50.21 -8.78 -65.95
CA SER G 262 -51.28 -8.68 -64.96
C SER G 262 -52.63 -8.91 -65.63
N ALA G 263 -53.44 -9.75 -65.01
CA ALA G 263 -54.84 -9.98 -65.43
C ALA G 263 -55.74 -9.19 -64.47
N ARG G 264 -56.14 -8.00 -64.91
CA ARG G 264 -56.79 -7.06 -64.00
C ARG G 264 -58.13 -7.58 -63.50
N ASP G 265 -58.92 -8.26 -64.34
CA ASP G 265 -60.20 -8.73 -63.83
C ASP G 265 -59.99 -9.91 -62.87
N ILE G 266 -59.03 -10.79 -63.15
CA ILE G 266 -58.71 -11.85 -62.20
C ILE G 266 -58.28 -11.23 -60.88
N GLN G 267 -57.47 -10.16 -60.95
CA GLN G 267 -56.94 -9.48 -59.76
C GLN G 267 -58.05 -8.89 -58.91
N GLN G 268 -58.96 -8.13 -59.54
CA GLN G 268 -59.97 -7.41 -58.77
C GLN G 268 -60.79 -8.36 -57.92
N TRP G 269 -61.05 -9.56 -58.41
CA TRP G 269 -61.93 -10.47 -57.69
C TRP G 269 -61.19 -11.23 -56.59
N GLU G 270 -59.92 -11.57 -56.80
CA GLU G 270 -59.19 -12.46 -55.88
C GLU G 270 -58.47 -11.72 -54.75
N TYR G 271 -58.13 -10.43 -54.90
CA TYR G 271 -56.95 -9.91 -54.21
C TYR G 271 -57.21 -9.42 -52.78
N VAL G 272 -58.43 -9.34 -52.30
CA VAL G 272 -58.71 -8.93 -50.93
C VAL G 272 -58.93 -10.16 -50.07
N PRO G 273 -58.22 -10.31 -48.93
CA PRO G 273 -57.28 -9.36 -48.35
C PRO G 273 -55.81 -9.69 -48.58
N LEU G 274 -55.48 -10.80 -49.26
CA LEU G 274 -54.10 -11.27 -49.27
C LEU G 274 -53.28 -10.79 -50.47
N GLY G 275 -53.83 -9.95 -51.33
CA GLY G 275 -53.05 -9.34 -52.38
C GLY G 275 -53.15 -10.08 -53.70
N PRO G 276 -52.49 -9.56 -54.72
CA PRO G 276 -52.58 -10.20 -56.04
C PRO G 276 -51.90 -11.55 -56.02
N PHE G 277 -52.49 -12.52 -56.72
CA PHE G 277 -51.95 -13.87 -56.74
C PHE G 277 -51.99 -14.45 -58.16
N ASN G 278 -53.04 -15.19 -58.51
CA ASN G 278 -53.13 -15.76 -59.85
C ASN G 278 -53.08 -14.71 -60.95
N ALA G 279 -53.51 -13.48 -60.64
CA ALA G 279 -53.48 -12.39 -61.61
C ALA G 279 -52.08 -11.96 -62.00
N LYS G 280 -51.06 -12.34 -61.23
CA LYS G 280 -49.68 -11.94 -61.49
C LYS G 280 -48.74 -13.10 -61.77
N THR G 281 -49.02 -14.29 -61.23
CA THR G 281 -48.01 -15.35 -61.25
C THR G 281 -48.02 -16.18 -62.52
N PHE G 282 -48.92 -15.93 -63.48
CA PHE G 282 -48.88 -16.72 -64.71
C PHE G 282 -47.67 -16.39 -65.56
N ALA G 283 -47.05 -15.23 -65.35
CA ALA G 283 -45.88 -14.84 -66.15
C ALA G 283 -45.32 -13.51 -65.68
N THR G 284 -43.99 -13.43 -65.60
CA THR G 284 -43.27 -12.17 -65.42
C THR G 284 -42.06 -12.26 -66.34
N THR G 285 -41.83 -11.24 -67.17
CA THR G 285 -40.75 -11.27 -68.15
C THR G 285 -39.68 -10.28 -67.78
N ILE G 286 -38.42 -10.70 -67.88
CA ILE G 286 -37.32 -9.78 -67.72
C ILE G 286 -36.42 -9.86 -68.93
N SER G 287 -35.69 -8.77 -69.18
CA SER G 287 -34.75 -8.71 -70.28
C SER G 287 -33.54 -9.59 -69.96
N PRO G 288 -32.80 -10.05 -70.97
CA PRO G 288 -31.69 -10.97 -70.69
C PRO G 288 -30.41 -10.35 -70.13
N TRP G 289 -30.11 -9.06 -70.41
CA TRP G 289 -28.82 -8.45 -70.07
C TRP G 289 -28.89 -7.72 -68.75
N ILE G 290 -28.04 -8.10 -67.80
CA ILE G 290 -27.99 -7.42 -66.51
C ILE G 290 -27.02 -6.26 -66.63
N VAL G 291 -27.55 -5.05 -66.62
CA VAL G 291 -26.72 -3.83 -66.61
C VAL G 291 -26.21 -3.63 -65.18
N THR G 292 -24.89 -3.62 -65.01
CA THR G 292 -24.32 -3.52 -63.67
C THR G 292 -24.59 -2.15 -63.07
N LEU G 293 -24.76 -2.13 -61.76
CA LEU G 293 -24.85 -0.87 -61.04
C LEU G 293 -23.62 0.01 -61.28
N ASP G 294 -22.45 -0.60 -61.50
CA ASP G 294 -21.27 0.20 -61.81
C ASP G 294 -21.44 0.95 -63.13
N ALA G 295 -21.99 0.28 -64.15
CA ALA G 295 -22.21 0.96 -65.44
C ALA G 295 -23.22 2.09 -65.32
N LEU G 296 -24.17 1.97 -64.39
CA LEU G 296 -25.21 2.98 -64.17
C LEU G 296 -24.73 4.20 -63.38
N GLU G 297 -23.55 4.14 -62.77
CA GLU G 297 -23.13 5.22 -61.89
C GLU G 297 -23.15 6.61 -62.55
N PRO G 298 -22.75 6.79 -63.81
CA PRO G 298 -22.81 8.14 -64.40
C PRO G 298 -24.22 8.70 -64.53
N PHE G 299 -25.25 7.87 -64.34
CA PHE G 299 -26.62 8.28 -64.55
C PHE G 299 -27.41 8.39 -63.25
N ARG G 300 -26.71 8.40 -62.12
CA ARG G 300 -27.33 8.66 -60.82
C ARG G 300 -27.83 10.09 -60.78
N VAL G 301 -29.06 10.29 -60.29
CA VAL G 301 -29.70 11.59 -60.25
CA VAL G 301 -29.68 11.60 -60.23
C VAL G 301 -30.47 11.71 -58.94
N ALA G 302 -30.87 12.93 -58.60
CA ALA G 302 -31.66 13.16 -57.40
C ALA G 302 -33.04 12.51 -57.50
N GLN G 303 -33.39 11.74 -56.47
CA GLN G 303 -34.72 11.15 -56.38
C GLN G 303 -35.76 12.24 -56.10
N PRO G 304 -37.05 11.96 -56.28
CA PRO G 304 -38.06 12.96 -55.96
C PRO G 304 -38.08 13.28 -54.47
N ALA G 305 -38.52 14.49 -54.15
CA ALA G 305 -38.71 14.87 -52.75
C ALA G 305 -39.80 14.01 -52.11
N GLN G 306 -39.61 13.68 -50.83
CA GLN G 306 -40.56 12.86 -50.09
C GLN G 306 -41.20 13.72 -49.01
N ASP G 307 -42.52 13.66 -48.94
CA ASP G 307 -43.28 14.41 -47.96
C ASP G 307 -44.44 13.52 -47.52
N PRO G 308 -44.52 13.14 -46.24
CA PRO G 308 -43.64 13.51 -45.12
C PRO G 308 -42.24 12.89 -45.20
N GLN G 309 -41.32 13.39 -44.39
CA GLN G 309 -40.04 12.73 -44.25
C GLN G 309 -40.27 11.35 -43.64
N PRO G 310 -39.81 10.28 -44.27
CA PRO G 310 -40.05 8.94 -43.73
C PRO G 310 -39.27 8.73 -42.43
N LEU G 311 -39.68 7.67 -41.72
CA LEU G 311 -38.96 7.23 -40.52
C LEU G 311 -37.47 7.08 -40.81
N ALA G 312 -36.67 7.21 -39.75
CA ALA G 312 -35.22 7.28 -39.86
C ALA G 312 -34.62 6.12 -40.65
N TYR G 313 -35.15 4.90 -40.47
CA TYR G 313 -34.52 3.75 -41.10
C TYR G 313 -34.64 3.81 -42.62
N LEU G 314 -35.54 4.63 -43.14
CA LEU G 314 -35.72 4.76 -44.59
C LEU G 314 -34.98 5.93 -45.19
N ARG G 315 -34.29 6.72 -44.37
CA ARG G 315 -33.66 7.93 -44.88
C ARG G 315 -32.32 7.61 -45.53
N HIS G 316 -31.98 8.36 -46.58
CA HIS G 316 -30.61 8.30 -47.07
C HIS G 316 -30.21 9.66 -47.60
N ASP G 317 -28.98 10.04 -47.29
CA ASP G 317 -28.35 11.23 -47.84
C ASP G 317 -27.93 10.98 -49.29
N GLY G 318 -27.77 12.07 -50.02
CA GLY G 318 -27.27 11.98 -51.38
C GLY G 318 -28.32 11.52 -52.36
N GLU G 319 -27.86 11.23 -53.57
CA GLU G 319 -28.71 10.92 -54.71
C GLU G 319 -28.79 9.42 -54.91
N HIS G 320 -30.02 8.90 -55.10
CA HIS G 320 -30.20 7.46 -55.19
C HIS G 320 -31.17 7.06 -56.30
N ALA G 321 -31.55 7.98 -57.18
CA ALA G 321 -32.31 7.66 -58.37
C ALA G 321 -31.37 7.45 -59.56
N PHE G 322 -31.90 6.90 -60.63
CA PHE G 322 -31.15 6.71 -61.86
C PHE G 322 -31.98 7.14 -63.07
N ASP G 323 -31.30 7.79 -64.00
CA ASP G 323 -31.92 8.41 -65.18
C ASP G 323 -31.97 7.36 -66.28
N ILE G 324 -33.01 6.54 -66.28
CA ILE G 324 -33.22 5.50 -67.30
C ILE G 324 -34.46 5.86 -68.11
N THR G 325 -34.26 6.20 -69.38
CA THR G 325 -35.41 6.40 -70.26
C THR G 325 -36.02 5.05 -70.60
N LEU G 326 -37.36 4.97 -70.54
CA LEU G 326 -38.11 3.73 -70.70
C LEU G 326 -39.22 3.92 -71.73
N GLU G 327 -39.44 2.90 -72.56
CA GLU G 327 -40.45 2.93 -73.62
C GLU G 327 -41.12 1.57 -73.76
N VAL G 328 -42.39 1.59 -74.15
CA VAL G 328 -43.16 0.36 -74.42
C VAL G 328 -43.80 0.50 -75.79
N THR G 329 -43.65 -0.54 -76.61
CA THR G 329 -44.37 -0.63 -77.87
C THR G 329 -45.32 -1.81 -77.84
N LEU G 330 -46.39 -1.69 -78.62
CA LEU G 330 -47.41 -2.71 -78.79
C LEU G 330 -47.54 -2.94 -80.29
N ARG G 331 -47.40 -4.19 -80.73
CA ARG G 331 -47.53 -4.53 -82.14
C ARG G 331 -48.58 -5.61 -82.32
N PRO G 332 -49.72 -5.31 -82.96
CA PRO G 332 -50.68 -6.36 -83.29
C PRO G 332 -50.02 -7.44 -84.15
N GLN G 333 -50.66 -8.62 -84.14
CA GLN G 333 -50.10 -9.80 -84.81
C GLN G 333 -49.77 -9.53 -86.28
N GLN G 334 -50.70 -8.91 -87.00
CA GLN G 334 -50.49 -8.69 -88.44
C GLN G 334 -49.71 -7.42 -88.75
N ALA G 335 -49.30 -6.64 -87.74
CA ALA G 335 -48.83 -5.29 -87.98
C ALA G 335 -47.37 -5.27 -88.38
N LYS G 336 -47.04 -4.40 -89.34
CA LYS G 336 -45.65 -4.25 -89.74
C LYS G 336 -44.86 -3.47 -88.69
N GLU G 337 -45.43 -2.37 -88.19
CA GLU G 337 -44.74 -1.49 -87.27
C GLU G 337 -45.36 -1.58 -85.87
N ALA G 338 -44.52 -1.60 -84.85
CA ALA G 338 -45.01 -1.47 -83.48
C ALA G 338 -45.39 -0.02 -83.20
N SER G 339 -46.31 0.17 -82.25
CA SER G 339 -46.76 1.49 -81.84
C SER G 339 -46.24 1.77 -80.44
N THR G 340 -45.65 2.95 -80.24
CA THR G 340 -45.15 3.33 -78.93
C THR G 340 -46.31 3.84 -78.09
N ILE G 341 -46.59 3.16 -76.98
CA ILE G 341 -47.76 3.52 -76.19
C ILE G 341 -47.40 4.31 -74.93
N THR G 342 -46.13 4.36 -74.55
CA THR G 342 -45.74 5.17 -73.40
C THR G 342 -44.23 5.40 -73.40
N ARG G 343 -43.84 6.51 -72.78
CA ARG G 343 -42.45 6.90 -72.60
C ARG G 343 -42.34 7.49 -71.21
N THR G 344 -41.45 6.93 -70.37
CA THR G 344 -41.27 7.49 -69.02
C THR G 344 -39.81 7.32 -68.63
N ASN G 345 -39.54 7.35 -67.32
CA ASN G 345 -38.19 7.34 -66.80
C ASN G 345 -38.19 6.80 -65.37
N PHE G 346 -37.23 5.91 -65.08
CA PHE G 346 -37.11 5.31 -63.74
C PHE G 346 -36.96 6.37 -62.65
N LYS G 347 -36.41 7.53 -62.99
CA LYS G 347 -36.06 8.51 -61.96
C LYS G 347 -37.28 9.04 -61.20
N HIS G 348 -38.48 8.91 -61.76
CA HIS G 348 -39.69 9.40 -61.10
C HIS G 348 -40.13 8.56 -59.89
N MET G 349 -39.57 7.38 -59.67
CA MET G 349 -40.09 6.53 -58.59
C MET G 349 -39.94 7.21 -57.23
N TYR G 350 -40.99 7.10 -56.40
CA TYR G 350 -41.02 7.82 -55.13
C TYR G 350 -40.10 7.18 -54.09
N TRP G 351 -39.92 5.85 -54.14
CA TRP G 351 -39.04 5.10 -53.26
C TRP G 351 -37.89 4.53 -54.09
N THR G 352 -36.66 4.68 -53.60
CA THR G 352 -35.47 4.25 -54.30
C THR G 352 -35.20 2.77 -54.08
N MET G 353 -34.27 2.21 -54.86
CA MET G 353 -33.92 0.81 -54.66
C MET G 353 -33.35 0.58 -53.26
N ALA G 354 -32.49 1.50 -52.81
CA ALA G 354 -31.95 1.42 -51.45
C ALA G 354 -33.07 1.38 -50.41
N GLN G 355 -34.10 2.22 -50.60
CA GLN G 355 -35.18 2.27 -49.63
C GLN G 355 -36.01 0.99 -49.68
N GLN G 356 -36.24 0.46 -50.88
CA GLN G 356 -36.98 -0.80 -51.01
C GLN G 356 -36.26 -1.93 -50.28
N LEU G 357 -34.94 -2.05 -50.47
CA LEU G 357 -34.21 -3.16 -49.85
C LEU G 357 -34.12 -2.98 -48.33
N ALA G 358 -33.92 -1.75 -47.87
CA ALA G 358 -33.92 -1.49 -46.43
C ALA G 358 -35.26 -1.89 -45.83
N HIS G 359 -36.36 -1.60 -46.52
CA HIS G 359 -37.66 -1.97 -45.99
C HIS G 359 -37.87 -3.48 -46.09
N HIS G 360 -37.48 -4.09 -47.22
CA HIS G 360 -37.61 -5.54 -47.38
C HIS G 360 -36.99 -6.30 -46.22
N THR G 361 -35.90 -5.78 -45.65
CA THR G 361 -35.13 -6.49 -44.64
C THR G 361 -35.27 -5.93 -43.23
N VAL G 362 -36.06 -4.85 -43.05
CA VAL G 362 -36.04 -4.17 -41.76
C VAL G 362 -36.59 -5.07 -40.65
N SER G 363 -37.47 -6.00 -40.98
CA SER G 363 -38.04 -6.91 -40.00
C SER G 363 -37.29 -8.25 -39.92
N GLY G 364 -36.17 -8.37 -40.63
CA GLY G 364 -35.30 -9.52 -40.51
C GLY G 364 -35.28 -10.47 -41.70
N CYS G 365 -36.08 -10.21 -42.73
CA CYS G 365 -36.12 -11.12 -43.87
C CYS G 365 -34.73 -11.17 -44.53
N ASN G 366 -34.33 -12.36 -44.96
CA ASN G 366 -33.05 -12.52 -45.63
C ASN G 366 -33.18 -12.42 -47.15
N THR G 367 -32.07 -12.10 -47.81
CA THR G 367 -32.02 -12.06 -49.27
C THR G 367 -30.84 -12.91 -49.71
N ARG G 368 -30.88 -13.33 -50.97
CA ARG G 368 -29.89 -14.25 -51.51
C ARG G 368 -29.44 -13.76 -52.88
N VAL G 369 -28.19 -14.11 -53.23
CA VAL G 369 -27.66 -13.79 -54.55
C VAL G 369 -28.64 -14.29 -55.60
N GLY G 370 -28.99 -13.41 -56.54
CA GLY G 370 -29.90 -13.75 -57.62
C GLY G 370 -31.33 -13.32 -57.39
N ASP G 371 -31.69 -12.93 -56.16
CA ASP G 371 -33.02 -12.40 -55.89
C ASP G 371 -33.34 -11.25 -56.85
N LEU G 372 -34.60 -11.19 -57.27
CA LEU G 372 -35.07 -10.19 -58.22
C LEU G 372 -36.05 -9.27 -57.49
N MET G 373 -35.87 -7.96 -57.64
CA MET G 373 -36.76 -7.02 -56.97
C MET G 373 -37.32 -6.02 -57.96
N GLY G 374 -38.63 -6.08 -58.18
CA GLY G 374 -39.30 -5.22 -59.14
C GLY G 374 -39.67 -3.88 -58.53
N SER G 375 -39.55 -2.82 -59.33
CA SER G 375 -39.77 -1.46 -58.83
C SER G 375 -41.23 -1.18 -58.54
N GLY G 376 -42.14 -1.94 -59.15
CA GLY G 376 -43.51 -1.52 -59.33
C GLY G 376 -43.67 -0.79 -60.66
N THR G 377 -44.93 -0.63 -61.08
CA THR G 377 -45.23 0.04 -62.34
C THR G 377 -44.69 1.46 -62.32
N ILE G 378 -43.91 1.82 -63.34
CA ILE G 378 -43.26 3.12 -63.43
C ILE G 378 -44.16 4.04 -64.26
N SER G 379 -44.90 4.92 -63.59
CA SER G 379 -45.71 5.93 -64.24
C SER G 379 -45.17 7.32 -63.92
N GLY G 380 -45.04 8.16 -64.94
CA GLY G 380 -44.58 9.51 -64.74
C GLY G 380 -45.72 10.50 -64.63
N PRO G 381 -45.37 11.79 -64.63
CA PRO G 381 -46.40 12.83 -64.43
C PRO G 381 -47.39 12.95 -65.56
N THR G 382 -46.98 12.71 -66.80
CA THR G 382 -47.88 12.92 -67.94
C THR G 382 -48.65 11.65 -68.29
N GLU G 383 -49.77 11.85 -68.98
CA GLU G 383 -50.61 10.73 -69.39
C GLU G 383 -49.90 9.83 -70.37
N ASP G 384 -49.02 10.39 -71.20
CA ASP G 384 -48.24 9.60 -72.14
C ASP G 384 -47.04 8.93 -71.47
N SER G 385 -46.98 8.91 -70.14
CA SER G 385 -45.89 8.28 -69.41
C SER G 385 -46.37 7.23 -68.39
N PHE G 386 -47.65 6.86 -68.43
CA PHE G 386 -48.16 5.84 -67.52
C PHE G 386 -47.68 4.46 -67.94
N GLY G 387 -47.50 3.57 -66.96
CA GLY G 387 -46.84 2.31 -67.25
C GLY G 387 -47.75 1.10 -67.40
N SER G 388 -49.04 1.32 -67.62
CA SER G 388 -49.95 0.20 -67.84
C SER G 388 -51.08 0.63 -68.76
N LEU G 389 -51.64 -0.33 -69.49
CA LEU G 389 -52.83 -0.04 -70.28
CA LEU G 389 -52.82 -0.01 -70.29
C LEU G 389 -54.01 0.34 -69.39
N LEU G 390 -54.06 -0.23 -68.18
CA LEU G 390 -55.07 0.16 -67.20
C LEU G 390 -55.07 1.67 -67.00
N GLU G 391 -53.88 2.26 -66.86
CA GLU G 391 -53.81 3.71 -66.70
C GLU G 391 -53.97 4.43 -68.03
N LEU G 392 -53.28 3.95 -69.07
CA LEU G 392 -53.26 4.66 -70.35
C LEU G 392 -54.65 4.77 -70.97
N THR G 393 -55.53 3.81 -70.69
CA THR G 393 -56.89 3.82 -71.22
C THR G 393 -57.93 4.08 -70.13
N TRP G 394 -57.49 4.40 -68.93
CA TRP G 394 -58.36 4.56 -67.76
CA TRP G 394 -58.36 4.56 -67.76
C TRP G 394 -59.42 3.46 -67.71
N ASN G 395 -58.92 2.22 -67.58
CA ASN G 395 -59.75 1.01 -67.50
C ASN G 395 -60.70 0.90 -68.69
N GLY G 396 -60.19 1.18 -69.89
CA GLY G 396 -60.97 1.05 -71.10
C GLY G 396 -61.88 2.22 -71.42
N LYS G 397 -61.95 3.23 -70.54
CA LYS G 397 -62.82 4.37 -70.81
C LYS G 397 -62.34 5.17 -72.01
N LYS G 398 -61.03 5.25 -72.24
CA LYS G 398 -60.44 6.00 -73.35
C LYS G 398 -59.47 5.10 -74.08
N PRO G 399 -59.93 4.28 -75.03
CA PRO G 399 -59.03 3.35 -75.70
C PRO G 399 -57.96 4.09 -76.47
N LEU G 400 -56.75 3.54 -76.49
CA LEU G 400 -55.70 4.27 -77.19
C LEU G 400 -55.67 3.88 -78.67
N GLU G 401 -55.25 4.82 -79.49
CA GLU G 401 -55.20 4.66 -80.94
C GLU G 401 -53.79 4.25 -81.35
N LEU G 402 -53.69 3.09 -81.99
N LEU G 402 -53.66 3.03 -81.88
CA LEU G 402 -52.41 2.59 -82.51
CA LEU G 402 -52.34 2.54 -82.27
C LEU G 402 -52.09 3.20 -83.88
C LEU G 402 -51.76 3.41 -83.37
N ARG G 403 -50.78 3.33 -84.14
N ARG G 403 -50.58 3.99 -83.08
CA ARG G 403 -50.34 3.74 -85.47
CA ARG G 403 -49.95 4.93 -84.01
C ARG G 403 -50.70 2.73 -86.54
C ARG G 403 -49.83 4.38 -85.43
N GLU G 404 -50.92 1.46 -86.16
N GLU G 404 -49.93 3.07 -85.60
CA GLU G 404 -51.32 0.43 -87.10
CA GLU G 404 -49.84 2.46 -86.93
C GLU G 404 -51.92 -0.73 -86.32
C GLU G 404 -51.08 1.62 -87.24
N GLY G 405 -53.11 -1.17 -86.75
N GLY G 405 -52.23 1.95 -86.63
CA GLY G 405 -53.83 -2.24 -86.08
CA GLY G 405 -53.50 1.35 -86.98
C GLY G 405 -55.08 -1.79 -85.37
C GLY G 405 -54.15 0.43 -85.95
N GLY G 406 -55.31 -0.48 -85.27
N GLY G 406 -55.36 0.78 -85.52
CA GLY G 406 -56.54 0.05 -84.73
CA GLY G 406 -56.11 -0.02 -84.57
C GLY G 406 -56.44 0.69 -83.35
C GLY G 406 -56.30 0.70 -83.24
N THR G 407 -57.19 0.13 -82.42
CA THR G 407 -57.37 0.65 -81.07
C THR G 407 -57.21 -0.48 -80.05
N ARG G 408 -56.86 -0.10 -78.82
CA ARG G 408 -56.67 -1.07 -77.75
C ARG G 408 -57.22 -0.55 -76.43
N SER G 409 -58.02 -1.38 -75.77
CA SER G 409 -58.23 -1.19 -74.33
C SER G 409 -57.16 -1.98 -73.59
N PHE G 410 -57.32 -3.29 -73.50
CA PHE G 410 -56.30 -4.15 -72.92
C PHE G 410 -55.64 -4.97 -74.02
N ILE G 411 -54.66 -5.80 -73.64
CA ILE G 411 -53.86 -6.53 -74.61
C ILE G 411 -54.71 -7.61 -75.29
N GLU G 412 -54.62 -7.68 -76.62
CA GLU G 412 -55.32 -8.66 -77.41
C GLU G 412 -54.39 -9.79 -77.85
N ASP G 413 -54.98 -10.96 -78.10
CA ASP G 413 -54.22 -12.15 -78.50
C ASP G 413 -53.33 -11.86 -79.69
N GLY G 414 -52.09 -12.33 -79.62
CA GLY G 414 -51.14 -12.09 -80.69
C GLY G 414 -50.42 -10.75 -80.63
N ASP G 415 -50.86 -9.82 -79.79
CA ASP G 415 -50.09 -8.59 -79.60
C ASP G 415 -48.72 -8.91 -79.02
N GLU G 416 -47.70 -8.23 -79.52
CA GLU G 416 -46.36 -8.29 -78.97
C GLU G 416 -46.07 -7.01 -78.20
N LEU G 417 -45.79 -7.14 -76.91
CA LEU G 417 -45.48 -6.01 -76.03
C LEU G 417 -43.99 -6.03 -75.75
N THR G 418 -43.33 -4.88 -75.99
CA THR G 418 -41.89 -4.78 -75.83
C THR G 418 -41.55 -3.61 -74.92
N LEU G 419 -40.86 -3.90 -73.82
CA LEU G 419 -40.21 -2.88 -73.00
C LEU G 419 -38.80 -2.63 -73.53
N ALA G 420 -38.44 -1.36 -73.67
CA ALA G 420 -37.10 -0.95 -74.01
C ALA G 420 -36.65 0.11 -73.02
N GLY G 421 -35.33 0.33 -72.95
CA GLY G 421 -34.82 1.32 -72.03
C GLY G 421 -33.32 1.56 -72.11
N TRP G 422 -32.87 2.77 -71.77
CA TRP G 422 -31.47 3.13 -71.89
C TRP G 422 -31.16 4.37 -71.06
N CYS G 423 -29.91 4.49 -70.66
CA CYS G 423 -29.41 5.73 -70.09
C CYS G 423 -28.78 6.55 -71.19
N GLN G 424 -29.12 7.83 -71.25
CA GLN G 424 -28.67 8.71 -72.31
C GLN G 424 -27.47 9.49 -71.82
N GLY G 425 -26.31 9.30 -72.46
CA GLY G 425 -25.16 10.12 -72.24
C GLY G 425 -24.90 11.08 -73.40
N GLU G 426 -23.74 11.74 -73.32
CA GLU G 426 -23.29 12.65 -74.38
C GLU G 426 -22.67 11.83 -75.51
N GLY G 427 -23.44 11.62 -76.57
CA GLY G 427 -22.96 10.86 -77.72
C GLY G 427 -23.04 9.36 -77.60
N TYR G 428 -23.62 8.84 -76.53
CA TYR G 428 -23.70 7.38 -76.36
C TYR G 428 -24.80 7.04 -75.38
N ARG G 429 -25.15 5.76 -75.34
CA ARG G 429 -26.13 5.22 -74.42
C ARG G 429 -25.59 4.00 -73.72
N VAL G 430 -26.08 3.78 -72.50
CA VAL G 430 -25.89 2.54 -71.75
C VAL G 430 -27.28 1.96 -71.59
N GLY G 431 -27.56 0.87 -72.31
CA GLY G 431 -28.92 0.40 -72.51
C GLY G 431 -29.16 -1.03 -72.05
N PHE G 432 -30.43 -1.42 -72.13
CA PHE G 432 -30.90 -2.68 -71.55
C PHE G 432 -31.34 -3.70 -72.58
N GLY G 433 -31.32 -3.38 -73.87
CA GLY G 433 -31.95 -4.33 -74.78
C GLY G 433 -33.46 -4.24 -74.63
N VAL G 434 -34.13 -5.38 -74.81
CA VAL G 434 -35.60 -5.38 -74.82
C VAL G 434 -36.15 -6.48 -73.90
N CYS G 435 -37.41 -6.30 -73.53
CA CYS G 435 -38.15 -7.20 -72.65
C CYS G 435 -39.50 -7.45 -73.32
N ALA G 436 -39.58 -8.51 -74.14
CA ALA G 436 -40.70 -8.69 -75.04
C ALA G 436 -41.43 -10.01 -74.81
N GLY G 437 -42.74 -10.00 -75.08
CA GLY G 437 -43.55 -11.21 -75.10
C GLY G 437 -44.72 -11.09 -76.06
N GLU G 438 -45.08 -12.18 -76.73
CA GLU G 438 -46.32 -12.26 -77.50
C GLU G 438 -47.38 -13.03 -76.70
N ILE G 439 -48.62 -12.58 -76.77
CA ILE G 439 -49.71 -13.21 -76.02
C ILE G 439 -50.33 -14.30 -76.88
N LEU G 440 -50.37 -15.52 -76.36
CA LEU G 440 -51.04 -16.68 -76.93
C LEU G 440 -52.48 -16.74 -76.42
N PRO G 441 -53.41 -17.18 -77.27
CA PRO G 441 -54.81 -17.34 -76.82
C PRO G 441 -54.93 -18.28 -75.63
N ALA G 442 -55.93 -18.02 -74.80
CA ALA G 442 -56.18 -18.86 -73.64
C ALA G 442 -56.54 -20.29 -74.06
N LEU G 443 -56.06 -21.26 -73.30
CA LEU G 443 -56.49 -22.64 -73.50
C LEU G 443 -58.01 -22.75 -73.36
N LYS G 444 -58.59 -23.65 -74.14
CA LYS G 444 -60.03 -23.89 -74.06
C LYS G 444 -60.31 -25.15 -73.26
N ALA H 11 -47.83 -54.99 -56.77
CA ALA H 11 -47.10 -53.74 -56.57
C ALA H 11 -47.96 -52.69 -55.85
N SER H 12 -49.25 -52.62 -56.20
CA SER H 12 -50.19 -51.84 -55.40
C SER H 12 -50.71 -52.63 -54.22
N SER H 13 -50.72 -53.96 -54.33
CA SER H 13 -50.88 -54.80 -53.14
C SER H 13 -49.66 -54.67 -52.25
N ASP H 14 -48.46 -54.59 -52.86
CA ASP H 14 -47.25 -54.26 -52.09
C ASP H 14 -47.45 -52.98 -51.30
N LEU H 15 -47.87 -51.91 -51.98
CA LEU H 15 -48.11 -50.64 -51.32
C LEU H 15 -49.16 -50.77 -50.21
N GLN H 16 -50.31 -51.37 -50.54
CA GLN H 16 -51.35 -51.59 -49.54
C GLN H 16 -50.80 -52.29 -48.29
N ALA H 17 -49.92 -53.28 -48.48
CA ALA H 17 -49.40 -54.03 -47.35
C ALA H 17 -48.58 -53.14 -46.41
N THR H 18 -47.98 -52.07 -46.91
CA THR H 18 -47.18 -51.17 -46.08
C THR H 18 -48.04 -50.33 -45.15
N LEU H 19 -49.35 -50.28 -45.38
CA LEU H 19 -50.30 -49.53 -44.57
C LEU H 19 -51.00 -50.40 -43.54
N ASP H 20 -50.80 -51.71 -43.59
CA ASP H 20 -51.43 -52.66 -42.71
C ASP H 20 -51.15 -52.32 -41.24
N PRO H 21 -52.17 -51.99 -40.44
CA PRO H 21 -51.92 -51.68 -39.02
C PRO H 21 -51.37 -52.85 -38.22
N SER H 22 -51.50 -54.08 -38.69
CA SER H 22 -50.98 -55.22 -37.97
C SER H 22 -49.48 -55.39 -38.14
N ARG H 23 -48.87 -54.71 -39.11
CA ARG H 23 -47.45 -54.88 -39.36
C ARG H 23 -46.64 -54.23 -38.25
N LYS H 24 -45.51 -54.88 -37.89
CA LYS H 24 -44.64 -54.40 -36.82
C LYS H 24 -43.19 -54.60 -37.24
N SER H 25 -42.30 -53.86 -36.56
CA SER H 25 -40.87 -53.84 -36.89
C SER H 25 -40.04 -54.58 -35.85
N TRP H 26 -38.89 -55.10 -36.28
CA TRP H 26 -37.89 -55.54 -35.32
C TRP H 26 -37.17 -54.38 -34.65
N VAL H 27 -37.32 -53.17 -35.15
CA VAL H 27 -36.95 -51.97 -34.40
C VAL H 27 -38.03 -51.78 -33.35
N GLU H 28 -37.78 -52.28 -32.13
CA GLU H 28 -38.86 -52.37 -31.14
C GLU H 28 -39.44 -50.99 -30.82
N SER H 29 -38.62 -49.94 -30.85
CA SER H 29 -39.13 -48.62 -30.50
C SER H 29 -40.16 -48.12 -31.51
N ALA H 30 -40.15 -48.65 -32.73
CA ALA H 30 -41.20 -48.31 -33.70
C ALA H 30 -42.56 -48.87 -33.34
N ASN H 31 -42.63 -49.87 -32.49
CA ASN H 31 -43.89 -50.49 -32.11
C ASN H 31 -44.55 -49.81 -30.92
N ASN H 32 -44.00 -48.68 -30.47
CA ASN H 32 -44.62 -47.92 -29.40
C ASN H 32 -45.96 -47.39 -29.88
N PRO H 33 -47.08 -47.75 -29.24
CA PRO H 33 -48.39 -47.35 -29.79
C PRO H 33 -48.57 -45.84 -29.95
N THR H 34 -47.90 -45.00 -29.16
CA THR H 34 -48.03 -43.55 -29.28
C THR H 34 -46.82 -42.88 -29.92
N GLY H 35 -45.83 -43.65 -30.37
CA GLY H 35 -44.73 -43.06 -31.12
C GLY H 35 -45.16 -42.62 -32.50
N ASP H 36 -44.46 -41.59 -33.03
CA ASP H 36 -44.77 -41.07 -34.35
C ASP H 36 -44.24 -41.97 -35.45
N PHE H 37 -43.19 -42.73 -35.18
CA PHE H 37 -42.43 -43.34 -36.25
C PHE H 37 -42.64 -44.84 -36.31
N SER H 38 -43.90 -45.23 -36.38
CA SER H 38 -44.30 -46.60 -36.61
C SER H 38 -43.82 -47.07 -37.97
N ILE H 39 -43.84 -48.40 -38.17
CA ILE H 39 -43.43 -48.93 -39.46
C ILE H 39 -44.40 -48.47 -40.54
N GLN H 40 -45.63 -48.10 -40.17
CA GLN H 40 -46.60 -47.60 -41.13
C GLN H 40 -46.25 -46.21 -41.64
N ASN H 41 -45.38 -45.47 -40.94
CA ASN H 41 -45.14 -44.08 -41.31
C ASN H 41 -44.05 -43.99 -42.37
N LEU H 42 -42.77 -44.18 -41.97
CA LEU H 42 -41.62 -44.14 -42.87
C LEU H 42 -41.49 -42.76 -43.55
N PRO H 43 -41.30 -41.69 -42.78
CA PRO H 43 -41.15 -40.37 -43.38
C PRO H 43 -39.72 -40.15 -43.85
N PHE H 44 -39.55 -39.17 -44.74
CA PHE H 44 -38.24 -38.86 -45.32
C PHE H 44 -37.68 -37.57 -44.72
N GLY H 45 -36.36 -37.55 -44.55
CA GLY H 45 -35.66 -36.41 -43.95
C GLY H 45 -34.21 -36.35 -44.40
N ILE H 46 -33.56 -35.25 -44.03
CA ILE H 46 -32.15 -35.04 -44.32
C ILE H 46 -31.42 -34.97 -42.98
N PHE H 47 -30.41 -35.82 -42.80
CA PHE H 47 -29.74 -35.89 -41.52
C PHE H 47 -28.24 -35.94 -41.73
N SER H 48 -27.52 -35.63 -40.65
CA SER H 48 -26.12 -35.94 -40.53
C SER H 48 -25.90 -36.42 -39.10
N ASP H 49 -24.71 -36.96 -38.82
CA ASP H 49 -24.48 -37.46 -37.47
C ASP H 49 -23.01 -37.31 -37.12
N GLY H 50 -22.62 -37.90 -35.99
CA GLY H 50 -21.25 -37.76 -35.52
C GLY H 50 -20.25 -38.50 -36.38
N LEU H 51 -20.61 -39.69 -36.86
CA LEU H 51 -19.67 -40.47 -37.65
C LEU H 51 -19.53 -39.97 -39.08
N ASN H 52 -20.53 -39.24 -39.59
CA ASN H 52 -20.51 -38.77 -40.97
C ASN H 52 -21.24 -37.43 -41.01
N ALA H 53 -20.49 -36.34 -41.19
CA ALA H 53 -21.08 -35.01 -41.23
C ALA H 53 -21.76 -34.69 -42.55
N THR H 54 -21.57 -35.50 -43.58
CA THR H 54 -22.25 -35.27 -44.85
C THR H 54 -23.75 -35.44 -44.68
N ARG H 55 -24.52 -34.46 -45.14
CA ARG H 55 -25.96 -34.59 -45.10
C ARG H 55 -26.41 -35.66 -46.09
N ARG H 56 -27.37 -36.48 -45.67
CA ARG H 56 -27.85 -37.55 -46.52
C ARG H 56 -29.29 -37.90 -46.15
N VAL H 57 -29.93 -38.70 -47.01
CA VAL H 57 -31.35 -38.98 -46.89
C VAL H 57 -31.56 -40.09 -45.88
N GLY H 58 -32.52 -39.88 -44.97
CA GLY H 58 -32.84 -40.88 -43.98
C GLY H 58 -34.35 -41.04 -43.87
N VAL H 59 -34.74 -42.15 -43.28
CA VAL H 59 -36.15 -42.47 -43.04
C VAL H 59 -36.28 -42.85 -41.57
N ALA H 60 -37.21 -42.18 -40.87
CA ALA H 60 -37.38 -42.42 -39.46
C ALA H 60 -38.07 -43.77 -39.22
N ILE H 61 -37.59 -44.49 -38.21
CA ILE H 61 -38.24 -45.72 -37.76
C ILE H 61 -37.99 -45.82 -36.26
N GLY H 62 -39.05 -45.69 -35.46
CA GLY H 62 -38.88 -45.67 -34.00
C GLY H 62 -38.01 -44.51 -33.56
N ASP H 63 -37.04 -44.79 -32.70
CA ASP H 63 -36.08 -43.80 -32.21
C ASP H 63 -34.88 -43.66 -33.13
N SER H 64 -34.93 -44.25 -34.31
CA SER H 64 -33.75 -44.40 -35.15
C SER H 64 -34.02 -43.82 -36.53
N ILE H 65 -32.98 -43.84 -37.35
CA ILE H 65 -33.00 -43.33 -38.72
C ILE H 65 -32.33 -44.38 -39.60
N VAL H 66 -32.97 -44.72 -40.72
CA VAL H 66 -32.35 -45.61 -41.70
C VAL H 66 -31.53 -44.77 -42.67
N ASP H 67 -30.24 -45.07 -42.77
CA ASP H 67 -29.34 -44.41 -43.71
C ASP H 67 -29.55 -45.02 -45.08
N LEU H 68 -30.28 -44.32 -45.96
CA LEU H 68 -30.67 -44.93 -47.23
C LEU H 68 -29.47 -45.16 -48.13
N ALA H 69 -28.50 -44.24 -48.13
CA ALA H 69 -27.30 -44.45 -48.93
C ALA H 69 -26.57 -45.72 -48.51
N ALA H 70 -26.51 -45.97 -47.20
CA ALA H 70 -25.85 -47.17 -46.69
C ALA H 70 -26.53 -48.44 -47.19
N LEU H 71 -27.87 -48.46 -47.17
CA LEU H 71 -28.58 -49.63 -47.68
C LEU H 71 -28.37 -49.79 -49.17
N GLU H 72 -28.48 -48.69 -49.92
CA GLU H 72 -28.19 -48.73 -51.35
C GLU H 72 -26.80 -49.29 -51.61
N SER H 73 -25.80 -48.83 -50.85
CA SER H 73 -24.44 -49.34 -51.01
C SER H 73 -24.34 -50.83 -50.69
N ALA H 74 -25.12 -51.31 -49.74
CA ALA H 74 -25.12 -52.73 -49.40
C ALA H 74 -25.95 -53.57 -50.37
N GLY H 75 -26.59 -52.96 -51.36
CA GLY H 75 -27.43 -53.67 -52.30
C GLY H 75 -28.82 -53.99 -51.81
N LEU H 76 -29.27 -53.38 -50.72
CA LEU H 76 -30.57 -53.67 -50.14
C LEU H 76 -31.61 -52.63 -50.51
N LEU H 77 -31.25 -51.65 -51.33
CA LEU H 77 -32.16 -50.57 -51.69
C LEU H 77 -31.72 -50.06 -53.05
N SER H 78 -32.65 -49.96 -53.99
CA SER H 78 -32.32 -49.52 -55.33
C SER H 78 -33.32 -48.47 -55.80
N VAL H 79 -32.83 -47.49 -56.56
CA VAL H 79 -33.64 -46.45 -57.18
C VAL H 79 -33.15 -46.25 -58.60
N PRO H 80 -34.00 -45.70 -59.46
CA PRO H 80 -33.55 -45.34 -60.81
C PRO H 80 -32.38 -44.36 -60.82
N SER H 81 -31.66 -44.34 -61.93
CA SER H 81 -30.56 -43.42 -62.18
C SER H 81 -30.96 -41.95 -61.95
N ASP H 86 -23.66 -40.62 -59.23
CA ASP H 86 -23.70 -40.76 -57.78
C ASP H 86 -25.07 -41.25 -57.32
N SER H 87 -25.39 -40.97 -56.06
CA SER H 87 -26.62 -41.42 -55.43
C SER H 87 -27.50 -40.22 -55.07
N VAL H 88 -28.79 -40.34 -55.36
CA VAL H 88 -29.75 -39.34 -54.90
C VAL H 88 -29.94 -39.36 -53.39
N PHE H 89 -29.36 -40.34 -52.69
CA PHE H 89 -29.42 -40.38 -51.24
C PHE H 89 -28.29 -39.60 -50.57
N VAL H 90 -27.23 -39.26 -51.30
CA VAL H 90 -26.19 -38.43 -50.70
C VAL H 90 -26.39 -37.01 -51.21
N ARG H 91 -27.30 -36.28 -50.57
CA ARG H 91 -27.66 -34.94 -50.98
C ARG H 91 -28.01 -34.14 -49.73
N ASP H 92 -27.84 -32.82 -49.80
CA ASP H 92 -28.24 -31.91 -48.73
CA ASP H 92 -28.25 -31.98 -48.69
C ASP H 92 -29.74 -31.67 -48.71
N ALA H 93 -30.49 -32.25 -49.64
CA ALA H 93 -31.93 -32.01 -49.77
C ALA H 93 -32.58 -33.23 -50.41
N LEU H 94 -33.88 -33.40 -50.17
CA LEU H 94 -34.65 -34.50 -50.75
C LEU H 94 -35.04 -34.28 -52.21
N ASN H 95 -34.80 -33.09 -52.78
CA ASN H 95 -35.36 -32.75 -54.10
C ASN H 95 -35.03 -33.81 -55.16
N ASP H 96 -33.74 -34.17 -55.28
CA ASP H 96 -33.34 -35.06 -56.37
C ASP H 96 -34.01 -36.43 -56.23
N PHE H 97 -34.13 -36.94 -55.00
CA PHE H 97 -34.86 -38.17 -54.78
C PHE H 97 -36.33 -37.99 -55.13
N ILE H 98 -36.97 -36.96 -54.57
CA ILE H 98 -38.37 -36.68 -54.85
C ILE H 98 -38.62 -36.60 -56.34
N ALA H 99 -37.71 -35.94 -57.08
CA ALA H 99 -37.90 -35.76 -58.51
C ALA H 99 -37.94 -37.09 -59.27
N LEU H 100 -37.56 -38.20 -58.64
CA LEU H 100 -37.65 -39.49 -59.32
C LEU H 100 -39.09 -39.91 -59.59
N GLY H 101 -40.05 -39.40 -58.85
CA GLY H 101 -41.44 -39.63 -59.15
C GLY H 101 -42.10 -40.59 -58.16
N ARG H 102 -43.43 -40.61 -58.22
CA ARG H 102 -44.21 -41.32 -57.21
C ARG H 102 -43.95 -42.83 -57.24
N ASP H 103 -43.76 -43.42 -58.44
CA ASP H 103 -43.43 -44.84 -58.48
C ASP H 103 -42.14 -45.12 -57.73
N ALA H 104 -41.17 -44.20 -57.82
CA ALA H 104 -39.92 -44.38 -57.09
C ALA H 104 -40.13 -44.26 -55.58
N TRP H 105 -40.91 -43.27 -55.13
CA TRP H 105 -41.14 -43.12 -53.69
C TRP H 105 -41.79 -44.38 -53.13
N ARG H 106 -42.71 -44.98 -53.90
CA ARG H 106 -43.42 -46.15 -53.43
C ARG H 106 -42.52 -47.38 -53.44
N SER H 107 -41.70 -47.53 -54.49
CA SER H 107 -40.73 -48.62 -54.51
C SER H 107 -39.82 -48.57 -53.29
N VAL H 108 -39.37 -47.37 -52.90
CA VAL H 108 -38.49 -47.28 -51.74
C VAL H 108 -39.24 -47.62 -50.47
N ARG H 109 -40.49 -47.15 -50.37
CA ARG H 109 -41.31 -47.46 -49.20
C ARG H 109 -41.55 -48.96 -49.07
N VAL H 110 -41.87 -49.62 -50.18
CA VAL H 110 -42.11 -51.06 -50.14
C VAL H 110 -40.86 -51.81 -49.70
N GLN H 111 -39.70 -51.46 -50.28
CA GLN H 111 -38.45 -52.10 -49.90
C GLN H 111 -38.14 -51.89 -48.43
N LEU H 112 -38.27 -50.64 -47.96
CA LEU H 112 -37.99 -50.36 -46.56
C LEU H 112 -38.99 -51.03 -45.64
N SER H 113 -40.27 -51.02 -46.03
CA SER H 113 -41.28 -51.65 -45.21
C SER H 113 -40.98 -53.13 -45.04
N ARG H 114 -40.55 -53.78 -46.11
CA ARG H 114 -40.18 -55.19 -46.04
C ARG H 114 -38.99 -55.40 -45.11
N LEU H 115 -37.90 -54.66 -45.35
CA LEU H 115 -36.66 -54.84 -44.60
C LEU H 115 -36.88 -54.62 -43.12
N LEU H 116 -37.76 -53.70 -42.77
CA LEU H 116 -37.99 -53.34 -41.38
C LEU H 116 -39.03 -54.23 -40.71
N SER H 117 -39.70 -55.10 -41.47
CA SER H 117 -40.76 -55.92 -40.91
C SER H 117 -40.17 -56.97 -39.97
N ARG H 118 -40.93 -57.26 -38.91
CA ARG H 118 -40.46 -58.14 -37.84
CA ARG H 118 -40.46 -58.14 -37.84
C ARG H 118 -39.84 -59.43 -38.38
N ASP H 119 -40.47 -60.03 -39.39
CA ASP H 119 -40.06 -61.35 -39.85
C ASP H 119 -38.95 -61.34 -40.91
N ASP H 120 -38.52 -60.18 -41.39
CA ASP H 120 -37.50 -60.13 -42.43
C ASP H 120 -36.12 -60.18 -41.78
N ALA H 121 -35.31 -61.16 -42.19
CA ALA H 121 -34.00 -61.38 -41.62
C ALA H 121 -32.89 -60.56 -42.27
N THR H 122 -33.15 -60.02 -43.46
CA THR H 122 -32.07 -59.52 -44.32
C THR H 122 -31.22 -58.48 -43.62
N LEU H 123 -31.83 -57.41 -43.14
CA LEU H 123 -31.10 -56.40 -42.38
C LEU H 123 -31.11 -56.69 -40.88
N ARG H 124 -32.21 -57.26 -40.38
CA ARG H 124 -32.37 -57.51 -38.95
C ARG H 124 -31.18 -58.28 -38.37
N ASP H 125 -30.76 -59.35 -39.05
CA ASP H 125 -29.73 -60.26 -38.56
C ASP H 125 -28.34 -59.97 -39.12
N ASP H 126 -28.18 -58.91 -39.91
CA ASP H 126 -26.86 -58.46 -40.38
C ASP H 126 -26.34 -57.45 -39.35
N ALA H 127 -25.66 -57.95 -38.32
CA ALA H 127 -25.29 -57.08 -37.19
C ALA H 127 -24.41 -55.92 -37.65
N GLU H 128 -23.46 -56.20 -38.55
CA GLU H 128 -22.51 -55.18 -38.99
C GLU H 128 -23.21 -54.06 -39.75
N LEU H 129 -23.99 -54.42 -40.78
CA LEU H 129 -24.70 -53.41 -41.55
C LEU H 129 -25.76 -52.70 -40.70
N ARG H 130 -26.43 -53.46 -39.84
CA ARG H 130 -27.48 -52.88 -39.00
C ARG H 130 -26.91 -51.87 -38.02
N GLY H 131 -25.76 -52.19 -37.40
CA GLY H 131 -25.13 -51.22 -36.52
C GLY H 131 -24.69 -49.97 -37.25
N ARG H 132 -24.47 -50.06 -38.56
CA ARG H 132 -23.96 -48.97 -39.36
C ARG H 132 -25.06 -48.19 -40.08
N ALA H 133 -26.12 -48.87 -40.53
CA ALA H 133 -27.15 -48.22 -41.33
C ALA H 133 -28.36 -47.78 -40.52
N LEU H 134 -28.46 -48.18 -39.26
CA LEU H 134 -29.48 -47.65 -38.36
C LEU H 134 -28.80 -46.76 -37.33
N ILE H 135 -29.21 -45.49 -37.30
CA ILE H 135 -28.57 -44.47 -36.49
C ILE H 135 -29.61 -43.95 -35.51
N ARG H 136 -29.25 -43.84 -34.24
CA ARG H 136 -30.18 -43.28 -33.27
C ARG H 136 -30.43 -41.82 -33.57
N GLN H 137 -31.71 -41.43 -33.51
CA GLN H 137 -32.08 -40.02 -33.64
C GLN H 137 -31.31 -39.15 -32.65
N ALA H 138 -31.09 -39.65 -31.43
CA ALA H 138 -30.33 -38.89 -30.43
C ALA H 138 -28.89 -38.58 -30.89
N ASP H 139 -28.35 -39.33 -31.85
CA ASP H 139 -27.00 -39.14 -32.33
C ASP H 139 -26.93 -38.40 -33.66
N ALA H 140 -28.06 -37.89 -34.15
CA ALA H 140 -28.09 -37.31 -35.48
C ALA H 140 -28.62 -35.87 -35.42
N GLN H 141 -28.31 -35.11 -36.46
CA GLN H 141 -28.83 -33.76 -36.64
CA GLN H 141 -28.83 -33.76 -36.64
C GLN H 141 -29.75 -33.75 -37.85
N LEU H 142 -30.96 -33.25 -37.66
CA LEU H 142 -31.94 -33.14 -38.73
C LEU H 142 -31.86 -31.75 -39.38
N HIS H 143 -32.02 -31.70 -40.70
CA HIS H 143 -31.88 -30.45 -41.45
C HIS H 143 -33.17 -30.17 -42.23
N LEU H 144 -33.32 -28.92 -42.69
CA LEU H 144 -34.39 -28.58 -43.63
C LEU H 144 -34.50 -29.69 -44.68
N PRO H 145 -35.66 -30.35 -44.83
CA PRO H 145 -35.69 -31.55 -45.71
C PRO H 145 -35.61 -31.25 -47.19
N VAL H 146 -36.02 -30.07 -47.66
CA VAL H 146 -36.01 -29.73 -49.09
C VAL H 146 -35.45 -28.33 -49.30
N GLN H 147 -34.84 -28.13 -50.46
CA GLN H 147 -34.58 -26.80 -50.94
CA GLN H 147 -34.56 -26.80 -50.97
C GLN H 147 -35.84 -26.27 -51.61
N ILE H 148 -36.42 -25.23 -51.03
CA ILE H 148 -37.77 -24.78 -51.37
C ILE H 148 -37.67 -23.77 -52.49
N PRO H 149 -38.15 -24.07 -53.71
CA PRO H 149 -38.04 -23.09 -54.81
C PRO H 149 -39.08 -22.00 -54.68
N GLY H 150 -40.24 -22.36 -54.17
CA GLY H 150 -41.32 -21.41 -53.93
C GLY H 150 -42.14 -21.83 -52.73
N TYR H 151 -42.62 -20.86 -51.95
CA TYR H 151 -43.47 -21.10 -50.80
C TYR H 151 -44.73 -20.27 -50.99
N THR H 152 -45.89 -20.95 -50.98
CA THR H 152 -47.21 -20.34 -51.07
C THR H 152 -47.99 -20.63 -49.79
N ASP H 153 -48.82 -19.69 -49.37
CA ASP H 153 -49.59 -19.89 -48.15
C ASP H 153 -51.06 -19.59 -48.45
N PHE H 154 -51.94 -20.50 -48.05
CA PHE H 154 -53.36 -20.31 -48.27
C PHE H 154 -54.01 -19.81 -46.99
N TYR H 155 -55.32 -20.03 -46.86
CA TYR H 155 -56.18 -19.32 -45.90
C TYR H 155 -57.49 -20.09 -45.76
N SER H 156 -57.42 -21.42 -45.74
CA SER H 156 -58.55 -22.24 -46.13
C SER H 156 -59.40 -22.73 -44.96
N SER H 157 -59.18 -22.22 -43.75
CA SER H 157 -60.04 -22.54 -42.61
C SER H 157 -61.18 -21.54 -42.54
N LYS H 158 -62.41 -22.04 -42.66
CA LYS H 158 -63.58 -21.16 -42.57
C LYS H 158 -63.69 -20.54 -41.20
N GLU H 159 -63.38 -21.30 -40.17
CA GLU H 159 -63.42 -20.79 -38.81
CA GLU H 159 -63.45 -20.76 -38.82
C GLU H 159 -62.39 -19.69 -38.61
N HIS H 160 -61.14 -19.93 -39.05
CA HIS H 160 -60.12 -18.88 -38.95
C HIS H 160 -60.57 -17.60 -39.64
N ALA H 161 -61.00 -17.72 -40.90
CA ALA H 161 -61.39 -16.53 -41.65
C ALA H 161 -62.58 -15.84 -41.02
N THR H 162 -63.52 -16.61 -40.46
CA THR H 162 -64.66 -15.99 -39.79
C THR H 162 -64.21 -15.26 -38.53
N ASN H 163 -63.33 -15.88 -37.74
CA ASN H 163 -62.83 -15.23 -36.53
C ASN H 163 -62.14 -13.90 -36.86
N VAL H 164 -61.18 -13.94 -37.76
CA VAL H 164 -60.48 -12.71 -38.16
C VAL H 164 -61.47 -11.70 -38.73
N GLY H 165 -62.34 -12.14 -39.63
CA GLY H 165 -63.30 -11.24 -40.23
C GLY H 165 -64.23 -10.60 -39.21
N SER H 166 -64.64 -11.37 -38.19
CA SER H 166 -65.51 -10.82 -37.15
C SER H 166 -64.82 -9.72 -36.35
N MET H 167 -63.50 -9.69 -36.33
CA MET H 167 -62.78 -8.62 -35.65
C MET H 167 -62.72 -7.34 -36.49
N PHE H 168 -63.31 -7.35 -37.69
CA PHE H 168 -63.39 -6.18 -38.57
C PHE H 168 -64.84 -5.85 -38.93
N ARG H 169 -65.53 -6.76 -39.61
CA ARG H 169 -66.88 -6.54 -40.07
C ARG H 169 -67.89 -7.22 -39.15
N ASP H 170 -69.17 -6.95 -39.40
CA ASP H 170 -70.21 -7.62 -38.66
C ASP H 170 -70.02 -9.13 -38.76
N PRO H 171 -70.11 -9.87 -37.65
CA PRO H 171 -70.11 -11.34 -37.74
C PRO H 171 -71.00 -11.89 -38.85
N LYS H 172 -72.11 -11.20 -39.13
CA LYS H 172 -72.96 -11.55 -40.26
C LYS H 172 -72.29 -11.31 -41.62
N ASN H 173 -71.19 -10.55 -41.65
CA ASN H 173 -70.44 -10.24 -42.87
C ASN H 173 -68.96 -10.45 -42.65
N ALA H 174 -68.60 -11.46 -41.85
CA ALA H 174 -67.18 -11.69 -41.54
C ALA H 174 -66.43 -12.27 -42.73
N LEU H 175 -67.09 -13.09 -43.55
CA LEU H 175 -66.47 -13.70 -44.72
C LEU H 175 -66.75 -12.84 -45.94
N LEU H 176 -65.72 -12.53 -46.69
CA LEU H 176 -65.91 -11.88 -47.97
C LEU H 176 -66.39 -12.90 -49.01
N PRO H 177 -67.24 -12.48 -49.95
CA PRO H 177 -67.82 -13.45 -50.91
C PRO H 177 -66.79 -14.30 -51.64
N ASN H 178 -65.64 -13.74 -52.01
CA ASN H 178 -64.67 -14.51 -52.77
C ASN H 178 -64.10 -15.66 -51.98
N TRP H 179 -64.11 -15.58 -50.65
CA TRP H 179 -63.44 -16.62 -49.85
C TRP H 179 -64.07 -17.98 -50.09
N SER H 180 -65.39 -18.03 -50.22
CA SER H 180 -66.12 -19.28 -50.45
C SER H 180 -66.18 -19.67 -51.92
N GLU H 181 -65.62 -18.87 -52.82
CA GLU H 181 -65.58 -19.22 -54.23
C GLU H 181 -64.21 -19.70 -54.69
N MET H 182 -63.16 -19.43 -53.93
CA MET H 182 -61.81 -19.87 -54.26
C MET H 182 -61.01 -20.04 -52.98
N PRO H 183 -60.01 -20.93 -52.96
CA PRO H 183 -59.06 -20.94 -51.86
C PRO H 183 -58.03 -19.81 -52.04
N ILE H 184 -58.34 -18.63 -51.51
CA ILE H 184 -57.42 -17.51 -51.63
C ILE H 184 -56.09 -17.84 -50.97
N GLY H 185 -55.03 -17.20 -51.47
CA GLY H 185 -53.67 -17.47 -51.04
C GLY H 185 -52.76 -16.38 -51.54
N TYR H 186 -51.50 -16.44 -51.10
CA TYR H 186 -50.52 -15.43 -51.48
C TYR H 186 -49.16 -16.11 -51.55
N ASN H 187 -48.23 -15.48 -52.29
CA ASN H 187 -46.85 -15.98 -52.32
C ASN H 187 -46.18 -15.67 -51.00
N GLY H 188 -45.62 -16.70 -50.36
CA GLY H 188 -44.77 -16.51 -49.20
C GLY H 188 -43.30 -16.34 -49.59
N ARG H 189 -42.44 -16.24 -48.57
CA ARG H 189 -41.01 -16.04 -48.78
C ARG H 189 -40.28 -17.36 -48.51
N ALA H 190 -39.76 -17.98 -49.57
CA ALA H 190 -39.10 -19.27 -49.41
C ALA H 190 -37.83 -19.14 -48.56
N SER H 191 -37.12 -18.02 -48.72
CA SER H 191 -35.78 -17.92 -48.12
C SER H 191 -35.81 -18.05 -46.60
N SER H 192 -36.88 -17.60 -45.95
CA SER H 192 -36.92 -17.58 -44.48
C SER H 192 -37.66 -18.78 -43.88
N VAL H 193 -37.84 -19.86 -44.65
CA VAL H 193 -38.38 -21.10 -44.09
C VAL H 193 -37.21 -21.85 -43.47
N VAL H 194 -37.30 -22.12 -42.16
CA VAL H 194 -36.24 -22.73 -41.37
C VAL H 194 -36.78 -24.01 -40.70
N VAL H 195 -35.85 -24.88 -40.33
CA VAL H 195 -36.18 -26.16 -39.71
C VAL H 195 -36.46 -25.97 -38.23
N SER H 196 -37.33 -26.84 -37.69
CA SER H 196 -37.71 -26.82 -36.29
C SER H 196 -36.49 -26.72 -35.39
N GLY H 197 -36.62 -25.91 -34.33
CA GLY H 197 -35.51 -25.69 -33.41
C GLY H 197 -34.71 -24.43 -33.68
N THR H 198 -34.90 -23.81 -34.84
CA THR H 198 -34.22 -22.55 -35.18
C THR H 198 -34.86 -21.42 -34.40
N PRO H 199 -34.15 -20.72 -33.52
CA PRO H 199 -34.80 -19.62 -32.79
C PRO H 199 -35.16 -18.51 -33.76
N VAL H 200 -36.19 -17.75 -33.38
CA VAL H 200 -36.80 -16.76 -34.25
C VAL H 200 -36.67 -15.41 -33.57
N ARG H 201 -36.08 -14.44 -34.27
CA ARG H 201 -35.93 -13.10 -33.69
C ARG H 201 -37.21 -12.29 -33.88
N ARG H 202 -37.72 -11.73 -32.80
CA ARG H 202 -38.88 -10.86 -32.88
C ARG H 202 -38.56 -9.70 -33.82
N PRO H 203 -39.43 -9.37 -34.77
CA PRO H 203 -39.10 -8.30 -35.72
C PRO H 203 -39.36 -6.91 -35.17
N ASN H 204 -38.49 -5.98 -35.55
CA ASN H 204 -38.87 -4.58 -35.53
C ASN H 204 -39.63 -4.25 -36.81
N GLY H 205 -40.46 -3.21 -36.77
CA GLY H 205 -41.16 -2.80 -37.96
C GLY H 205 -41.96 -1.54 -37.68
N GLN H 206 -42.68 -1.09 -38.71
CA GLN H 206 -43.58 0.04 -38.54
C GLN H 206 -44.87 -0.42 -37.85
N LEU H 207 -45.27 0.32 -36.81
CA LEU H 207 -46.47 0.05 -36.04
C LEU H 207 -47.35 1.30 -36.06
N LYS H 208 -48.65 1.10 -36.24
CA LYS H 208 -49.61 2.19 -36.20
C LYS H 208 -50.32 2.16 -34.85
N LEU H 209 -49.99 3.11 -33.97
CA LEU H 209 -50.58 3.17 -32.65
C LEU H 209 -51.84 4.03 -32.67
N PRO H 210 -52.83 3.70 -31.84
CA PRO H 210 -54.12 4.43 -31.90
C PRO H 210 -54.01 5.91 -31.60
N ASP H 211 -53.00 6.33 -30.86
CA ASP H 211 -52.90 7.71 -30.38
C ASP H 211 -51.98 8.59 -31.23
N GLN H 212 -51.41 8.07 -32.32
CA GLN H 212 -50.47 8.84 -33.13
C GLN H 212 -50.84 8.78 -34.61
N GLU H 213 -50.81 9.94 -35.28
CA GLU H 213 -51.20 10.02 -36.68
C GLU H 213 -50.22 9.25 -37.56
N ARG H 214 -48.92 9.30 -37.24
CA ARG H 214 -47.91 8.64 -38.07
C ARG H 214 -47.36 7.40 -37.38
N PRO H 215 -47.05 6.34 -38.13
CA PRO H 215 -46.56 5.11 -37.49
C PRO H 215 -45.23 5.35 -36.80
N VAL H 216 -44.91 4.45 -35.86
CA VAL H 216 -43.62 4.47 -35.19
C VAL H 216 -42.85 3.23 -35.64
N PHE H 217 -41.54 3.28 -35.43
CA PHE H 217 -40.68 2.14 -35.65
C PHE H 217 -40.31 1.52 -34.31
N GLY H 218 -40.51 0.22 -34.16
CA GLY H 218 -40.23 -0.40 -32.87
C GLY H 218 -40.45 -1.89 -32.94
N ALA H 219 -40.24 -2.54 -31.80
CA ALA H 219 -40.41 -3.97 -31.70
C ALA H 219 -41.87 -4.35 -31.83
N CYS H 220 -42.14 -5.34 -32.68
CA CYS H 220 -43.48 -5.90 -32.81
C CYS H 220 -44.08 -6.20 -31.43
N ARG H 221 -45.33 -5.79 -31.23
CA ARG H 221 -46.03 -6.04 -29.97
C ARG H 221 -47.09 -7.14 -30.06
N LYS H 222 -47.37 -7.68 -31.24
CA LYS H 222 -48.39 -8.71 -31.41
C LYS H 222 -47.81 -9.85 -32.22
N LEU H 223 -46.82 -10.52 -31.64
CA LEU H 223 -46.20 -11.66 -32.29
C LEU H 223 -47.04 -12.91 -32.08
N ASP H 224 -47.23 -13.69 -33.15
CA ASP H 224 -48.19 -14.77 -33.13
C ASP H 224 -47.65 -15.95 -33.90
N ILE H 225 -48.18 -17.14 -33.58
CA ILE H 225 -48.07 -18.32 -34.44
C ILE H 225 -49.18 -18.28 -35.49
N GLU H 226 -49.05 -19.14 -36.50
CA GLU H 226 -50.21 -19.62 -37.28
C GLU H 226 -50.02 -21.11 -37.45
N LEU H 227 -50.87 -21.88 -36.78
CA LEU H 227 -50.79 -23.33 -36.83
C LEU H 227 -51.25 -23.84 -38.19
N GLU H 228 -50.34 -24.45 -38.95
CA GLU H 228 -50.65 -24.89 -40.31
C GLU H 228 -50.02 -26.24 -40.58
N THR H 229 -50.40 -26.84 -41.68
CA THR H 229 -49.56 -27.84 -42.31
C THR H 229 -49.04 -27.27 -43.62
N GLY H 230 -48.01 -27.89 -44.17
CA GLY H 230 -47.56 -27.57 -45.51
C GLY H 230 -47.44 -28.85 -46.30
N PHE H 231 -47.84 -28.81 -47.57
CA PHE H 231 -47.57 -29.96 -48.41
C PHE H 231 -46.45 -29.63 -49.38
N VAL H 232 -45.66 -30.65 -49.72
CA VAL H 232 -44.45 -30.49 -50.54
C VAL H 232 -44.73 -31.10 -51.92
N ILE H 233 -44.48 -30.30 -52.96
CA ILE H 233 -44.72 -30.75 -54.34
C ILE H 233 -43.68 -31.80 -54.73
N GLY H 234 -44.15 -32.94 -55.23
CA GLY H 234 -43.28 -34.01 -55.72
C GLY H 234 -43.17 -34.14 -57.23
N ALA H 235 -44.09 -33.50 -57.95
CA ALA H 235 -44.01 -33.42 -59.42
C ALA H 235 -44.65 -32.10 -59.81
N GLY H 236 -43.89 -31.27 -60.53
CA GLY H 236 -44.36 -29.93 -60.84
C GLY H 236 -45.32 -29.90 -62.00
N ASN H 237 -45.51 -28.71 -62.56
CA ASN H 237 -46.24 -28.55 -63.80
C ASN H 237 -45.62 -27.38 -64.56
N ALA H 238 -45.67 -27.46 -65.88
CA ALA H 238 -45.04 -26.46 -66.72
C ALA H 238 -45.89 -25.18 -66.74
N LEU H 239 -45.21 -24.08 -67.05
CA LEU H 239 -45.89 -22.80 -67.09
C LEU H 239 -47.01 -22.83 -68.12
N GLY H 240 -48.19 -22.33 -67.74
CA GLY H 240 -49.28 -22.31 -68.68
C GLY H 240 -50.04 -23.61 -68.83
N GLU H 241 -49.81 -24.59 -67.95
CA GLU H 241 -50.46 -25.90 -68.05
C GLU H 241 -51.08 -26.24 -66.70
N PRO H 242 -52.35 -25.89 -66.50
CA PRO H 242 -52.95 -26.07 -65.18
C PRO H 242 -52.98 -27.53 -64.74
N VAL H 243 -52.94 -27.74 -63.43
CA VAL H 243 -53.13 -29.06 -62.85
C VAL H 243 -54.61 -29.20 -62.52
N THR H 244 -55.24 -30.25 -63.06
CA THR H 244 -56.64 -30.46 -62.78
C THR H 244 -56.81 -30.95 -61.35
N CYS H 245 -57.99 -30.70 -60.80
CA CYS H 245 -58.25 -31.06 -59.41
C CYS H 245 -58.14 -32.56 -59.20
N ALA H 246 -58.67 -33.35 -60.14
CA ALA H 246 -58.59 -34.81 -60.07
C ALA H 246 -57.14 -35.30 -60.06
N ASP H 247 -56.24 -34.59 -60.74
CA ASP H 247 -54.84 -34.99 -60.88
C ASP H 247 -53.96 -34.40 -59.78
N ALA H 248 -54.49 -33.51 -58.96
CA ALA H 248 -53.65 -32.70 -58.07
C ALA H 248 -52.88 -33.55 -57.08
N GLU H 249 -53.55 -34.51 -56.44
CA GLU H 249 -52.88 -35.26 -55.38
C GLU H 249 -51.68 -36.04 -55.90
N ALA H 250 -51.72 -36.48 -57.15
CA ALA H 250 -50.55 -37.20 -57.68
C ALA H 250 -49.31 -36.33 -57.72
N HIS H 251 -49.44 -35.01 -57.60
CA HIS H 251 -48.28 -34.13 -57.60
C HIS H 251 -47.70 -33.91 -56.21
N ILE H 252 -48.34 -34.44 -55.17
CA ILE H 252 -47.98 -34.10 -53.79
C ILE H 252 -47.11 -35.19 -53.20
N PHE H 253 -45.90 -34.83 -52.76
CA PHE H 253 -45.00 -35.80 -52.13
C PHE H 253 -45.43 -36.11 -50.70
N GLY H 254 -45.63 -35.09 -49.89
CA GLY H 254 -45.89 -35.32 -48.49
C GLY H 254 -46.22 -34.04 -47.77
N MET H 255 -46.26 -34.13 -46.43
CA MET H 255 -46.70 -33.02 -45.59
C MET H 255 -45.75 -32.85 -44.41
N VAL H 256 -45.68 -31.61 -43.92
CA VAL H 256 -44.93 -31.23 -42.73
C VAL H 256 -45.83 -30.36 -41.86
N LEU H 257 -45.43 -30.17 -40.61
CA LEU H 257 -46.02 -29.13 -39.79
C LEU H 257 -45.39 -27.78 -40.14
N LEU H 258 -46.18 -26.72 -40.05
CA LEU H 258 -45.74 -25.42 -40.53
C LEU H 258 -46.25 -24.34 -39.57
N ASN H 259 -45.34 -23.52 -39.03
CA ASN H 259 -45.72 -22.40 -38.20
C ASN H 259 -45.38 -21.12 -38.97
N ASP H 260 -46.43 -20.42 -39.43
CA ASP H 260 -46.24 -19.20 -40.23
C ASP H 260 -46.24 -18.01 -39.26
N TRP H 261 -45.10 -17.80 -38.62
CA TRP H 261 -44.98 -16.76 -37.62
C TRP H 261 -45.45 -15.43 -38.18
N SER H 262 -46.21 -14.69 -37.37
CA SER H 262 -46.91 -13.50 -37.87
C SER H 262 -46.78 -12.38 -36.86
N ALA H 263 -46.40 -11.20 -37.33
CA ALA H 263 -46.37 -9.97 -36.51
C ALA H 263 -47.62 -9.18 -36.90
N ARG H 264 -48.66 -9.30 -36.08
CA ARG H 264 -49.97 -8.86 -36.52
C ARG H 264 -50.11 -7.35 -36.52
N ASP H 265 -49.35 -6.63 -35.68
CA ASP H 265 -49.45 -5.17 -35.74
C ASP H 265 -48.68 -4.64 -36.95
N ILE H 266 -47.54 -5.24 -37.27
CA ILE H 266 -46.87 -4.91 -38.53
C ILE H 266 -47.78 -5.19 -39.72
N GLN H 267 -48.52 -6.31 -39.67
CA GLN H 267 -49.39 -6.67 -40.80
C GLN H 267 -50.49 -5.66 -41.03
N GLN H 268 -51.15 -5.24 -39.94
CA GLN H 268 -52.31 -4.35 -40.04
C GLN H 268 -51.94 -3.06 -40.76
N TRP H 269 -50.76 -2.52 -40.46
CA TRP H 269 -50.37 -1.24 -41.05
C TRP H 269 -49.89 -1.39 -42.49
N GLU H 270 -49.31 -2.55 -42.86
CA GLU H 270 -48.68 -2.66 -44.18
C GLU H 270 -49.57 -3.26 -45.26
N TYR H 271 -50.63 -4.02 -44.91
CA TYR H 271 -51.09 -5.07 -45.82
C TYR H 271 -52.03 -4.60 -46.92
N VAL H 272 -52.58 -3.39 -46.83
CA VAL H 272 -53.48 -2.89 -47.88
C VAL H 272 -52.67 -2.08 -48.89
N PRO H 273 -52.77 -2.38 -50.21
CA PRO H 273 -53.62 -3.42 -50.84
C PRO H 273 -52.90 -4.69 -51.30
N LEU H 274 -51.62 -4.84 -51.01
CA LEU H 274 -50.83 -5.87 -51.64
C LEU H 274 -50.64 -7.13 -50.80
N GLY H 275 -51.21 -7.19 -49.59
CA GLY H 275 -51.12 -8.40 -48.80
C GLY H 275 -50.07 -8.35 -47.72
N PRO H 276 -50.02 -9.38 -46.88
CA PRO H 276 -49.02 -9.42 -45.80
C PRO H 276 -47.62 -9.52 -46.39
N PHE H 277 -46.67 -8.83 -45.76
CA PHE H 277 -45.33 -8.81 -46.32
C PHE H 277 -44.30 -8.95 -45.20
N ASN H 278 -43.76 -7.85 -44.68
CA ASN H 278 -42.76 -7.98 -43.60
C ASN H 278 -43.32 -8.72 -42.40
N ALA H 279 -44.64 -8.67 -42.20
CA ALA H 279 -45.26 -9.32 -41.06
C ALA H 279 -45.15 -10.84 -41.10
N LYS H 280 -44.83 -11.41 -42.25
CA LYS H 280 -44.77 -12.85 -42.45
C LYS H 280 -43.38 -13.36 -42.81
N THR H 281 -42.56 -12.58 -43.51
CA THR H 281 -41.34 -13.10 -44.13
C THR H 281 -40.14 -13.18 -43.19
N PHE H 282 -40.26 -12.73 -41.93
CA PHE H 282 -39.10 -12.79 -41.04
C PHE H 282 -38.79 -14.21 -40.61
N ALA H 283 -39.76 -15.13 -40.67
CA ALA H 283 -39.54 -16.51 -40.28
C ALA H 283 -40.79 -17.36 -40.49
N THR H 284 -40.57 -18.57 -41.00
CA THR H 284 -41.58 -19.61 -41.10
C THR H 284 -40.87 -20.90 -40.74
N THR H 285 -41.44 -21.69 -39.84
CA THR H 285 -40.78 -22.93 -39.42
C THR H 285 -41.53 -24.14 -39.96
N ILE H 286 -40.79 -25.11 -40.48
CA ILE H 286 -41.38 -26.41 -40.76
C ILE H 286 -40.68 -27.50 -39.98
N SER H 287 -41.43 -28.59 -39.72
CA SER H 287 -40.86 -29.76 -39.10
C SER H 287 -39.94 -30.49 -40.10
N PRO H 288 -38.97 -31.28 -39.59
CA PRO H 288 -37.96 -31.90 -40.48
C PRO H 288 -38.40 -33.14 -41.24
N TRP H 289 -39.34 -33.92 -40.70
CA TRP H 289 -39.71 -35.20 -41.28
C TRP H 289 -40.88 -35.00 -42.23
N ILE H 290 -40.72 -35.40 -43.49
CA ILE H 290 -41.82 -35.30 -44.46
C ILE H 290 -42.60 -36.61 -44.43
N VAL H 291 -43.84 -36.55 -43.96
CA VAL H 291 -44.75 -37.70 -43.98
C VAL H 291 -45.37 -37.79 -45.36
N THR H 292 -45.20 -38.93 -46.03
CA THR H 292 -45.68 -39.07 -47.40
C THR H 292 -47.20 -39.14 -47.45
N LEU H 293 -47.76 -38.61 -48.55
CA LEU H 293 -49.20 -38.71 -48.77
C LEU H 293 -49.65 -40.17 -48.76
N ASP H 294 -48.82 -41.09 -49.24
CA ASP H 294 -49.16 -42.52 -49.22
C ASP H 294 -49.33 -43.02 -47.78
N ALA H 295 -48.42 -42.61 -46.90
CA ALA H 295 -48.53 -43.01 -45.51
C ALA H 295 -49.79 -42.45 -44.86
N LEU H 296 -50.31 -41.32 -45.38
CA LEU H 296 -51.50 -40.69 -44.85
C LEU H 296 -52.79 -41.31 -45.38
N GLU H 297 -52.71 -42.16 -46.40
CA GLU H 297 -53.90 -42.71 -47.05
C GLU H 297 -54.90 -43.36 -46.08
N PRO H 298 -54.50 -44.12 -45.06
CA PRO H 298 -55.52 -44.68 -44.15
C PRO H 298 -56.27 -43.62 -43.36
N PHE H 299 -55.81 -42.36 -43.35
CA PHE H 299 -56.47 -41.31 -42.59
C PHE H 299 -57.16 -40.29 -43.48
N ARG H 300 -57.34 -40.63 -44.76
CA ARG H 300 -58.19 -39.84 -45.64
C ARG H 300 -59.64 -39.93 -45.17
N VAL H 301 -60.29 -38.77 -45.01
CA VAL H 301 -61.67 -38.71 -44.52
C VAL H 301 -62.44 -37.71 -45.36
N ALA H 302 -63.75 -37.67 -45.16
CA ALA H 302 -64.61 -36.76 -45.91
C ALA H 302 -64.38 -35.32 -45.48
N GLN H 303 -64.14 -34.43 -46.46
CA GLN H 303 -63.91 -33.03 -46.19
C GLN H 303 -65.25 -32.35 -45.84
N PRO H 304 -65.23 -31.16 -45.25
CA PRO H 304 -66.51 -30.50 -44.92
C PRO H 304 -67.32 -30.18 -46.17
N ALA H 305 -68.64 -30.16 -45.99
CA ALA H 305 -69.55 -29.76 -47.06
C ALA H 305 -69.24 -28.34 -47.52
N GLN H 306 -69.33 -28.11 -48.81
CA GLN H 306 -69.07 -26.80 -49.39
C GLN H 306 -70.38 -26.19 -49.88
N ASP H 307 -70.66 -24.96 -49.46
CA ASP H 307 -71.85 -24.24 -49.90
C ASP H 307 -71.49 -22.78 -50.09
N PRO H 308 -71.55 -22.23 -51.31
CA PRO H 308 -72.07 -22.80 -52.56
C PRO H 308 -71.14 -23.85 -53.17
N GLN H 309 -71.67 -24.64 -54.09
CA GLN H 309 -70.85 -25.58 -54.82
C GLN H 309 -69.84 -24.78 -55.67
N PRO H 310 -68.55 -25.07 -55.56
CA PRO H 310 -67.56 -24.28 -56.32
C PRO H 310 -67.73 -24.46 -57.82
N LEU H 311 -67.06 -23.56 -58.55
CA LEU H 311 -66.94 -23.71 -59.99
C LEU H 311 -66.33 -25.07 -60.32
N ALA H 312 -66.64 -25.55 -61.52
CA ALA H 312 -66.28 -26.91 -61.92
C ALA H 312 -64.80 -27.22 -61.72
N TYR H 313 -63.91 -26.27 -62.05
CA TYR H 313 -62.49 -26.61 -62.01
C TYR H 313 -62.03 -26.92 -60.59
N LEU H 314 -62.80 -26.55 -59.57
CA LEU H 314 -62.46 -26.84 -58.18
C LEU H 314 -63.17 -28.08 -57.61
N ARG H 315 -64.04 -28.72 -58.38
CA ARG H 315 -64.82 -29.82 -57.82
C ARG H 315 -64.02 -31.13 -57.84
N HIS H 316 -64.24 -31.97 -56.83
CA HIS H 316 -63.73 -33.32 -56.89
C HIS H 316 -64.68 -34.27 -56.15
N ASP H 317 -64.89 -35.44 -56.74
CA ASP H 317 -65.62 -36.52 -56.07
C ASP H 317 -64.75 -37.20 -55.01
N GLY H 318 -65.39 -37.92 -54.11
CA GLY H 318 -64.69 -38.71 -53.13
C GLY H 318 -64.14 -37.89 -51.99
N GLU H 319 -63.29 -38.54 -51.19
CA GLU H 319 -62.77 -37.96 -49.96
C GLU H 319 -61.38 -37.39 -50.19
N HIS H 320 -61.18 -36.16 -49.73
CA HIS H 320 -59.91 -35.49 -49.95
C HIS H 320 -59.39 -34.76 -48.72
N ALA H 321 -59.98 -34.96 -47.54
CA ALA H 321 -59.44 -34.43 -46.29
C ALA H 321 -58.63 -35.51 -45.57
N PHE H 322 -57.90 -35.09 -44.54
CA PHE H 322 -57.04 -35.99 -43.79
C PHE H 322 -57.18 -35.73 -42.30
N ASP H 323 -57.33 -36.81 -41.55
CA ASP H 323 -57.55 -36.82 -40.11
C ASP H 323 -56.21 -36.69 -39.41
N ILE H 324 -55.76 -35.46 -39.18
CA ILE H 324 -54.48 -35.21 -38.52
C ILE H 324 -54.76 -34.42 -37.26
N THR H 325 -54.52 -35.03 -36.10
CA THR H 325 -54.61 -34.33 -34.83
C THR H 325 -53.44 -33.37 -34.70
N LEU H 326 -53.72 -32.14 -34.23
CA LEU H 326 -52.72 -31.11 -34.08
C LEU H 326 -52.82 -30.44 -32.72
N GLU H 327 -51.68 -30.15 -32.12
CA GLU H 327 -51.64 -29.49 -30.82
C GLU H 327 -50.51 -28.47 -30.78
N VAL H 328 -50.70 -27.39 -30.02
CA VAL H 328 -49.65 -26.39 -29.80
C VAL H 328 -49.43 -26.22 -28.30
N THR H 329 -48.16 -26.22 -27.89
CA THR H 329 -47.78 -25.87 -26.52
C THR H 329 -46.96 -24.59 -26.52
N LEU H 330 -47.06 -23.84 -25.43
CA LEU H 330 -46.27 -22.65 -25.19
C LEU H 330 -45.60 -22.82 -23.83
N ARG H 331 -44.30 -22.57 -23.76
CA ARG H 331 -43.52 -22.73 -22.54
C ARG H 331 -42.75 -21.44 -22.33
N PRO H 332 -43.05 -20.69 -21.28
CA PRO H 332 -42.26 -19.49 -21.00
C PRO H 332 -40.80 -19.84 -20.72
N GLN H 333 -39.95 -18.86 -21.01
CA GLN H 333 -38.53 -18.92 -20.70
C GLN H 333 -38.31 -19.43 -19.28
N GLN H 334 -37.44 -20.43 -19.15
CA GLN H 334 -37.04 -21.10 -17.92
C GLN H 334 -38.19 -21.78 -17.18
N ALA H 335 -39.38 -21.85 -17.78
CA ALA H 335 -40.48 -22.58 -17.17
C ALA H 335 -40.28 -24.07 -17.37
N LYS H 336 -40.61 -24.85 -16.33
CA LYS H 336 -40.41 -26.29 -16.33
C LYS H 336 -41.33 -26.99 -17.33
N GLU H 337 -42.62 -26.63 -17.34
CA GLU H 337 -43.60 -27.34 -18.14
C GLU H 337 -44.25 -26.44 -19.18
N ALA H 338 -44.44 -26.98 -20.37
CA ALA H 338 -45.17 -26.33 -21.46
C ALA H 338 -46.66 -26.45 -21.22
N SER H 339 -47.41 -25.43 -21.63
CA SER H 339 -48.88 -25.44 -21.54
C SER H 339 -49.47 -25.66 -22.93
N THR H 340 -50.38 -26.62 -23.05
CA THR H 340 -51.09 -26.81 -24.32
C THR H 340 -52.12 -25.71 -24.49
N ILE H 341 -51.97 -24.89 -25.55
CA ILE H 341 -52.90 -23.78 -25.76
C ILE H 341 -53.98 -24.10 -26.81
N THR H 342 -53.79 -25.10 -27.65
CA THR H 342 -54.86 -25.46 -28.58
C THR H 342 -54.71 -26.90 -29.06
N ARG H 343 -55.86 -27.52 -29.37
CA ARG H 343 -55.95 -28.85 -29.98
C ARG H 343 -56.96 -28.78 -31.10
N THR H 344 -56.57 -29.18 -32.30
CA THR H 344 -57.52 -29.16 -33.41
C THR H 344 -57.14 -30.27 -34.38
N ASN H 345 -57.57 -30.12 -35.65
CA ASN H 345 -57.44 -31.21 -36.60
C ASN H 345 -57.47 -30.65 -38.02
N PHE H 346 -56.61 -31.20 -38.89
CA PHE H 346 -56.53 -30.77 -40.28
C PHE H 346 -57.81 -31.05 -41.05
N LYS H 347 -58.62 -32.02 -40.60
CA LYS H 347 -59.80 -32.40 -41.36
C LYS H 347 -60.81 -31.28 -41.50
N HIS H 348 -60.75 -30.26 -40.64
CA HIS H 348 -61.75 -29.19 -40.63
C HIS H 348 -61.59 -28.18 -41.76
N MET H 349 -60.49 -28.25 -42.52
CA MET H 349 -60.18 -27.24 -43.52
C MET H 349 -61.22 -27.24 -44.64
N TYR H 350 -61.67 -26.06 -45.03
CA TYR H 350 -62.77 -25.94 -45.98
C TYR H 350 -62.36 -26.23 -47.42
N TRP H 351 -61.12 -25.88 -47.79
CA TRP H 351 -60.55 -26.20 -49.08
C TRP H 351 -59.44 -27.23 -48.90
N THR H 352 -59.44 -28.27 -49.75
CA THR H 352 -58.48 -29.36 -49.68
C THR H 352 -57.17 -29.01 -50.41
N MET H 353 -56.13 -29.81 -50.15
CA MET H 353 -54.89 -29.62 -50.89
C MET H 353 -55.10 -29.73 -52.40
N ALA H 354 -55.95 -30.65 -52.82
CA ALA H 354 -56.25 -30.81 -54.24
C ALA H 354 -56.82 -29.52 -54.82
N GLN H 355 -57.80 -28.92 -54.12
CA GLN H 355 -58.40 -27.69 -54.60
C GLN H 355 -57.39 -26.54 -54.58
N GLN H 356 -56.54 -26.48 -53.56
CA GLN H 356 -55.52 -25.44 -53.49
C GLN H 356 -54.56 -25.52 -54.68
N LEU H 357 -54.07 -26.72 -54.98
CA LEU H 357 -53.15 -26.84 -56.09
C LEU H 357 -53.84 -26.59 -57.43
N ALA H 358 -55.07 -27.08 -57.59
CA ALA H 358 -55.83 -26.77 -58.81
C ALA H 358 -55.96 -25.27 -59.00
N HIS H 359 -56.32 -24.56 -57.93
CA HIS H 359 -56.51 -23.12 -58.05
C HIS H 359 -55.18 -22.40 -58.21
N HIS H 360 -54.13 -22.84 -57.50
CA HIS H 360 -52.80 -22.27 -57.69
C HIS H 360 -52.38 -22.25 -59.16
N THR H 361 -52.77 -23.27 -59.92
CA THR H 361 -52.24 -23.42 -61.27
C THR H 361 -53.27 -23.14 -62.36
N VAL H 362 -54.50 -22.76 -61.98
CA VAL H 362 -55.57 -22.63 -62.97
C VAL H 362 -55.28 -21.53 -63.99
N SER H 363 -54.57 -20.48 -63.59
CA SER H 363 -54.25 -19.39 -64.49
C SER H 363 -52.91 -19.57 -65.20
N GLY H 364 -52.26 -20.72 -65.03
CA GLY H 364 -51.02 -20.98 -65.74
C GLY H 364 -49.76 -20.98 -64.88
N CYS H 365 -49.84 -20.60 -63.61
CA CYS H 365 -48.65 -20.64 -62.74
C CYS H 365 -48.07 -22.05 -62.71
N ASN H 366 -46.74 -22.12 -62.71
CA ASN H 366 -46.04 -23.40 -62.68
C ASN H 366 -45.59 -23.72 -61.24
N THR H 367 -45.33 -25.00 -61.00
CA THR H 367 -44.83 -25.45 -59.69
C THR H 367 -43.62 -26.35 -59.91
N ARG H 368 -42.82 -26.52 -58.85
CA ARG H 368 -41.54 -27.21 -58.94
C ARG H 368 -41.39 -28.16 -57.76
N VAL H 369 -40.64 -29.24 -58.00
CA VAL H 369 -40.32 -30.19 -56.94
C VAL H 369 -39.74 -29.44 -55.75
N GLY H 370 -40.31 -29.67 -54.57
CA GLY H 370 -39.84 -29.04 -53.35
C GLY H 370 -40.60 -27.79 -52.96
N ASP H 371 -41.49 -27.30 -53.84
CA ASP H 371 -42.39 -26.21 -53.48
C ASP H 371 -43.15 -26.56 -52.21
N LEU H 372 -43.32 -25.56 -51.35
CA LEU H 372 -43.99 -25.72 -50.08
C LEU H 372 -45.28 -24.94 -50.12
N MET H 373 -46.38 -25.56 -49.68
CA MET H 373 -47.71 -24.95 -49.77
C MET H 373 -48.38 -25.03 -48.41
N GLY H 374 -48.55 -23.87 -47.77
CA GLY H 374 -49.16 -23.82 -46.45
C GLY H 374 -50.69 -23.80 -46.53
N SER H 375 -51.33 -24.46 -45.55
CA SER H 375 -52.78 -24.62 -45.56
C SER H 375 -53.52 -23.35 -45.22
N GLY H 376 -52.86 -22.41 -44.55
CA GLY H 376 -53.57 -21.43 -43.75
C GLY H 376 -53.71 -21.91 -42.32
N THR H 377 -53.96 -20.95 -41.42
CA THR H 377 -54.19 -21.26 -40.02
C THR H 377 -55.33 -22.25 -39.88
N ILE H 378 -55.09 -23.31 -39.13
CA ILE H 378 -56.07 -24.37 -38.92
C ILE H 378 -56.80 -24.08 -37.61
N SER H 379 -58.04 -23.62 -37.70
CA SER H 379 -58.91 -23.41 -36.56
C SER H 379 -60.11 -24.34 -36.66
N GLY H 380 -60.49 -24.91 -35.53
CA GLY H 380 -61.63 -25.80 -35.47
C GLY H 380 -62.88 -25.10 -34.96
N PRO H 381 -63.94 -25.89 -34.74
CA PRO H 381 -65.24 -25.30 -34.37
C PRO H 381 -65.31 -24.73 -32.97
N THR H 382 -64.39 -25.08 -32.09
CA THR H 382 -64.47 -24.70 -30.69
C THR H 382 -63.34 -23.75 -30.30
N GLU H 383 -63.55 -23.07 -29.16
CA GLU H 383 -62.63 -22.02 -28.71
C GLU H 383 -61.28 -22.58 -28.29
N ASP H 384 -61.19 -23.85 -27.93
CA ASP H 384 -59.91 -24.46 -27.60
C ASP H 384 -59.25 -25.12 -28.80
N SER H 385 -59.76 -24.87 -30.02
CA SER H 385 -59.21 -25.41 -31.25
C SER H 385 -58.75 -24.34 -32.24
N PHE H 386 -58.66 -23.09 -31.81
CA PHE H 386 -58.22 -22.02 -32.70
C PHE H 386 -56.70 -22.11 -32.92
N GLY H 387 -56.26 -21.69 -34.10
CA GLY H 387 -54.90 -21.87 -34.52
C GLY H 387 -53.97 -20.69 -34.35
N SER H 388 -54.35 -19.66 -33.59
CA SER H 388 -53.49 -18.52 -33.35
C SER H 388 -53.86 -17.90 -32.01
N LEU H 389 -52.89 -17.23 -31.37
CA LEU H 389 -53.21 -16.48 -30.15
CA LEU H 389 -53.20 -16.47 -30.16
C LEU H 389 -54.16 -15.33 -30.45
N LEU H 390 -54.09 -14.74 -31.65
CA LEU H 390 -55.09 -13.74 -32.03
C LEU H 390 -56.50 -14.26 -31.82
N GLU H 391 -56.75 -15.51 -32.22
CA GLU H 391 -58.08 -16.08 -32.03
C GLU H 391 -58.28 -16.56 -30.60
N LEU H 392 -57.30 -17.28 -30.05
CA LEU H 392 -57.47 -17.84 -28.71
C LEU H 392 -57.70 -16.75 -27.67
N THR H 393 -57.12 -15.56 -27.84
CA THR H 393 -57.28 -14.48 -26.86
C THR H 393 -58.17 -13.36 -27.36
N TRP H 394 -58.83 -13.54 -28.51
CA TRP H 394 -59.63 -12.50 -29.17
CA TRP H 394 -59.65 -12.49 -29.12
C TRP H 394 -58.90 -11.16 -29.17
N ASN H 395 -57.79 -11.16 -29.88
CA ASN H 395 -56.94 -9.97 -30.06
C ASN H 395 -56.52 -9.36 -28.72
N GLY H 396 -56.28 -10.21 -27.73
CA GLY H 396 -55.86 -9.76 -26.42
C GLY H 396 -56.98 -9.45 -25.44
N LYS H 397 -58.24 -9.45 -25.89
CA LYS H 397 -59.34 -9.10 -24.99
C LYS H 397 -59.55 -10.12 -23.88
N LYS H 398 -59.13 -11.36 -24.07
CA LYS H 398 -59.28 -12.40 -23.07
C LYS H 398 -57.99 -13.20 -23.00
N PRO H 399 -57.01 -12.74 -22.22
CA PRO H 399 -55.71 -13.42 -22.22
C PRO H 399 -55.82 -14.88 -21.83
N LEU H 400 -54.93 -15.68 -22.41
CA LEU H 400 -54.84 -17.10 -22.11
C LEU H 400 -54.25 -17.28 -20.73
N GLU H 401 -54.87 -18.13 -19.91
CA GLU H 401 -54.26 -18.54 -18.66
C GLU H 401 -53.46 -19.80 -18.95
N LEU H 402 -52.16 -19.72 -18.75
CA LEU H 402 -51.30 -20.85 -19.06
C LEU H 402 -51.54 -21.95 -18.02
N ARG H 403 -51.99 -23.12 -18.49
CA ARG H 403 -52.36 -24.24 -17.60
C ARG H 403 -51.29 -24.48 -16.54
N GLU H 404 -50.05 -24.12 -16.81
CA GLU H 404 -48.99 -24.24 -15.83
C GLU H 404 -48.68 -22.93 -15.11
N GLY H 405 -49.44 -21.88 -15.37
CA GLY H 405 -49.30 -20.60 -14.68
C GLY H 405 -48.82 -19.49 -15.60
N GLY H 406 -49.29 -18.27 -15.33
CA GLY H 406 -49.02 -17.13 -16.17
C GLY H 406 -50.10 -16.92 -17.23
N THR H 407 -50.11 -15.72 -17.81
CA THR H 407 -51.09 -15.39 -18.84
C THR H 407 -50.40 -14.88 -20.09
N ARG H 408 -51.11 -14.96 -21.21
CA ARG H 408 -50.58 -14.53 -22.49
C ARG H 408 -51.69 -13.92 -23.32
N SER H 409 -51.40 -12.75 -23.90
CA SER H 409 -52.14 -12.27 -25.07
C SER H 409 -51.38 -12.75 -26.30
N PHE H 410 -50.26 -12.12 -26.61
CA PHE H 410 -49.39 -12.53 -27.70
C PHE H 410 -48.09 -13.10 -27.16
N ILE H 411 -47.22 -13.55 -28.08
CA ILE H 411 -46.01 -14.25 -27.66
C ILE H 411 -45.05 -13.27 -27.00
N GLU H 412 -44.42 -13.70 -25.90
CA GLU H 412 -43.41 -12.92 -25.20
C GLU H 412 -42.01 -13.48 -25.47
N ASP H 413 -41.01 -12.59 -25.32
CA ASP H 413 -39.60 -12.96 -25.52
C ASP H 413 -39.21 -14.18 -24.68
N GLY H 414 -38.52 -15.12 -25.30
CA GLY H 414 -38.11 -16.34 -24.65
C GLY H 414 -39.13 -17.48 -24.69
N ASP H 415 -40.38 -17.19 -25.02
CA ASP H 415 -41.38 -18.25 -25.17
C ASP H 415 -40.96 -19.23 -26.26
N GLU H 416 -41.20 -20.51 -26.01
CA GLU H 416 -41.02 -21.57 -26.98
C GLU H 416 -42.37 -22.12 -27.39
N LEU H 417 -42.66 -22.05 -28.69
CA LEU H 417 -43.91 -22.50 -29.27
C LEU H 417 -43.63 -23.79 -30.04
N THR H 418 -44.37 -24.86 -29.72
CA THR H 418 -44.16 -26.17 -30.35
C THR H 418 -45.46 -26.69 -30.96
N LEU H 419 -45.43 -26.91 -32.28
CA LEU H 419 -46.47 -27.63 -33.01
C LEU H 419 -46.14 -29.12 -33.03
N ALA H 420 -47.16 -29.93 -32.77
CA ALA H 420 -47.05 -31.38 -32.86
C ALA H 420 -48.27 -31.90 -33.61
N GLY H 421 -48.13 -33.06 -34.25
CA GLY H 421 -49.27 -33.62 -34.94
C GLY H 421 -49.10 -35.09 -35.21
N TRP H 422 -50.24 -35.78 -35.38
CA TRP H 422 -50.16 -37.19 -35.67
C TRP H 422 -51.52 -37.70 -36.15
N CYS H 423 -51.48 -38.78 -36.93
CA CYS H 423 -52.69 -39.51 -37.28
C CYS H 423 -52.85 -40.67 -36.33
N GLN H 424 -54.06 -40.85 -35.82
CA GLN H 424 -54.35 -41.82 -34.76
C GLN H 424 -55.03 -43.04 -35.38
N GLY H 425 -54.34 -44.17 -35.39
CA GLY H 425 -54.90 -45.42 -35.83
C GLY H 425 -55.14 -46.36 -34.64
N GLU H 426 -55.65 -47.54 -34.97
CA GLU H 426 -55.93 -48.54 -33.93
C GLU H 426 -54.61 -49.16 -33.46
N GLY H 427 -54.18 -48.79 -32.26
CA GLY H 427 -52.94 -49.29 -31.70
C GLY H 427 -51.67 -48.67 -32.22
N TYR H 428 -51.75 -47.72 -33.15
CA TYR H 428 -50.54 -47.07 -33.66
C TYR H 428 -50.87 -45.66 -34.11
N ARG H 429 -49.81 -44.91 -34.39
CA ARG H 429 -49.90 -43.57 -34.92
C ARG H 429 -48.95 -43.42 -36.10
N VAL H 430 -49.30 -42.50 -36.97
CA VAL H 430 -48.43 -42.00 -38.04
C VAL H 430 -48.28 -40.52 -37.73
N GLY H 431 -47.13 -40.12 -37.19
CA GLY H 431 -46.93 -38.81 -36.64
C GLY H 431 -45.87 -37.97 -37.34
N PHE H 432 -45.92 -36.66 -37.04
CA PHE H 432 -45.17 -35.63 -37.75
C PHE H 432 -43.95 -35.11 -36.99
N GLY H 433 -43.69 -35.62 -35.80
CA GLY H 433 -42.63 -34.98 -35.01
C GLY H 433 -43.13 -33.64 -34.52
N VAL H 434 -42.19 -32.67 -34.41
CA VAL H 434 -42.52 -31.37 -33.84
C VAL H 434 -41.98 -30.24 -34.71
N CYS H 435 -42.57 -29.07 -34.52
CA CYS H 435 -42.23 -27.85 -35.25
C CYS H 435 -42.11 -26.74 -34.21
N ALA H 436 -40.89 -26.50 -33.72
CA ALA H 436 -40.65 -25.67 -32.54
C ALA H 436 -39.78 -24.45 -32.87
N GLY H 437 -39.99 -23.39 -32.11
CA GLY H 437 -39.12 -22.23 -32.11
C GLY H 437 -39.16 -21.47 -30.79
N GLU H 438 -38.02 -20.95 -30.37
CA GLU H 438 -37.94 -20.02 -29.25
C GLU H 438 -37.75 -18.60 -29.76
N ILE H 439 -38.47 -17.66 -29.16
CA ILE H 439 -38.46 -16.27 -29.62
C ILE H 439 -37.30 -15.52 -28.97
N LEU H 440 -36.44 -14.96 -29.79
CA LEU H 440 -35.34 -14.09 -29.37
C LEU H 440 -35.79 -12.62 -29.36
N PRO H 441 -35.23 -11.81 -28.45
CA PRO H 441 -35.63 -10.40 -28.39
C PRO H 441 -35.32 -9.67 -29.68
N ALA H 442 -36.13 -8.66 -29.98
CA ALA H 442 -35.87 -7.80 -31.14
C ALA H 442 -34.56 -7.04 -30.95
N LEU H 443 -33.87 -6.77 -32.05
CA LEU H 443 -32.64 -5.99 -32.01
C LEU H 443 -32.91 -4.60 -31.43
N LYS H 444 -31.97 -4.12 -30.62
CA LYS H 444 -32.03 -2.76 -30.10
C LYS H 444 -30.78 -1.97 -30.48
#